data_7MD3
#
_entry.id   7MD3
#
_cell.length_a   1.00
_cell.length_b   1.00
_cell.length_c   1.00
_cell.angle_alpha   90.00
_cell.angle_beta   90.00
_cell.angle_gamma   90.00
#
_symmetry.space_group_name_H-M   'P 1'
#
loop_
_entity.id
_entity.type
_entity.pdbx_description
1 polymer 'ATP synthase subunit alpha'
2 polymer 'ATP synthase subunit beta'
3 polymer 'ATP synthase subunit gamma'
4 polymer 'ATP synthase subunit epsilon, mitochondrial'
5 non-polymer "ADENOSINE-5'-TRIPHOSPHATE"
6 non-polymer 'MAGNESIUM ION'
7 non-polymer 'PHOSPHATE ION'
8 non-polymer (3~{E},5~{E},7~{E},9~{R},10~{R},11~{E},13~{E},17~{S},18~{S},20~{S})-18-methoxy-20-[(~{R})-[(2~{R},3~{R},4~{S},5~{R},6~{R})-6-[(2~{R})-3-methoxy-2-[(2~{R},4~{S},5~{S},6~{S})-5-[(2~{S},4~{R},5~{R},6~{R})-4-methoxy-6-methyl-5-oxidanyl-oxan-2-yl]oxy-4,6-dimethyl-4-oxidanyl-oxan-2-yl]oxy-propyl]-3,5-dimethyl-2,4-bis(oxidanyl)oxan-2-yl]-oxidanyl-methyl]-10-[(2~{R},3~{S},4~{S},5~{R},6~{S})-5-methoxy-6-methyl-3,4-bis(oxidanyl)oxan-2-yl]oxy-3,5,7,9,13-pentamethyl-17-oxidanyl-1-oxacycloicosa-3,5,7,11,13-pentaen-2-one
#
loop_
_entity_poly.entity_id
_entity_poly.type
_entity_poly.pdbx_seq_one_letter_code
_entity_poly.pdbx_strand_id
1 'polypeptide(L)'
;ASTKAQPTEVSSILEERIKGVSDEANLNETGRVLAVGDGIARVFGLNNIQAEELVEFSSGVKGMALNLEPGQVGIVLFGS
DRLVKEGELVKRTGNIVDVPVGPGLLGRVVDALGNPIDGKGPIDAAGRSRAQVKAPGILPRRSVHEPVQTGLKAVDALVP
IGRGQRELIIGDRQTGKTAVALDTILNQKRWNNGSDESKKLYCVYVAVGQKRSTVAQLVQTLEQHDAMKYSIIVAATASE
AAPLQYLAPFTAASIGEWFRDNGKHALIVYDDLSKQAVAYRQLSLLLRRPPGREAYPGDVFYLHSRLLERAAKLSEKEGS
GSLTALPVIETQGGDVSAYIPTNVISITDGQIFLEAELFYKGIRPAINVGLSVSRVGSAAQVKALKQVAGSLKLFLAQYR
EVAAFAQFGSDLDASTKQTLVRGERLTQLLKQNQYSPLATEEQVPLIYAGVNGHLDGIELSRIGEFESSFLSYLKSNHNE
LLTEIREKGELSKELLASLKSATESFVATF
;
A,B,C
2 'polypeptide(L)'
;ASAAQSTPITGKVTAVIGAIVDVHFEQSELPAILNALEIKTPQGKLVLEVAQHLGENTVRTIAMDGTEGLVRGEKVLDTG
GPISVPVGRETLGRIINVIGEPIDERGPIKSKLRKPIHADPPSFAEQSTSAEILETGIKVVDLLAPYARGGKIGLFGGAG
VGKTVFIQELINNIAKAHGGFSVFTGVGERTREGNDLYREMKETGVINLEGESKVALVFGQMNEPPGARARVALTGLTIA
EYFRDEEGQDVLLFIDNIFRFTQAGSEVSALLGRIPSAVGYQPTLATDMGLLQERITTTKKGSVTSVQAVYVPADDLTDP
APATTFAHLDATTVLSRGISELGIYPAVDPLDSKSRLLDAAVVGQEHYDVASKVQETLQTYKSLQDIIAILGMDELSEQD
KLTVERARKIQRFLSQPFAVAEVFTGIPGKLVRLKDTVASFKAVLEGKYDNIPEHAFYMVGGIEDVVAKAEKLAAEAN
;
D,E,F
3 'polypeptide(L)'
;ATLKEVEMRLKSIKNIEKITKTMKIVASTRLSKAEKAKISAKKMDEAEQLFYKNAETKNLDVEATETGAPKELIVAITSD
KGLCGSIHSQLAKAVRRHLNDQPNADIVTIGDKIKMQLLRTHPNNIKLSINGIGKDAPTFQESALIADKLLSVMKAGTYP
KISIFYNDPVSSLSFEPSEKPIFNAKTIEQSPSFGKFEIDTDANVPRDLFEYTLANQMLTAMAQGYAAEISARRNAMDNA
SKNAGDMINRYSILYNRTRQAVITNELVDIITGASSLG
;
G
4 'polypeptide(L)' SAWRKAGISYAAYLNVAAQAIRSSLKTELQTASVLNRSQTDAFYTQYKNGTAASEPTPITK H
#
# COMPACT_ATOMS: atom_id res chain seq x y z
N ASN A 28 11.46 40.84 31.92
CA ASN A 28 11.36 39.66 32.75
C ASN A 28 9.97 39.03 32.62
N GLU A 29 8.95 39.88 32.68
CA GLU A 29 7.56 39.44 32.54
C GLU A 29 6.94 40.01 31.27
N THR A 30 7.77 40.36 30.30
CA THR A 30 7.32 40.77 28.97
C THR A 30 8.34 40.31 27.95
N GLY A 31 8.01 40.50 26.67
CA GLY A 31 8.90 40.09 25.60
C GLY A 31 8.71 40.92 24.35
N ARG A 32 9.58 40.68 23.38
CA ARG A 32 9.55 41.36 22.10
C ARG A 32 9.66 40.35 20.97
N VAL A 33 8.75 40.45 20.00
CA VAL A 33 8.67 39.46 18.94
C VAL A 33 9.94 39.47 18.13
N LEU A 34 10.50 38.28 17.90
CA LEU A 34 11.60 38.12 16.99
C LEU A 34 11.11 37.78 15.59
N ALA A 35 10.12 36.90 15.48
CA ALA A 35 9.70 36.43 14.16
C ALA A 35 8.25 35.97 14.19
N VAL A 36 7.64 35.91 13.01
CA VAL A 36 6.26 35.50 12.85
C VAL A 36 6.09 34.80 11.51
N GLY A 37 5.41 33.65 11.52
CA GLY A 37 5.12 32.91 10.31
C GLY A 37 4.08 31.82 10.46
N ASP A 38 3.08 31.84 9.58
CA ASP A 38 2.13 30.74 9.41
C ASP A 38 1.33 30.45 10.67
N GLY A 39 1.25 31.40 11.59
CA GLY A 39 0.52 31.22 12.82
C GLY A 39 1.40 30.95 14.03
N ILE A 40 2.71 31.03 13.88
CA ILE A 40 3.65 30.85 14.97
C ILE A 40 4.44 32.13 15.11
N ALA A 41 4.85 32.44 16.32
CA ALA A 41 5.67 33.60 16.58
C ALA A 41 6.77 33.21 17.55
N ARG A 42 7.91 33.85 17.40
CA ARG A 42 9.05 33.62 18.25
C ARG A 42 9.38 34.92 18.94
N VAL A 43 9.39 34.88 20.27
CA VAL A 43 9.45 36.05 21.13
C VAL A 43 10.66 35.94 22.03
N PHE A 44 11.30 37.07 22.27
CA PHE A 44 12.46 37.12 23.14
C PHE A 44 12.04 37.49 24.55
N GLY A 45 12.73 36.91 25.51
CA GLY A 45 12.43 37.20 26.90
C GLY A 45 11.33 36.31 27.41
N LEU A 46 10.38 36.90 28.12
CA LEU A 46 9.34 36.12 28.78
C LEU A 46 9.98 35.02 29.63
N ASN A 47 11.03 35.41 30.36
CA ASN A 47 11.84 34.43 31.07
C ASN A 47 10.99 33.64 32.06
N ASN A 48 10.06 34.31 32.74
CA ASN A 48 9.26 33.68 33.78
C ASN A 48 8.02 32.99 33.25
N ILE A 49 7.85 32.91 31.93
CA ILE A 49 6.59 32.45 31.37
C ILE A 49 6.38 30.98 31.67
N GLN A 50 5.19 30.63 32.15
CA GLN A 50 4.81 29.24 32.33
C GLN A 50 4.52 28.61 30.99
N ALA A 51 4.88 27.34 30.84
CA ALA A 51 4.58 26.62 29.62
C ALA A 51 3.07 26.46 29.47
N GLU A 52 2.59 26.67 28.26
CA GLU A 52 1.16 26.69 27.95
C GLU A 52 0.48 27.93 28.51
N GLU A 53 1.22 28.99 28.81
CA GLU A 53 0.61 30.22 29.28
C GLU A 53 0.09 31.04 28.10
N LEU A 54 -0.89 31.87 28.39
CA LEU A 54 -1.56 32.68 27.38
C LEU A 54 -1.03 34.11 27.47
N VAL A 55 -0.42 34.57 26.38
CA VAL A 55 0.17 35.90 26.28
C VAL A 55 -0.69 36.75 25.37
N GLU A 56 -0.70 38.05 25.66
CA GLU A 56 -1.44 39.04 24.90
C GLU A 56 -0.46 39.95 24.21
N PHE A 57 -0.51 39.99 22.89
CA PHE A 57 0.33 40.89 22.13
C PHE A 57 -0.19 42.32 22.25
N SER A 58 0.62 43.27 21.76
CA SER A 58 0.21 44.66 21.79
C SER A 58 -1.02 44.89 20.93
N SER A 59 -1.16 44.14 19.85
CA SER A 59 -2.30 44.29 18.95
C SER A 59 -3.59 43.72 19.51
N GLY A 60 -3.59 43.30 20.77
CA GLY A 60 -4.76 42.71 21.38
C GLY A 60 -4.93 41.23 21.14
N VAL A 61 -4.31 40.68 20.09
CA VAL A 61 -4.36 39.25 19.89
C VAL A 61 -3.58 38.55 20.99
N LYS A 62 -3.91 37.28 21.20
CA LYS A 62 -3.26 36.48 22.20
C LYS A 62 -3.02 35.07 21.66
N GLY A 63 -2.07 34.41 22.28
CA GLY A 63 -1.72 33.05 21.91
C GLY A 63 -0.94 32.41 23.02
N MET A 64 -0.71 31.11 22.89
CA MET A 64 -0.15 30.33 23.98
C MET A 64 1.27 29.89 23.66
N ALA A 65 2.14 30.02 24.65
CA ALA A 65 3.55 29.66 24.53
C ALA A 65 3.69 28.17 24.69
N LEU A 66 3.71 27.45 23.57
CA LEU A 66 3.82 26.01 23.62
C LEU A 66 5.27 25.56 23.75
N ASN A 67 6.20 26.28 23.14
CA ASN A 67 7.61 25.96 23.21
C ASN A 67 8.37 27.03 23.98
N LEU A 68 9.18 26.60 24.95
CA LEU A 68 10.15 27.46 25.61
C LEU A 68 11.55 26.97 25.24
N GLU A 69 12.28 27.80 24.52
CA GLU A 69 13.66 27.51 24.18
C GLU A 69 14.55 28.27 25.17
N PRO A 70 15.86 28.02 25.18
CA PRO A 70 16.70 28.64 26.21
C PRO A 70 16.82 30.13 26.07
N GLY A 71 16.50 30.69 24.92
CA GLY A 71 16.56 32.12 24.71
C GLY A 71 15.44 32.64 23.84
N GLN A 72 14.40 31.84 23.67
CA GLN A 72 13.25 32.25 22.89
C GLN A 72 12.03 31.46 23.30
N VAL A 73 10.87 31.96 22.91
CA VAL A 73 9.58 31.36 23.25
C VAL A 73 8.77 31.22 21.98
N GLY A 74 8.18 30.04 21.79
CA GLY A 74 7.35 29.76 20.64
C GLY A 74 5.88 29.88 20.98
N ILE A 75 5.27 30.97 20.52
CA ILE A 75 3.92 31.33 20.87
C ILE A 75 3.04 31.11 19.65
N VAL A 76 2.04 30.25 19.80
CA VAL A 76 1.09 29.94 18.75
C VAL A 76 -0.06 30.90 18.87
N LEU A 77 -0.36 31.59 17.77
CA LEU A 77 -1.33 32.67 17.75
C LEU A 77 -2.74 32.13 17.60
N PHE A 78 -3.65 32.65 18.42
CA PHE A 78 -5.05 32.30 18.30
C PHE A 78 -5.76 33.06 17.19
N GLY A 79 -5.14 34.11 16.66
CA GLY A 79 -5.77 34.94 15.66
C GLY A 79 -5.03 35.01 14.34
N SER A 80 -5.44 35.94 13.48
CA SER A 80 -4.83 36.09 12.17
C SER A 80 -3.35 36.43 12.31
N ASP A 81 -2.54 35.81 11.45
CA ASP A 81 -1.10 36.05 11.46
C ASP A 81 -0.75 37.51 11.23
N ARG A 82 -1.67 38.30 10.66
CA ARG A 82 -1.36 39.66 10.28
C ARG A 82 -1.15 40.57 11.47
N LEU A 83 -1.75 40.24 12.61
CA LEU A 83 -1.86 41.17 13.73
C LEU A 83 -0.58 41.27 14.54
N VAL A 84 0.54 40.76 14.06
CA VAL A 84 1.78 40.77 14.80
C VAL A 84 2.91 41.23 13.89
N LYS A 85 3.76 42.09 14.41
CA LYS A 85 4.95 42.54 13.72
C LYS A 85 6.18 42.23 14.56
N GLU A 86 7.31 42.01 13.88
CA GLU A 86 8.58 41.93 14.55
C GLU A 86 8.81 43.20 15.36
N GLY A 87 9.37 43.02 16.56
CA GLY A 87 9.60 44.13 17.46
C GLY A 87 8.43 44.47 18.35
N GLU A 88 7.30 43.78 18.20
CA GLU A 88 6.10 44.13 18.94
C GLU A 88 6.18 43.59 20.35
N LEU A 89 5.62 44.36 21.28
CA LEU A 89 5.63 43.98 22.69
C LEU A 89 4.58 42.91 22.98
N VAL A 90 4.96 41.95 23.80
CA VAL A 90 4.10 40.83 24.19
C VAL A 90 4.08 40.76 25.71
N LYS A 91 2.89 40.89 26.29
CA LYS A 91 2.71 40.75 27.72
C LYS A 91 2.22 39.35 28.02
N ARG A 92 2.52 38.86 29.23
CA ARG A 92 2.05 37.57 29.69
C ARG A 92 1.02 37.75 30.80
N THR A 93 -0.07 36.99 30.71
CA THR A 93 -1.19 37.15 31.62
C THR A 93 -0.97 36.49 32.97
N GLY A 94 -0.04 35.54 33.06
CA GLY A 94 0.10 34.75 34.26
C GLY A 94 -0.92 33.66 34.42
N ASN A 95 -1.80 33.48 33.44
CA ASN A 95 -2.87 32.49 33.49
C ASN A 95 -2.55 31.37 32.51
N ILE A 96 -2.33 30.16 33.02
CA ILE A 96 -2.30 29.01 32.15
C ILE A 96 -3.63 28.96 31.41
N VAL A 97 -3.60 28.46 30.18
CA VAL A 97 -4.78 28.47 29.33
C VAL A 97 -5.93 27.83 30.10
N ASP A 98 -6.98 28.60 30.33
CA ASP A 98 -8.06 28.21 31.21
C ASP A 98 -9.39 28.62 30.59
N VAL A 99 -10.47 28.15 31.19
CA VAL A 99 -11.82 28.44 30.72
C VAL A 99 -12.70 28.78 31.91
N PRO A 100 -13.61 29.74 31.79
CA PRO A 100 -14.62 29.94 32.82
C PRO A 100 -15.57 28.76 32.87
N VAL A 101 -16.03 28.44 34.07
CA VAL A 101 -16.88 27.28 34.29
C VAL A 101 -17.95 27.65 35.31
N GLY A 102 -19.08 26.97 35.21
CA GLY A 102 -20.20 27.20 36.08
C GLY A 102 -21.49 26.92 35.36
N PRO A 103 -22.62 27.13 36.04
CA PRO A 103 -23.91 26.95 35.39
C PRO A 103 -24.31 28.10 34.50
N GLY A 104 -23.66 29.26 34.63
CA GLY A 104 -23.99 30.39 33.78
C GLY A 104 -23.74 30.11 32.31
N LEU A 105 -22.80 29.23 31.99
CA LEU A 105 -22.50 28.94 30.60
C LEU A 105 -23.65 28.24 29.90
N LEU A 106 -24.63 27.76 30.64
CA LEU A 106 -25.74 27.05 30.02
C LEU A 106 -26.50 27.99 29.09
N GLY A 107 -26.79 27.49 27.90
CA GLY A 107 -27.49 28.25 26.90
C GLY A 107 -26.62 29.09 26.00
N ARG A 108 -25.31 29.11 26.24
CA ARG A 108 -24.41 30.01 25.54
C ARG A 108 -23.61 29.28 24.49
N VAL A 109 -22.95 30.06 23.64
CA VAL A 109 -22.04 29.57 22.62
C VAL A 109 -20.72 30.30 22.81
N VAL A 110 -19.67 29.55 23.08
CA VAL A 110 -18.41 30.12 23.54
C VAL A 110 -17.26 29.61 22.69
N ASP A 111 -16.27 30.46 22.49
CA ASP A 111 -15.06 30.07 21.80
C ASP A 111 -14.19 29.20 22.70
N ALA A 112 -13.08 28.73 22.14
CA ALA A 112 -12.23 27.78 22.86
C ALA A 112 -11.73 28.32 24.19
N LEU A 113 -11.62 29.63 24.33
CA LEU A 113 -11.10 30.24 25.55
C LEU A 113 -12.20 30.68 26.50
N GLY A 114 -13.46 30.56 26.09
CA GLY A 114 -14.56 30.93 26.95
C GLY A 114 -15.11 32.31 26.76
N ASN A 115 -14.84 32.95 25.62
CA ASN A 115 -15.50 34.19 25.31
C ASN A 115 -16.83 33.89 24.63
N PRO A 116 -17.90 34.61 24.98
CA PRO A 116 -19.17 34.43 24.26
C PRO A 116 -19.05 34.91 22.83
N ILE A 117 -19.50 34.07 21.90
CA ILE A 117 -19.62 34.43 20.50
C ILE A 117 -21.07 34.58 20.07
N ASP A 118 -22.02 34.17 20.91
CA ASP A 118 -23.44 34.29 20.61
C ASP A 118 -23.92 35.72 20.63
N GLY A 119 -23.07 36.68 20.97
CA GLY A 119 -23.42 38.08 20.99
C GLY A 119 -24.15 38.54 22.22
N LYS A 120 -24.59 37.63 23.08
CA LYS A 120 -25.27 38.00 24.30
C LYS A 120 -24.25 38.44 25.34
N GLY A 121 -24.72 38.73 26.55
CA GLY A 121 -23.91 39.35 27.56
C GLY A 121 -22.78 38.47 28.03
N PRO A 122 -22.06 38.92 29.05
CA PRO A 122 -20.98 38.12 29.60
C PRO A 122 -21.50 36.86 30.25
N ILE A 123 -20.57 35.96 30.56
CA ILE A 123 -20.87 34.67 31.15
C ILE A 123 -20.63 34.77 32.65
N ASP A 124 -21.70 34.57 33.42
CA ASP A 124 -21.62 34.66 34.88
C ASP A 124 -21.02 33.38 35.44
N ALA A 125 -19.71 33.26 35.24
CA ALA A 125 -18.99 32.06 35.64
C ALA A 125 -19.03 31.88 37.16
N ALA A 126 -18.88 30.63 37.59
CA ALA A 126 -18.70 30.30 39.00
C ALA A 126 -17.22 30.17 39.36
N GLY A 127 -16.39 29.82 38.39
CA GLY A 127 -14.98 29.68 38.64
C GLY A 127 -14.22 29.58 37.34
N ARG A 128 -12.94 29.23 37.44
CA ARG A 128 -12.09 29.06 36.27
C ARG A 128 -11.29 27.78 36.42
N SER A 129 -11.11 27.07 35.30
CA SER A 129 -10.47 25.77 35.33
C SER A 129 -9.58 25.61 34.12
N ARG A 130 -8.42 25.02 34.34
CA ARG A 130 -7.42 24.90 33.29
C ARG A 130 -7.90 23.95 32.20
N ALA A 131 -7.45 24.21 30.98
CA ALA A 131 -7.77 23.33 29.87
C ALA A 131 -7.14 21.96 30.06
N GLN A 132 -5.81 21.91 30.15
CA GLN A 132 -5.08 20.67 30.37
C GLN A 132 -5.00 20.41 31.86
N VAL A 133 -5.91 19.58 32.38
CA VAL A 133 -5.89 19.15 33.77
C VAL A 133 -6.06 17.65 33.81
N LYS A 134 -5.30 17.00 34.71
CA LYS A 134 -5.20 15.55 34.70
C LYS A 134 -6.56 14.91 34.95
N ALA A 135 -6.83 13.84 34.19
CA ALA A 135 -8.01 13.03 34.39
C ALA A 135 -8.05 12.50 35.82
N PRO A 136 -9.20 12.00 36.26
CA PRO A 136 -9.25 11.38 37.59
C PRO A 136 -8.58 10.02 37.58
N GLY A 137 -7.96 9.68 38.70
CA GLY A 137 -7.24 8.45 38.81
C GLY A 137 -8.11 7.22 38.92
N ILE A 138 -7.52 6.12 39.35
CA ILE A 138 -8.23 4.85 39.40
C ILE A 138 -9.27 4.86 40.51
N LEU A 139 -8.82 5.05 41.74
CA LEU A 139 -9.70 4.86 42.90
C LEU A 139 -10.94 5.73 42.86
N PRO A 140 -10.88 7.01 42.51
CA PRO A 140 -12.08 7.86 42.63
C PRO A 140 -13.17 7.54 41.61
N ARG A 141 -12.97 6.60 40.71
CA ARG A 141 -13.98 6.26 39.72
C ARG A 141 -14.91 5.16 40.20
N ARG A 142 -15.95 4.91 39.41
CA ARG A 142 -16.95 3.89 39.69
C ARG A 142 -17.46 3.34 38.37
N SER A 143 -18.05 2.14 38.44
CA SER A 143 -18.56 1.50 37.25
C SER A 143 -19.70 2.30 36.64
N VAL A 144 -19.83 2.21 35.32
CA VAL A 144 -20.84 2.95 34.57
C VAL A 144 -22.13 2.14 34.64
N HIS A 145 -23.01 2.51 35.56
CA HIS A 145 -24.26 1.80 35.79
C HIS A 145 -25.50 2.61 35.46
N GLU A 146 -25.35 3.86 35.00
CA GLU A 146 -26.51 4.67 34.65
C GLU A 146 -26.56 4.90 33.14
N PRO A 147 -27.77 5.00 32.59
CA PRO A 147 -27.93 5.09 31.13
C PRO A 147 -27.93 6.50 30.58
N VAL A 148 -27.32 6.63 29.40
CA VAL A 148 -27.49 7.83 28.58
C VAL A 148 -28.45 7.45 27.47
N GLN A 149 -29.74 7.60 27.75
CA GLN A 149 -30.78 7.24 26.80
C GLN A 149 -30.77 8.23 25.63
N THR A 150 -30.34 7.75 24.47
CA THR A 150 -30.25 8.62 23.31
C THR A 150 -31.61 8.87 22.67
N GLY A 151 -32.56 7.96 22.90
CA GLY A 151 -33.81 8.00 22.18
C GLY A 151 -33.73 7.43 20.79
N LEU A 152 -32.59 6.92 20.39
CA LEU A 152 -32.41 6.29 19.09
C LEU A 152 -32.45 4.78 19.30
N LYS A 153 -33.38 4.11 18.63
CA LYS A 153 -33.64 2.71 18.92
C LYS A 153 -32.48 1.83 18.48
N ALA A 154 -31.79 2.22 17.41
CA ALA A 154 -30.64 1.46 16.96
C ALA A 154 -29.51 1.50 17.98
N VAL A 155 -29.60 2.39 18.96
CA VAL A 155 -28.53 2.60 19.92
C VAL A 155 -28.94 2.04 21.28
N ASP A 156 -30.03 2.59 21.83
CA ASP A 156 -30.43 2.25 23.18
C ASP A 156 -30.69 0.77 23.35
N ALA A 157 -31.03 0.06 22.28
CA ALA A 157 -31.36 -1.35 22.37
C ALA A 157 -30.17 -2.26 22.06
N LEU A 158 -29.21 -1.77 21.29
CA LEU A 158 -28.17 -2.62 20.74
C LEU A 158 -26.76 -2.20 21.14
N VAL A 159 -26.49 -0.91 21.23
CA VAL A 159 -25.16 -0.41 21.58
C VAL A 159 -25.33 0.72 22.58
N PRO A 160 -25.83 0.41 23.77
CA PRO A 160 -26.20 1.46 24.72
C PRO A 160 -25.01 2.27 25.19
N ILE A 161 -25.30 3.49 25.61
CA ILE A 161 -24.30 4.41 26.14
C ILE A 161 -24.57 4.58 27.62
N GLY A 162 -23.51 4.53 28.42
CA GLY A 162 -23.62 4.70 29.84
C GLY A 162 -23.02 6.02 30.33
N ARG A 163 -23.50 6.47 31.47
CA ARG A 163 -23.08 7.73 32.05
C ARG A 163 -21.68 7.56 32.63
N GLY A 164 -20.69 8.05 31.91
CA GLY A 164 -19.30 7.82 32.21
C GLY A 164 -18.58 7.09 31.11
N GLN A 165 -19.29 6.67 30.08
CA GLN A 165 -18.69 5.92 29.00
C GLN A 165 -17.94 6.84 28.04
N ARG A 166 -17.10 6.23 27.24
CA ARG A 166 -16.46 6.89 26.11
C ARG A 166 -16.88 6.13 24.86
N GLU A 167 -17.62 6.79 23.98
CA GLU A 167 -18.34 6.12 22.89
C GLU A 167 -18.02 6.84 21.60
N LEU A 168 -17.21 6.21 20.76
CA LEU A 168 -16.78 6.81 19.51
C LEU A 168 -17.85 6.67 18.45
N ILE A 169 -18.35 7.79 17.94
CA ILE A 169 -19.24 7.78 16.79
C ILE A 169 -18.36 7.91 15.56
N ILE A 170 -18.09 6.78 14.91
CA ILE A 170 -17.18 6.73 13.78
C ILE A 170 -17.99 6.51 12.52
N GLY A 171 -17.66 7.25 11.47
CA GLY A 171 -18.35 7.06 10.22
C GLY A 171 -17.83 7.99 9.14
N ASP A 172 -18.17 7.65 7.90
CA ASP A 172 -17.79 8.47 6.77
C ASP A 172 -18.62 9.75 6.75
N ARG A 173 -18.24 10.67 5.88
CA ARG A 173 -18.89 11.97 5.84
C ARG A 173 -20.36 11.82 5.47
N GLN A 174 -21.18 12.67 6.08
CA GLN A 174 -22.62 12.65 5.86
C GLN A 174 -23.19 11.25 6.00
N THR A 175 -22.92 10.63 7.15
CA THR A 175 -23.49 9.34 7.50
C THR A 175 -24.30 9.40 8.78
N GLY A 176 -24.62 10.59 9.25
CA GLY A 176 -25.53 10.75 10.37
C GLY A 176 -24.90 10.81 11.73
N LYS A 177 -23.62 11.17 11.82
CA LYS A 177 -22.94 11.21 13.11
C LYS A 177 -23.49 12.34 13.96
N THR A 178 -23.42 13.56 13.42
CA THR A 178 -23.97 14.71 14.13
C THR A 178 -25.43 14.48 14.47
N ALA A 179 -26.16 13.80 13.59
CA ALA A 179 -27.57 13.52 13.87
C ALA A 179 -27.73 12.62 15.08
N VAL A 180 -26.86 11.62 15.21
CA VAL A 180 -26.91 10.76 16.38
C VAL A 180 -26.69 11.59 17.63
N ALA A 181 -25.61 12.36 17.65
CA ALA A 181 -25.29 13.11 18.85
C ALA A 181 -26.38 14.13 19.17
N LEU A 182 -27.03 14.66 18.14
CA LEU A 182 -27.98 15.74 18.34
C LEU A 182 -29.34 15.22 18.77
N ASP A 183 -29.76 14.06 18.26
CA ASP A 183 -30.94 13.42 18.82
C ASP A 183 -30.72 13.04 20.28
N THR A 184 -29.52 12.54 20.58
CA THR A 184 -29.17 12.28 21.98
C THR A 184 -29.36 13.53 22.82
N ILE A 185 -28.82 14.66 22.36
CA ILE A 185 -28.94 15.89 23.12
C ILE A 185 -30.39 16.30 23.26
N LEU A 186 -31.14 16.22 22.17
CA LEU A 186 -32.52 16.70 22.16
C LEU A 186 -33.41 15.88 23.06
N ASN A 187 -33.00 14.65 23.39
CA ASN A 187 -33.88 13.78 24.16
C ASN A 187 -33.86 14.11 25.65
N GLN A 188 -32.72 14.52 26.19
CA GLN A 188 -32.61 14.75 27.63
C GLN A 188 -33.57 15.80 28.13
N LYS A 189 -34.20 16.55 27.22
CA LYS A 189 -35.22 17.53 27.58
C LYS A 189 -36.22 16.90 28.54
N ARG A 190 -36.45 15.59 28.35
CA ARG A 190 -37.45 14.91 29.14
C ARG A 190 -37.15 15.00 30.63
N TRP A 191 -35.94 14.60 31.01
CA TRP A 191 -35.57 14.55 32.42
C TRP A 191 -35.09 15.90 32.94
N ASN A 192 -34.58 16.77 32.07
CA ASN A 192 -33.97 17.99 32.55
C ASN A 192 -34.97 19.05 32.99
N ASN A 193 -36.27 18.81 32.78
CA ASN A 193 -37.29 19.59 33.45
C ASN A 193 -37.61 19.06 34.84
N GLY A 194 -36.92 18.01 35.29
CA GLY A 194 -37.24 17.35 36.53
C GLY A 194 -36.44 17.87 37.72
N SER A 195 -36.86 17.43 38.91
CA SER A 195 -36.37 17.97 40.16
C SER A 195 -35.11 17.29 40.66
N ASP A 196 -34.79 16.09 40.18
CA ASP A 196 -33.65 15.32 40.67
C ASP A 196 -32.54 15.37 39.65
N GLU A 197 -31.42 15.99 40.05
CA GLU A 197 -30.26 16.14 39.19
C GLU A 197 -29.51 14.83 38.98
N SER A 198 -29.98 13.72 39.56
CA SER A 198 -29.45 12.42 39.20
C SER A 198 -29.82 12.05 37.78
N LYS A 199 -30.97 12.50 37.31
CA LYS A 199 -31.42 12.22 35.95
C LYS A 199 -30.92 13.28 34.98
N LYS A 200 -30.89 14.53 35.40
CA LYS A 200 -30.59 15.64 34.50
C LYS A 200 -29.18 15.49 33.93
N LEU A 201 -29.08 15.46 32.61
CA LEU A 201 -27.83 15.31 31.91
C LEU A 201 -27.56 16.57 31.09
N TYR A 202 -26.45 17.24 31.37
CA TYR A 202 -26.08 18.49 30.75
C TYR A 202 -25.10 18.23 29.62
N CYS A 203 -25.39 18.78 28.46
CA CYS A 203 -24.70 18.42 27.22
C CYS A 203 -23.74 19.52 26.82
N VAL A 204 -22.55 19.12 26.37
CA VAL A 204 -21.56 20.03 25.81
C VAL A 204 -21.23 19.56 24.41
N TYR A 205 -21.37 20.45 23.43
CA TYR A 205 -21.08 20.15 22.04
C TYR A 205 -19.84 20.94 21.63
N VAL A 206 -18.82 20.23 21.17
CA VAL A 206 -17.57 20.83 20.73
C VAL A 206 -17.49 20.67 19.22
N ALA A 207 -17.56 21.79 18.52
CA ALA A 207 -17.45 21.82 17.06
C ALA A 207 -16.04 22.28 16.70
N VAL A 208 -15.24 21.34 16.22
CA VAL A 208 -13.84 21.59 15.88
C VAL A 208 -13.70 21.49 14.37
N GLY A 209 -13.34 22.59 13.74
CA GLY A 209 -13.19 22.64 12.30
C GLY A 209 -14.50 22.63 11.52
N GLN A 210 -15.64 22.61 12.20
CA GLN A 210 -16.91 22.63 11.51
C GLN A 210 -17.20 24.00 10.93
N LYS A 211 -18.11 24.03 9.97
CA LYS A 211 -18.53 25.28 9.36
C LYS A 211 -19.28 26.13 10.36
N ARG A 212 -18.99 27.42 10.36
CA ARG A 212 -19.66 28.34 11.27
C ARG A 212 -21.17 28.33 11.04
N SER A 213 -21.60 28.17 9.80
CA SER A 213 -23.03 28.13 9.51
C SER A 213 -23.66 26.82 9.95
N THR A 214 -22.96 25.71 9.79
CA THR A 214 -23.45 24.45 10.32
C THR A 214 -23.67 24.56 11.82
N VAL A 215 -22.74 25.20 12.52
CA VAL A 215 -22.90 25.41 13.95
C VAL A 215 -24.08 26.33 14.24
N ALA A 216 -24.28 27.35 13.41
CA ALA A 216 -25.36 28.29 13.67
C ALA A 216 -26.72 27.61 13.56
N GLN A 217 -26.88 26.78 12.53
CA GLN A 217 -28.16 26.11 12.40
C GLN A 217 -28.28 24.92 13.35
N LEU A 218 -27.17 24.39 13.85
CA LEU A 218 -27.26 23.47 14.99
C LEU A 218 -27.82 24.18 16.21
N VAL A 219 -27.34 25.40 16.47
CA VAL A 219 -27.85 26.15 17.60
C VAL A 219 -29.33 26.46 17.39
N GLN A 220 -29.74 26.74 16.16
CA GLN A 220 -31.15 27.01 15.94
C GLN A 220 -32.00 25.77 16.08
N THR A 221 -31.52 24.63 15.59
CA THR A 221 -32.22 23.36 15.79
C THR A 221 -32.39 23.08 17.27
N LEU A 222 -31.38 23.42 18.07
CA LEU A 222 -31.51 23.25 19.52
C LEU A 222 -32.53 24.22 20.11
N GLU A 223 -32.49 25.47 19.69
CA GLU A 223 -33.39 26.47 20.25
C GLU A 223 -34.84 26.17 19.92
N GLN A 224 -35.12 25.66 18.73
CA GLN A 224 -36.51 25.37 18.36
C GLN A 224 -37.09 24.27 19.22
N HIS A 225 -36.24 23.38 19.72
CA HIS A 225 -36.66 22.30 20.59
C HIS A 225 -36.41 22.59 22.07
N ASP A 226 -36.05 23.82 22.41
CA ASP A 226 -35.85 24.23 23.81
C ASP A 226 -34.83 23.35 24.51
N ALA A 227 -33.83 22.92 23.74
CA ALA A 227 -32.75 22.11 24.28
C ALA A 227 -31.58 22.94 24.76
N MET A 228 -31.55 24.21 24.37
CA MET A 228 -30.37 25.03 24.60
C MET A 228 -30.18 25.34 26.08
N LYS A 229 -31.26 25.46 26.84
CA LYS A 229 -31.14 25.84 28.25
C LYS A 229 -30.33 24.86 29.06
N TYR A 230 -29.97 23.71 28.49
CA TYR A 230 -29.19 22.71 29.20
C TYR A 230 -27.99 22.22 28.39
N SER A 231 -27.63 22.91 27.32
CA SER A 231 -26.44 22.58 26.54
C SER A 231 -25.51 23.79 26.47
N ILE A 232 -24.22 23.50 26.37
CA ILE A 232 -23.19 24.50 26.12
C ILE A 232 -22.45 24.13 24.84
N ILE A 233 -22.31 25.09 23.94
CA ILE A 233 -21.65 24.89 22.67
C ILE A 233 -20.29 25.55 22.70
N VAL A 234 -19.24 24.77 22.43
CA VAL A 234 -17.88 25.27 22.28
C VAL A 234 -17.52 25.14 20.81
N ALA A 235 -17.20 26.26 20.18
CA ALA A 235 -17.14 26.37 18.72
C ALA A 235 -15.80 26.93 18.26
N ALA A 236 -14.90 26.04 17.86
CA ALA A 236 -13.66 26.42 17.18
C ALA A 236 -13.83 26.10 15.70
N THR A 237 -14.58 26.96 15.03
CA THR A 237 -14.93 26.75 13.64
C THR A 237 -13.69 26.75 12.75
N ALA A 238 -13.89 26.32 11.50
CA ALA A 238 -12.77 26.10 10.58
C ALA A 238 -11.93 27.35 10.42
N SER A 239 -12.53 28.53 10.46
CA SER A 239 -11.81 29.77 10.24
C SER A 239 -11.13 30.28 11.50
N GLU A 240 -11.25 29.56 12.61
CA GLU A 240 -10.52 29.92 13.81
C GLU A 240 -9.17 29.23 13.81
N ALA A 241 -8.17 29.91 14.38
CA ALA A 241 -6.80 29.46 14.25
C ALA A 241 -6.66 28.05 14.80
N ALA A 242 -5.70 27.32 14.24
CA ALA A 242 -5.48 25.93 14.63
C ALA A 242 -5.31 25.76 16.14
N PRO A 243 -4.64 26.65 16.86
CA PRO A 243 -4.54 26.47 18.31
C PRO A 243 -5.88 26.43 18.99
N LEU A 244 -6.87 27.17 18.50
CA LEU A 244 -8.18 27.13 19.15
C LEU A 244 -8.89 25.83 18.86
N GLN A 245 -8.69 25.26 17.68
CA GLN A 245 -9.27 23.96 17.39
C GLN A 245 -8.61 22.88 18.22
N TYR A 246 -7.33 23.07 18.53
CA TYR A 246 -6.63 22.14 19.42
C TYR A 246 -7.13 22.27 20.85
N LEU A 247 -7.32 23.50 21.33
CA LEU A 247 -7.70 23.71 22.71
C LEU A 247 -9.16 23.38 22.98
N ALA A 248 -10.03 23.58 21.99
CA ALA A 248 -11.47 23.55 22.26
C ALA A 248 -11.93 22.28 22.94
N PRO A 249 -11.54 21.08 22.50
CA PRO A 249 -11.96 19.89 23.24
C PRO A 249 -11.50 19.90 24.69
N PHE A 250 -10.29 20.38 24.96
CA PHE A 250 -9.79 20.35 26.33
C PHE A 250 -10.53 21.34 27.22
N THR A 251 -10.88 22.50 26.69
CA THR A 251 -11.62 23.47 27.49
C THR A 251 -13.07 23.04 27.67
N ALA A 252 -13.66 22.40 26.67
CA ALA A 252 -14.98 21.83 26.85
C ALA A 252 -14.94 20.72 27.90
N ALA A 253 -13.86 19.94 27.91
CA ALA A 253 -13.70 18.93 28.95
C ALA A 253 -13.55 19.57 30.32
N SER A 254 -12.88 20.71 30.38
CA SER A 254 -12.78 21.43 31.64
C SER A 254 -14.12 22.00 32.06
N ILE A 255 -15.01 22.26 31.10
CA ILE A 255 -16.35 22.72 31.43
C ILE A 255 -17.20 21.56 31.95
N GLY A 256 -17.07 20.40 31.32
CA GLY A 256 -17.79 19.22 31.80
C GLY A 256 -17.30 18.74 33.15
N GLU A 257 -15.99 18.82 33.38
CA GLU A 257 -15.41 18.41 34.65
C GLU A 257 -16.05 19.12 35.82
N TRP A 258 -16.68 20.27 35.60
CA TRP A 258 -17.35 20.98 36.68
C TRP A 258 -18.61 20.23 37.11
N PHE A 259 -19.47 19.92 36.16
CA PHE A 259 -20.64 19.10 36.47
C PHE A 259 -20.20 17.76 37.06
N ARG A 260 -19.09 17.22 36.55
CA ARG A 260 -18.62 15.94 37.04
C ARG A 260 -18.25 16.02 38.52
N ASP A 261 -17.42 17.00 38.88
CA ASP A 261 -16.93 17.11 40.25
C ASP A 261 -17.97 17.60 41.23
N ASN A 262 -18.94 18.40 40.79
CA ASN A 262 -19.90 19.00 41.69
C ASN A 262 -21.16 18.17 41.86
N GLY A 263 -21.21 16.97 41.29
CA GLY A 263 -22.32 16.08 41.52
C GLY A 263 -23.42 16.19 40.49
N LYS A 264 -23.05 16.41 39.24
CA LYS A 264 -23.99 16.48 38.14
C LYS A 264 -23.44 15.68 36.98
N HIS A 265 -24.34 15.18 36.15
CA HIS A 265 -24.00 14.32 35.03
C HIS A 265 -23.97 15.14 33.75
N ALA A 266 -22.98 14.87 32.92
CA ALA A 266 -22.69 15.69 31.75
C ALA A 266 -22.48 14.82 30.53
N LEU A 267 -22.45 15.47 29.39
CA LEU A 267 -22.27 14.81 28.10
C LEU A 267 -21.52 15.74 27.17
N ILE A 268 -20.38 15.30 26.68
CA ILE A 268 -19.49 16.11 25.84
C ILE A 268 -19.36 15.44 24.49
N VAL A 269 -19.77 16.14 23.45
CA VAL A 269 -19.75 15.63 22.08
C VAL A 269 -18.66 16.34 21.31
N TYR A 270 -17.62 15.61 20.94
CA TYR A 270 -16.53 16.14 20.13
C TYR A 270 -16.83 15.86 18.66
N ASP A 271 -17.16 16.91 17.91
CA ASP A 271 -17.51 16.82 16.49
C ASP A 271 -16.62 17.79 15.73
N ASP A 272 -15.45 17.33 15.27
CA ASP A 272 -14.97 15.96 15.42
C ASP A 272 -13.46 15.93 15.61
N LEU A 273 -12.99 14.87 16.27
CA LEU A 273 -11.61 14.81 16.74
C LEU A 273 -10.60 14.60 15.63
N SER A 274 -11.01 14.14 14.46
CA SER A 274 -10.07 14.06 13.35
C SER A 274 -9.53 15.44 13.02
N LYS A 275 -10.38 16.45 13.14
CA LYS A 275 -9.98 17.81 12.86
C LYS A 275 -9.18 18.42 14.01
N GLN A 276 -9.42 17.96 15.23
CA GLN A 276 -8.50 18.30 16.32
C GLN A 276 -7.12 17.73 16.05
N ALA A 277 -7.06 16.50 15.54
CA ALA A 277 -5.76 15.92 15.22
C ALA A 277 -5.09 16.69 14.11
N VAL A 278 -5.85 17.11 13.10
CA VAL A 278 -5.27 17.91 12.02
C VAL A 278 -4.77 19.24 12.56
N ALA A 279 -5.53 19.84 13.48
CA ALA A 279 -5.13 21.13 14.03
C ALA A 279 -3.85 20.99 14.83
N TYR A 280 -3.75 19.95 15.65
CA TYR A 280 -2.52 19.74 16.41
C TYR A 280 -1.37 19.40 15.49
N ARG A 281 -1.63 18.72 14.38
CA ARG A 281 -0.58 18.43 13.42
C ARG A 281 -0.02 19.71 12.82
N GLN A 282 -0.90 20.62 12.41
CA GLN A 282 -0.45 21.92 11.93
C GLN A 282 0.34 22.64 13.00
N LEU A 283 -0.23 22.71 14.21
CA LEU A 283 0.41 23.42 15.31
C LEU A 283 1.80 22.89 15.60
N SER A 284 1.99 21.57 15.48
CA SER A 284 3.28 20.97 15.77
C SER A 284 4.25 21.13 14.62
N LEU A 285 3.79 20.95 13.39
CA LEU A 285 4.66 21.09 12.24
C LEU A 285 5.16 22.51 12.08
N LEU A 286 4.36 23.49 12.50
CA LEU A 286 4.81 24.87 12.41
C LEU A 286 5.72 25.25 13.56
N LEU A 287 5.52 24.62 14.72
CA LEU A 287 6.52 24.66 15.78
C LEU A 287 7.75 23.85 15.42
N ARG A 288 7.71 23.15 14.30
CA ARG A 288 8.85 22.40 13.78
C ARG A 288 9.17 21.21 14.67
N ARG A 289 8.20 20.75 15.43
CA ARG A 289 8.38 19.55 16.22
C ARG A 289 8.45 18.33 15.30
N PRO A 290 9.16 17.29 15.71
CA PRO A 290 9.34 16.14 14.83
C PRO A 290 8.03 15.41 14.61
N PRO A 291 7.65 15.17 13.37
CA PRO A 291 6.41 14.46 13.09
C PRO A 291 6.57 12.95 13.14
N GLY A 292 5.43 12.28 13.22
CA GLY A 292 5.39 10.84 13.19
C GLY A 292 4.59 10.33 12.01
N ARG A 293 3.94 9.19 12.19
CA ARG A 293 3.11 8.62 11.14
C ARG A 293 2.11 9.65 10.64
N GLU A 294 1.83 9.60 9.34
CA GLU A 294 0.82 10.45 8.72
C GLU A 294 1.04 11.92 9.06
N ALA A 295 2.28 12.26 9.38
CA ALA A 295 2.69 13.64 9.64
C ALA A 295 2.12 14.15 10.96
N TYR A 296 1.30 13.33 11.62
CA TYR A 296 0.83 13.69 12.93
C TYR A 296 1.99 13.67 13.91
N PRO A 297 1.96 14.47 14.96
CA PRO A 297 3.01 14.39 15.97
C PRO A 297 2.95 13.05 16.69
N GLY A 298 4.02 12.77 17.43
CA GLY A 298 4.15 11.47 18.05
C GLY A 298 3.07 11.22 19.07
N ASP A 299 2.78 12.20 19.90
CA ASP A 299 1.95 12.02 21.09
C ASP A 299 0.45 12.06 20.82
N VAL A 300 0.01 12.13 19.56
CA VAL A 300 -1.42 12.29 19.31
C VAL A 300 -2.25 11.32 20.12
N PHE A 301 -1.75 10.10 20.31
CA PHE A 301 -2.42 9.21 21.26
C PHE A 301 -2.57 9.89 22.61
N TYR A 302 -1.56 10.61 23.05
CA TYR A 302 -1.66 11.36 24.30
C TYR A 302 -2.68 12.47 24.19
N LEU A 303 -2.79 13.11 23.04
CA LEU A 303 -3.80 14.15 22.85
C LEU A 303 -5.18 13.60 23.11
N HIS A 304 -5.56 12.56 22.37
CA HIS A 304 -6.93 12.06 22.46
C HIS A 304 -7.18 11.31 23.76
N SER A 305 -6.16 10.69 24.34
CA SER A 305 -6.35 10.05 25.64
C SER A 305 -6.55 11.09 26.74
N ARG A 306 -5.66 12.07 26.81
CA ARG A 306 -5.78 13.16 27.75
C ARG A 306 -7.13 13.86 27.62
N LEU A 307 -7.67 13.92 26.41
CA LEU A 307 -8.97 14.52 26.22
C LEU A 307 -10.08 13.61 26.69
N LEU A 308 -10.04 12.34 26.27
CA LEU A 308 -11.19 11.47 26.40
C LEU A 308 -11.36 10.96 27.82
N GLU A 309 -10.35 10.26 28.34
CA GLU A 309 -10.58 9.50 29.56
C GLU A 309 -10.67 10.39 30.78
N ARG A 310 -10.65 11.70 30.60
CA ARG A 310 -11.18 12.59 31.64
C ARG A 310 -12.62 12.23 31.93
N ALA A 311 -13.32 11.69 30.94
CA ALA A 311 -14.68 11.20 31.14
C ALA A 311 -14.66 10.08 32.16
N ALA A 312 -15.51 10.21 33.17
CA ALA A 312 -15.50 9.23 34.25
C ALA A 312 -16.82 9.24 34.98
N LYS A 313 -17.03 8.18 35.74
CA LYS A 313 -18.14 8.04 36.66
C LYS A 313 -17.57 7.94 38.07
N LEU A 314 -17.83 8.95 38.88
CA LEU A 314 -17.15 9.10 40.15
C LEU A 314 -17.85 8.31 41.26
N SER A 315 -17.09 8.05 42.32
CA SER A 315 -17.59 7.36 43.49
C SER A 315 -18.51 8.26 44.30
N GLU A 316 -19.40 7.62 45.06
CA GLU A 316 -20.22 8.34 46.03
C GLU A 316 -19.36 9.12 47.01
N LYS A 317 -18.05 8.84 47.07
CA LYS A 317 -17.14 9.54 47.96
C LYS A 317 -16.51 10.76 47.32
N GLU A 318 -16.53 10.85 46.00
CA GLU A 318 -16.01 12.00 45.28
C GLU A 318 -17.10 12.86 44.67
N GLY A 319 -18.36 12.50 44.80
CA GLY A 319 -19.47 13.28 44.29
C GLY A 319 -20.48 12.53 43.46
N SER A 320 -20.13 11.37 42.93
CA SER A 320 -21.03 10.50 42.16
C SER A 320 -21.45 11.11 40.83
N GLY A 321 -20.94 12.28 40.49
CA GLY A 321 -21.21 12.85 39.19
C GLY A 321 -20.54 12.07 38.09
N SER A 322 -20.72 12.54 36.86
CA SER A 322 -20.20 11.83 35.70
C SER A 322 -20.05 12.79 34.53
N LEU A 323 -19.35 12.31 33.52
CA LEU A 323 -19.20 12.99 32.24
C LEU A 323 -19.05 11.94 31.15
N THR A 324 -19.93 11.99 30.16
CA THR A 324 -19.94 11.02 29.08
C THR A 324 -19.43 11.67 27.81
N ALA A 325 -18.53 10.98 27.14
CA ALA A 325 -17.84 11.50 25.96
C ALA A 325 -18.27 10.73 24.74
N LEU A 326 -18.81 11.43 23.76
CA LEU A 326 -19.18 10.84 22.48
C LEU A 326 -18.33 11.46 21.38
N PRO A 327 -17.06 11.07 21.26
CA PRO A 327 -16.20 11.64 20.22
C PRO A 327 -16.60 11.16 18.84
N VAL A 328 -16.66 12.07 17.89
CA VAL A 328 -16.95 11.75 16.50
C VAL A 328 -15.66 11.67 15.72
N ILE A 329 -15.58 10.71 14.80
CA ILE A 329 -14.45 10.57 13.89
C ILE A 329 -15.00 10.36 12.48
N GLU A 330 -14.48 11.16 11.54
CA GLU A 330 -14.83 11.04 10.12
C GLU A 330 -13.80 10.16 9.44
N THR A 331 -14.16 8.91 9.19
CA THR A 331 -13.28 7.99 8.49
C THR A 331 -13.33 8.22 6.99
N GLN A 332 -12.16 8.19 6.36
CA GLN A 332 -12.05 8.43 4.93
C GLN A 332 -12.28 7.13 4.17
N GLY A 333 -13.37 7.07 3.42
CA GLY A 333 -13.67 5.87 2.66
C GLY A 333 -13.96 4.66 3.51
N GLY A 334 -14.42 4.87 4.73
CA GLY A 334 -14.70 3.78 5.63
C GLY A 334 -13.48 3.12 6.22
N ASP A 335 -12.29 3.61 5.91
CA ASP A 335 -11.07 3.02 6.44
C ASP A 335 -10.95 3.33 7.92
N VAL A 336 -10.84 2.27 8.74
CA VAL A 336 -10.64 2.42 10.16
C VAL A 336 -9.20 2.16 10.56
N SER A 337 -8.37 1.66 9.65
CA SER A 337 -6.97 1.43 9.94
C SER A 337 -6.14 2.70 9.91
N ALA A 338 -6.75 3.84 9.60
CA ALA A 338 -6.02 5.10 9.66
C ALA A 338 -5.58 5.37 11.09
N TYR A 339 -4.59 6.24 11.21
CA TYR A 339 -3.87 6.36 12.49
C TYR A 339 -4.79 6.89 13.58
N ILE A 340 -5.45 8.01 13.33
CA ILE A 340 -6.30 8.63 14.35
C ILE A 340 -7.46 7.71 14.67
N PRO A 341 -8.16 7.16 13.68
CA PRO A 341 -9.19 6.16 14.00
C PRO A 341 -8.65 4.96 14.77
N THR A 342 -7.47 4.47 14.38
CA THR A 342 -6.90 3.32 15.06
C THR A 342 -6.67 3.64 16.53
N ASN A 343 -6.31 4.88 16.83
CA ASN A 343 -6.07 5.27 18.22
C ASN A 343 -7.38 5.44 18.98
N VAL A 344 -8.34 6.15 18.38
CA VAL A 344 -9.55 6.48 19.10
C VAL A 344 -10.42 5.25 19.32
N ILE A 345 -10.40 4.30 18.37
CA ILE A 345 -11.09 3.04 18.58
C ILE A 345 -10.54 2.33 19.80
N SER A 346 -9.24 2.47 20.04
CA SER A 346 -8.59 1.81 21.17
C SER A 346 -8.77 2.57 22.47
N ILE A 347 -9.02 3.87 22.41
CA ILE A 347 -9.16 4.65 23.64
C ILE A 347 -10.56 4.51 24.20
N THR A 348 -11.56 4.35 23.34
CA THR A 348 -12.95 4.42 23.78
C THR A 348 -13.46 3.06 24.23
N ASP A 349 -14.48 3.10 25.08
CA ASP A 349 -15.12 1.90 25.59
C ASP A 349 -15.96 1.18 24.54
N GLY A 350 -16.31 1.87 23.47
CA GLY A 350 -17.10 1.24 22.42
C GLY A 350 -17.28 2.22 21.28
N GLN A 351 -17.94 1.74 20.23
CA GLN A 351 -18.08 2.51 19.02
C GLN A 351 -19.44 2.28 18.39
N ILE A 352 -19.96 3.35 17.80
CA ILE A 352 -21.11 3.31 16.91
C ILE A 352 -20.59 3.56 15.52
N PHE A 353 -20.63 2.55 14.67
CA PHE A 353 -20.12 2.64 13.31
C PHE A 353 -21.28 2.92 12.39
N LEU A 354 -21.30 4.11 11.81
CA LEU A 354 -22.32 4.52 10.88
C LEU A 354 -21.82 4.25 9.47
N GLU A 355 -22.58 3.46 8.72
CA GLU A 355 -22.16 2.93 7.44
C GLU A 355 -22.84 3.71 6.31
N ALA A 356 -22.04 4.17 5.36
CA ALA A 356 -22.60 4.87 4.21
C ALA A 356 -23.43 3.95 3.33
N GLU A 357 -23.03 2.68 3.23
CA GLU A 357 -23.81 1.74 2.45
C GLU A 357 -25.23 1.61 2.99
N LEU A 358 -25.40 1.81 4.29
CA LEU A 358 -26.73 1.79 4.88
C LEU A 358 -27.41 3.14 4.73
N PHE A 359 -26.65 4.22 4.93
CA PHE A 359 -27.21 5.56 4.82
C PHE A 359 -27.82 5.78 3.44
N TYR A 360 -27.16 5.31 2.39
CA TYR A 360 -27.67 5.51 1.04
C TYR A 360 -28.91 4.67 0.78
N LYS A 361 -29.02 3.50 1.41
CA LYS A 361 -30.20 2.67 1.26
C LYS A 361 -31.40 3.24 1.99
N GLY A 362 -31.25 4.37 2.68
CA GLY A 362 -32.32 4.93 3.45
C GLY A 362 -32.48 4.37 4.84
N ILE A 363 -31.54 3.54 5.30
CA ILE A 363 -31.55 3.02 6.65
C ILE A 363 -30.85 4.06 7.53
N ARG A 364 -31.63 4.82 8.29
CA ARG A 364 -31.09 5.89 9.09
C ARG A 364 -31.77 5.93 10.44
N PRO A 365 -31.02 5.95 11.55
CA PRO A 365 -29.55 6.00 11.62
C PRO A 365 -28.87 4.74 11.14
N ALA A 366 -27.83 4.96 10.35
CA ALA A 366 -27.14 3.90 9.62
C ALA A 366 -26.12 3.17 10.46
N ILE A 367 -26.53 2.65 11.61
CA ILE A 367 -25.60 2.02 12.54
C ILE A 367 -25.27 0.62 12.04
N ASN A 368 -23.99 0.32 11.91
CA ASN A 368 -23.54 -1.03 11.60
C ASN A 368 -23.64 -1.85 12.88
N VAL A 369 -24.76 -2.58 13.01
CA VAL A 369 -25.01 -3.33 14.23
C VAL A 369 -23.93 -4.38 14.46
N GLY A 370 -23.17 -4.73 13.42
CA GLY A 370 -22.12 -5.71 13.54
C GLY A 370 -20.84 -5.16 14.12
N LEU A 371 -20.35 -4.06 13.54
CA LEU A 371 -19.10 -3.47 14.00
C LEU A 371 -19.29 -2.63 15.25
N SER A 372 -20.51 -2.18 15.52
CA SER A 372 -20.76 -1.38 16.72
C SER A 372 -20.70 -2.26 17.96
N VAL A 373 -20.14 -1.71 19.03
CA VAL A 373 -19.97 -2.46 20.27
C VAL A 373 -19.91 -1.49 21.43
N SER A 374 -20.39 -1.95 22.58
CA SER A 374 -20.31 -1.21 23.84
C SER A 374 -19.80 -2.16 24.90
N ARG A 375 -18.51 -2.13 25.17
CA ARG A 375 -17.92 -3.04 26.13
C ARG A 375 -18.24 -2.67 27.55
N VAL A 376 -19.12 -1.69 27.75
CA VAL A 376 -19.51 -1.24 29.08
C VAL A 376 -21.03 -1.27 29.20
N GLY A 377 -21.70 -0.64 28.25
CA GLY A 377 -23.07 -0.18 28.43
C GLY A 377 -24.08 -1.28 28.68
N SER A 378 -23.71 -2.55 28.46
CA SER A 378 -24.64 -3.63 28.72
C SER A 378 -25.10 -3.63 30.17
N ALA A 379 -24.23 -3.19 31.08
CA ALA A 379 -24.59 -3.07 32.48
C ALA A 379 -25.39 -1.81 32.78
N ALA A 380 -25.53 -0.91 31.82
CA ALA A 380 -26.23 0.36 32.02
C ALA A 380 -27.62 0.36 31.41
N GLN A 381 -27.82 -0.40 30.34
CA GLN A 381 -29.07 -0.40 29.59
C GLN A 381 -30.27 -0.44 30.52
N VAL A 382 -31.28 0.36 30.20
CA VAL A 382 -32.51 0.33 30.97
C VAL A 382 -33.06 -1.09 30.92
N LYS A 383 -33.42 -1.61 32.10
CA LYS A 383 -33.67 -3.04 32.24
C LYS A 383 -34.73 -3.52 31.25
N ALA A 384 -35.75 -2.71 31.01
CA ALA A 384 -36.79 -3.08 30.07
C ALA A 384 -36.21 -3.43 28.72
N LEU A 385 -35.29 -2.61 28.24
CA LEU A 385 -34.73 -2.85 26.92
C LEU A 385 -33.79 -4.04 26.92
N LYS A 386 -33.06 -4.29 28.00
CA LYS A 386 -32.28 -5.51 28.06
C LYS A 386 -33.19 -6.71 27.92
N GLN A 387 -34.28 -6.72 28.70
CA GLN A 387 -35.24 -7.82 28.61
C GLN A 387 -35.69 -8.02 27.19
N VAL A 388 -36.23 -6.98 26.57
CA VAL A 388 -36.96 -7.17 25.32
C VAL A 388 -35.98 -7.38 24.16
N ALA A 389 -34.84 -6.72 24.18
CA ALA A 389 -33.86 -6.82 23.11
C ALA A 389 -32.83 -7.90 23.33
N GLY A 390 -32.99 -8.75 24.34
CA GLY A 390 -32.08 -9.87 24.50
C GLY A 390 -31.81 -10.61 23.20
N SER A 391 -32.82 -10.74 22.34
CA SER A 391 -32.69 -11.51 21.12
C SER A 391 -32.36 -10.65 19.90
N LEU A 392 -32.37 -9.33 20.05
CA LEU A 392 -32.31 -8.45 18.89
C LEU A 392 -30.96 -8.53 18.19
N LYS A 393 -29.87 -8.61 18.96
CA LYS A 393 -28.56 -8.63 18.31
C LYS A 393 -28.36 -9.90 17.51
N LEU A 394 -28.77 -11.05 18.07
CA LEU A 394 -28.72 -12.29 17.32
C LEU A 394 -29.58 -12.21 16.07
N PHE A 395 -30.81 -11.72 16.21
CA PHE A 395 -31.68 -11.64 15.05
C PHE A 395 -31.08 -10.76 13.97
N LEU A 396 -30.47 -9.66 14.37
CA LEU A 396 -29.93 -8.72 13.39
C LEU A 396 -28.69 -9.28 12.72
N ALA A 397 -27.86 -10.03 13.44
CA ALA A 397 -26.71 -10.66 12.81
C ALA A 397 -27.14 -11.74 11.83
N GLN A 398 -28.12 -12.55 12.23
CA GLN A 398 -28.66 -13.54 11.31
C GLN A 398 -29.23 -12.87 10.07
N TYR A 399 -29.85 -11.70 10.25
CA TYR A 399 -30.41 -10.99 9.11
C TYR A 399 -29.32 -10.45 8.20
N ARG A 400 -28.25 -9.90 8.79
CA ARG A 400 -27.16 -9.41 7.95
C ARG A 400 -26.41 -10.53 7.27
N GLU A 401 -26.58 -11.78 7.74
CA GLU A 401 -26.10 -12.91 6.96
C GLU A 401 -27.07 -13.22 5.80
N VAL A 402 -28.33 -13.46 6.13
CA VAL A 402 -29.30 -13.92 5.14
C VAL A 402 -29.67 -12.86 4.11
N ALA A 403 -29.43 -11.58 4.38
CA ALA A 403 -29.98 -10.54 3.52
C ALA A 403 -29.31 -10.53 2.16
N ALA A 404 -28.07 -11.00 2.07
CA ALA A 404 -27.43 -11.12 0.77
C ALA A 404 -28.24 -12.01 -0.18
N PHE A 405 -29.22 -12.74 0.34
CA PHE A 405 -30.03 -13.67 -0.42
C PHE A 405 -31.43 -13.14 -0.71
N ALA A 406 -31.68 -11.85 -0.45
CA ALA A 406 -33.05 -11.35 -0.46
C ALA A 406 -33.73 -11.53 -1.80
N GLN A 407 -32.97 -11.43 -2.88
CA GLN A 407 -33.56 -11.26 -4.20
C GLN A 407 -34.20 -12.52 -4.75
N PHE A 408 -33.82 -13.69 -4.26
CA PHE A 408 -34.13 -14.93 -4.94
C PHE A 408 -35.58 -15.34 -4.71
N GLY A 409 -36.07 -16.20 -5.61
CA GLY A 409 -37.49 -16.48 -5.75
C GLY A 409 -38.05 -17.46 -4.74
N SER A 410 -39.15 -18.09 -5.14
CA SER A 410 -39.92 -18.95 -4.24
C SER A 410 -39.13 -20.14 -3.71
N ASP A 411 -37.96 -20.43 -4.30
CA ASP A 411 -37.11 -21.50 -3.78
C ASP A 411 -36.52 -21.16 -2.42
N LEU A 412 -36.75 -19.94 -1.93
CA LEU A 412 -36.22 -19.52 -0.63
C LEU A 412 -36.62 -20.52 0.45
N ASP A 413 -35.62 -20.99 1.19
CA ASP A 413 -35.85 -21.95 2.25
C ASP A 413 -36.81 -21.39 3.30
N ALA A 414 -37.74 -22.23 3.75
CA ALA A 414 -38.70 -21.80 4.76
C ALA A 414 -38.02 -21.49 6.08
N SER A 415 -36.94 -22.20 6.39
CA SER A 415 -36.26 -22.01 7.66
C SER A 415 -35.76 -20.58 7.81
N THR A 416 -35.06 -20.08 6.79
CA THR A 416 -34.50 -18.74 6.82
C THR A 416 -35.48 -17.67 6.35
N LYS A 417 -36.64 -18.08 5.84
CA LYS A 417 -37.64 -17.08 5.46
C LYS A 417 -38.11 -16.30 6.69
N GLN A 418 -38.19 -16.96 7.83
CA GLN A 418 -38.54 -16.25 9.06
C GLN A 418 -37.47 -15.25 9.44
N THR A 419 -36.20 -15.61 9.25
CA THR A 419 -35.12 -14.64 9.44
C THR A 419 -35.30 -13.45 8.53
N LEU A 420 -35.60 -13.70 7.25
CA LEU A 420 -35.72 -12.62 6.28
C LEU A 420 -36.94 -11.76 6.55
N VAL A 421 -37.95 -12.30 7.23
CA VAL A 421 -39.10 -11.51 7.62
C VAL A 421 -38.76 -10.65 8.84
N ARG A 422 -38.35 -11.30 9.93
CA ARG A 422 -38.11 -10.58 11.17
C ARG A 422 -37.01 -9.54 11.00
N GLY A 423 -35.96 -9.86 10.25
CA GLY A 423 -34.89 -8.89 10.07
C GLY A 423 -35.32 -7.68 9.27
N GLU A 424 -36.12 -7.90 8.23
CA GLU A 424 -36.64 -6.77 7.46
C GLU A 424 -37.49 -5.88 8.34
N ARG A 425 -38.35 -6.49 9.15
CA ARG A 425 -39.22 -5.69 10.01
C ARG A 425 -38.40 -4.97 11.08
N LEU A 426 -37.37 -5.61 11.59
CA LEU A 426 -36.55 -5.00 12.62
C LEU A 426 -35.74 -3.84 12.05
N THR A 427 -35.28 -3.98 10.80
CA THR A 427 -34.57 -2.88 10.16
C THR A 427 -35.49 -1.71 9.92
N GLN A 428 -36.74 -1.98 9.51
CA GLN A 428 -37.68 -0.88 9.36
C GLN A 428 -38.05 -0.26 10.70
N LEU A 429 -38.00 -1.04 11.78
CA LEU A 429 -38.29 -0.50 13.10
C LEU A 429 -37.15 0.38 13.59
N LEU A 430 -35.93 -0.08 13.42
CA LEU A 430 -34.78 0.59 14.01
C LEU A 430 -34.49 1.93 13.34
N LYS A 431 -34.96 2.12 12.10
CA LYS A 431 -34.83 3.44 11.49
C LYS A 431 -35.89 4.37 12.06
N GLN A 432 -35.48 5.59 12.36
CA GLN A 432 -36.41 6.57 12.90
C GLN A 432 -35.94 7.95 12.45
N ASN A 433 -36.91 8.81 12.17
CA ASN A 433 -36.62 10.09 11.56
C ASN A 433 -35.74 10.95 12.48
N GLN A 434 -34.89 11.75 11.86
CA GLN A 434 -34.03 12.64 12.63
C GLN A 434 -34.85 13.64 13.42
N TYR A 435 -34.26 14.13 14.51
CA TYR A 435 -34.91 15.04 15.45
C TYR A 435 -36.21 14.48 16.01
N SER A 436 -36.33 13.16 16.10
CA SER A 436 -37.46 12.52 16.75
C SER A 436 -36.97 11.40 17.66
N PRO A 437 -36.32 11.77 18.76
CA PRO A 437 -35.89 10.74 19.73
C PRO A 437 -37.04 10.27 20.59
N LEU A 438 -37.07 8.96 20.82
CA LEU A 438 -38.19 8.29 21.49
C LEU A 438 -37.86 7.94 22.93
N ALA A 439 -38.86 8.03 23.78
CA ALA A 439 -38.70 7.67 25.19
C ALA A 439 -38.62 6.16 25.34
N THR A 440 -37.95 5.72 26.41
CA THR A 440 -37.83 4.28 26.67
C THR A 440 -39.18 3.59 26.69
N GLU A 441 -40.20 4.26 27.26
CA GLU A 441 -41.53 3.68 27.31
C GLU A 441 -42.11 3.49 25.92
N GLU A 442 -41.70 4.32 24.96
CA GLU A 442 -42.09 4.14 23.57
C GLU A 442 -41.13 3.23 22.83
N GLN A 443 -39.93 3.04 23.36
CA GLN A 443 -38.96 2.20 22.70
C GLN A 443 -39.24 0.72 22.92
N VAL A 444 -39.44 0.33 24.17
CA VAL A 444 -39.45 -1.10 24.50
C VAL A 444 -40.69 -1.79 23.92
N PRO A 445 -41.84 -1.15 23.83
CA PRO A 445 -42.99 -1.86 23.25
C PRO A 445 -42.77 -2.24 21.80
N LEU A 446 -42.17 -1.34 21.03
CA LEU A 446 -41.91 -1.62 19.63
C LEU A 446 -40.93 -2.76 19.48
N ILE A 447 -39.94 -2.82 20.37
CA ILE A 447 -38.94 -3.88 20.27
C ILE A 447 -39.52 -5.20 20.72
N TYR A 448 -40.50 -5.17 21.63
CA TYR A 448 -41.20 -6.39 22.00
C TYR A 448 -42.01 -6.90 20.84
N ALA A 449 -42.74 -6.00 20.18
CA ALA A 449 -43.47 -6.39 18.98
C ALA A 449 -42.54 -6.99 17.94
N GLY A 450 -41.38 -6.37 17.73
CA GLY A 450 -40.48 -6.86 16.70
C GLY A 450 -39.87 -8.21 17.04
N VAL A 451 -39.28 -8.32 18.22
CA VAL A 451 -38.59 -9.55 18.58
C VAL A 451 -39.56 -10.72 18.65
N ASN A 452 -40.72 -10.52 19.28
CA ASN A 452 -41.75 -11.54 19.34
C ASN A 452 -42.49 -11.72 18.02
N GLY A 453 -42.05 -11.07 16.95
CA GLY A 453 -42.55 -11.35 15.63
C GLY A 453 -43.98 -10.94 15.37
N HIS A 454 -44.52 -10.01 16.16
CA HIS A 454 -45.87 -9.54 15.91
C HIS A 454 -45.99 -8.75 14.62
N LEU A 455 -44.92 -8.11 14.19
CA LEU A 455 -44.95 -7.30 12.98
C LEU A 455 -44.90 -8.13 11.71
N ASP A 456 -44.85 -9.45 11.82
CA ASP A 456 -44.78 -10.29 10.62
C ASP A 456 -45.99 -10.09 9.72
N GLY A 457 -47.15 -9.86 10.30
CA GLY A 457 -48.37 -9.71 9.53
C GLY A 457 -48.59 -8.32 8.97
N ILE A 458 -47.52 -7.53 8.88
CA ILE A 458 -47.61 -6.15 8.43
C ILE A 458 -46.70 -5.95 7.24
N GLU A 459 -47.17 -5.17 6.27
CA GLU A 459 -46.39 -4.92 5.07
C GLU A 459 -45.22 -4.00 5.37
N LEU A 460 -44.08 -4.30 4.73
CA LEU A 460 -42.82 -3.66 5.10
C LEU A 460 -42.89 -2.15 4.89
N SER A 461 -43.72 -1.70 3.95
CA SER A 461 -43.88 -0.27 3.71
C SER A 461 -44.76 0.41 4.75
N ARG A 462 -45.42 -0.35 5.62
CA ARG A 462 -46.35 0.20 6.58
C ARG A 462 -45.82 0.14 8.02
N ILE A 463 -44.60 -0.35 8.22
CA ILE A 463 -44.05 -0.44 9.57
C ILE A 463 -44.10 0.91 10.26
N GLY A 464 -43.75 1.98 9.55
CA GLY A 464 -43.85 3.29 10.14
C GLY A 464 -45.25 3.59 10.63
N GLU A 465 -46.25 3.32 9.78
CA GLU A 465 -47.62 3.55 10.19
C GLU A 465 -47.94 2.77 11.44
N PHE A 466 -47.28 1.63 11.64
CA PHE A 466 -47.41 0.89 12.88
C PHE A 466 -46.79 1.65 14.03
N GLU A 467 -45.52 2.04 13.88
CA GLU A 467 -44.80 2.70 14.97
C GLU A 467 -45.49 3.98 15.40
N SER A 468 -46.05 4.72 14.45
CA SER A 468 -46.79 5.92 14.81
C SER A 468 -48.15 5.57 15.40
N SER A 469 -48.83 4.57 14.85
CA SER A 469 -50.15 4.23 15.36
C SER A 469 -50.06 3.47 16.66
N PHE A 470 -49.10 2.55 16.75
CA PHE A 470 -48.98 1.72 17.94
C PHE A 470 -48.74 2.58 19.17
N LEU A 471 -47.88 3.59 19.05
CA LEU A 471 -47.62 4.49 20.16
C LEU A 471 -48.90 5.10 20.67
N SER A 472 -49.84 5.39 19.78
CA SER A 472 -51.12 5.92 20.21
C SER A 472 -51.92 4.85 20.95
N TYR A 473 -52.00 3.64 20.39
CA TYR A 473 -52.76 2.58 21.04
C TYR A 473 -52.23 2.33 22.44
N LEU A 474 -50.91 2.40 22.60
CA LEU A 474 -50.32 2.30 23.93
C LEU A 474 -50.68 3.51 24.78
N LYS A 475 -50.47 4.71 24.24
CA LYS A 475 -50.65 5.91 25.05
C LYS A 475 -52.07 6.00 25.58
N SER A 476 -53.05 5.73 24.73
CA SER A 476 -54.45 5.86 25.13
C SER A 476 -54.93 4.63 25.87
N ASN A 477 -54.89 3.46 25.22
CA ASN A 477 -55.51 2.28 25.79
C ASN A 477 -54.72 1.70 26.94
N HIS A 478 -53.40 1.85 26.93
CA HIS A 478 -52.52 1.23 27.92
C HIS A 478 -51.58 2.27 28.53
N ASN A 479 -52.12 3.41 28.96
CA ASN A 479 -51.30 4.40 29.66
C ASN A 479 -50.58 3.78 30.83
N GLU A 480 -51.25 2.87 31.54
CA GLU A 480 -50.66 2.27 32.73
C GLU A 480 -49.35 1.57 32.40
N LEU A 481 -49.30 0.88 31.26
CA LEU A 481 -48.11 0.10 30.92
C LEU A 481 -46.92 1.01 30.65
N LEU A 482 -47.11 2.01 29.79
CA LEU A 482 -46.03 2.97 29.52
C LEU A 482 -45.60 3.67 30.79
N THR A 483 -46.57 4.05 31.62
CA THR A 483 -46.26 4.78 32.84
C THR A 483 -45.41 3.93 33.78
N GLU A 484 -45.79 2.67 33.96
CA GLU A 484 -45.02 1.81 34.83
C GLU A 484 -43.65 1.51 34.24
N ILE A 485 -43.54 1.42 32.92
CA ILE A 485 -42.26 1.08 32.32
C ILE A 485 -41.27 2.21 32.53
N ARG A 486 -41.72 3.45 32.31
CA ARG A 486 -40.86 4.59 32.52
C ARG A 486 -40.59 4.81 34.01
N GLU A 487 -41.65 4.85 34.82
CA GLU A 487 -41.56 5.28 36.20
C GLU A 487 -40.88 4.24 37.08
N LYS A 488 -41.23 2.97 36.92
CA LYS A 488 -40.67 1.91 37.73
C LYS A 488 -39.41 1.32 37.11
N GLY A 489 -39.31 1.37 35.79
CA GLY A 489 -38.05 1.21 35.09
C GLY A 489 -37.81 -0.14 34.46
N GLU A 490 -38.64 -1.14 34.77
CA GLU A 490 -38.41 -2.48 34.27
C GLU A 490 -39.74 -3.14 33.94
N LEU A 491 -39.67 -4.17 33.12
CA LEU A 491 -40.84 -4.94 32.71
C LEU A 491 -40.97 -6.17 33.59
N SER A 492 -41.61 -5.97 34.75
CA SER A 492 -42.05 -7.10 35.54
C SER A 492 -43.01 -7.96 34.74
N LYS A 493 -43.05 -9.24 35.08
CA LYS A 493 -43.79 -10.20 34.26
C LYS A 493 -45.22 -9.75 34.01
N GLU A 494 -45.87 -9.18 35.01
CA GLU A 494 -47.23 -8.72 34.81
C GLU A 494 -47.31 -7.65 33.73
N LEU A 495 -46.40 -6.68 33.78
CA LEU A 495 -46.35 -5.66 32.73
C LEU A 495 -45.97 -6.27 31.40
N LEU A 496 -45.18 -7.33 31.40
CA LEU A 496 -44.83 -7.98 30.15
C LEU A 496 -46.03 -8.66 29.53
N ALA A 497 -46.89 -9.25 30.36
CA ALA A 497 -48.12 -9.83 29.85
C ALA A 497 -49.05 -8.74 29.34
N SER A 498 -49.12 -7.61 30.06
CA SER A 498 -49.86 -6.47 29.55
C SER A 498 -49.35 -6.03 28.19
N LEU A 499 -48.03 -6.09 27.99
CA LEU A 499 -47.44 -5.67 26.73
C LEU A 499 -47.80 -6.64 25.61
N LYS A 500 -47.68 -7.94 25.87
CA LYS A 500 -48.09 -8.93 24.88
C LYS A 500 -49.56 -8.75 24.51
N SER A 501 -50.41 -8.57 25.51
CA SER A 501 -51.83 -8.39 25.24
C SER A 501 -52.08 -7.15 24.39
N ALA A 502 -51.42 -6.05 24.71
CA ALA A 502 -51.68 -4.81 23.98
C ALA A 502 -51.19 -4.93 22.54
N THR A 503 -50.03 -5.55 22.35
CA THR A 503 -49.50 -5.71 21.00
C THR A 503 -50.40 -6.62 20.17
N GLU A 504 -50.79 -7.77 20.73
CA GLU A 504 -51.67 -8.67 19.99
C GLU A 504 -52.99 -8.00 19.69
N SER A 505 -53.48 -7.15 20.61
CA SER A 505 -54.74 -6.47 20.37
C SER A 505 -54.63 -5.50 19.20
N PHE A 506 -53.65 -4.61 19.24
CA PHE A 506 -53.48 -3.68 18.12
C PHE A 506 -53.24 -4.41 16.81
N VAL A 507 -52.51 -5.52 16.85
CA VAL A 507 -52.17 -6.21 15.61
C VAL A 507 -53.38 -6.93 15.05
N ALA A 508 -54.25 -7.43 15.92
CA ALA A 508 -55.54 -7.94 15.45
C ALA A 508 -56.35 -6.80 14.84
N THR A 509 -56.21 -5.60 15.40
CA THR A 509 -56.86 -4.44 14.81
C THR A 509 -56.19 -4.03 13.50
N PHE A 510 -54.87 -4.02 13.48
CA PHE A 510 -54.13 -3.46 12.35
C PHE A 510 -54.24 -4.33 11.11
N ASN B 26 46.61 15.58 28.38
CA ASN B 26 47.14 15.48 27.02
C ASN B 26 46.03 15.11 26.06
N LEU B 27 45.56 16.09 25.29
CA LEU B 27 44.43 15.87 24.42
C LEU B 27 44.77 15.05 23.18
N ASN B 28 46.03 14.69 22.98
CA ASN B 28 46.38 13.86 21.83
C ASN B 28 45.96 12.42 22.06
N GLU B 29 46.21 11.88 23.25
CA GLU B 29 45.89 10.50 23.58
C GLU B 29 44.60 10.37 24.37
N THR B 30 44.11 11.44 24.98
CA THR B 30 42.87 11.43 25.72
C THR B 30 41.90 12.46 25.17
N GLY B 31 40.62 12.20 25.41
CA GLY B 31 39.57 13.14 25.06
C GLY B 31 38.59 13.28 26.20
N ARG B 32 37.69 14.24 26.06
CA ARG B 32 36.64 14.47 27.03
C ARG B 32 35.32 14.58 26.29
N VAL B 33 34.26 14.03 26.89
CA VAL B 33 33.00 13.84 26.20
C VAL B 33 32.25 15.16 26.16
N LEU B 34 31.96 15.64 24.95
CA LEU B 34 31.09 16.78 24.78
C LEU B 34 29.63 16.38 24.95
N ALA B 35 29.24 15.25 24.39
CA ALA B 35 27.83 14.90 24.34
C ALA B 35 27.63 13.40 24.35
N VAL B 36 26.46 12.97 24.81
CA VAL B 36 26.05 11.57 24.76
C VAL B 36 24.57 11.51 24.46
N GLY B 37 24.22 10.82 23.39
CA GLY B 37 22.82 10.61 23.03
C GLY B 37 22.64 9.45 22.08
N ASP B 38 21.61 8.64 22.32
CA ASP B 38 21.22 7.58 21.41
C ASP B 38 22.40 6.65 21.09
N GLY B 39 23.10 6.21 22.14
CA GLY B 39 24.19 5.28 21.93
C GLY B 39 25.37 5.85 21.18
N ILE B 40 25.41 7.17 21.04
CA ILE B 40 26.51 7.85 20.37
C ILE B 40 27.12 8.85 21.33
N ALA B 41 28.43 9.05 21.22
CA ALA B 41 29.14 10.01 22.04
C ALA B 41 29.95 10.94 21.16
N ARG B 42 30.05 12.18 21.58
CA ARG B 42 30.85 13.18 20.91
C ARG B 42 31.92 13.65 21.88
N VAL B 43 33.17 13.52 21.46
CA VAL B 43 34.34 13.70 22.31
C VAL B 43 35.23 14.79 21.74
N PHE B 44 35.84 15.56 22.62
CA PHE B 44 36.85 16.53 22.23
C PHE B 44 38.24 15.95 22.48
N GLY B 45 39.16 16.25 21.59
CA GLY B 45 40.50 15.73 21.67
C GLY B 45 40.69 14.48 20.85
N LEU B 46 41.44 13.52 21.38
CA LEU B 46 41.75 12.30 20.65
C LEU B 46 42.34 12.62 19.28
N ASN B 47 43.25 13.59 19.26
CA ASN B 47 43.71 14.16 18.00
C ASN B 47 44.29 13.09 17.08
N ASN B 48 44.98 12.11 17.66
CA ASN B 48 45.69 11.11 16.87
C ASN B 48 44.82 9.92 16.48
N ILE B 49 43.56 9.90 16.91
CA ILE B 49 42.79 8.66 16.88
C ILE B 49 42.62 8.17 15.45
N GLN B 50 42.80 6.86 15.28
CA GLN B 50 42.52 6.22 14.00
C GLN B 50 41.02 6.00 13.86
N ALA B 51 40.55 6.02 12.61
CA ALA B 51 39.16 5.75 12.34
C ALA B 51 38.84 4.30 12.69
N GLU B 52 37.69 4.11 13.33
CA GLU B 52 37.28 2.81 13.84
C GLU B 52 38.21 2.31 14.94
N GLU B 53 38.89 3.22 15.62
CA GLU B 53 39.68 2.86 16.79
C GLU B 53 38.78 2.61 17.99
N LEU B 54 39.23 1.71 18.85
CA LEU B 54 38.52 1.37 20.07
C LEU B 54 39.00 2.21 21.23
N VAL B 55 38.07 2.75 22.00
CA VAL B 55 38.35 3.66 23.09
C VAL B 55 37.68 3.15 24.35
N GLU B 56 38.32 3.40 25.49
CA GLU B 56 37.80 3.00 26.79
C GLU B 56 37.46 4.25 27.57
N PHE B 57 36.19 4.37 27.97
CA PHE B 57 35.79 5.42 28.88
C PHE B 57 36.18 5.04 30.29
N SER B 58 36.14 6.03 31.18
CA SER B 58 36.56 5.82 32.56
C SER B 58 35.67 4.83 33.30
N SER B 59 34.53 4.48 32.73
CA SER B 59 33.63 3.50 33.32
C SER B 59 33.91 2.08 32.85
N GLY B 60 34.88 1.88 31.96
CA GLY B 60 35.16 0.58 31.41
C GLY B 60 34.35 0.20 30.19
N VAL B 61 33.46 1.08 29.72
CA VAL B 61 32.73 0.81 28.50
C VAL B 61 33.60 1.13 27.29
N LYS B 62 33.38 0.39 26.20
CA LYS B 62 34.17 0.51 24.99
C LYS B 62 33.36 1.20 23.90
N GLY B 63 34.06 1.92 23.03
CA GLY B 63 33.43 2.63 21.94
C GLY B 63 34.29 2.59 20.69
N MET B 64 33.63 2.80 19.56
CA MET B 64 34.26 2.72 18.25
C MET B 64 34.20 4.08 17.58
N ALA B 65 35.36 4.61 17.22
CA ALA B 65 35.47 5.94 16.61
C ALA B 65 34.97 5.86 15.17
N LEU B 66 33.66 5.99 15.02
CA LEU B 66 33.05 5.75 13.72
C LEU B 66 33.22 6.93 12.78
N ASN B 67 33.12 8.15 13.29
CA ASN B 67 33.31 9.34 12.46
C ASN B 67 34.20 10.33 13.17
N LEU B 68 35.17 10.85 12.44
CA LEU B 68 36.05 11.91 12.88
C LEU B 68 35.69 13.20 12.16
N GLU B 69 35.77 14.29 12.87
CA GLU B 69 35.44 15.60 12.33
C GLU B 69 36.41 16.61 12.90
N PRO B 70 36.46 17.82 12.34
CA PRO B 70 37.32 18.85 12.94
C PRO B 70 36.87 19.21 14.34
N GLY B 71 37.72 18.93 15.31
CA GLY B 71 37.48 19.31 16.69
C GLY B 71 36.58 18.39 17.47
N GLN B 72 36.04 17.33 16.88
CA GLN B 72 35.25 16.39 17.65
C GLN B 72 35.28 15.02 16.98
N VAL B 73 35.01 14.00 17.79
CA VAL B 73 35.03 12.61 17.35
C VAL B 73 33.74 11.93 17.77
N GLY B 74 33.11 11.24 16.81
CA GLY B 74 31.94 10.44 17.07
C GLY B 74 32.26 9.00 17.40
N ILE B 75 31.75 8.53 18.53
CA ILE B 75 32.12 7.24 19.11
C ILE B 75 30.84 6.48 19.38
N VAL B 76 30.65 5.38 18.65
CA VAL B 76 29.53 4.47 18.86
C VAL B 76 29.81 3.68 20.13
N LEU B 77 28.93 3.83 21.12
CA LEU B 77 29.14 3.25 22.44
C LEU B 77 28.74 1.78 22.43
N PHE B 78 29.67 0.91 22.82
CA PHE B 78 29.34 -0.49 23.02
C PHE B 78 28.80 -0.67 24.44
N GLY B 79 27.53 -1.01 24.55
CA GLY B 79 26.89 -1.08 25.84
C GLY B 79 26.06 0.14 26.17
N SER B 80 25.44 0.08 27.34
CA SER B 80 24.45 1.08 27.72
C SER B 80 25.10 2.43 27.92
N ASP B 81 24.40 3.48 27.46
CA ASP B 81 24.90 4.85 27.58
C ASP B 81 24.76 5.41 28.98
N ARG B 82 24.15 4.66 29.90
CA ARG B 82 24.18 5.05 31.30
C ARG B 82 25.61 5.25 31.79
N LEU B 83 26.57 4.61 31.14
CA LEU B 83 27.93 4.53 31.65
C LEU B 83 28.80 5.69 31.21
N VAL B 84 28.32 6.54 30.31
CA VAL B 84 29.10 7.64 29.76
C VAL B 84 28.42 8.95 30.12
N LYS B 85 29.21 9.93 30.54
CA LYS B 85 28.69 11.24 30.92
C LYS B 85 29.55 12.32 30.30
N GLU B 86 28.94 13.48 30.09
CA GLU B 86 29.67 14.64 29.62
C GLU B 86 30.78 14.98 30.61
N GLY B 87 31.95 15.31 30.07
CA GLY B 87 33.09 15.65 30.87
C GLY B 87 33.98 14.48 31.25
N GLU B 88 33.53 13.25 31.04
CA GLU B 88 34.32 12.10 31.41
C GLU B 88 35.44 11.85 30.41
N LEU B 89 36.58 11.40 30.94
CA LEU B 89 37.75 11.12 30.12
C LEU B 89 37.55 9.88 29.27
N VAL B 90 38.20 9.87 28.11
CA VAL B 90 38.17 8.77 27.16
C VAL B 90 39.61 8.51 26.74
N LYS B 91 40.07 7.28 26.96
CA LYS B 91 41.44 6.91 26.67
C LYS B 91 41.49 5.99 25.47
N ARG B 92 42.42 6.28 24.56
CA ARG B 92 42.65 5.41 23.43
C ARG B 92 43.19 4.07 23.90
N THR B 93 42.60 2.99 23.41
CA THR B 93 43.17 1.67 23.59
C THR B 93 44.27 1.39 22.59
N GLY B 94 44.30 2.13 21.49
CA GLY B 94 45.38 2.05 20.53
C GLY B 94 45.28 0.92 19.54
N ASN B 95 44.14 0.27 19.46
CA ASN B 95 43.95 -0.84 18.54
C ASN B 95 42.64 -0.67 17.79
N ILE B 96 42.67 -0.88 16.48
CA ILE B 96 41.44 -0.94 15.72
C ILE B 96 40.58 -2.03 16.32
N VAL B 97 39.27 -1.92 16.10
CA VAL B 97 38.34 -2.86 16.72
C VAL B 97 38.78 -4.27 16.36
N ASP B 98 39.14 -5.03 17.38
CA ASP B 98 39.73 -6.34 17.17
C ASP B 98 39.16 -7.33 18.17
N VAL B 99 39.25 -8.60 17.81
CA VAL B 99 38.77 -9.70 18.65
C VAL B 99 39.88 -10.73 18.75
N PRO B 100 40.02 -11.41 19.88
CA PRO B 100 40.98 -12.50 19.96
C PRO B 100 40.57 -13.66 19.06
N VAL B 101 41.57 -14.41 18.61
CA VAL B 101 41.40 -15.49 17.67
C VAL B 101 42.33 -16.62 18.06
N GLY B 102 41.95 -17.84 17.68
CA GLY B 102 42.71 -19.02 18.03
C GLY B 102 41.83 -20.19 18.42
N PRO B 103 42.43 -21.18 19.09
CA PRO B 103 41.65 -22.32 19.53
C PRO B 103 41.10 -22.20 20.94
N GLY B 104 41.70 -21.36 21.78
CA GLY B 104 41.23 -21.24 23.15
C GLY B 104 39.79 -20.84 23.27
N LEU B 105 39.22 -20.30 22.20
CA LEU B 105 37.80 -19.99 22.14
C LEU B 105 36.94 -21.22 21.99
N LEU B 106 37.50 -22.32 21.48
CA LEU B 106 36.74 -23.53 21.29
C LEU B 106 36.24 -24.03 22.64
N GLY B 107 34.92 -24.18 22.75
CA GLY B 107 34.31 -24.56 24.00
C GLY B 107 33.85 -23.40 24.86
N ARG B 108 33.88 -22.18 24.33
CA ARG B 108 33.59 -20.98 25.09
C ARG B 108 32.44 -20.22 24.48
N VAL B 109 31.86 -19.34 25.30
CA VAL B 109 30.86 -18.38 24.88
C VAL B 109 31.41 -16.99 25.14
N VAL B 110 31.41 -16.14 24.12
CA VAL B 110 32.09 -14.86 24.16
C VAL B 110 31.16 -13.78 23.64
N ASP B 111 31.26 -12.59 24.22
CA ASP B 111 30.54 -11.44 23.72
C ASP B 111 31.18 -10.95 22.42
N ALA B 112 30.56 -9.94 21.83
CA ALA B 112 31.07 -9.39 20.57
C ALA B 112 32.54 -9.03 20.69
N LEU B 113 32.90 -8.31 21.74
CA LEU B 113 34.26 -7.81 21.90
C LEU B 113 35.23 -8.87 22.39
N GLY B 114 34.80 -10.12 22.51
CA GLY B 114 35.70 -11.19 22.87
C GLY B 114 35.86 -11.41 24.35
N ASN B 115 35.02 -10.80 25.17
CA ASN B 115 35.06 -11.05 26.60
C ASN B 115 34.31 -12.32 26.93
N PRO B 116 34.85 -13.16 27.83
CA PRO B 116 34.22 -14.45 28.13
C PRO B 116 33.02 -14.29 29.04
N ILE B 117 31.85 -14.66 28.54
CA ILE B 117 30.61 -14.51 29.29
C ILE B 117 30.16 -15.82 29.93
N ASP B 118 30.92 -16.90 29.76
CA ASP B 118 30.60 -18.18 30.38
C ASP B 118 31.24 -18.35 31.75
N GLY B 119 32.07 -17.41 32.18
CA GLY B 119 32.62 -17.41 33.51
C GLY B 119 33.64 -18.49 33.78
N LYS B 120 33.98 -19.32 32.79
CA LYS B 120 34.99 -20.33 33.00
C LYS B 120 36.40 -19.75 33.03
N GLY B 121 36.54 -18.45 32.82
CA GLY B 121 37.83 -17.81 32.86
C GLY B 121 38.19 -17.12 31.57
N PRO B 122 39.44 -16.70 31.46
CA PRO B 122 39.87 -15.94 30.28
C PRO B 122 39.93 -16.81 29.03
N ILE B 123 40.09 -16.13 27.91
CA ILE B 123 40.30 -16.78 26.62
C ILE B 123 41.79 -16.89 26.38
N ASP B 124 42.28 -18.12 26.26
CA ASP B 124 43.70 -18.37 25.98
C ASP B 124 43.94 -18.11 24.49
N ALA B 125 43.77 -16.85 24.11
CA ALA B 125 43.79 -16.49 22.70
C ALA B 125 45.15 -16.74 22.09
N ALA B 126 45.15 -17.15 20.82
CA ALA B 126 46.39 -17.26 20.06
C ALA B 126 46.87 -15.89 19.58
N GLY B 127 45.94 -15.06 19.11
CA GLY B 127 46.28 -13.73 18.66
C GLY B 127 45.06 -12.84 18.66
N ARG B 128 45.17 -11.72 17.96
CA ARG B 128 44.05 -10.80 17.78
C ARG B 128 43.95 -10.37 16.33
N SER B 129 42.73 -10.21 15.84
CA SER B 129 42.49 -9.84 14.47
C SER B 129 41.35 -8.82 14.41
N ARG B 130 41.48 -7.87 13.50
CA ARG B 130 40.47 -6.83 13.36
C ARG B 130 39.12 -7.45 13.02
N ALA B 131 38.06 -6.84 13.54
CA ALA B 131 36.72 -7.30 13.21
C ALA B 131 36.39 -6.98 11.76
N GLN B 132 36.66 -5.75 11.33
CA GLN B 132 36.40 -5.31 9.96
C GLN B 132 37.63 -5.58 9.13
N VAL B 133 37.63 -6.69 8.40
CA VAL B 133 38.75 -7.09 7.56
C VAL B 133 38.21 -7.65 6.26
N LYS B 134 38.90 -7.34 5.16
CA LYS B 134 38.39 -7.66 3.84
C LYS B 134 38.35 -9.16 3.60
N ALA B 135 37.41 -9.58 2.76
CA ALA B 135 37.37 -10.94 2.29
C ALA B 135 38.55 -11.19 1.36
N PRO B 136 38.91 -12.45 1.16
CA PRO B 136 40.00 -12.76 0.24
C PRO B 136 39.54 -12.62 -1.21
N GLY B 137 40.39 -12.02 -2.03
CA GLY B 137 40.02 -11.70 -3.39
C GLY B 137 39.87 -12.94 -4.25
N ILE B 138 39.84 -12.68 -5.57
CA ILE B 138 39.62 -13.74 -6.55
C ILE B 138 40.73 -14.77 -6.49
N LEU B 139 41.97 -14.33 -6.74
CA LEU B 139 43.06 -15.28 -6.90
C LEU B 139 43.25 -16.21 -5.71
N PRO B 140 43.17 -15.75 -4.47
CA PRO B 140 43.35 -16.67 -3.34
C PRO B 140 42.42 -17.86 -3.37
N ARG B 141 41.22 -17.69 -3.92
CA ARG B 141 40.14 -18.63 -3.69
C ARG B 141 40.22 -19.84 -4.62
N ARG B 142 39.40 -20.83 -4.29
CA ARG B 142 39.23 -22.05 -5.05
C ARG B 142 37.78 -22.50 -4.93
N SER B 143 37.30 -23.19 -5.96
CA SER B 143 35.91 -23.58 -6.00
C SER B 143 35.52 -24.42 -4.80
N VAL B 144 34.31 -24.19 -4.29
CA VAL B 144 33.73 -25.05 -3.27
C VAL B 144 33.55 -26.44 -3.86
N HIS B 145 34.23 -27.42 -3.29
CA HIS B 145 34.23 -28.75 -3.86
C HIS B 145 34.12 -29.88 -2.85
N GLU B 146 34.02 -29.59 -1.55
CA GLU B 146 33.86 -30.63 -0.55
C GLU B 146 32.64 -30.34 0.31
N PRO B 147 31.93 -31.37 0.72
CA PRO B 147 30.61 -31.16 1.32
C PRO B 147 30.68 -30.77 2.78
N VAL B 148 29.66 -30.01 3.18
CA VAL B 148 29.34 -29.81 4.59
C VAL B 148 28.23 -30.79 4.91
N GLN B 149 28.61 -31.95 5.42
CA GLN B 149 27.68 -33.05 5.62
C GLN B 149 26.77 -32.73 6.78
N THR B 150 25.60 -32.19 6.46
CA THR B 150 24.63 -31.77 7.47
C THR B 150 23.89 -32.94 8.10
N GLY B 151 23.95 -34.12 7.47
CA GLY B 151 23.15 -35.25 7.91
C GLY B 151 21.67 -35.13 7.65
N LEU B 152 21.20 -33.97 7.21
CA LEU B 152 19.81 -33.82 6.82
C LEU B 152 19.64 -34.24 5.37
N LYS B 153 18.55 -34.95 5.09
CA LYS B 153 18.30 -35.43 3.74
C LYS B 153 18.11 -34.28 2.78
N ALA B 154 17.21 -33.36 3.10
CA ALA B 154 16.85 -32.30 2.17
C ALA B 154 17.98 -31.30 1.98
N VAL B 155 18.89 -31.19 2.95
CA VAL B 155 20.02 -30.28 2.82
C VAL B 155 21.27 -30.98 2.30
N ASP B 156 21.30 -32.30 2.31
CA ASP B 156 22.42 -33.06 1.76
C ASP B 156 22.16 -33.55 0.34
N ALA B 157 20.90 -33.62 -0.07
CA ALA B 157 20.52 -34.12 -1.37
C ALA B 157 19.91 -33.07 -2.28
N LEU B 158 18.84 -32.41 -1.84
CA LEU B 158 18.16 -31.47 -2.70
C LEU B 158 19.00 -30.21 -2.91
N VAL B 159 19.52 -29.64 -1.83
CA VAL B 159 20.19 -28.36 -1.85
C VAL B 159 21.49 -28.48 -1.07
N PRO B 160 22.55 -29.01 -1.67
CA PRO B 160 23.76 -29.30 -0.90
C PRO B 160 24.52 -28.04 -0.51
N ILE B 161 25.10 -28.07 0.68
CA ILE B 161 25.94 -27.01 1.21
C ILE B 161 27.38 -27.47 1.12
N GLY B 162 28.25 -26.58 0.66
CA GLY B 162 29.65 -26.92 0.50
C GLY B 162 30.55 -26.09 1.40
N ARG B 163 31.77 -26.59 1.63
CA ARG B 163 32.74 -25.86 2.42
C ARG B 163 33.24 -24.67 1.62
N GLY B 164 32.95 -23.47 2.11
CA GLY B 164 33.21 -22.24 1.39
C GLY B 164 31.97 -21.57 0.86
N GLN B 165 30.82 -22.21 0.94
CA GLN B 165 29.60 -21.66 0.41
C GLN B 165 28.92 -20.75 1.43
N ARG B 166 28.07 -19.89 0.92
CA ARG B 166 27.16 -19.08 1.72
C ARG B 166 25.74 -19.52 1.40
N GLU B 167 25.06 -20.10 2.39
CA GLU B 167 23.75 -20.69 2.18
C GLU B 167 22.77 -20.11 3.18
N LEU B 168 21.81 -19.35 2.67
CA LEU B 168 20.86 -18.61 3.49
C LEU B 168 19.74 -19.51 3.98
N ILE B 169 19.61 -19.62 5.28
CA ILE B 169 18.43 -20.27 5.89
C ILE B 169 17.41 -19.16 6.10
N ILE B 170 16.59 -18.95 5.09
CA ILE B 170 15.58 -17.92 5.10
C ILE B 170 14.24 -18.56 5.40
N GLY B 171 13.48 -17.95 6.31
CA GLY B 171 12.16 -18.49 6.60
C GLY B 171 11.48 -17.72 7.71
N ASP B 172 10.17 -17.91 7.79
CA ASP B 172 9.36 -17.26 8.80
C ASP B 172 9.69 -17.83 10.18
N ARG B 173 9.17 -17.16 11.20
CA ARG B 173 9.48 -17.55 12.58
C ARG B 173 8.92 -18.93 12.89
N GLN B 174 9.71 -19.70 13.63
CA GLN B 174 9.35 -21.05 14.08
C GLN B 174 9.06 -21.97 12.91
N THR B 175 9.97 -21.98 11.92
CA THR B 175 9.88 -22.89 10.79
C THR B 175 10.94 -23.98 10.80
N GLY B 176 12.05 -23.79 11.50
CA GLY B 176 13.07 -24.80 11.59
C GLY B 176 14.44 -24.34 11.15
N LYS B 177 14.71 -23.04 11.27
CA LYS B 177 15.98 -22.49 10.82
C LYS B 177 17.12 -22.87 11.76
N THR B 178 17.03 -22.42 13.01
CA THR B 178 18.04 -22.76 13.99
C THR B 178 18.15 -24.27 14.12
N ALA B 179 17.03 -24.97 13.96
CA ALA B 179 17.08 -26.43 14.02
C ALA B 179 17.97 -26.99 12.92
N VAL B 180 17.86 -26.44 11.71
CA VAL B 180 18.68 -26.93 10.62
C VAL B 180 20.15 -26.66 10.89
N ALA B 181 20.47 -25.42 11.27
CA ALA B 181 21.86 -25.09 11.53
C ALA B 181 22.42 -25.92 12.68
N LEU B 182 21.58 -26.21 13.67
CA LEU B 182 22.04 -26.94 14.83
C LEU B 182 22.27 -28.41 14.52
N ASP B 183 21.43 -29.00 13.68
CA ASP B 183 21.70 -30.36 13.20
C ASP B 183 23.00 -30.39 12.42
N THR B 184 23.25 -29.36 11.61
CA THR B 184 24.51 -29.29 10.88
C THR B 184 25.68 -29.28 11.85
N ILE B 185 25.60 -28.43 12.88
CA ILE B 185 26.70 -28.36 13.85
C ILE B 185 26.88 -29.70 14.54
N LEU B 186 25.79 -30.25 15.05
CA LEU B 186 25.87 -31.46 15.85
C LEU B 186 26.43 -32.63 15.05
N ASN B 187 26.23 -32.63 13.74
CA ASN B 187 26.56 -33.83 12.96
C ASN B 187 28.04 -34.03 12.74
N GLN B 188 28.86 -32.98 12.89
CA GLN B 188 30.30 -33.11 12.68
C GLN B 188 31.00 -33.92 13.76
N LYS B 189 30.25 -34.43 14.73
CA LYS B 189 30.87 -35.13 15.86
C LYS B 189 31.58 -36.40 15.42
N ARG B 190 31.25 -36.93 14.25
CA ARG B 190 31.84 -38.16 13.76
C ARG B 190 33.09 -37.93 12.92
N TRP B 191 33.35 -36.69 12.51
CA TRP B 191 34.58 -36.33 11.83
C TRP B 191 35.55 -35.57 12.73
N ASN B 192 35.05 -34.88 13.74
CA ASN B 192 35.91 -34.20 14.69
C ASN B 192 36.47 -35.13 15.76
N ASN B 193 35.96 -36.35 15.86
CA ASN B 193 36.49 -37.29 16.84
C ASN B 193 37.85 -37.83 16.42
N GLY B 194 38.13 -37.84 15.11
CA GLY B 194 39.39 -38.38 14.63
C GLY B 194 40.51 -37.35 14.60
N SER B 195 41.70 -37.86 14.40
CA SER B 195 42.89 -37.01 14.22
C SER B 195 43.04 -36.51 12.79
N ASP B 196 42.13 -36.85 11.88
CA ASP B 196 42.21 -36.42 10.49
C ASP B 196 41.83 -34.93 10.44
N GLU B 197 42.79 -34.10 10.80
CA GLU B 197 42.56 -32.66 10.94
C GLU B 197 41.92 -32.06 9.70
N SER B 198 41.98 -32.77 8.58
CA SER B 198 41.52 -32.19 7.32
C SER B 198 40.00 -32.15 7.25
N LYS B 199 39.33 -33.15 7.80
CA LYS B 199 37.88 -33.23 7.73
C LYS B 199 37.20 -32.51 8.88
N LYS B 200 37.94 -32.22 9.94
CA LYS B 200 37.37 -31.54 11.10
C LYS B 200 36.87 -30.17 10.72
N LEU B 201 35.58 -29.93 10.95
CA LEU B 201 34.94 -28.64 10.71
C LEU B 201 34.59 -28.01 12.04
N TYR B 202 35.17 -26.84 12.31
CA TYR B 202 34.96 -26.14 13.57
C TYR B 202 33.86 -25.11 13.41
N CYS B 203 32.83 -25.22 14.24
CA CYS B 203 31.61 -24.45 14.08
C CYS B 203 31.64 -23.17 14.90
N VAL B 204 30.92 -22.16 14.40
CA VAL B 204 30.73 -20.88 15.08
C VAL B 204 29.27 -20.50 14.98
N TYR B 205 28.69 -20.08 16.11
CA TYR B 205 27.29 -19.69 16.17
C TYR B 205 27.20 -18.29 16.75
N VAL B 206 26.63 -17.37 15.97
CA VAL B 206 26.49 -15.97 16.36
C VAL B 206 25.04 -15.74 16.71
N ALA B 207 24.76 -15.60 18.01
CA ALA B 207 23.41 -15.33 18.49
C ALA B 207 23.22 -13.83 18.55
N VAL B 208 22.67 -13.27 17.47
CA VAL B 208 22.37 -11.85 17.38
C VAL B 208 20.89 -11.65 17.65
N GLY B 209 20.57 -10.80 18.61
CA GLY B 209 19.19 -10.51 18.94
C GLY B 209 18.44 -11.62 19.63
N GLN B 210 19.11 -12.72 19.94
CA GLN B 210 18.46 -13.83 20.61
C GLN B 210 18.48 -13.64 22.12
N LYS B 211 17.44 -14.15 22.78
CA LYS B 211 17.35 -14.03 24.22
C LYS B 211 18.45 -14.85 24.89
N ARG B 212 19.01 -14.29 25.96
CA ARG B 212 20.03 -14.98 26.72
C ARG B 212 19.57 -16.38 27.14
N SER B 213 18.28 -16.53 27.42
CA SER B 213 17.77 -17.84 27.79
C SER B 213 17.86 -18.82 26.64
N THR B 214 17.43 -18.39 25.45
CA THR B 214 17.56 -19.23 24.27
C THR B 214 19.01 -19.62 24.03
N VAL B 215 19.93 -18.68 24.23
CA VAL B 215 21.32 -18.96 23.94
C VAL B 215 21.91 -19.93 24.96
N ALA B 216 21.55 -19.77 26.23
CA ALA B 216 22.04 -20.70 27.23
C ALA B 216 21.47 -22.09 27.01
N GLN B 217 20.22 -22.17 26.56
CA GLN B 217 19.61 -23.47 26.30
C GLN B 217 20.27 -24.13 25.10
N LEU B 218 20.60 -23.34 24.09
CA LEU B 218 21.32 -23.86 22.93
C LEU B 218 22.71 -24.35 23.33
N VAL B 219 23.38 -23.59 24.19
CA VAL B 219 24.69 -23.99 24.67
C VAL B 219 24.60 -25.33 25.40
N GLN B 220 23.56 -25.49 26.22
CA GLN B 220 23.43 -26.74 26.95
C GLN B 220 23.06 -27.88 26.02
N THR B 221 22.33 -27.58 24.95
CA THR B 221 22.05 -28.59 23.94
C THR B 221 23.32 -29.06 23.27
N LEU B 222 24.23 -28.12 23.02
CA LEU B 222 25.51 -28.48 22.41
C LEU B 222 26.40 -29.22 23.39
N GLU B 223 26.31 -28.88 24.68
CA GLU B 223 27.21 -29.46 25.67
C GLU B 223 26.78 -30.86 26.09
N GLN B 224 25.48 -31.12 26.10
CA GLN B 224 25.02 -32.47 26.42
C GLN B 224 25.19 -33.40 25.23
N HIS B 225 25.25 -32.85 24.02
CA HIS B 225 25.59 -33.62 22.83
C HIS B 225 27.09 -33.63 22.55
N ASP B 226 27.91 -33.12 23.48
CA ASP B 226 29.38 -33.11 23.35
C ASP B 226 29.85 -32.35 22.12
N ALA B 227 29.00 -31.49 21.56
CA ALA B 227 29.38 -30.68 20.42
C ALA B 227 30.22 -29.47 20.80
N MET B 228 30.23 -29.09 22.08
CA MET B 228 30.84 -27.83 22.47
C MET B 228 32.34 -27.85 22.28
N LYS B 229 32.96 -29.02 22.34
CA LYS B 229 34.42 -29.11 22.19
C LYS B 229 34.90 -28.47 20.90
N TYR B 230 34.07 -28.41 19.87
CA TYR B 230 34.47 -27.90 18.57
C TYR B 230 33.60 -26.75 18.09
N SER B 231 33.02 -25.98 19.01
CA SER B 231 32.13 -24.90 18.66
C SER B 231 32.42 -23.68 19.51
N ILE B 232 32.14 -22.51 18.94
CA ILE B 232 32.30 -21.23 19.61
C ILE B 232 30.99 -20.47 19.47
N ILE B 233 30.45 -20.01 20.59
CA ILE B 233 29.18 -19.30 20.62
C ILE B 233 29.46 -17.84 20.93
N VAL B 234 29.13 -16.98 19.97
CA VAL B 234 29.25 -15.53 20.12
C VAL B 234 27.85 -14.99 20.30
N ALA B 235 27.61 -14.32 21.42
CA ALA B 235 26.27 -13.90 21.81
C ALA B 235 26.23 -12.39 21.98
N ALA B 236 25.35 -11.74 21.23
CA ALA B 236 24.97 -10.35 21.44
C ALA B 236 23.45 -10.33 21.56
N THR B 237 22.96 -10.53 22.77
CA THR B 237 21.54 -10.66 22.99
C THR B 237 20.86 -9.30 22.94
N ALA B 238 19.53 -9.33 23.00
CA ALA B 238 18.74 -8.13 22.74
C ALA B 238 18.99 -7.05 23.77
N SER B 239 19.43 -7.42 24.97
CA SER B 239 19.75 -6.40 25.96
C SER B 239 21.04 -5.67 25.60
N GLU B 240 21.89 -6.30 24.78
CA GLU B 240 23.14 -5.68 24.40
C GLU B 240 22.87 -4.55 23.42
N ALA B 241 23.56 -3.43 23.60
CA ALA B 241 23.33 -2.28 22.75
C ALA B 241 23.47 -2.66 21.29
N ALA B 242 22.76 -1.93 20.45
CA ALA B 242 22.72 -2.26 19.02
C ALA B 242 24.11 -2.36 18.40
N PRO B 243 25.09 -1.56 18.81
CA PRO B 243 26.43 -1.73 18.22
C PRO B 243 27.03 -3.08 18.47
N LEU B 244 26.74 -3.69 19.61
CA LEU B 244 27.24 -5.03 19.87
C LEU B 244 26.57 -6.05 18.95
N GLN B 245 25.27 -5.91 18.72
CA GLN B 245 24.59 -6.78 17.77
C GLN B 245 25.18 -6.60 16.37
N TYR B 246 25.51 -5.37 16.02
CA TYR B 246 26.13 -5.09 14.72
C TYR B 246 27.52 -5.73 14.62
N LEU B 247 28.29 -5.69 15.71
CA LEU B 247 29.67 -6.14 15.65
C LEU B 247 29.80 -7.64 15.74
N ALA B 248 28.89 -8.31 16.45
CA ALA B 248 29.10 -9.72 16.75
C ALA B 248 29.35 -10.56 15.51
N PRO B 249 28.61 -10.40 14.42
CA PRO B 249 28.92 -11.18 13.22
C PRO B 249 30.33 -10.99 12.73
N PHE B 250 30.87 -9.78 12.84
CA PHE B 250 32.20 -9.52 12.29
C PHE B 250 33.30 -10.13 13.15
N THR B 251 33.14 -10.10 14.47
CA THR B 251 34.12 -10.74 15.32
C THR B 251 34.05 -12.25 15.22
N ALA B 252 32.84 -12.79 15.12
CA ALA B 252 32.71 -14.21 14.83
C ALA B 252 33.33 -14.54 13.49
N ALA B 253 33.24 -13.63 12.54
CA ALA B 253 33.83 -13.86 11.24
C ALA B 253 35.35 -13.88 11.32
N SER B 254 35.93 -13.07 12.20
CA SER B 254 37.37 -13.13 12.38
C SER B 254 37.79 -14.41 13.10
N ILE B 255 36.96 -14.86 14.03
CA ILE B 255 37.23 -16.13 14.69
C ILE B 255 37.21 -17.27 13.68
N GLY B 256 36.26 -17.23 12.76
CA GLY B 256 36.26 -18.20 11.68
C GLY B 256 37.40 -18.01 10.70
N GLU B 257 37.78 -16.75 10.47
CA GLU B 257 38.86 -16.44 9.55
C GLU B 257 40.19 -16.93 10.07
N TRP B 258 40.33 -17.14 11.38
CA TRP B 258 41.55 -17.72 11.89
C TRP B 258 41.68 -19.17 11.48
N PHE B 259 40.58 -19.93 11.57
CA PHE B 259 40.60 -21.30 11.06
C PHE B 259 40.82 -21.29 9.55
N ARG B 260 40.06 -20.46 8.84
CA ARG B 260 40.20 -20.37 7.40
C ARG B 260 41.64 -20.11 6.98
N ASP B 261 42.31 -19.18 7.67
CA ASP B 261 43.60 -18.71 7.20
C ASP B 261 44.71 -19.70 7.53
N ASN B 262 44.64 -20.35 8.67
CA ASN B 262 45.68 -21.27 9.12
C ASN B 262 45.48 -22.69 8.63
N GLY B 263 44.64 -22.88 7.62
CA GLY B 263 44.50 -24.17 6.99
C GLY B 263 43.43 -25.06 7.57
N LYS B 264 42.72 -24.61 8.59
CA LYS B 264 41.63 -25.38 9.17
C LYS B 264 40.30 -24.93 8.59
N HIS B 265 39.27 -25.73 8.85
CA HIS B 265 37.96 -25.53 8.26
C HIS B 265 36.99 -25.09 9.34
N ALA B 266 36.12 -24.14 9.00
CA ALA B 266 35.17 -23.60 9.95
C ALA B 266 33.79 -23.46 9.32
N LEU B 267 32.80 -23.25 10.17
CA LEU B 267 31.43 -22.96 9.75
C LEU B 267 30.84 -21.96 10.73
N ILE B 268 30.22 -20.90 10.21
CA ILE B 268 29.73 -19.80 11.00
C ILE B 268 28.25 -19.63 10.73
N VAL B 269 27.44 -19.83 11.77
CA VAL B 269 25.99 -19.68 11.67
C VAL B 269 25.62 -18.31 12.24
N TYR B 270 25.10 -17.45 11.39
CA TYR B 270 24.57 -16.15 11.82
C TYR B 270 23.07 -16.32 12.08
N ASP B 271 22.68 -16.12 13.33
CA ASP B 271 21.30 -16.33 13.80
C ASP B 271 20.92 -15.13 14.65
N ASP B 272 20.32 -14.10 14.05
CA ASP B 272 19.98 -14.04 12.63
C ASP B 272 20.25 -12.64 12.10
N LEU B 273 20.43 -12.54 10.79
CA LEU B 273 20.89 -11.30 10.21
C LEU B 273 19.78 -10.26 10.05
N SER B 274 18.51 -10.68 10.11
CA SER B 274 17.45 -9.69 10.15
C SER B 274 17.60 -8.79 11.36
N LYS B 275 18.00 -9.37 12.49
CA LYS B 275 18.15 -8.60 13.71
C LYS B 275 19.43 -7.80 13.71
N GLN B 276 20.48 -8.30 13.07
CA GLN B 276 21.66 -7.48 12.85
C GLN B 276 21.32 -6.27 12.00
N ALA B 277 20.51 -6.46 10.98
CA ALA B 277 20.11 -5.35 10.13
C ALA B 277 19.28 -4.35 10.92
N VAL B 278 18.41 -4.84 11.79
CA VAL B 278 17.64 -3.94 12.65
C VAL B 278 18.58 -3.14 13.54
N ALA B 279 19.62 -3.80 14.05
CA ALA B 279 20.56 -3.11 14.94
C ALA B 279 21.35 -2.05 14.20
N TYR B 280 21.78 -2.35 12.98
CA TYR B 280 22.49 -1.35 12.19
C TYR B 280 21.55 -0.24 11.77
N ARG B 281 20.27 -0.56 11.59
CA ARG B 281 19.28 0.46 11.30
C ARG B 281 19.16 1.43 12.46
N GLN B 282 19.09 0.90 13.67
CA GLN B 282 19.10 1.72 14.87
C GLN B 282 20.35 2.58 14.92
N LEU B 283 21.52 1.95 14.82
CA LEU B 283 22.78 2.67 14.89
C LEU B 283 22.84 3.78 13.84
N SER B 284 22.28 3.55 12.66
CA SER B 284 22.39 4.50 11.58
C SER B 284 21.40 5.64 11.74
N LEU B 285 20.14 5.31 12.01
CA LEU B 285 19.12 6.33 12.17
C LEU B 285 19.41 7.23 13.36
N LEU B 286 19.93 6.66 14.44
CA LEU B 286 20.30 7.47 15.58
C LEU B 286 21.46 8.41 15.26
N LEU B 287 22.32 8.01 14.33
CA LEU B 287 23.35 8.86 13.77
C LEU B 287 22.81 9.83 12.73
N ARG B 288 21.49 9.87 12.59
CA ARG B 288 20.82 10.73 11.62
C ARG B 288 21.15 10.37 10.18
N ARG B 289 21.60 9.14 9.93
CA ARG B 289 21.77 8.69 8.57
C ARG B 289 20.40 8.62 7.88
N PRO B 290 20.25 9.19 6.69
CA PRO B 290 18.95 9.20 6.04
C PRO B 290 18.43 7.79 5.77
N PRO B 291 17.18 7.51 6.08
CA PRO B 291 16.64 6.18 5.82
C PRO B 291 16.44 5.92 4.33
N GLY B 292 16.45 4.64 3.98
CA GLY B 292 16.16 4.21 2.63
C GLY B 292 14.99 3.26 2.58
N ARG B 293 15.13 2.19 1.82
CA ARG B 293 14.06 1.22 1.68
C ARG B 293 13.88 0.45 2.98
N GLU B 294 12.63 0.24 3.37
CA GLU B 294 12.28 -0.40 4.64
C GLU B 294 12.97 0.31 5.80
N ALA B 295 13.18 1.62 5.65
CA ALA B 295 13.77 2.46 6.67
C ALA B 295 15.19 2.05 7.02
N TYR B 296 15.73 1.06 6.33
CA TYR B 296 17.09 0.67 6.54
C TYR B 296 18.02 1.70 5.91
N PRO B 297 19.26 1.78 6.35
CA PRO B 297 20.21 2.67 5.69
C PRO B 297 20.63 2.12 4.34
N GLY B 298 21.12 3.02 3.49
CA GLY B 298 21.48 2.63 2.14
C GLY B 298 22.59 1.62 2.08
N ASP B 299 23.42 1.54 3.13
CA ASP B 299 24.56 0.64 3.14
C ASP B 299 24.32 -0.60 3.97
N VAL B 300 23.06 -0.96 4.22
CA VAL B 300 22.76 -2.22 4.86
C VAL B 300 23.22 -3.38 3.98
N PHE B 301 23.46 -3.12 2.71
CA PHE B 301 24.04 -4.13 1.83
C PHE B 301 25.50 -4.35 2.16
N TYR B 302 26.27 -3.27 2.32
CA TYR B 302 27.68 -3.40 2.63
C TYR B 302 27.89 -4.12 3.96
N LEU B 303 27.03 -3.82 4.94
CA LEU B 303 27.08 -4.48 6.23
C LEU B 303 27.15 -5.99 6.08
N HIS B 304 26.39 -6.53 5.14
CA HIS B 304 26.30 -7.97 4.96
C HIS B 304 27.24 -8.51 3.91
N SER B 305 27.58 -7.72 2.89
CA SER B 305 28.52 -8.20 1.89
C SER B 305 29.91 -8.37 2.50
N ARG B 306 30.36 -7.37 3.27
CA ARG B 306 31.68 -7.49 3.87
C ARG B 306 31.70 -8.49 5.01
N LEU B 307 30.55 -9.03 5.38
CA LEU B 307 30.48 -10.11 6.34
C LEU B 307 30.56 -11.45 5.64
N LEU B 308 29.70 -11.66 4.65
CA LEU B 308 29.53 -12.98 4.06
C LEU B 308 30.56 -13.28 2.97
N GLU B 309 31.17 -12.27 2.36
CA GLU B 309 32.19 -12.53 1.37
C GLU B 309 33.42 -13.16 1.99
N ARG B 310 33.58 -13.00 3.31
CA ARG B 310 34.72 -13.57 4.00
C ARG B 310 34.64 -15.09 4.06
N ALA B 311 33.45 -15.65 3.94
CA ALA B 311 33.28 -17.09 3.87
C ALA B 311 33.80 -17.57 2.52
N ALA B 312 34.96 -18.20 2.52
CA ALA B 312 35.64 -18.51 1.28
C ALA B 312 36.36 -19.84 1.39
N LYS B 313 36.68 -20.39 0.23
CA LYS B 313 37.50 -21.58 0.09
C LYS B 313 38.79 -21.20 -0.62
N LEU B 314 39.91 -21.51 -0.02
CA LEU B 314 41.21 -21.02 -0.45
C LEU B 314 41.97 -22.07 -1.23
N SER B 315 42.96 -21.60 -1.98
CA SER B 315 43.89 -22.48 -2.66
C SER B 315 44.99 -22.91 -1.70
N GLU B 316 45.74 -23.92 -2.11
CA GLU B 316 46.81 -24.45 -1.27
C GLU B 316 47.94 -23.45 -1.07
N LYS B 317 47.99 -22.39 -1.87
CA LYS B 317 48.94 -21.32 -1.60
C LYS B 317 48.63 -20.65 -0.27
N GLU B 318 47.34 -20.42 0.00
CA GLU B 318 46.90 -19.81 1.24
C GLU B 318 46.45 -20.84 2.27
N GLY B 319 46.75 -22.11 2.05
CA GLY B 319 46.60 -23.12 3.07
C GLY B 319 45.37 -24.01 2.96
N SER B 320 44.60 -23.90 1.89
CA SER B 320 43.49 -24.79 1.57
C SER B 320 42.31 -24.66 2.52
N GLY B 321 42.39 -23.80 3.52
CA GLY B 321 41.31 -23.67 4.47
C GLY B 321 40.02 -23.24 3.81
N SER B 322 39.00 -23.10 4.65
CA SER B 322 37.70 -22.63 4.19
C SER B 322 36.90 -22.12 5.37
N LEU B 323 35.95 -21.24 5.06
CA LEU B 323 34.95 -20.78 6.02
C LEU B 323 33.59 -20.81 5.33
N THR B 324 32.65 -21.56 5.91
CA THR B 324 31.31 -21.70 5.39
C THR B 324 30.35 -20.89 6.26
N ALA B 325 29.41 -20.22 5.61
CA ALA B 325 28.46 -19.35 6.28
C ALA B 325 27.05 -19.87 6.08
N LEU B 326 26.32 -20.04 7.18
CA LEU B 326 24.91 -20.41 7.15
C LEU B 326 24.09 -19.30 7.79
N PRO B 327 23.90 -18.19 7.09
CA PRO B 327 23.13 -17.09 7.67
C PRO B 327 21.64 -17.43 7.75
N VAL B 328 21.00 -16.92 8.79
CA VAL B 328 19.57 -17.08 8.98
C VAL B 328 18.90 -15.72 8.79
N ILE B 329 17.81 -15.71 8.04
CA ILE B 329 16.97 -14.52 7.89
C ILE B 329 15.53 -14.88 8.23
N GLU B 330 14.90 -14.02 9.04
CA GLU B 330 13.50 -14.11 9.34
C GLU B 330 12.70 -13.28 8.34
N THR B 331 11.70 -13.91 7.73
CA THR B 331 10.87 -13.27 6.72
C THR B 331 9.52 -12.92 7.31
N GLN B 332 9.14 -11.66 7.23
CA GLN B 332 7.82 -11.25 7.66
C GLN B 332 6.76 -11.85 6.74
N GLY B 333 5.78 -12.50 7.34
CA GLY B 333 4.68 -13.04 6.57
C GLY B 333 5.09 -13.97 5.46
N GLY B 334 6.32 -14.49 5.50
CA GLY B 334 6.77 -15.41 4.48
C GLY B 334 7.05 -14.78 3.14
N ASP B 335 7.27 -13.46 3.10
CA ASP B 335 7.58 -12.76 1.86
C ASP B 335 9.09 -12.64 1.71
N VAL B 336 9.63 -13.29 0.67
CA VAL B 336 11.06 -13.19 0.39
C VAL B 336 11.40 -11.98 -0.47
N SER B 337 10.43 -11.14 -0.77
CA SER B 337 10.66 -9.96 -1.61
C SER B 337 11.12 -8.76 -0.82
N ALA B 338 11.31 -8.89 0.49
CA ALA B 338 11.69 -7.75 1.31
C ALA B 338 13.14 -7.37 1.07
N TYR B 339 13.52 -6.20 1.60
CA TYR B 339 14.79 -5.60 1.24
C TYR B 339 15.96 -6.45 1.72
N ILE B 340 16.01 -6.72 3.02
CA ILE B 340 17.14 -7.41 3.64
C ILE B 340 17.20 -8.84 3.15
N PRO B 341 16.08 -9.57 3.14
CA PRO B 341 16.09 -10.90 2.51
C PRO B 341 16.65 -10.89 1.10
N THR B 342 16.22 -9.95 0.27
CA THR B 342 16.71 -9.89 -1.10
C THR B 342 18.21 -9.59 -1.14
N ASN B 343 18.67 -8.71 -0.26
CA ASN B 343 20.08 -8.37 -0.24
C ASN B 343 20.93 -9.59 0.09
N VAL B 344 20.48 -10.38 1.06
CA VAL B 344 21.29 -11.51 1.47
C VAL B 344 21.17 -12.66 0.48
N ILE B 345 20.01 -12.77 -0.19
CA ILE B 345 19.90 -13.72 -1.29
C ILE B 345 20.85 -13.33 -2.41
N SER B 346 21.05 -12.03 -2.63
CA SER B 346 21.98 -11.57 -3.64
C SER B 346 23.43 -11.77 -3.22
N ILE B 347 23.70 -11.73 -1.92
CA ILE B 347 25.07 -11.93 -1.46
C ILE B 347 25.41 -13.41 -1.42
N THR B 348 24.52 -14.22 -0.89
CA THR B 348 24.80 -15.63 -0.68
C THR B 348 24.72 -16.42 -1.97
N ASP B 349 25.28 -17.62 -1.93
CA ASP B 349 25.37 -18.51 -3.08
C ASP B 349 24.14 -19.38 -3.25
N GLY B 350 23.13 -19.20 -2.41
CA GLY B 350 21.94 -20.02 -2.48
C GLY B 350 21.02 -19.66 -1.34
N GLN B 351 19.93 -20.40 -1.25
CA GLN B 351 18.99 -20.18 -0.17
C GLN B 351 18.28 -21.47 0.16
N ILE B 352 18.07 -21.70 1.44
CA ILE B 352 17.15 -22.71 1.92
C ILE B 352 15.96 -21.98 2.51
N PHE B 353 14.82 -22.10 1.84
CA PHE B 353 13.59 -21.45 2.27
C PHE B 353 12.71 -22.44 3.00
N LEU B 354 12.38 -22.11 4.24
CA LEU B 354 11.55 -22.94 5.09
C LEU B 354 10.18 -22.31 5.19
N GLU B 355 9.16 -23.04 4.77
CA GLU B 355 7.82 -22.51 4.60
C GLU B 355 6.93 -22.89 5.77
N ALA B 356 6.18 -21.91 6.27
CA ALA B 356 5.31 -22.15 7.41
C ALA B 356 4.15 -23.06 7.05
N GLU B 357 3.62 -22.91 5.83
CA GLU B 357 2.52 -23.76 5.42
C GLU B 357 2.92 -25.24 5.46
N LEU B 358 4.16 -25.55 5.09
CA LEU B 358 4.63 -26.92 5.15
C LEU B 358 4.93 -27.33 6.58
N PHE B 359 5.54 -26.44 7.36
CA PHE B 359 5.90 -26.78 8.72
C PHE B 359 4.67 -27.12 9.54
N TYR B 360 3.62 -26.30 9.44
CA TYR B 360 2.42 -26.58 10.20
C TYR B 360 1.73 -27.84 9.72
N LYS B 361 1.83 -28.14 8.42
CA LYS B 361 1.32 -29.42 7.91
C LYS B 361 2.12 -30.60 8.42
N GLY B 362 3.24 -30.37 9.09
CA GLY B 362 4.08 -31.43 9.59
C GLY B 362 5.23 -31.82 8.69
N ILE B 363 5.41 -31.13 7.56
CA ILE B 363 6.54 -31.38 6.67
C ILE B 363 7.74 -30.70 7.30
N ARG B 364 8.50 -31.45 8.08
CA ARG B 364 9.65 -30.92 8.80
C ARG B 364 10.87 -31.80 8.53
N PRO B 365 12.00 -31.22 8.09
CA PRO B 365 12.20 -29.79 7.83
C PRO B 365 11.41 -29.29 6.63
N ALA B 366 10.93 -28.06 6.73
CA ALA B 366 9.95 -27.52 5.80
C ALA B 366 10.59 -26.89 4.58
N ILE B 367 11.43 -27.67 3.90
CA ILE B 367 12.21 -27.15 2.77
C ILE B 367 11.28 -26.96 1.58
N ASN B 368 11.13 -25.72 1.14
CA ASN B 368 10.42 -25.41 -0.10
C ASN B 368 11.38 -25.66 -1.25
N VAL B 369 11.20 -26.78 -1.95
CA VAL B 369 12.19 -27.20 -2.91
C VAL B 369 12.24 -26.24 -4.09
N GLY B 370 11.12 -25.63 -4.43
CA GLY B 370 11.08 -24.70 -5.53
C GLY B 370 12.00 -23.51 -5.31
N LEU B 371 11.81 -22.83 -4.18
CA LEU B 371 12.58 -21.61 -3.92
C LEU B 371 13.97 -21.90 -3.38
N SER B 372 14.22 -23.10 -2.89
CA SER B 372 15.53 -23.46 -2.36
C SER B 372 16.46 -23.88 -3.49
N VAL B 373 17.67 -23.34 -3.51
CA VAL B 373 18.63 -23.64 -4.56
C VAL B 373 20.03 -23.33 -4.06
N SER B 374 20.97 -24.18 -4.42
CA SER B 374 22.38 -24.04 -4.07
C SER B 374 23.18 -24.01 -5.37
N ARG B 375 23.81 -22.87 -5.64
CA ARG B 375 24.44 -22.63 -6.92
C ARG B 375 25.81 -23.28 -7.05
N VAL B 376 26.37 -23.76 -5.94
CA VAL B 376 27.51 -24.66 -6.02
C VAL B 376 27.05 -26.05 -6.42
N GLY B 377 25.97 -26.52 -5.78
CA GLY B 377 25.31 -27.72 -6.23
C GLY B 377 26.19 -28.95 -6.14
N SER B 378 26.06 -29.79 -7.17
CA SER B 378 26.68 -31.10 -7.16
C SER B 378 28.17 -31.05 -6.86
N ALA B 379 28.83 -29.94 -7.15
CA ALA B 379 30.28 -29.88 -6.94
C ALA B 379 30.63 -30.12 -5.49
N ALA B 380 29.78 -29.67 -4.58
CA ALA B 380 29.98 -29.93 -3.16
C ALA B 380 29.34 -31.23 -2.73
N GLN B 381 28.22 -31.61 -3.36
CA GLN B 381 27.52 -32.82 -2.98
C GLN B 381 28.47 -34.01 -3.06
N VAL B 382 28.26 -34.98 -2.16
CA VAL B 382 29.05 -36.19 -2.23
C VAL B 382 28.81 -36.86 -3.56
N LYS B 383 29.86 -37.44 -4.14
CA LYS B 383 29.75 -37.98 -5.48
C LYS B 383 28.60 -38.98 -5.57
N ALA B 384 28.46 -39.83 -4.55
CA ALA B 384 27.43 -40.86 -4.58
C ALA B 384 26.03 -40.29 -4.60
N LEU B 385 25.84 -39.04 -4.19
CA LEU B 385 24.50 -38.47 -4.21
C LEU B 385 24.21 -37.77 -5.52
N LYS B 386 25.21 -37.08 -6.08
CA LYS B 386 25.10 -36.59 -7.45
C LYS B 386 24.80 -37.75 -8.40
N GLN B 387 25.50 -38.86 -8.21
CA GLN B 387 25.35 -40.03 -9.07
C GLN B 387 23.95 -40.61 -9.01
N VAL B 388 23.15 -40.27 -8.00
CA VAL B 388 21.86 -40.90 -7.79
C VAL B 388 20.69 -39.94 -7.95
N ALA B 389 20.80 -38.71 -7.46
CA ALA B 389 19.64 -37.83 -7.36
C ALA B 389 19.12 -37.35 -8.70
N GLY B 390 19.94 -37.39 -9.74
CA GLY B 390 19.53 -36.85 -11.02
C GLY B 390 19.15 -35.38 -10.94
N SER B 391 17.89 -35.06 -11.18
CA SER B 391 17.39 -33.70 -11.18
C SER B 391 16.20 -33.55 -10.24
N LEU B 392 16.31 -34.12 -9.04
CA LEU B 392 15.19 -34.15 -8.12
C LEU B 392 14.67 -32.75 -7.79
N LYS B 393 15.56 -31.78 -7.69
CA LYS B 393 15.16 -30.43 -7.31
C LYS B 393 14.17 -29.85 -8.30
N LEU B 394 14.49 -29.92 -9.59
CA LEU B 394 13.58 -29.41 -10.59
C LEU B 394 12.33 -30.26 -10.68
N PHE B 395 12.42 -31.56 -10.42
CA PHE B 395 11.23 -32.38 -10.43
C PHE B 395 10.24 -31.91 -9.36
N LEU B 396 10.74 -31.63 -8.15
CA LEU B 396 9.83 -31.18 -7.10
C LEU B 396 9.36 -29.75 -7.33
N ALA B 397 10.21 -28.92 -7.92
CA ALA B 397 9.79 -27.57 -8.29
C ALA B 397 8.63 -27.63 -9.27
N GLN B 398 8.70 -28.55 -10.24
CA GLN B 398 7.61 -28.72 -11.19
C GLN B 398 6.42 -29.39 -10.54
N TYR B 399 6.65 -30.32 -9.62
CA TYR B 399 5.55 -30.98 -8.91
C TYR B 399 4.71 -29.97 -8.16
N ARG B 400 5.34 -28.94 -7.61
CA ARG B 400 4.59 -27.92 -6.90
C ARG B 400 3.56 -27.25 -7.81
N GLU B 401 4.00 -26.83 -9.00
CA GLU B 401 3.09 -26.19 -9.94
C GLU B 401 2.07 -27.19 -10.49
N VAL B 402 2.48 -28.44 -10.70
CA VAL B 402 1.56 -29.45 -11.19
C VAL B 402 0.43 -29.64 -10.20
N ALA B 403 0.75 -29.70 -8.91
CA ALA B 403 -0.29 -29.83 -7.89
C ALA B 403 -1.15 -28.58 -7.83
N ALA B 404 -0.52 -27.41 -7.91
CA ALA B 404 -1.28 -26.16 -7.86
C ALA B 404 -2.31 -26.10 -8.96
N PHE B 405 -1.94 -26.54 -10.16
CA PHE B 405 -2.89 -26.52 -11.27
C PHE B 405 -3.85 -27.70 -11.23
N ALA B 406 -3.43 -28.83 -10.66
CA ALA B 406 -4.35 -29.93 -10.47
C ALA B 406 -5.48 -29.54 -9.54
N GLN B 407 -5.18 -28.71 -8.53
CA GLN B 407 -6.24 -28.18 -7.69
C GLN B 407 -7.25 -27.40 -8.50
N PHE B 408 -6.81 -26.75 -9.58
CA PHE B 408 -7.70 -25.98 -10.44
C PHE B 408 -8.28 -26.86 -11.52
N SER B 415 -2.04 -38.23 -17.36
CA SER B 415 -0.83 -38.84 -16.83
C SER B 415 -0.07 -37.89 -15.92
N THR B 416 -0.61 -36.69 -15.71
CA THR B 416 -0.06 -35.81 -14.67
C THR B 416 -0.07 -36.50 -13.32
N LYS B 417 -0.99 -37.45 -13.13
CA LYS B 417 -1.05 -38.19 -11.88
C LYS B 417 0.29 -38.86 -11.57
N GLN B 418 1.06 -39.23 -12.57
CA GLN B 418 2.34 -39.86 -12.31
C GLN B 418 3.31 -38.88 -11.68
N THR B 419 3.48 -37.70 -12.28
CA THR B 419 4.33 -36.68 -11.70
C THR B 419 3.86 -36.31 -10.30
N LEU B 420 2.53 -36.21 -10.12
CA LEU B 420 1.99 -35.78 -8.84
C LEU B 420 2.23 -36.83 -7.75
N VAL B 421 2.01 -38.10 -8.09
CA VAL B 421 2.28 -39.19 -7.15
C VAL B 421 3.75 -39.19 -6.77
N ARG B 422 4.62 -39.11 -7.78
CA ARG B 422 6.05 -39.13 -7.56
C ARG B 422 6.47 -37.97 -6.66
N GLY B 423 5.90 -36.79 -6.87
CA GLY B 423 6.27 -35.63 -6.09
C GLY B 423 5.77 -35.71 -4.65
N GLU B 424 4.54 -36.17 -4.45
CA GLU B 424 4.04 -36.35 -3.10
C GLU B 424 4.90 -37.34 -2.33
N ARG B 425 5.27 -38.45 -2.97
CA ARG B 425 6.08 -39.45 -2.27
C ARG B 425 7.49 -38.94 -2.02
N LEU B 426 8.04 -38.17 -2.95
CA LEU B 426 9.36 -37.58 -2.73
C LEU B 426 9.33 -36.60 -1.57
N THR B 427 8.31 -35.74 -1.53
CA THR B 427 8.18 -34.79 -0.44
C THR B 427 8.07 -35.50 0.90
N GLN B 428 7.28 -36.58 0.94
CA GLN B 428 7.13 -37.33 2.18
C GLN B 428 8.43 -38.03 2.57
N LEU B 429 9.23 -38.42 1.58
CA LEU B 429 10.42 -39.20 1.89
C LEU B 429 11.47 -38.37 2.62
N LEU B 430 11.45 -37.05 2.41
CA LEU B 430 12.52 -36.18 2.86
C LEU B 430 12.42 -35.79 4.33
N LYS B 431 11.31 -36.09 4.99
CA LYS B 431 11.13 -35.70 6.38
C LYS B 431 12.25 -36.26 7.24
N GLN B 432 12.50 -35.59 8.37
CA GLN B 432 13.53 -36.02 9.30
C GLN B 432 13.21 -35.49 10.69
N ASN B 433 13.65 -36.22 11.69
CA ASN B 433 13.42 -35.84 13.08
C ASN B 433 14.53 -34.98 13.63
N GLN B 434 14.18 -34.10 14.56
CA GLN B 434 15.14 -33.17 15.12
C GLN B 434 16.23 -33.89 15.90
N TYR B 435 17.45 -33.39 15.77
CA TYR B 435 18.65 -33.93 16.41
C TYR B 435 19.01 -35.33 15.92
N SER B 436 18.33 -35.83 14.91
CA SER B 436 18.58 -37.19 14.42
C SER B 436 19.19 -37.15 13.03
N PRO B 437 20.48 -36.88 12.90
CA PRO B 437 21.09 -36.85 11.57
C PRO B 437 21.57 -38.21 11.11
N LEU B 438 21.40 -38.46 9.82
CA LEU B 438 21.86 -39.67 9.17
C LEU B 438 22.95 -39.34 8.16
N ALA B 439 24.05 -40.07 8.20
CA ALA B 439 25.17 -39.84 7.31
C ALA B 439 24.80 -40.17 5.86
N THR B 440 25.72 -39.84 4.96
CA THR B 440 25.42 -39.98 3.53
C THR B 440 25.30 -41.43 3.11
N GLU B 441 26.05 -42.33 3.76
CA GLU B 441 25.85 -43.75 3.52
C GLU B 441 24.38 -44.12 3.64
N GLU B 442 23.64 -43.37 4.45
CA GLU B 442 22.24 -43.66 4.74
C GLU B 442 21.29 -42.84 3.89
N GLN B 443 21.78 -41.78 3.26
CA GLN B 443 20.94 -40.98 2.38
C GLN B 443 20.98 -41.48 0.95
N VAL B 444 22.15 -41.95 0.48
CA VAL B 444 22.26 -42.42 -0.90
C VAL B 444 21.24 -43.50 -1.20
N PRO B 445 21.04 -44.51 -0.36
CA PRO B 445 20.07 -45.56 -0.70
C PRO B 445 18.68 -45.03 -1.00
N LEU B 446 18.15 -44.19 -0.12
CA LEU B 446 16.74 -43.84 -0.19
C LEU B 446 16.43 -42.99 -1.42
N ILE B 447 17.33 -42.05 -1.74
CA ILE B 447 17.04 -41.13 -2.82
C ILE B 447 16.99 -41.84 -4.16
N TYR B 448 17.53 -43.06 -4.27
CA TYR B 448 17.36 -43.81 -5.50
C TYR B 448 15.93 -44.31 -5.65
N ALA B 449 15.41 -44.95 -4.61
CA ALA B 449 14.00 -45.36 -4.64
C ALA B 449 13.11 -44.15 -4.80
N GLY B 450 13.56 -43.00 -4.35
CA GLY B 450 12.79 -41.79 -4.48
C GLY B 450 12.76 -41.25 -5.89
N VAL B 451 13.94 -41.01 -6.45
CA VAL B 451 14.04 -40.34 -7.75
C VAL B 451 13.56 -41.26 -8.87
N ASN B 452 13.98 -42.52 -8.85
CA ASN B 452 13.59 -43.46 -9.88
C ASN B 452 12.19 -44.01 -9.68
N GLY B 453 11.39 -43.38 -8.82
CA GLY B 453 9.98 -43.67 -8.72
C GLY B 453 9.63 -45.07 -8.28
N HIS B 454 10.63 -45.84 -7.84
CA HIS B 454 10.36 -47.16 -7.32
C HIS B 454 9.43 -47.12 -6.10
N LEU B 455 9.23 -45.95 -5.50
CA LEU B 455 8.35 -45.80 -4.35
C LEU B 455 6.88 -45.66 -4.73
N ASP B 456 6.57 -45.55 -6.03
CA ASP B 456 5.18 -45.34 -6.42
C ASP B 456 4.26 -46.43 -5.93
N GLY B 457 4.78 -47.63 -5.70
CA GLY B 457 4.02 -48.73 -5.19
C GLY B 457 3.94 -48.79 -3.67
N ILE B 458 4.25 -47.69 -3.00
CA ILE B 458 4.19 -47.61 -1.55
C ILE B 458 3.25 -46.48 -1.17
N GLU B 459 2.26 -46.78 -0.35
CA GLU B 459 1.35 -45.74 0.11
C GLU B 459 2.12 -44.68 0.89
N LEU B 460 1.53 -43.49 0.97
CA LEU B 460 2.22 -42.37 1.57
C LEU B 460 2.48 -42.61 3.04
N SER B 461 1.45 -43.02 3.78
CA SER B 461 1.55 -43.22 5.21
C SER B 461 2.52 -44.33 5.58
N ARG B 462 2.93 -45.16 4.62
CA ARG B 462 3.91 -46.20 4.90
C ARG B 462 5.35 -45.73 4.75
N ILE B 463 5.58 -44.54 4.19
CA ILE B 463 6.95 -44.13 3.89
C ILE B 463 7.77 -44.02 5.18
N GLY B 464 7.17 -43.49 6.23
CA GLY B 464 7.88 -43.42 7.50
C GLY B 464 8.27 -44.78 8.03
N GLU B 465 7.48 -45.80 7.72
CA GLU B 465 7.88 -47.16 8.05
C GLU B 465 8.99 -47.64 7.15
N PHE B 466 8.96 -47.24 5.87
CA PHE B 466 9.99 -47.66 4.93
C PHE B 466 11.35 -47.14 5.36
N GLU B 467 11.47 -45.81 5.48
CA GLU B 467 12.77 -45.18 5.64
C GLU B 467 13.60 -45.85 6.73
N SER B 468 12.95 -46.30 7.80
CA SER B 468 13.71 -46.97 8.85
C SER B 468 13.91 -48.43 8.52
N SER B 469 12.85 -49.14 8.17
CA SER B 469 12.97 -50.56 7.88
C SER B 469 14.01 -50.80 6.80
N PHE B 470 13.95 -50.03 5.72
CA PHE B 470 14.94 -50.19 4.66
C PHE B 470 16.33 -49.88 5.20
N LEU B 471 16.45 -48.81 6.00
CA LEU B 471 17.74 -48.51 6.59
C LEU B 471 18.21 -49.64 7.47
N SER B 472 17.27 -50.33 8.12
CA SER B 472 17.64 -51.47 8.95
C SER B 472 18.08 -52.64 8.09
N TYR B 473 17.51 -52.77 6.90
CA TYR B 473 17.82 -53.90 6.03
C TYR B 473 19.25 -53.81 5.52
N LEU B 474 19.64 -52.64 5.02
CA LEU B 474 21.00 -52.47 4.54
C LEU B 474 22.00 -52.57 5.69
N LYS B 475 21.72 -51.90 6.80
CA LYS B 475 22.62 -51.98 7.95
C LYS B 475 22.62 -53.37 8.57
N SER B 476 21.47 -54.07 8.57
CA SER B 476 21.41 -55.39 9.17
C SER B 476 22.16 -56.41 8.33
N ASN B 477 21.78 -56.55 7.07
CA ASN B 477 22.46 -57.45 6.14
C ASN B 477 23.64 -56.77 5.46
N HIS B 478 23.38 -55.68 4.74
CA HIS B 478 24.34 -55.11 3.80
C HIS B 478 25.33 -54.18 4.49
N ASN B 479 26.24 -54.78 5.26
CA ASN B 479 27.42 -54.04 5.65
C ASN B 479 28.30 -53.79 4.43
N GLU B 480 28.22 -54.68 3.43
CA GLU B 480 29.06 -54.59 2.24
C GLU B 480 28.78 -53.35 1.40
N LEU B 481 27.60 -52.75 1.54
CA LEU B 481 27.26 -51.57 0.76
C LEU B 481 27.58 -50.28 1.49
N LEU B 482 27.28 -50.22 2.78
CA LEU B 482 27.56 -49.02 3.55
C LEU B 482 29.04 -48.87 3.82
N THR B 483 29.73 -49.98 4.09
CA THR B 483 31.17 -49.91 4.27
C THR B 483 31.90 -49.63 2.97
N GLU B 484 31.23 -49.80 1.82
CA GLU B 484 31.76 -49.25 0.59
C GLU B 484 31.49 -47.75 0.53
N ILE B 485 30.23 -47.37 0.39
CA ILE B 485 29.90 -45.95 0.20
C ILE B 485 30.60 -45.07 1.25
N ARG B 486 30.96 -45.62 2.39
CA ARG B 486 31.76 -44.86 3.35
C ARG B 486 33.18 -44.66 2.84
N GLU B 487 33.86 -45.75 2.52
CA GLU B 487 35.30 -45.69 2.26
C GLU B 487 35.59 -45.21 0.85
N LYS B 488 34.65 -45.38 -0.07
CA LYS B 488 34.78 -45.02 -1.47
C LYS B 488 34.17 -43.66 -1.77
N GLY B 489 32.98 -43.41 -1.25
CA GLY B 489 32.30 -42.16 -1.46
C GLY B 489 31.61 -42.02 -2.79
N GLU B 490 31.81 -42.96 -3.70
CA GLU B 490 31.20 -42.92 -5.02
C GLU B 490 30.90 -44.34 -5.46
N LEU B 491 29.82 -44.50 -6.21
CA LEU B 491 29.36 -45.81 -6.62
C LEU B 491 30.00 -46.18 -7.94
N SER B 492 30.64 -47.35 -7.97
CA SER B 492 30.84 -48.01 -9.24
C SER B 492 29.50 -48.55 -9.72
N LYS B 493 29.31 -48.55 -11.04
CA LYS B 493 28.09 -49.13 -11.59
C LYS B 493 27.84 -50.54 -11.07
N GLU B 494 28.89 -51.22 -10.58
CA GLU B 494 28.70 -52.51 -9.93
C GLU B 494 28.01 -52.35 -8.59
N LEU B 495 28.46 -51.40 -7.76
CA LEU B 495 27.78 -51.13 -6.50
C LEU B 495 26.42 -50.48 -6.74
N LEU B 496 26.31 -49.62 -7.74
CA LEU B 496 25.01 -49.09 -8.10
C LEU B 496 24.04 -50.21 -8.45
N ALA B 497 24.53 -51.23 -9.16
CA ALA B 497 23.69 -52.40 -9.43
C ALA B 497 23.35 -53.11 -8.12
N SER B 498 24.34 -53.29 -7.26
CA SER B 498 24.11 -53.96 -5.98
C SER B 498 23.18 -53.17 -5.07
N LEU B 499 22.93 -51.89 -5.37
CA LEU B 499 21.97 -51.10 -4.63
C LEU B 499 20.58 -51.14 -5.27
N LYS B 500 20.52 -51.01 -6.60
CA LYS B 500 19.25 -51.17 -7.30
C LYS B 500 18.66 -52.54 -7.01
N SER B 501 19.52 -53.54 -6.79
CA SER B 501 19.04 -54.88 -6.54
C SER B 501 18.32 -54.96 -5.21
N ALA B 502 18.99 -54.58 -4.12
CA ALA B 502 18.34 -54.63 -2.81
C ALA B 502 17.14 -53.69 -2.76
N THR B 503 17.17 -52.58 -3.49
CA THR B 503 16.00 -51.70 -3.49
C THR B 503 14.81 -52.42 -4.11
N GLU B 504 15.00 -53.00 -5.29
CA GLU B 504 13.92 -53.75 -5.91
C GLU B 504 13.46 -54.88 -5.00
N SER B 505 14.39 -55.56 -4.33
CA SER B 505 14.03 -56.71 -3.52
C SER B 505 13.20 -56.29 -2.31
N PHE B 506 13.70 -55.35 -1.52
CA PHE B 506 12.99 -54.89 -0.35
C PHE B 506 11.64 -54.26 -0.72
N VAL B 507 11.63 -53.41 -1.75
CA VAL B 507 10.39 -52.76 -2.16
C VAL B 507 9.36 -53.80 -2.59
N ALA B 508 9.79 -54.84 -3.31
CA ALA B 508 8.88 -55.93 -3.62
C ALA B 508 8.40 -56.64 -2.37
N THR B 509 9.29 -56.80 -1.38
CA THR B 509 8.88 -57.34 -0.10
C THR B 509 7.95 -56.38 0.63
N PHE B 510 8.38 -55.13 0.77
CA PHE B 510 7.57 -54.10 1.40
C PHE B 510 6.23 -53.95 0.68
N ASN C 26 34.98 45.59 -8.65
CA ASN C 26 34.53 44.65 -9.68
C ASN C 26 33.65 43.57 -9.09
N LEU C 27 33.50 43.59 -7.75
CA LEU C 27 32.79 42.52 -7.08
C LEU C 27 31.33 42.43 -7.52
N ASN C 28 30.76 43.53 -8.01
CA ASN C 28 29.35 43.51 -8.39
C ASN C 28 29.15 42.86 -9.76
N GLU C 29 30.19 42.89 -10.61
CA GLU C 29 30.12 42.24 -11.92
C GLU C 29 30.78 40.87 -11.94
N THR C 30 31.80 40.65 -11.12
CA THR C 30 32.55 39.41 -11.10
C THR C 30 32.68 38.91 -9.66
N GLY C 31 32.25 37.67 -9.42
CA GLY C 31 32.36 37.05 -8.12
C GLY C 31 33.46 36.00 -8.05
N ARG C 32 33.60 35.42 -6.87
CA ARG C 32 34.57 34.36 -6.62
C ARG C 32 33.84 33.15 -6.05
N VAL C 33 34.29 31.97 -6.44
CA VAL C 33 33.62 30.74 -6.03
C VAL C 33 33.97 30.39 -4.60
N LEU C 34 32.95 30.08 -3.81
CA LEU C 34 33.17 29.58 -2.47
C LEU C 34 33.26 28.06 -2.46
N ALA C 35 32.31 27.40 -3.12
CA ALA C 35 32.22 25.95 -3.06
C ALA C 35 31.71 25.41 -4.39
N VAL C 36 32.12 24.18 -4.69
CA VAL C 36 31.81 23.50 -5.94
C VAL C 36 31.55 22.03 -5.63
N GLY C 37 30.38 21.55 -6.04
CA GLY C 37 30.07 20.15 -5.87
C GLY C 37 28.80 19.70 -6.57
N ASP C 38 28.87 18.55 -7.20
CA ASP C 38 27.70 17.87 -7.76
C ASP C 38 26.99 18.73 -8.80
N GLY C 39 27.72 19.64 -9.44
CA GLY C 39 27.15 20.50 -10.44
C GLY C 39 26.63 21.82 -9.93
N ILE C 40 26.79 22.10 -8.65
CA ILE C 40 26.41 23.38 -8.07
C ILE C 40 27.68 24.11 -7.67
N ALA C 41 27.65 25.43 -7.81
CA ALA C 41 28.68 26.30 -7.32
C ALA C 41 28.02 27.42 -6.53
N ARG C 42 28.68 27.86 -5.48
CA ARG C 42 28.26 29.03 -4.72
C ARG C 42 29.28 30.13 -4.91
N VAL C 43 28.83 31.26 -5.46
CA VAL C 43 29.71 32.35 -5.83
C VAL C 43 29.43 33.53 -4.93
N PHE C 44 30.49 34.04 -4.32
CA PHE C 44 30.42 35.26 -3.54
C PHE C 44 30.58 36.45 -4.47
N GLY C 45 29.87 37.52 -4.15
CA GLY C 45 29.76 38.64 -5.07
C GLY C 45 28.59 38.46 -6.02
N LEU C 46 28.74 39.04 -7.21
CA LEU C 46 27.66 39.05 -8.19
C LEU C 46 26.40 39.66 -7.60
N ASN C 47 26.58 40.77 -6.90
CA ASN C 47 25.47 41.40 -6.19
C ASN C 47 24.37 41.84 -7.13
N ASN C 48 24.71 42.16 -8.39
CA ASN C 48 23.77 42.72 -9.34
C ASN C 48 23.17 41.68 -10.26
N ILE C 49 23.54 40.40 -10.10
CA ILE C 49 23.11 39.38 -11.04
C ILE C 49 21.60 39.18 -10.97
N GLN C 50 20.99 39.05 -12.15
CA GLN C 50 19.58 38.72 -12.25
C GLN C 50 19.36 37.24 -11.95
N ALA C 51 18.13 36.91 -11.57
CA ALA C 51 17.76 35.53 -11.39
C ALA C 51 17.74 34.81 -12.74
N GLU C 52 18.21 33.57 -12.74
CA GLU C 52 18.29 32.72 -13.91
C GLU C 52 19.35 33.17 -14.90
N GLU C 53 20.26 34.06 -14.50
CA GLU C 53 21.22 34.62 -15.44
C GLU C 53 22.38 33.65 -15.69
N LEU C 54 22.88 33.68 -16.91
CA LEU C 54 24.05 32.89 -17.26
C LEU C 54 25.34 33.59 -16.81
N VAL C 55 26.22 32.80 -16.20
CA VAL C 55 27.55 33.24 -15.80
C VAL C 55 28.58 32.35 -16.48
N GLU C 56 29.74 32.92 -16.74
CA GLU C 56 30.86 32.21 -17.34
C GLU C 56 31.99 32.14 -16.31
N PHE C 57 32.40 30.93 -15.99
CA PHE C 57 33.55 30.73 -15.11
C PHE C 57 34.85 30.97 -15.88
N SER C 58 35.93 31.11 -15.13
CA SER C 58 37.24 31.35 -15.74
C SER C 58 37.51 30.35 -16.86
N SER C 59 37.15 29.09 -16.65
CA SER C 59 37.43 28.02 -17.60
C SER C 59 36.39 27.92 -18.70
N GLY C 60 35.59 28.95 -18.91
CA GLY C 60 34.67 28.99 -20.04
C GLY C 60 33.39 28.22 -19.86
N VAL C 61 33.25 27.43 -18.80
CA VAL C 61 32.01 26.70 -18.58
C VAL C 61 30.92 27.66 -18.13
N LYS C 62 29.69 27.37 -18.53
CA LYS C 62 28.56 28.24 -18.26
C LYS C 62 27.73 27.70 -17.10
N GLY C 63 27.07 28.61 -16.41
CA GLY C 63 26.23 28.25 -15.29
C GLY C 63 25.03 29.16 -15.23
N MET C 64 23.99 28.69 -14.54
CA MET C 64 22.72 29.39 -14.46
C MET C 64 22.44 29.70 -13.00
N ALA C 65 22.33 30.99 -12.69
CA ALA C 65 22.19 31.46 -11.30
C ALA C 65 20.74 31.33 -10.85
N LEU C 66 20.41 30.15 -10.35
CA LEU C 66 19.03 29.89 -9.95
C LEU C 66 18.71 30.42 -8.56
N ASN C 67 19.67 30.40 -7.65
CA ASN C 67 19.47 30.89 -6.29
C ASN C 67 20.24 32.17 -6.08
N LEU C 68 19.53 33.20 -5.60
CA LEU C 68 20.14 34.40 -5.06
C LEU C 68 19.89 34.43 -3.56
N GLU C 69 20.96 34.51 -2.79
CA GLU C 69 20.90 34.48 -1.34
C GLU C 69 21.58 35.70 -0.77
N PRO C 70 21.34 36.02 0.50
CA PRO C 70 21.86 37.27 1.05
C PRO C 70 23.36 37.41 0.94
N GLY C 71 24.09 36.31 0.87
CA GLY C 71 25.55 36.37 0.85
C GLY C 71 26.20 35.61 -0.28
N GLN C 72 25.42 34.90 -1.09
CA GLN C 72 26.01 34.07 -2.12
C GLN C 72 24.97 33.78 -3.19
N VAL C 73 25.47 33.30 -4.34
CA VAL C 73 24.64 33.00 -5.50
C VAL C 73 24.82 31.53 -5.87
N GLY C 74 23.71 30.86 -6.14
CA GLY C 74 23.72 29.46 -6.53
C GLY C 74 23.70 29.22 -8.02
N ILE C 75 24.88 28.96 -8.57
CA ILE C 75 25.01 28.63 -9.98
C ILE C 75 24.85 27.12 -10.15
N VAL C 76 24.08 26.72 -11.16
CA VAL C 76 23.98 25.33 -11.57
C VAL C 76 24.72 25.18 -12.88
N LEU C 77 25.60 24.19 -12.94
CA LEU C 77 26.63 24.13 -13.98
C LEU C 77 26.12 23.36 -15.20
N PHE C 78 26.22 23.98 -16.37
CA PHE C 78 25.88 23.34 -17.62
C PHE C 78 26.89 22.29 -18.04
N GLY C 79 28.12 22.37 -17.53
CA GLY C 79 29.16 21.44 -17.93
C GLY C 79 29.77 20.68 -16.78
N SER C 80 30.79 19.89 -17.08
CA SER C 80 31.44 19.10 -16.05
C SER C 80 32.09 20.00 -15.01
N ASP C 81 31.82 19.70 -13.74
CA ASP C 81 32.31 20.53 -12.64
C ASP C 81 33.80 20.39 -12.41
N ARG C 82 34.47 19.43 -13.05
CA ARG C 82 35.90 19.29 -12.86
C ARG C 82 36.64 20.57 -13.23
N LEU C 83 36.12 21.31 -14.19
CA LEU C 83 36.77 22.53 -14.65
C LEU C 83 36.61 23.69 -13.69
N VAL C 84 35.64 23.61 -12.78
CA VAL C 84 35.39 24.66 -11.80
C VAL C 84 36.12 24.30 -10.51
N LYS C 85 36.87 25.26 -9.98
CA LYS C 85 37.58 25.11 -8.73
C LYS C 85 37.30 26.31 -7.84
N GLU C 86 37.68 26.17 -6.58
CA GLU C 86 37.58 27.28 -5.65
C GLU C 86 38.39 28.46 -6.14
N GLY C 87 37.97 29.65 -5.74
CA GLY C 87 38.68 30.87 -6.05
C GLY C 87 38.53 31.34 -7.48
N GLU C 88 37.86 30.57 -8.32
CA GLU C 88 37.74 30.93 -9.73
C GLU C 88 36.86 32.17 -9.89
N LEU C 89 37.36 33.14 -10.62
CA LEU C 89 36.55 34.29 -10.98
C LEU C 89 35.40 33.84 -11.86
N VAL C 90 34.21 34.34 -11.55
CA VAL C 90 32.98 34.01 -12.27
C VAL C 90 32.36 35.32 -12.73
N LYS C 91 32.25 35.49 -14.03
CA LYS C 91 31.83 36.75 -14.64
C LYS C 91 30.42 36.61 -15.19
N ARG C 92 29.58 37.60 -14.93
CA ARG C 92 28.20 37.53 -15.36
C ARG C 92 28.08 37.84 -16.84
N THR C 93 27.19 37.11 -17.51
CA THR C 93 26.98 37.29 -18.93
C THR C 93 26.10 38.50 -19.24
N GLY C 94 25.14 38.80 -18.38
CA GLY C 94 24.16 39.82 -18.70
C GLY C 94 23.10 39.36 -19.65
N ASN C 95 22.85 38.06 -19.74
CA ASN C 95 21.85 37.50 -20.63
C ASN C 95 21.13 36.37 -19.93
N ILE C 96 19.81 36.40 -19.94
CA ILE C 96 19.02 35.25 -19.54
C ILE C 96 19.04 34.24 -20.67
N VAL C 97 19.08 32.96 -20.33
CA VAL C 97 19.34 31.94 -21.35
C VAL C 97 18.31 32.05 -22.46
N ASP C 98 18.79 31.99 -23.69
CA ASP C 98 17.97 32.09 -24.87
C ASP C 98 18.44 31.06 -25.88
N VAL C 99 17.71 30.96 -26.98
CA VAL C 99 18.07 30.04 -28.05
C VAL C 99 17.73 30.66 -29.39
N PRO C 100 18.48 30.29 -30.43
CA PRO C 100 18.11 30.72 -31.78
C PRO C 100 16.81 30.09 -32.22
N VAL C 101 16.04 30.87 -32.97
CA VAL C 101 14.72 30.46 -33.45
C VAL C 101 14.59 30.91 -34.89
N GLY C 102 13.74 30.21 -35.63
CA GLY C 102 13.57 30.41 -37.04
C GLY C 102 13.40 29.11 -37.79
N PRO C 103 13.29 29.21 -39.11
CA PRO C 103 13.05 28.01 -39.92
C PRO C 103 14.31 27.26 -40.29
N GLY C 104 15.47 27.90 -40.20
CA GLY C 104 16.69 27.22 -40.56
C GLY C 104 17.07 26.09 -39.63
N LEU C 105 16.41 25.99 -38.49
CA LEU C 105 16.59 24.88 -37.58
C LEU C 105 15.98 23.59 -38.12
N LEU C 106 15.14 23.68 -39.15
CA LEU C 106 14.46 22.51 -39.67
C LEU C 106 15.46 21.49 -40.19
N GLY C 107 15.36 20.26 -39.69
CA GLY C 107 16.24 19.20 -40.13
C GLY C 107 17.52 19.10 -39.34
N ARG C 108 17.54 19.62 -38.11
CA ARG C 108 18.74 19.69 -37.30
C ARG C 108 18.51 19.06 -35.94
N VAL C 109 19.59 18.65 -35.31
CA VAL C 109 19.58 18.14 -33.94
C VAL C 109 20.40 19.09 -33.08
N VAL C 110 19.76 19.70 -32.09
CA VAL C 110 20.33 20.81 -31.35
C VAL C 110 20.27 20.53 -29.86
N ASP C 111 21.27 21.02 -29.15
CA ASP C 111 21.33 20.87 -27.71
C ASP C 111 20.35 21.85 -27.05
N ALA C 112 20.33 21.81 -25.72
CA ALA C 112 19.37 22.60 -24.95
C ALA C 112 19.54 24.10 -25.16
N LEU C 113 20.56 24.53 -25.88
CA LEU C 113 20.83 25.94 -26.10
C LEU C 113 20.86 26.30 -27.57
N GLY C 114 20.50 25.37 -28.45
CA GLY C 114 20.43 25.62 -29.87
C GLY C 114 21.68 25.33 -30.66
N ASN C 115 22.74 24.83 -30.03
CA ASN C 115 23.93 24.47 -30.77
C ASN C 115 23.70 23.18 -31.53
N PRO C 116 24.18 23.08 -32.78
CA PRO C 116 23.96 21.86 -33.55
C PRO C 116 24.88 20.74 -33.09
N ILE C 117 24.31 19.56 -32.90
CA ILE C 117 25.05 18.35 -32.59
C ILE C 117 24.95 17.32 -33.69
N ASP C 118 24.31 17.64 -34.80
CA ASP C 118 24.15 16.72 -35.92
C ASP C 118 25.35 16.71 -36.85
N GLY C 119 26.28 17.64 -36.69
CA GLY C 119 27.44 17.71 -37.56
C GLY C 119 27.19 18.24 -38.95
N LYS C 120 26.08 18.96 -39.16
CA LYS C 120 25.79 19.56 -40.46
C LYS C 120 26.16 21.04 -40.52
N GLY C 121 26.91 21.53 -39.54
CA GLY C 121 27.36 22.91 -39.55
C GLY C 121 26.45 23.83 -38.76
N PRO C 122 26.78 25.12 -38.74
CA PRO C 122 26.05 26.05 -37.88
C PRO C 122 24.57 26.15 -38.24
N ILE C 123 23.80 26.66 -37.28
CA ILE C 123 22.39 26.96 -37.50
C ILE C 123 22.27 28.37 -38.06
N ASP C 124 21.32 28.55 -38.97
CA ASP C 124 20.96 29.87 -39.47
C ASP C 124 19.62 30.23 -38.87
N ALA C 125 19.57 31.35 -38.15
CA ALA C 125 18.44 31.66 -37.28
C ALA C 125 17.86 33.01 -37.66
N ALA C 126 16.52 33.07 -37.66
CA ALA C 126 15.83 34.33 -37.89
C ALA C 126 15.86 35.23 -36.66
N GLY C 127 16.10 34.68 -35.48
CA GLY C 127 16.28 35.51 -34.32
C GLY C 127 16.69 34.69 -33.12
N ARG C 128 16.63 35.30 -31.95
CA ARG C 128 16.86 34.62 -30.69
C ARG C 128 15.73 34.93 -29.73
N SER C 129 15.23 33.90 -29.04
CA SER C 129 14.13 34.04 -28.11
C SER C 129 14.49 33.38 -26.79
N ARG C 130 14.01 33.99 -25.71
CA ARG C 130 14.33 33.52 -24.37
C ARG C 130 13.66 32.19 -24.08
N ALA C 131 14.27 31.41 -23.19
CA ALA C 131 13.75 30.09 -22.88
C ALA C 131 12.46 30.18 -22.09
N GLN C 132 12.47 30.90 -20.98
CA GLN C 132 11.30 31.08 -20.13
C GLN C 132 10.65 32.39 -20.52
N VAL C 133 9.66 32.31 -21.40
CA VAL C 133 8.96 33.47 -21.93
C VAL C 133 7.47 33.25 -21.70
N LYS C 134 6.80 34.31 -21.27
CA LYS C 134 5.44 34.16 -20.77
C LYS C 134 4.51 33.58 -21.82
N ALA C 135 3.71 32.61 -21.40
CA ALA C 135 2.68 32.05 -22.25
C ALA C 135 1.65 33.09 -22.64
N PRO C 136 1.00 32.93 -23.78
CA PRO C 136 -0.05 33.87 -24.17
C PRO C 136 -1.27 33.74 -23.26
N GLY C 137 -1.97 34.86 -23.09
CA GLY C 137 -3.08 34.92 -22.17
C GLY C 137 -4.41 34.55 -22.79
N ILE C 138 -5.47 35.01 -22.13
CA ILE C 138 -6.83 34.69 -22.56
C ILE C 138 -7.14 35.37 -23.89
N LEU C 139 -7.03 36.69 -23.93
CA LEU C 139 -7.51 37.47 -25.07
C LEU C 139 -6.97 37.01 -26.41
N PRO C 140 -5.66 36.81 -26.60
CA PRO C 140 -5.14 36.59 -27.95
C PRO C 140 -5.47 35.22 -28.52
N ARG C 141 -5.79 34.26 -27.69
CA ARG C 141 -6.07 32.91 -28.15
C ARG C 141 -7.32 32.87 -29.01
N ARG C 142 -7.47 31.75 -29.72
CA ARG C 142 -8.72 31.34 -30.31
C ARG C 142 -8.91 29.85 -30.05
N SER C 143 -10.17 29.44 -29.97
CA SER C 143 -10.48 28.11 -29.50
C SER C 143 -9.97 27.04 -30.47
N VAL C 144 -9.51 25.93 -29.89
CA VAL C 144 -9.04 24.80 -30.69
C VAL C 144 -10.20 24.28 -31.52
N HIS C 145 -10.06 24.33 -32.84
CA HIS C 145 -11.09 23.82 -33.73
C HIS C 145 -10.55 23.01 -34.90
N GLU C 146 -9.24 22.83 -35.04
CA GLU C 146 -8.70 22.14 -36.20
C GLU C 146 -7.76 21.02 -35.79
N PRO C 147 -7.68 19.96 -36.60
CA PRO C 147 -7.15 18.69 -36.10
C PRO C 147 -5.66 18.52 -36.28
N VAL C 148 -5.04 17.84 -35.31
CA VAL C 148 -3.72 17.25 -35.47
C VAL C 148 -3.90 15.81 -35.90
N GLN C 149 -3.96 15.58 -37.20
CA GLN C 149 -4.24 14.25 -37.73
C GLN C 149 -3.05 13.33 -37.46
N THR C 150 -3.23 12.40 -36.53
CA THR C 150 -2.18 11.47 -36.15
C THR C 150 -2.12 10.26 -37.06
N GLY C 151 -3.22 9.93 -37.71
CA GLY C 151 -3.31 8.72 -38.49
C GLY C 151 -3.49 7.47 -37.68
N LEU C 152 -3.43 7.57 -36.37
CA LEU C 152 -3.70 6.44 -35.48
C LEU C 152 -5.19 6.39 -35.20
N LYS C 153 -5.84 5.32 -35.65
CA LYS C 153 -7.28 5.19 -35.50
C LYS C 153 -7.72 5.44 -34.08
N ALA C 154 -6.99 4.88 -33.11
CA ALA C 154 -7.41 4.93 -31.72
C ALA C 154 -7.37 6.33 -31.14
N VAL C 155 -6.79 7.29 -31.86
CA VAL C 155 -6.64 8.63 -31.34
C VAL C 155 -7.60 9.56 -32.07
N ASP C 156 -7.43 9.67 -33.38
CA ASP C 156 -8.29 10.53 -34.18
C ASP C 156 -9.76 10.22 -33.92
N ALA C 157 -10.09 8.97 -33.60
CA ALA C 157 -11.47 8.53 -33.53
C ALA C 157 -12.06 8.54 -32.12
N LEU C 158 -11.22 8.55 -31.09
CA LEU C 158 -11.72 8.46 -29.72
C LEU C 158 -11.12 9.48 -28.76
N VAL C 159 -9.92 9.99 -29.01
CA VAL C 159 -9.30 11.01 -28.17
C VAL C 159 -8.56 11.99 -29.08
N PRO C 160 -9.28 12.80 -29.83
CA PRO C 160 -8.64 13.64 -30.85
C PRO C 160 -7.78 14.75 -30.27
N ILE C 161 -6.85 15.20 -31.09
CA ILE C 161 -5.89 16.24 -30.73
C ILE C 161 -6.02 17.38 -31.73
N GLY C 162 -6.29 18.56 -31.23
CA GLY C 162 -6.40 19.74 -32.05
C GLY C 162 -5.17 20.62 -31.95
N ARG C 163 -5.02 21.49 -32.93
CA ARG C 163 -3.89 22.40 -32.99
C ARG C 163 -4.05 23.45 -31.91
N GLY C 164 -3.24 23.33 -30.86
CA GLY C 164 -3.38 24.12 -29.65
C GLY C 164 -3.68 23.30 -28.42
N GLN C 165 -4.03 22.04 -28.58
CA GLN C 165 -4.35 21.17 -27.47
C GLN C 165 -3.05 20.76 -26.76
N ARG C 166 -3.23 20.16 -25.58
CA ARG C 166 -2.14 19.60 -24.80
C ARG C 166 -2.58 18.21 -24.36
N GLU C 167 -1.90 17.18 -24.85
CA GLU C 167 -2.33 15.79 -24.67
C GLU C 167 -1.21 14.98 -24.05
N LEU C 168 -1.47 14.44 -22.86
CA LEU C 168 -0.49 13.66 -22.13
C LEU C 168 -0.45 12.23 -22.65
N ILE C 169 0.72 11.80 -23.11
CA ILE C 169 0.95 10.41 -23.51
C ILE C 169 1.60 9.74 -22.31
N ILE C 170 0.79 9.10 -21.48
CA ILE C 170 1.19 8.57 -20.19
C ILE C 170 1.12 7.05 -20.25
N GLY C 171 2.17 6.40 -19.76
CA GLY C 171 2.22 4.96 -19.79
C GLY C 171 3.51 4.44 -19.21
N ASP C 172 3.49 3.15 -18.90
CA ASP C 172 4.61 2.50 -18.26
C ASP C 172 5.77 2.36 -19.24
N ARG C 173 6.91 1.94 -18.72
CA ARG C 173 8.09 1.70 -19.53
C ARG C 173 7.74 0.87 -20.76
N GLN C 174 8.20 1.34 -21.92
CA GLN C 174 8.14 0.58 -23.17
C GLN C 174 6.72 0.24 -23.59
N THR C 175 5.75 1.07 -23.20
CA THR C 175 4.36 0.82 -23.53
C THR C 175 3.88 1.50 -24.81
N GLY C 176 4.75 2.21 -25.53
CA GLY C 176 4.39 2.74 -26.83
C GLY C 176 4.21 4.23 -26.95
N LYS C 177 4.70 5.01 -25.98
CA LYS C 177 4.46 6.45 -25.97
C LYS C 177 5.16 7.13 -27.14
N THR C 178 6.46 6.93 -27.23
CA THR C 178 7.23 7.50 -28.32
C THR C 178 6.67 7.07 -29.66
N ALA C 179 6.10 5.87 -29.72
CA ALA C 179 5.56 5.38 -30.97
C ALA C 179 4.35 6.18 -31.40
N VAL C 180 3.51 6.58 -30.44
CA VAL C 180 2.37 7.40 -30.77
C VAL C 180 2.83 8.77 -31.25
N ALA C 181 3.73 9.39 -30.48
CA ALA C 181 4.20 10.71 -30.87
C ALA C 181 4.86 10.68 -32.24
N LEU C 182 5.57 9.60 -32.55
CA LEU C 182 6.35 9.54 -33.77
C LEU C 182 5.48 9.16 -34.96
N ASP C 183 4.46 8.32 -34.76
CA ASP C 183 3.49 8.11 -35.82
C ASP C 183 2.78 9.42 -36.16
N THR C 184 2.46 10.20 -35.14
CA THR C 184 1.90 11.53 -35.37
C THR C 184 2.87 12.38 -36.19
N ILE C 185 4.14 12.40 -35.81
CA ILE C 185 5.11 13.21 -36.53
C ILE C 185 5.22 12.76 -37.98
N LEU C 186 5.22 11.44 -38.20
CA LEU C 186 5.43 10.92 -39.54
C LEU C 186 4.25 11.19 -40.46
N ASN C 187 3.03 11.15 -39.91
CA ASN C 187 1.86 11.26 -40.76
C ASN C 187 1.82 12.58 -41.51
N GLN C 188 2.42 13.63 -40.95
CA GLN C 188 2.15 14.97 -41.45
C GLN C 188 2.67 15.19 -42.85
N LYS C 189 3.55 14.33 -43.35
CA LYS C 189 4.13 14.54 -44.67
C LYS C 189 3.09 14.41 -45.77
N ARG C 190 1.85 14.04 -45.44
CA ARG C 190 0.76 14.12 -46.40
C ARG C 190 0.41 15.56 -46.70
N TRP C 191 0.54 16.44 -45.70
CA TRP C 191 0.14 17.83 -45.77
C TRP C 191 1.31 18.79 -45.90
N ASN C 192 2.44 18.44 -45.28
CA ASN C 192 3.60 19.31 -45.22
C ASN C 192 4.38 19.39 -46.51
N ASN C 193 4.08 18.53 -47.48
CA ASN C 193 4.70 18.59 -48.79
C ASN C 193 4.00 19.56 -49.74
N GLY C 194 2.78 19.96 -49.41
CA GLY C 194 1.94 20.72 -50.33
C GLY C 194 2.29 22.19 -50.41
N SER C 195 1.25 23.02 -50.50
CA SER C 195 1.41 24.43 -50.79
C SER C 195 0.91 25.37 -49.70
N ASP C 196 -0.01 24.92 -48.86
CA ASP C 196 -0.68 25.80 -47.89
C ASP C 196 0.00 25.65 -46.54
N GLU C 197 0.61 26.74 -46.08
CA GLU C 197 1.24 26.74 -44.77
C GLU C 197 0.24 26.52 -43.65
N SER C 198 -1.06 26.50 -43.94
CA SER C 198 -2.06 26.32 -42.90
C SER C 198 -2.20 24.87 -42.48
N LYS C 199 -2.09 23.95 -43.45
CA LYS C 199 -2.20 22.53 -43.14
C LYS C 199 -0.92 21.97 -42.54
N LYS C 200 0.22 22.59 -42.81
CA LYS C 200 1.52 22.04 -42.43
C LYS C 200 1.70 22.12 -40.92
N LEU C 201 2.04 20.99 -40.31
CA LEU C 201 2.32 20.90 -38.88
C LEU C 201 3.78 20.55 -38.71
N TYR C 202 4.60 21.56 -38.48
CA TYR C 202 6.01 21.35 -38.18
C TYR C 202 6.16 20.83 -36.76
N CYS C 203 7.15 19.98 -36.56
CA CYS C 203 7.26 19.23 -35.32
C CYS C 203 8.58 19.51 -34.63
N VAL C 204 8.52 19.57 -33.30
CA VAL C 204 9.71 19.64 -32.45
C VAL C 204 9.65 18.46 -31.49
N TYR C 205 10.74 17.71 -31.40
CA TYR C 205 10.84 16.56 -30.52
C TYR C 205 11.94 16.82 -29.52
N VAL C 206 11.58 16.92 -28.24
CA VAL C 206 12.51 17.15 -27.16
C VAL C 206 12.80 15.81 -26.50
N ALA C 207 14.05 15.41 -26.53
CA ALA C 207 14.48 14.14 -25.96
C ALA C 207 15.23 14.45 -24.67
N VAL C 208 14.57 14.20 -23.55
CA VAL C 208 15.11 14.53 -22.23
C VAL C 208 15.42 13.23 -21.52
N GLY C 209 16.68 13.07 -21.11
CA GLY C 209 17.11 11.90 -20.40
C GLY C 209 17.23 10.64 -21.23
N GLN C 210 16.98 10.75 -22.54
CA GLN C 210 17.20 9.62 -23.43
C GLN C 210 18.68 9.48 -23.73
N LYS C 211 19.06 8.30 -24.22
CA LYS C 211 20.43 8.08 -24.63
C LYS C 211 20.61 8.50 -26.09
N ARG C 212 21.80 9.02 -26.38
CA ARG C 212 22.05 9.63 -27.68
C ARG C 212 21.83 8.63 -28.81
N SER C 213 22.07 7.35 -28.55
CA SER C 213 21.84 6.34 -29.59
C SER C 213 20.37 6.22 -29.93
N THR C 214 19.49 6.43 -28.95
CA THR C 214 18.06 6.41 -29.22
C THR C 214 17.66 7.59 -30.10
N VAL C 215 18.25 8.76 -29.85
CA VAL C 215 18.00 9.90 -30.71
C VAL C 215 18.55 9.65 -32.10
N ALA C 216 19.65 8.92 -32.21
CA ALA C 216 20.18 8.60 -33.52
C ALA C 216 19.23 7.67 -34.27
N GLN C 217 18.70 6.67 -33.57
CA GLN C 217 17.68 5.81 -34.17
C GLN C 217 16.46 6.61 -34.57
N LEU C 218 16.10 7.62 -33.77
CA LEU C 218 14.93 8.43 -34.08
C LEU C 218 15.15 9.26 -35.33
N VAL C 219 16.33 9.87 -35.47
CA VAL C 219 16.60 10.67 -36.64
C VAL C 219 16.75 9.78 -37.86
N GLN C 220 17.22 8.55 -37.67
CA GLN C 220 17.26 7.62 -38.79
C GLN C 220 15.85 7.22 -39.22
N THR C 221 14.94 7.08 -38.26
CA THR C 221 13.55 6.81 -38.59
C THR C 221 12.95 7.98 -39.36
N LEU C 222 13.17 9.20 -38.86
CA LEU C 222 12.62 10.37 -39.51
C LEU C 222 13.24 10.59 -40.90
N GLU C 223 14.47 10.15 -41.10
CA GLU C 223 15.11 10.28 -42.40
C GLU C 223 14.59 9.24 -43.37
N GLN C 224 14.40 8.00 -42.91
CA GLN C 224 13.81 6.99 -43.77
C GLN C 224 12.50 7.46 -44.36
N HIS C 225 11.66 8.09 -43.53
CA HIS C 225 10.36 8.59 -43.93
C HIS C 225 10.40 10.03 -44.38
N ASP C 226 11.59 10.62 -44.52
CA ASP C 226 11.78 11.97 -45.05
C ASP C 226 11.22 13.04 -44.13
N ALA C 227 10.80 12.67 -42.93
CA ALA C 227 10.10 13.59 -42.04
C ALA C 227 11.03 14.59 -41.36
N MET C 228 12.34 14.50 -41.57
CA MET C 228 13.24 15.42 -40.89
C MET C 228 13.15 16.83 -41.44
N LYS C 229 12.87 16.97 -42.73
CA LYS C 229 12.85 18.29 -43.33
C LYS C 229 11.84 19.22 -42.68
N TYR C 230 10.90 18.68 -41.93
CA TYR C 230 9.93 19.47 -41.20
C TYR C 230 9.90 19.14 -39.72
N SER C 231 10.94 18.47 -39.22
CA SER C 231 11.06 18.16 -37.80
C SER C 231 12.36 18.74 -37.26
N ILE C 232 12.28 19.28 -36.05
CA ILE C 232 13.44 19.75 -35.30
C ILE C 232 13.56 18.88 -34.07
N ILE C 233 14.76 18.39 -33.81
CA ILE C 233 15.02 17.47 -32.70
C ILE C 233 15.95 18.16 -31.73
N VAL C 234 15.47 18.37 -30.51
CA VAL C 234 16.23 19.05 -29.46
C VAL C 234 16.59 18.00 -28.43
N ALA C 235 17.88 17.81 -28.22
CA ALA C 235 18.38 16.70 -27.42
C ALA C 235 19.13 17.22 -26.20
N ALA C 236 18.59 16.97 -25.03
CA ALA C 236 19.32 17.03 -23.76
C ALA C 236 19.33 15.61 -23.22
N THR C 237 20.33 14.84 -23.64
CA THR C 237 20.38 13.43 -23.32
C THR C 237 20.86 13.23 -21.89
N ALA C 238 20.81 11.96 -21.47
CA ALA C 238 21.05 11.64 -20.07
C ALA C 238 22.40 12.15 -19.60
N SER C 239 23.41 12.14 -20.47
CA SER C 239 24.73 12.59 -20.07
C SER C 239 24.82 14.09 -19.97
N GLU C 240 23.94 14.83 -20.64
CA GLU C 240 23.97 16.28 -20.56
C GLU C 240 23.66 16.71 -19.13
N ALA C 241 24.41 17.69 -18.65
CA ALA C 241 24.27 18.13 -17.28
C ALA C 241 22.82 18.42 -16.96
N ALA C 242 22.46 18.28 -15.70
CA ALA C 242 21.08 18.35 -15.26
C ALA C 242 20.44 19.68 -15.65
N PRO C 243 21.15 20.79 -15.52
CA PRO C 243 20.55 22.07 -15.94
C PRO C 243 20.05 22.06 -17.37
N LEU C 244 20.77 21.41 -18.28
CA LEU C 244 20.34 21.38 -19.66
C LEU C 244 19.14 20.47 -19.87
N GLN C 245 18.99 19.42 -19.07
CA GLN C 245 17.78 18.62 -19.14
C GLN C 245 16.59 19.39 -18.60
N TYR C 246 16.81 20.21 -17.56
CA TYR C 246 15.74 21.03 -17.01
C TYR C 246 15.33 22.14 -17.96
N LEU C 247 16.29 22.66 -18.72
CA LEU C 247 16.04 23.80 -19.59
C LEU C 247 15.60 23.41 -20.99
N ALA C 248 15.96 22.21 -21.45
CA ALA C 248 15.73 21.87 -22.85
C ALA C 248 14.28 22.00 -23.26
N PRO C 249 13.30 21.49 -22.51
CA PRO C 249 11.91 21.68 -22.92
C PRO C 249 11.53 23.14 -23.09
N PHE C 250 12.05 24.03 -22.25
CA PHE C 250 11.72 25.44 -22.39
C PHE C 250 12.27 26.02 -23.68
N THR C 251 13.49 25.63 -24.06
CA THR C 251 14.06 26.16 -25.29
C THR C 251 13.41 25.55 -26.52
N ALA C 252 12.97 24.30 -26.43
CA ALA C 252 12.21 23.73 -27.53
C ALA C 252 10.85 24.39 -27.66
N ALA C 253 10.24 24.75 -26.53
CA ALA C 253 9.00 25.51 -26.58
C ALA C 253 9.24 26.87 -27.19
N SER C 254 10.40 27.47 -26.94
CA SER C 254 10.70 28.76 -27.56
C SER C 254 10.94 28.61 -29.05
N ILE C 255 11.48 27.46 -29.47
CA ILE C 255 11.62 27.19 -30.89
C ILE C 255 10.26 27.08 -31.55
N GLY C 256 9.40 26.20 -31.03
CA GLY C 256 8.07 26.06 -31.60
C GLY C 256 7.26 27.34 -31.52
N GLU C 257 7.53 28.16 -30.51
CA GLU C 257 6.81 29.41 -30.35
C GLU C 257 7.04 30.36 -31.51
N TRP C 258 8.15 30.20 -32.23
CA TRP C 258 8.37 31.03 -33.42
C TRP C 258 7.37 30.68 -34.51
N PHE C 259 7.22 29.39 -34.78
CA PHE C 259 6.21 28.95 -35.74
C PHE C 259 4.82 29.40 -35.27
N ARG C 260 4.54 29.23 -33.98
CA ARG C 260 3.27 29.68 -33.43
C ARG C 260 3.04 31.16 -33.72
N ASP C 261 4.04 31.98 -33.44
CA ASP C 261 3.89 33.43 -33.49
C ASP C 261 3.91 33.98 -34.90
N ASN C 262 4.42 33.23 -35.87
CA ASN C 262 4.57 33.72 -37.23
C ASN C 262 3.54 33.14 -38.18
N GLY C 263 2.44 32.62 -37.65
CA GLY C 263 1.33 32.20 -38.47
C GLY C 263 1.42 30.78 -38.98
N LYS C 264 2.29 29.98 -38.39
CA LYS C 264 2.40 28.58 -38.74
C LYS C 264 1.98 27.72 -37.55
N HIS C 265 1.92 26.43 -37.79
CA HIS C 265 1.44 25.48 -36.80
C HIS C 265 2.58 24.54 -36.46
N ALA C 266 2.65 24.17 -35.20
CA ALA C 266 3.76 23.38 -34.70
C ALA C 266 3.23 22.30 -33.78
N LEU C 267 4.06 21.29 -33.58
CA LEU C 267 3.79 20.19 -32.66
C LEU C 267 5.07 19.89 -31.89
N ILE C 268 5.01 19.97 -30.57
CA ILE C 268 6.17 19.76 -29.71
C ILE C 268 5.92 18.53 -28.86
N VAL C 269 6.86 17.59 -28.91
CA VAL C 269 6.78 16.34 -28.16
C VAL C 269 7.86 16.37 -27.09
N TYR C 270 7.44 16.34 -25.83
CA TYR C 270 8.34 16.27 -24.70
C TYR C 270 8.44 14.80 -24.27
N ASP C 271 9.62 14.22 -24.48
CA ASP C 271 9.89 12.80 -24.21
C ASP C 271 11.15 12.71 -23.35
N ASP C 272 11.00 12.78 -22.03
CA ASP C 272 9.71 12.92 -21.36
C ASP C 272 9.84 13.78 -20.13
N LEU C 273 8.71 14.30 -19.66
CA LEU C 273 8.69 15.29 -18.61
C LEU C 273 9.00 14.70 -17.24
N SER C 274 8.89 13.39 -17.07
CA SER C 274 9.29 12.77 -15.81
C SER C 274 10.78 12.97 -15.59
N LYS C 275 11.56 12.88 -16.66
CA LYS C 275 13.00 13.04 -16.54
C LYS C 275 13.39 14.50 -16.39
N GLN C 276 12.62 15.42 -16.97
CA GLN C 276 12.81 16.83 -16.65
C GLN C 276 12.54 17.08 -15.17
N ALA C 277 11.51 16.44 -14.63
CA ALA C 277 11.21 16.60 -13.22
C ALA C 277 12.34 16.04 -12.37
N VAL C 278 12.94 14.93 -12.80
CA VAL C 278 14.05 14.37 -12.05
C VAL C 278 15.26 15.30 -12.13
N ALA C 279 15.48 15.91 -13.28
CA ALA C 279 16.61 16.83 -13.42
C ALA C 279 16.40 18.04 -12.52
N TYR C 280 15.17 18.56 -12.48
CA TYR C 280 14.88 19.69 -11.63
C TYR C 280 14.97 19.31 -10.16
N ARG C 281 14.66 18.05 -9.85
CA ARG C 281 14.81 17.57 -8.48
C ARG C 281 16.27 17.55 -8.07
N GLN C 282 17.13 17.04 -8.95
CA GLN C 282 18.56 17.08 -8.69
C GLN C 282 19.02 18.51 -8.46
N LEU C 283 18.66 19.40 -9.38
CA LEU C 283 19.00 20.81 -9.24
C LEU C 283 18.56 21.36 -7.89
N SER C 284 17.31 21.10 -7.51
CA SER C 284 16.75 21.72 -6.31
C SER C 284 17.40 21.16 -5.05
N LEU C 285 17.52 19.84 -4.98
CA LEU C 285 18.07 19.23 -3.77
C LEU C 285 19.54 19.59 -3.60
N LEU C 286 20.26 19.73 -4.71
CA LEU C 286 21.65 20.15 -4.61
C LEU C 286 21.78 21.64 -4.34
N LEU C 287 20.73 22.42 -4.63
CA LEU C 287 20.63 23.79 -4.16
C LEU C 287 20.15 23.89 -2.72
N ARG C 288 19.97 22.75 -2.05
CA ARG C 288 19.52 22.67 -0.67
C ARG C 288 18.11 23.23 -0.49
N ARG C 289 17.33 23.31 -1.56
CA ARG C 289 15.93 23.62 -1.43
C ARG C 289 15.17 22.46 -0.81
N PRO C 290 14.05 22.73 -0.13
CA PRO C 290 13.35 21.67 0.59
C PRO C 290 12.56 20.79 -0.35
N PRO C 291 12.53 19.49 -0.10
CA PRO C 291 11.70 18.60 -0.93
C PRO C 291 10.26 18.58 -0.49
N GLY C 292 9.39 18.24 -1.44
CA GLY C 292 8.00 17.97 -1.18
C GLY C 292 7.67 16.50 -1.39
N ARG C 293 6.57 16.26 -2.08
CA ARG C 293 6.17 14.90 -2.39
C ARG C 293 7.18 14.25 -3.32
N GLU C 294 7.41 12.96 -3.10
CA GLU C 294 8.33 12.17 -3.93
C GLU C 294 9.67 12.86 -4.08
N ALA C 295 10.03 13.68 -3.09
CA ALA C 295 11.32 14.36 -3.06
C ALA C 295 11.45 15.39 -4.17
N TYR C 296 10.40 15.56 -4.95
CA TYR C 296 10.40 16.61 -5.96
C TYR C 296 10.23 17.96 -5.28
N PRO C 297 10.75 19.03 -5.87
CA PRO C 297 10.66 20.34 -5.24
C PRO C 297 9.22 20.85 -5.22
N GLY C 298 9.01 21.87 -4.41
CA GLY C 298 7.69 22.38 -4.16
C GLY C 298 7.08 23.18 -5.29
N ASP C 299 7.80 23.37 -6.39
CA ASP C 299 7.33 24.20 -7.50
C ASP C 299 7.51 23.50 -8.84
N VAL C 300 7.44 22.18 -8.85
CA VAL C 300 7.52 21.45 -10.11
C VAL C 300 6.24 21.63 -10.93
N PHE C 301 5.10 21.85 -10.27
CA PHE C 301 3.88 22.14 -10.99
C PHE C 301 4.02 23.45 -11.74
N TYR C 302 4.56 24.47 -11.08
CA TYR C 302 4.81 25.74 -11.74
C TYR C 302 5.73 25.57 -12.95
N LEU C 303 6.72 24.68 -12.82
CA LEU C 303 7.60 24.36 -13.93
C LEU C 303 6.81 23.80 -15.10
N HIS C 304 6.10 22.70 -14.89
CA HIS C 304 5.43 22.05 -16.01
C HIS C 304 4.29 22.89 -16.55
N SER C 305 3.70 23.73 -15.72
CA SER C 305 2.60 24.59 -16.18
C SER C 305 3.11 25.70 -17.06
N ARG C 306 4.12 26.43 -16.60
CA ARG C 306 4.68 27.49 -17.43
C ARG C 306 5.44 26.94 -18.61
N LEU C 307 5.69 25.63 -18.64
CA LEU C 307 6.15 24.99 -19.87
C LEU C 307 4.99 24.71 -20.82
N LEU C 308 3.99 23.98 -20.36
CA LEU C 308 2.96 23.48 -21.24
C LEU C 308 2.05 24.59 -21.74
N GLU C 309 1.63 25.50 -20.85
CA GLU C 309 0.66 26.52 -21.21
C GLU C 309 1.12 27.38 -22.38
N ARG C 310 2.38 27.28 -22.78
CA ARG C 310 2.84 28.03 -23.94
C ARG C 310 2.30 27.44 -25.24
N ALA C 311 1.95 26.16 -25.22
CA ALA C 311 1.15 25.59 -26.29
C ALA C 311 -0.21 26.27 -26.33
N ALA C 312 -0.50 26.92 -27.44
CA ALA C 312 -1.77 27.62 -27.57
C ALA C 312 -2.11 27.76 -29.04
N LYS C 313 -3.35 28.15 -29.30
CA LYS C 313 -3.78 28.60 -30.61
C LYS C 313 -4.12 30.08 -30.53
N LEU C 314 -3.56 30.86 -31.45
CA LEU C 314 -3.73 32.30 -31.46
C LEU C 314 -4.85 32.72 -32.40
N SER C 315 -5.28 33.96 -32.25
CA SER C 315 -6.35 34.53 -33.04
C SER C 315 -5.81 35.39 -34.18
N GLU C 316 -6.71 35.79 -35.06
CA GLU C 316 -6.36 36.52 -36.27
C GLU C 316 -5.71 37.86 -35.97
N LYS C 317 -5.83 38.38 -34.75
CA LYS C 317 -5.08 39.57 -34.38
C LYS C 317 -3.61 39.27 -34.19
N GLU C 318 -3.24 37.99 -34.05
CA GLU C 318 -1.89 37.61 -33.68
C GLU C 318 -1.28 36.56 -34.59
N GLY C 319 -1.94 36.22 -35.70
CA GLY C 319 -1.33 35.40 -36.73
C GLY C 319 -1.92 34.02 -36.96
N SER C 320 -2.98 33.65 -36.25
CA SER C 320 -3.70 32.39 -36.47
C SER C 320 -2.85 31.16 -36.20
N GLY C 321 -1.69 31.30 -35.57
CA GLY C 321 -0.81 30.18 -35.33
C GLY C 321 -1.28 29.24 -34.24
N SER C 322 -0.46 28.22 -33.99
CA SER C 322 -0.72 27.24 -32.95
C SER C 322 0.57 26.54 -32.57
N LEU C 323 0.54 25.90 -31.40
CA LEU C 323 1.60 24.99 -30.96
C LEU C 323 0.97 23.93 -30.08
N THR C 324 1.12 22.68 -30.47
CA THR C 324 0.48 21.56 -29.79
C THR C 324 1.51 20.73 -29.05
N ALA C 325 1.21 20.43 -27.80
CA ALA C 325 2.13 19.74 -26.92
C ALA C 325 1.66 18.32 -26.69
N LEU C 326 2.57 17.36 -26.85
CA LEU C 326 2.31 15.95 -26.59
C LEU C 326 3.29 15.47 -25.53
N PRO C 327 3.11 15.90 -24.28
CA PRO C 327 4.05 15.52 -23.22
C PRO C 327 3.92 14.05 -22.87
N VAL C 328 5.06 13.40 -22.70
CA VAL C 328 5.14 12.03 -22.25
C VAL C 328 5.43 11.99 -20.76
N ILE C 329 4.85 11.03 -20.07
CA ILE C 329 5.12 10.77 -18.67
C ILE C 329 5.30 9.26 -18.48
N GLU C 330 6.27 8.89 -17.66
CA GLU C 330 6.62 7.48 -17.42
C GLU C 330 6.04 7.06 -16.08
N THR C 331 4.82 6.53 -16.11
CA THR C 331 4.19 6.07 -14.89
C THR C 331 4.81 4.75 -14.43
N GLN C 332 5.28 4.73 -13.20
CA GLN C 332 5.75 3.48 -12.60
C GLN C 332 4.56 2.66 -12.15
N GLY C 333 4.46 1.45 -12.68
CA GLY C 333 3.39 0.55 -12.30
C GLY C 333 2.01 1.05 -12.64
N GLY C 334 1.89 2.00 -13.56
CA GLY C 334 0.60 2.55 -13.90
C GLY C 334 0.00 3.45 -12.84
N ASP C 335 0.80 3.89 -11.87
CA ASP C 335 0.28 4.69 -10.75
C ASP C 335 0.13 6.12 -11.21
N VAL C 336 -1.10 6.50 -11.56
CA VAL C 336 -1.44 7.88 -11.89
C VAL C 336 -1.46 8.72 -10.63
N SER C 337 -1.23 8.10 -9.47
CA SER C 337 -1.30 8.78 -8.20
C SER C 337 0.04 9.39 -7.79
N ALA C 338 1.10 9.13 -8.54
CA ALA C 338 2.37 9.75 -8.25
C ALA C 338 2.27 11.26 -8.47
N TYR C 339 3.30 11.97 -8.03
CA TYR C 339 3.21 13.43 -7.95
C TYR C 339 3.23 14.06 -9.34
N ILE C 340 4.26 13.77 -10.12
CA ILE C 340 4.44 14.39 -11.42
C ILE C 340 3.31 13.94 -12.34
N PRO C 341 2.91 12.67 -12.31
CA PRO C 341 1.69 12.29 -13.04
C PRO C 341 0.46 13.05 -12.58
N THR C 342 0.26 13.16 -11.27
CA THR C 342 -0.93 13.86 -10.78
C THR C 342 -0.95 15.30 -11.27
N ASN C 343 0.22 15.94 -11.35
CA ASN C 343 0.29 17.31 -11.82
C ASN C 343 0.01 17.40 -13.31
N VAL C 344 0.74 16.63 -14.11
CA VAL C 344 0.61 16.76 -15.56
C VAL C 344 -0.78 16.35 -16.02
N ILE C 345 -1.36 15.33 -15.40
CA ILE C 345 -2.70 14.92 -15.77
C ILE C 345 -3.68 16.07 -15.59
N SER C 346 -3.39 16.97 -14.66
CA SER C 346 -4.25 18.11 -14.39
C SER C 346 -3.91 19.32 -15.24
N ILE C 347 -2.65 19.42 -15.68
CA ILE C 347 -2.26 20.55 -16.52
C ILE C 347 -2.78 20.36 -17.93
N THR C 348 -2.76 19.14 -18.43
CA THR C 348 -3.04 18.86 -19.83
C THR C 348 -4.53 18.79 -20.09
N ASP C 349 -4.89 18.98 -21.36
CA ASP C 349 -6.27 18.96 -21.80
C ASP C 349 -6.80 17.55 -21.99
N GLY C 350 -5.94 16.54 -21.92
CA GLY C 350 -6.36 15.17 -22.09
C GLY C 350 -5.19 14.23 -21.93
N GLN C 351 -5.47 12.94 -22.04
CA GLN C 351 -4.43 11.94 -21.89
C GLN C 351 -4.70 10.73 -22.78
N ILE C 352 -3.65 10.27 -23.45
CA ILE C 352 -3.63 8.99 -24.14
C ILE C 352 -2.93 8.01 -23.21
N PHE C 353 -3.69 7.10 -22.62
CA PHE C 353 -3.20 6.21 -21.58
C PHE C 353 -2.81 4.87 -22.21
N LEU C 354 -1.52 4.60 -22.24
CA LEU C 354 -0.99 3.38 -22.80
C LEU C 354 -0.79 2.35 -21.70
N GLU C 355 -1.27 1.14 -21.92
CA GLU C 355 -1.28 0.08 -20.92
C GLU C 355 -0.57 -1.16 -21.48
N ALA C 356 0.17 -1.84 -20.62
CA ALA C 356 0.93 -3.01 -21.05
C ALA C 356 0.01 -4.20 -21.27
N GLU C 357 -1.00 -4.37 -20.42
CA GLU C 357 -1.91 -5.50 -20.58
C GLU C 357 -2.61 -5.46 -21.91
N LEU C 358 -2.86 -4.26 -22.44
CA LEU C 358 -3.43 -4.15 -23.77
C LEU C 358 -2.36 -4.40 -24.83
N PHE C 359 -1.15 -3.95 -24.58
CA PHE C 359 -0.08 -4.12 -25.55
C PHE C 359 0.16 -5.60 -25.82
N TYR C 360 0.25 -6.40 -24.77
CA TYR C 360 0.59 -7.80 -24.97
C TYR C 360 -0.53 -8.60 -25.61
N LYS C 361 -1.77 -8.10 -25.54
CA LYS C 361 -2.88 -8.71 -26.24
C LYS C 361 -2.92 -8.34 -27.72
N GLY C 362 -1.92 -7.64 -28.22
CA GLY C 362 -1.92 -7.23 -29.60
C GLY C 362 -2.74 -6.00 -29.89
N ILE C 363 -3.32 -5.38 -28.88
CA ILE C 363 -4.02 -4.11 -29.05
C ILE C 363 -2.95 -3.04 -29.08
N ARG C 364 -2.51 -2.66 -30.28
CA ARG C 364 -1.37 -1.78 -30.45
C ARG C 364 -1.70 -0.72 -31.48
N PRO C 365 -1.62 0.58 -31.15
CA PRO C 365 -1.20 1.15 -29.87
C PRO C 365 -2.08 0.76 -28.71
N ALA C 366 -1.46 0.59 -27.55
CA ALA C 366 -2.12 0.05 -26.37
C ALA C 366 -2.91 1.11 -25.61
N ILE C 367 -3.79 1.80 -26.32
CA ILE C 367 -4.52 2.93 -25.76
C ILE C 367 -5.71 2.41 -24.96
N ASN C 368 -5.70 2.66 -23.66
CA ASN C 368 -6.86 2.34 -22.83
C ASN C 368 -7.93 3.38 -23.10
N VAL C 369 -8.78 3.11 -24.09
CA VAL C 369 -9.78 4.07 -24.52
C VAL C 369 -10.59 4.59 -23.34
N GLY C 370 -10.78 3.76 -22.32
CA GLY C 370 -11.56 4.19 -21.17
C GLY C 370 -10.83 5.25 -20.36
N LEU C 371 -9.60 4.97 -19.98
CA LEU C 371 -8.85 5.92 -19.19
C LEU C 371 -8.45 7.14 -20.01
N SER C 372 -8.38 6.99 -21.33
CA SER C 372 -8.03 8.10 -22.20
C SER C 372 -9.24 9.01 -22.42
N VAL C 373 -8.99 10.31 -22.43
CA VAL C 373 -10.04 11.30 -22.52
C VAL C 373 -9.46 12.58 -23.12
N SER C 374 -10.29 13.29 -23.88
CA SER C 374 -9.91 14.56 -24.47
C SER C 374 -11.00 15.58 -24.18
N ARG C 375 -10.58 16.73 -23.65
CA ARG C 375 -11.53 17.75 -23.25
C ARG C 375 -11.95 18.62 -24.44
N VAL C 376 -11.08 18.76 -25.43
CA VAL C 376 -11.48 19.43 -26.66
C VAL C 376 -12.46 18.55 -27.43
N GLY C 377 -12.18 17.26 -27.49
CA GLY C 377 -13.14 16.32 -28.02
C GLY C 377 -13.52 16.60 -29.46
N SER C 378 -14.82 16.61 -29.71
CA SER C 378 -15.34 16.64 -31.08
C SER C 378 -14.85 17.84 -31.86
N ALA C 379 -14.54 18.94 -31.19
CA ALA C 379 -14.11 20.12 -31.91
C ALA C 379 -12.84 19.86 -32.70
N ALA C 380 -12.08 18.85 -32.31
CA ALA C 380 -10.84 18.52 -32.98
C ALA C 380 -11.02 17.45 -34.04
N GLN C 381 -12.01 16.59 -33.91
CA GLN C 381 -12.18 15.50 -34.86
C GLN C 381 -12.56 16.02 -36.23
N VAL C 382 -12.05 15.37 -37.27
CA VAL C 382 -12.53 15.65 -38.61
C VAL C 382 -14.01 15.32 -38.65
N LYS C 383 -14.77 16.19 -39.33
CA LYS C 383 -16.23 16.06 -39.34
C LYS C 383 -16.65 14.63 -39.69
N ALA C 384 -16.16 14.13 -40.82
CA ALA C 384 -16.54 12.80 -41.26
C ALA C 384 -16.23 11.78 -40.19
N LEU C 385 -15.16 11.99 -39.45
CA LEU C 385 -14.77 11.04 -38.42
C LEU C 385 -15.57 11.24 -37.14
N LYS C 386 -15.93 12.48 -36.82
CA LYS C 386 -16.83 12.72 -35.68
C LYS C 386 -18.13 11.95 -35.85
N GLN C 387 -18.70 12.00 -37.06
CA GLN C 387 -19.97 11.35 -37.32
C GLN C 387 -19.96 9.91 -36.83
N VAL C 388 -18.95 9.14 -37.25
CA VAL C 388 -18.88 7.73 -36.88
C VAL C 388 -18.24 7.50 -35.52
N ALA C 389 -17.40 8.40 -35.06
CA ALA C 389 -16.70 8.21 -33.81
C ALA C 389 -17.66 8.32 -32.64
N GLY C 390 -18.73 9.10 -32.77
CA GLY C 390 -19.71 9.11 -31.71
C GLY C 390 -20.24 7.71 -31.43
N SER C 391 -20.64 6.99 -32.48
CA SER C 391 -21.17 5.65 -32.29
C SER C 391 -20.08 4.67 -31.86
N LEU C 392 -18.88 4.81 -32.42
CA LEU C 392 -17.77 3.99 -31.97
C LEU C 392 -17.59 4.10 -30.47
N LYS C 393 -17.60 5.33 -29.97
CA LYS C 393 -17.40 5.58 -28.55
C LYS C 393 -18.52 4.98 -27.72
N LEU C 394 -19.75 5.12 -28.19
CA LEU C 394 -20.87 4.57 -27.44
C LEU C 394 -20.75 3.05 -27.34
N PHE C 395 -20.40 2.39 -28.44
CA PHE C 395 -20.31 0.93 -28.41
C PHE C 395 -19.15 0.46 -27.55
N LEU C 396 -18.03 1.17 -27.58
CA LEU C 396 -16.92 0.76 -26.72
C LEU C 396 -17.21 1.05 -25.26
N ALA C 397 -18.00 2.07 -24.95
CA ALA C 397 -18.43 2.28 -23.57
C ALA C 397 -19.30 1.12 -23.10
N GLN C 398 -20.25 0.69 -23.93
CA GLN C 398 -21.03 -0.49 -23.57
C GLN C 398 -20.12 -1.70 -23.38
N TYR C 399 -19.14 -1.85 -24.26
CA TYR C 399 -18.20 -2.97 -24.14
C TYR C 399 -17.46 -2.92 -22.81
N ARG C 400 -17.07 -1.72 -22.39
CA ARG C 400 -16.36 -1.60 -21.12
C ARG C 400 -17.28 -1.88 -19.95
N GLU C 401 -18.57 -1.56 -20.09
CA GLU C 401 -19.51 -1.90 -19.03
C GLU C 401 -19.68 -3.40 -18.92
N VAL C 402 -19.59 -4.11 -20.04
CA VAL C 402 -19.80 -5.56 -20.05
C VAL C 402 -18.53 -6.36 -19.83
N ALA C 403 -17.35 -5.75 -20.01
CA ALA C 403 -16.11 -6.50 -20.16
C ALA C 403 -15.88 -7.51 -19.05
N ALA C 404 -16.41 -7.28 -17.85
CA ALA C 404 -16.14 -8.18 -16.75
C ALA C 404 -16.55 -9.61 -17.06
N PHE C 405 -17.43 -9.80 -18.04
CA PHE C 405 -17.89 -11.13 -18.43
C PHE C 405 -17.41 -11.50 -19.82
N ALA C 406 -16.34 -10.88 -20.31
CA ALA C 406 -15.87 -11.14 -21.66
C ALA C 406 -15.42 -12.58 -21.84
N GLN C 407 -14.86 -13.19 -20.80
CA GLN C 407 -14.38 -14.56 -20.88
C GLN C 407 -15.50 -15.58 -20.75
N PHE C 408 -16.73 -15.12 -20.54
CA PHE C 408 -17.90 -15.98 -20.43
C PHE C 408 -18.93 -15.63 -21.50
N GLY C 409 -18.46 -15.26 -22.69
CA GLY C 409 -19.33 -14.69 -23.70
C GLY C 409 -20.41 -15.62 -24.20
N SER C 410 -20.27 -16.93 -23.97
CA SER C 410 -21.20 -17.87 -24.56
C SER C 410 -22.59 -17.76 -23.93
N ASP C 411 -22.68 -17.94 -22.63
CA ASP C 411 -23.96 -18.06 -21.94
C ASP C 411 -24.64 -16.72 -21.69
N LEU C 412 -24.01 -15.60 -22.04
CA LEU C 412 -24.58 -14.31 -21.70
C LEU C 412 -25.79 -14.01 -22.57
N ASP C 413 -26.53 -12.98 -22.16
CA ASP C 413 -27.74 -12.57 -22.85
C ASP C 413 -27.45 -12.22 -24.30
N ALA C 414 -28.51 -12.16 -25.09
CA ALA C 414 -28.37 -11.86 -26.51
C ALA C 414 -27.77 -10.48 -26.72
N SER C 415 -28.26 -9.47 -26.00
CA SER C 415 -27.76 -8.12 -26.19
C SER C 415 -26.34 -7.99 -25.65
N THR C 416 -26.07 -8.61 -24.50
CA THR C 416 -24.72 -8.61 -23.96
C THR C 416 -23.77 -9.33 -24.90
N LYS C 417 -24.22 -10.41 -25.53
CA LYS C 417 -23.37 -11.10 -26.48
C LYS C 417 -23.10 -10.23 -27.70
N GLN C 418 -24.11 -9.51 -28.16
CA GLN C 418 -23.93 -8.62 -29.29
C GLN C 418 -22.89 -7.54 -28.95
N THR C 419 -22.99 -6.99 -27.75
CA THR C 419 -22.06 -5.94 -27.36
C THR C 419 -20.66 -6.46 -27.12
N LEU C 420 -20.53 -7.69 -26.62
CA LEU C 420 -19.21 -8.28 -26.44
C LEU C 420 -18.55 -8.52 -27.79
N VAL C 421 -19.28 -9.14 -28.71
CA VAL C 421 -18.77 -9.36 -30.05
C VAL C 421 -18.31 -8.05 -30.67
N ARG C 422 -19.21 -7.07 -30.72
CA ARG C 422 -18.89 -5.85 -31.46
C ARG C 422 -17.79 -5.06 -30.77
N GLY C 423 -17.77 -5.04 -29.44
CA GLY C 423 -16.69 -4.37 -28.74
C GLY C 423 -15.35 -5.01 -29.00
N GLU C 424 -15.29 -6.34 -28.97
CA GLU C 424 -14.03 -7.02 -29.26
C GLU C 424 -13.57 -6.69 -30.67
N ARG C 425 -14.50 -6.70 -31.62
CA ARG C 425 -14.11 -6.49 -33.02
C ARG C 425 -13.69 -5.05 -33.25
N LEU C 426 -14.31 -4.11 -32.53
CA LEU C 426 -13.89 -2.72 -32.64
C LEU C 426 -12.53 -2.50 -32.01
N THR C 427 -12.30 -3.08 -30.83
CA THR C 427 -11.01 -2.96 -30.18
C THR C 427 -9.90 -3.52 -31.05
N GLN C 428 -10.20 -4.60 -31.76
CA GLN C 428 -9.24 -5.16 -32.70
C GLN C 428 -9.09 -4.24 -33.90
N LEU C 429 -10.20 -3.66 -34.36
CA LEU C 429 -10.21 -2.82 -35.55
C LEU C 429 -9.32 -1.61 -35.40
N LEU C 430 -9.00 -1.22 -34.17
CA LEU C 430 -8.18 -0.04 -33.95
C LEU C 430 -6.69 -0.31 -34.04
N LYS C 431 -6.26 -1.56 -33.89
CA LYS C 431 -4.84 -1.85 -33.91
C LYS C 431 -4.28 -1.62 -35.30
N GLN C 432 -3.08 -1.03 -35.34
CA GLN C 432 -2.41 -0.78 -36.59
C GLN C 432 -0.91 -0.77 -36.36
N ASN C 433 -0.17 -0.92 -37.45
CA ASN C 433 1.26 -1.19 -37.38
C ASN C 433 2.06 0.05 -37.01
N GLN C 434 3.27 -0.18 -36.52
CA GLN C 434 4.21 0.89 -36.24
C GLN C 434 4.60 1.59 -37.53
N TYR C 435 4.84 2.89 -37.43
CA TYR C 435 5.28 3.73 -38.53
C TYR C 435 4.33 3.70 -39.71
N SER C 436 3.04 3.43 -39.47
CA SER C 436 2.05 3.34 -40.53
C SER C 436 0.79 4.09 -40.13
N PRO C 437 0.77 5.41 -40.33
CA PRO C 437 -0.46 6.17 -40.08
C PRO C 437 -1.41 6.10 -41.26
N LEU C 438 -2.66 5.80 -40.98
CA LEU C 438 -3.73 5.85 -41.96
C LEU C 438 -4.29 7.26 -42.06
N ALA C 439 -4.54 7.70 -43.29
CA ALA C 439 -5.23 8.96 -43.49
C ALA C 439 -6.69 8.83 -43.09
N THR C 440 -7.33 9.98 -42.86
CA THR C 440 -8.72 9.97 -42.42
C THR C 440 -9.61 9.29 -43.44
N GLU C 441 -9.28 9.41 -44.73
CA GLU C 441 -10.08 8.79 -45.76
C GLU C 441 -10.07 7.28 -45.63
N GLU C 442 -9.06 6.72 -44.97
CA GLU C 442 -8.99 5.29 -44.74
C GLU C 442 -9.53 4.91 -43.37
N GLN C 443 -9.50 5.84 -42.42
CA GLN C 443 -10.09 5.59 -41.12
C GLN C 443 -11.61 5.56 -41.20
N VAL C 444 -12.20 6.51 -41.93
CA VAL C 444 -13.65 6.67 -41.90
C VAL C 444 -14.38 5.43 -42.41
N PRO C 445 -14.08 4.89 -43.58
CA PRO C 445 -14.79 3.69 -44.03
C PRO C 445 -14.68 2.54 -43.06
N LEU C 446 -13.56 2.47 -42.37
CA LEU C 446 -13.23 1.35 -41.52
C LEU C 446 -14.01 1.44 -40.21
N ILE C 447 -14.03 2.62 -39.61
CA ILE C 447 -14.83 2.82 -38.41
C ILE C 447 -16.31 2.70 -38.75
N TYR C 448 -16.70 3.13 -39.95
CA TYR C 448 -18.08 2.94 -40.39
C TYR C 448 -18.43 1.47 -40.41
N ALA C 449 -17.58 0.66 -41.02
CA ALA C 449 -17.82 -0.78 -41.08
C ALA C 449 -17.92 -1.36 -39.68
N GLY C 450 -17.05 -0.92 -38.77
CA GLY C 450 -17.09 -1.46 -37.42
C GLY C 450 -18.37 -1.08 -36.70
N VAL C 451 -18.75 0.18 -36.79
CA VAL C 451 -19.92 0.67 -36.06
C VAL C 451 -21.19 0.04 -36.60
N ASN C 452 -21.43 0.18 -37.89
CA ASN C 452 -22.70 -0.25 -38.46
C ASN C 452 -22.90 -1.76 -38.38
N GLY C 453 -21.85 -2.51 -38.10
CA GLY C 453 -22.00 -3.90 -37.74
C GLY C 453 -21.64 -4.88 -38.83
N HIS C 454 -20.99 -4.43 -39.89
CA HIS C 454 -20.64 -5.35 -40.97
C HIS C 454 -19.57 -6.34 -40.53
N LEU C 455 -18.64 -5.92 -39.69
CA LEU C 455 -17.54 -6.77 -39.26
C LEU C 455 -17.97 -7.82 -38.26
N ASP C 456 -19.21 -7.78 -37.78
CA ASP C 456 -19.70 -8.81 -36.86
C ASP C 456 -19.60 -10.20 -37.45
N GLY C 457 -19.56 -10.31 -38.78
CA GLY C 457 -19.46 -11.60 -39.44
C GLY C 457 -18.06 -12.12 -39.64
N ILE C 458 -17.04 -11.35 -39.29
CA ILE C 458 -15.65 -11.67 -39.58
C ILE C 458 -15.00 -12.22 -38.32
N GLU C 459 -14.30 -13.34 -38.46
CA GLU C 459 -13.51 -13.88 -37.37
C GLU C 459 -12.57 -12.80 -36.83
N LEU C 460 -12.35 -12.85 -35.51
CA LEU C 460 -11.59 -11.79 -34.87
C LEU C 460 -10.18 -11.70 -35.43
N SER C 461 -9.63 -12.81 -35.90
CA SER C 461 -8.26 -12.82 -36.39
C SER C 461 -8.16 -12.25 -37.79
N ARG C 462 -9.21 -12.42 -38.61
CA ARG C 462 -9.17 -11.95 -39.98
C ARG C 462 -9.35 -10.46 -40.13
N ILE C 463 -9.64 -9.73 -39.04
CA ILE C 463 -9.89 -8.30 -39.17
C ILE C 463 -8.64 -7.59 -39.69
N GLY C 464 -7.47 -7.99 -39.21
CA GLY C 464 -6.24 -7.43 -39.75
C GLY C 464 -6.18 -7.55 -41.25
N GLU C 465 -6.69 -8.65 -41.79
CA GLU C 465 -6.79 -8.80 -43.24
C GLU C 465 -7.84 -7.85 -43.80
N PHE C 466 -9.01 -7.80 -43.17
CA PHE C 466 -10.13 -7.04 -43.70
C PHE C 466 -9.70 -5.62 -44.03
N GLU C 467 -9.01 -4.97 -43.10
CA GLU C 467 -8.54 -3.62 -43.35
C GLU C 467 -7.66 -3.59 -44.59
N SER C 468 -6.58 -4.38 -44.60
CA SER C 468 -5.59 -4.24 -45.65
C SER C 468 -6.19 -4.57 -47.00
N SER C 469 -7.11 -5.52 -47.03
CA SER C 469 -7.83 -5.79 -48.27
C SER C 469 -8.88 -4.72 -48.52
N PHE C 470 -9.65 -4.36 -47.49
CA PHE C 470 -10.82 -3.53 -47.73
C PHE C 470 -10.42 -2.18 -48.28
N LEU C 471 -9.43 -1.54 -47.68
CA LEU C 471 -8.97 -0.27 -48.19
C LEU C 471 -8.54 -0.37 -49.63
N SER C 472 -7.86 -1.47 -50.00
CA SER C 472 -7.42 -1.62 -51.38
C SER C 472 -8.62 -1.60 -52.30
N TYR C 473 -9.70 -2.25 -51.90
CA TYR C 473 -10.89 -2.26 -52.72
C TYR C 473 -11.43 -0.86 -52.89
N LEU C 474 -11.42 -0.06 -51.82
CA LEU C 474 -11.94 1.30 -51.91
C LEU C 474 -11.11 2.14 -52.86
N LYS C 475 -9.87 1.72 -53.13
CA LYS C 475 -9.11 2.37 -54.18
C LYS C 475 -9.34 1.70 -55.53
N SER C 476 -9.51 0.38 -55.53
CA SER C 476 -9.90 -0.32 -56.75
C SER C 476 -11.30 0.05 -57.18
N ASN C 477 -12.14 0.45 -56.22
CA ASN C 477 -13.53 0.80 -56.48
C ASN C 477 -13.96 1.86 -55.48
N HIS C 478 -14.97 2.61 -55.86
CA HIS C 478 -15.54 3.67 -55.02
C HIS C 478 -14.52 4.72 -54.65
N ASN C 479 -13.48 4.88 -55.46
CA ASN C 479 -12.45 5.87 -55.17
C ASN C 479 -13.04 7.24 -54.90
N GLU C 480 -14.17 7.57 -55.50
CA GLU C 480 -14.78 8.87 -55.25
C GLU C 480 -15.08 9.06 -53.78
N LEU C 481 -15.51 8.00 -53.10
CA LEU C 481 -15.84 8.13 -51.68
C LEU C 481 -14.61 8.53 -50.87
N LEU C 482 -13.46 7.89 -51.11
CA LEU C 482 -12.25 8.29 -50.40
C LEU C 482 -11.83 9.70 -50.80
N THR C 483 -11.89 9.99 -52.10
CA THR C 483 -11.43 11.28 -52.59
C THR C 483 -12.25 12.40 -52.00
N GLU C 484 -13.52 12.15 -51.72
CA GLU C 484 -14.40 13.17 -51.20
C GLU C 484 -14.39 13.22 -49.68
N ILE C 485 -14.24 12.07 -49.03
CA ILE C 485 -13.97 12.07 -47.59
C ILE C 485 -12.70 12.85 -47.31
N ARG C 486 -11.82 12.95 -48.30
CA ARG C 486 -10.65 13.80 -48.13
C ARG C 486 -10.93 15.25 -48.51
N GLU C 487 -11.54 15.46 -49.68
CA GLU C 487 -11.81 16.82 -50.13
C GLU C 487 -12.85 17.49 -49.25
N LYS C 488 -14.06 16.94 -49.23
CA LYS C 488 -15.13 17.54 -48.46
C LYS C 488 -14.86 17.44 -46.96
N GLY C 489 -14.25 16.34 -46.53
CA GLY C 489 -14.08 16.08 -45.13
C GLY C 489 -15.36 15.73 -44.41
N GLU C 490 -16.48 15.66 -45.11
CA GLU C 490 -17.79 15.51 -44.50
C GLU C 490 -18.53 14.39 -45.21
N LEU C 491 -19.12 13.48 -44.44
CA LEU C 491 -19.90 12.38 -44.99
C LEU C 491 -21.32 12.85 -45.23
N SER C 492 -21.54 13.44 -46.38
CA SER C 492 -22.89 13.73 -46.82
C SER C 492 -23.65 12.42 -47.04
N LYS C 493 -24.97 12.51 -46.95
CA LYS C 493 -25.80 11.31 -47.00
C LYS C 493 -25.52 10.51 -48.26
N GLU C 494 -25.24 11.18 -49.38
CA GLU C 494 -24.88 10.46 -50.59
C GLU C 494 -23.64 9.61 -50.38
N LEU C 495 -22.62 10.18 -49.76
CA LEU C 495 -21.38 9.44 -49.54
C LEU C 495 -21.59 8.31 -48.56
N LEU C 496 -22.43 8.53 -47.55
CA LEU C 496 -22.70 7.47 -46.58
C LEU C 496 -23.45 6.31 -47.24
N ALA C 497 -24.37 6.62 -48.14
CA ALA C 497 -25.09 5.57 -48.85
C ALA C 497 -24.16 4.77 -49.75
N SER C 498 -23.32 5.47 -50.52
CA SER C 498 -22.37 4.75 -51.38
C SER C 498 -21.39 3.94 -50.56
N LEU C 499 -21.02 4.43 -49.38
CA LEU C 499 -20.12 3.70 -48.50
C LEU C 499 -20.79 2.43 -47.99
N LYS C 500 -22.05 2.54 -47.56
CA LYS C 500 -22.80 1.35 -47.19
C LYS C 500 -22.83 0.34 -48.32
N SER C 501 -23.08 0.82 -49.54
CA SER C 501 -23.04 -0.05 -50.71
C SER C 501 -21.71 -0.79 -50.80
N ALA C 502 -20.61 -0.05 -50.79
CA ALA C 502 -19.30 -0.67 -50.94
C ALA C 502 -19.00 -1.66 -49.82
N THR C 503 -19.47 -1.34 -48.62
CA THR C 503 -19.18 -2.20 -47.48
C THR C 503 -19.96 -3.51 -47.61
N GLU C 504 -21.23 -3.41 -47.97
CA GLU C 504 -22.02 -4.61 -48.24
C GLU C 504 -21.35 -5.46 -49.32
N SER C 505 -20.89 -4.81 -50.39
CA SER C 505 -20.31 -5.56 -51.50
C SER C 505 -19.05 -6.31 -51.06
N PHE C 506 -18.16 -5.64 -50.33
CA PHE C 506 -16.92 -6.32 -49.96
C PHE C 506 -17.11 -7.35 -48.87
N VAL C 507 -18.02 -7.10 -47.91
CA VAL C 507 -18.30 -8.13 -46.92
C VAL C 507 -19.01 -9.31 -47.56
N ALA C 508 -19.67 -9.09 -48.70
CA ALA C 508 -20.16 -10.21 -49.49
C ALA C 508 -19.01 -10.97 -50.11
N THR C 509 -18.04 -10.27 -50.71
CA THR C 509 -16.89 -10.93 -51.29
C THR C 509 -16.03 -11.59 -50.24
N PHE C 510 -15.91 -10.96 -49.07
CA PHE C 510 -15.04 -11.45 -48.01
C PHE C 510 -15.53 -12.79 -47.48
N PRO D 8 7.94 57.01 2.15
CA PRO D 8 7.21 55.74 2.28
C PRO D 8 8.12 54.55 2.55
N ILE D 9 7.53 53.41 2.89
CA ILE D 9 8.29 52.22 3.28
C ILE D 9 8.99 51.69 2.03
N THR D 10 10.32 51.80 1.99
CA THR D 10 11.13 51.32 0.87
C THR D 10 12.16 50.33 1.38
N GLY D 11 12.02 49.08 0.96
CA GLY D 11 13.00 48.06 1.27
C GLY D 11 13.81 47.67 0.04
N LYS D 12 14.72 46.74 0.26
CA LYS D 12 15.59 46.25 -0.81
C LYS D 12 15.62 44.74 -0.81
N VAL D 13 15.56 44.15 -2.01
CA VAL D 13 15.57 42.71 -2.13
C VAL D 13 16.94 42.18 -1.76
N THR D 14 16.97 41.00 -1.13
CA THR D 14 18.20 40.42 -0.62
C THR D 14 18.35 38.98 -1.08
N ALA D 15 17.23 38.28 -1.20
CA ALA D 15 17.24 36.91 -1.69
C ALA D 15 16.14 36.71 -2.72
N VAL D 16 16.41 35.82 -3.67
CA VAL D 16 15.42 35.37 -4.64
C VAL D 16 15.66 33.88 -4.86
N ILE D 17 14.74 33.06 -4.36
CA ILE D 17 14.82 31.61 -4.49
C ILE D 17 13.47 31.17 -5.04
N GLY D 18 13.40 31.02 -6.36
CA GLY D 18 12.14 30.71 -6.99
C GLY D 18 11.14 31.81 -6.77
N ALA D 19 9.91 31.44 -6.45
CA ALA D 19 8.84 32.39 -6.23
C ALA D 19 8.91 33.05 -4.86
N ILE D 20 9.95 32.79 -4.09
CA ILE D 20 10.11 33.34 -2.75
C ILE D 20 11.14 34.46 -2.80
N VAL D 21 10.79 35.61 -2.25
CA VAL D 21 11.63 36.80 -2.29
C VAL D 21 11.77 37.35 -0.88
N ASP D 22 12.99 37.66 -0.49
CA ASP D 22 13.26 38.25 0.82
C ASP D 22 13.60 39.72 0.67
N VAL D 23 13.01 40.55 1.53
CA VAL D 23 13.12 41.98 1.45
C VAL D 23 13.57 42.51 2.80
N HIS D 24 14.57 43.39 2.78
CA HIS D 24 15.14 43.99 3.98
C HIS D 24 14.66 45.43 4.07
N PHE D 25 14.15 45.81 5.23
CA PHE D 25 13.59 47.14 5.47
C PHE D 25 14.49 47.87 6.46
N GLU D 26 15.44 48.64 5.92
CA GLU D 26 16.38 49.34 6.78
C GLU D 26 15.72 50.42 7.62
N GLN D 27 14.55 50.90 7.22
CA GLN D 27 13.88 51.97 7.94
C GLN D 27 13.19 51.50 9.21
N SER D 28 13.19 50.20 9.49
CA SER D 28 12.68 49.63 10.73
C SER D 28 11.19 49.85 10.90
N GLU D 29 10.45 50.09 9.82
CA GLU D 29 8.99 50.16 9.85
C GLU D 29 8.49 49.04 8.93
N LEU D 30 8.38 47.85 9.48
CA LEU D 30 8.14 46.67 8.67
C LEU D 30 6.67 46.59 8.23
N PRO D 31 6.43 46.02 7.05
CA PRO D 31 5.04 45.75 6.66
C PRO D 31 4.48 44.54 7.39
N ALA D 32 3.17 44.57 7.62
CA ALA D 32 2.48 43.45 8.22
C ALA D 32 2.38 42.30 7.24
N ILE D 33 2.15 41.11 7.79
CA ILE D 33 1.96 39.93 6.96
C ILE D 33 0.75 40.12 6.07
N LEU D 34 0.81 39.55 4.87
CA LEU D 34 -0.22 39.61 3.84
C LEU D 34 -0.37 41.00 3.22
N ASN D 35 0.40 41.98 3.65
CA ASN D 35 0.52 43.21 2.87
C ASN D 35 1.09 42.89 1.49
N ALA D 36 0.86 43.80 0.55
CA ALA D 36 1.35 43.66 -0.81
C ALA D 36 2.51 44.63 -1.03
N LEU D 37 3.59 44.12 -1.62
CA LEU D 37 4.75 44.94 -1.92
C LEU D 37 4.93 45.01 -3.43
N GLU D 38 5.33 46.18 -3.91
CA GLU D 38 5.37 46.47 -5.33
C GLU D 38 6.79 46.67 -5.80
N ILE D 39 7.09 46.13 -6.97
CA ILE D 39 8.34 46.33 -7.67
C ILE D 39 8.00 46.71 -9.11
N LYS D 40 8.86 47.51 -9.73
CA LYS D 40 8.69 47.93 -11.11
C LYS D 40 9.80 47.32 -11.94
N THR D 41 9.43 46.72 -13.06
CA THR D 41 10.36 46.00 -13.93
C THR D 41 10.04 46.33 -15.37
N PRO D 42 10.97 46.06 -16.29
CA PRO D 42 10.65 46.22 -17.72
C PRO D 42 9.42 45.44 -18.14
N GLN D 43 9.15 44.31 -17.50
CA GLN D 43 7.99 43.50 -17.82
C GLN D 43 6.69 44.08 -17.28
N GLY D 44 6.77 45.06 -16.39
CA GLY D 44 5.61 45.66 -15.77
C GLY D 44 5.73 45.66 -14.27
N LYS D 45 4.59 45.76 -13.60
CA LYS D 45 4.57 45.69 -12.15
C LYS D 45 4.70 44.24 -11.68
N LEU D 46 5.35 44.08 -10.54
CA LEU D 46 5.50 42.79 -9.89
C LEU D 46 5.09 42.93 -8.44
N VAL D 47 4.35 41.96 -7.93
CA VAL D 47 3.74 42.07 -6.61
C VAL D 47 4.14 40.88 -5.76
N LEU D 48 4.36 41.14 -4.48
CA LEU D 48 4.81 40.14 -3.53
C LEU D 48 3.89 40.16 -2.31
N GLU D 49 3.58 38.98 -1.80
CA GLU D 49 2.77 38.82 -0.60
C GLU D 49 3.67 38.45 0.57
N VAL D 50 3.70 39.28 1.60
CA VAL D 50 4.49 38.98 2.78
C VAL D 50 3.91 37.75 3.47
N ALA D 51 4.78 36.84 3.84
CA ALA D 51 4.35 35.55 4.37
C ALA D 51 4.99 35.26 5.71
N GLN D 52 6.18 35.82 5.95
CA GLN D 52 6.85 35.62 7.21
C GLN D 52 7.70 36.82 7.57
N HIS D 53 7.90 37.00 8.87
CA HIS D 53 8.92 37.89 9.41
C HIS D 53 10.06 37.02 9.93
N LEU D 54 11.27 37.36 9.53
CA LEU D 54 12.45 36.55 9.80
C LEU D 54 13.52 37.36 10.51
N GLY D 55 13.11 38.39 11.24
CA GLY D 55 14.04 39.19 12.00
C GLY D 55 14.95 40.02 11.12
N GLU D 56 15.84 40.74 11.81
CA GLU D 56 16.83 41.58 11.16
C GLU D 56 16.18 42.44 10.07
N ASN D 57 14.96 42.88 10.34
CA ASN D 57 14.23 43.74 9.41
C ASN D 57 14.07 43.08 8.05
N THR D 58 14.11 41.75 8.03
CA THR D 58 13.99 40.98 6.81
C THR D 58 12.68 40.21 6.85
N VAL D 59 11.92 40.32 5.76
CA VAL D 59 10.62 39.68 5.65
C VAL D 59 10.62 38.85 4.37
N ARG D 60 9.81 37.80 4.38
CA ARG D 60 9.84 36.77 3.35
C ARG D 60 8.47 36.70 2.69
N THR D 61 8.47 36.79 1.37
CA THR D 61 7.28 37.07 0.59
C THR D 61 7.14 36.10 -0.57
N ILE D 62 5.91 35.96 -1.03
CA ILE D 62 5.57 35.07 -2.14
C ILE D 62 5.37 35.92 -3.37
N ALA D 63 6.07 35.59 -4.44
CA ALA D 63 5.96 36.35 -5.67
C ALA D 63 4.69 35.95 -6.41
N MET D 64 4.03 36.95 -7.00
CA MET D 64 2.77 36.74 -7.70
C MET D 64 2.95 36.74 -9.20
N ASP D 65 4.16 36.99 -9.69
CA ASP D 65 4.48 36.91 -11.11
C ASP D 65 5.92 36.43 -11.22
N GLY D 66 6.32 36.14 -12.44
CA GLY D 66 7.66 35.61 -12.66
C GLY D 66 8.74 36.43 -11.99
N THR D 67 9.48 35.79 -11.09
CA THR D 67 10.60 36.43 -10.40
C THR D 67 11.82 36.60 -11.29
N GLU D 68 11.86 35.96 -12.44
CA GLU D 68 13.02 36.09 -13.33
C GLU D 68 13.33 37.56 -13.57
N GLY D 69 14.61 37.89 -13.45
CA GLY D 69 15.06 39.25 -13.60
C GLY D 69 15.34 39.98 -12.31
N LEU D 70 14.84 39.49 -11.19
CA LEU D 70 15.01 40.19 -9.92
C LEU D 70 16.48 40.29 -9.55
N VAL D 71 16.90 41.51 -9.26
CA VAL D 71 18.27 41.81 -8.84
C VAL D 71 18.28 42.00 -7.33
N ARG D 72 19.27 41.41 -6.67
CA ARG D 72 19.50 41.73 -5.28
C ARG D 72 19.83 43.21 -5.16
N GLY D 73 19.17 43.89 -4.24
CA GLY D 73 19.28 45.32 -4.11
C GLY D 73 18.20 46.12 -4.79
N GLU D 74 17.26 45.48 -5.46
CA GLU D 74 16.18 46.21 -6.09
C GLU D 74 15.24 46.77 -5.04
N LYS D 75 14.74 47.97 -5.29
CA LYS D 75 13.84 48.61 -4.37
C LYS D 75 12.46 47.97 -4.43
N VAL D 76 11.85 47.83 -3.25
CA VAL D 76 10.51 47.29 -3.09
C VAL D 76 9.71 48.28 -2.27
N LEU D 77 8.58 48.70 -2.81
CA LEU D 77 7.76 49.73 -2.19
C LEU D 77 6.54 49.09 -1.56
N ASP D 78 6.28 49.41 -0.30
CA ASP D 78 5.11 48.90 0.39
C ASP D 78 3.87 49.64 -0.08
N THR D 79 2.87 48.89 -0.55
CA THR D 79 1.60 49.47 -0.94
C THR D 79 0.81 49.97 0.26
N GLY D 80 1.18 49.56 1.47
CA GLY D 80 0.47 49.97 2.66
C GLY D 80 -0.73 49.14 3.00
N GLY D 81 -0.92 48.01 2.35
CA GLY D 81 -2.04 47.15 2.63
C GLY D 81 -2.03 45.88 1.82
N PRO D 82 -3.01 45.03 2.03
CA PRO D 82 -3.06 43.77 1.30
C PRO D 82 -3.38 43.98 -0.17
N ILE D 83 -3.34 42.91 -0.95
CA ILE D 83 -3.71 43.00 -2.35
C ILE D 83 -5.13 43.53 -2.45
N SER D 84 -5.33 44.54 -3.29
CA SER D 84 -6.58 45.27 -3.36
C SER D 84 -7.16 45.14 -4.76
N VAL D 85 -8.44 44.78 -4.82
CA VAL D 85 -9.12 44.54 -6.08
C VAL D 85 -10.21 45.59 -6.30
N PRO D 86 -10.45 46.01 -7.54
CA PRO D 86 -11.61 46.87 -7.79
C PRO D 86 -12.89 46.07 -7.65
N VAL D 87 -13.96 46.75 -7.27
CA VAL D 87 -15.17 46.07 -6.81
C VAL D 87 -16.41 46.71 -7.41
N GLY D 88 -17.41 45.86 -7.64
CA GLY D 88 -18.74 46.32 -7.95
C GLY D 88 -19.15 46.28 -9.40
N ARG D 89 -20.03 47.22 -9.77
CA ARG D 89 -20.55 47.27 -11.13
C ARG D 89 -19.44 47.26 -12.16
N GLU D 90 -18.33 47.95 -11.87
CA GLU D 90 -17.27 48.12 -12.87
C GLU D 90 -16.58 46.80 -13.18
N THR D 91 -16.53 45.88 -12.23
CA THR D 91 -15.91 44.59 -12.49
C THR D 91 -16.72 43.73 -13.45
N LEU D 92 -18.00 44.01 -13.60
CA LEU D 92 -18.84 43.13 -14.40
C LEU D 92 -18.49 43.25 -15.87
N GLY D 93 -18.30 42.10 -16.52
CA GLY D 93 -17.92 42.07 -17.91
C GLY D 93 -16.42 42.09 -18.15
N ARG D 94 -15.63 42.43 -17.14
CA ARG D 94 -14.19 42.53 -17.26
C ARG D 94 -13.51 41.28 -16.75
N ILE D 95 -12.23 41.15 -17.08
CA ILE D 95 -11.37 40.08 -16.62
C ILE D 95 -10.29 40.70 -15.74
N ILE D 96 -10.09 40.13 -14.56
CA ILE D 96 -9.18 40.70 -13.57
C ILE D 96 -8.21 39.63 -13.09
N ASN D 97 -6.96 40.03 -12.90
CA ASN D 97 -5.94 39.14 -12.36
C ASN D 97 -5.84 39.28 -10.84
N VAL D 98 -5.00 38.45 -10.24
CA VAL D 98 -4.89 38.38 -8.79
C VAL D 98 -4.59 39.74 -8.18
N ILE D 99 -3.75 40.53 -8.83
CA ILE D 99 -3.31 41.79 -8.24
C ILE D 99 -4.32 42.88 -8.54
N GLY D 100 -5.46 42.48 -9.11
CA GLY D 100 -6.49 43.45 -9.40
C GLY D 100 -6.18 44.33 -10.59
N GLU D 101 -5.41 43.82 -11.53
CA GLU D 101 -5.14 44.55 -12.77
C GLU D 101 -5.92 43.93 -13.91
N PRO D 102 -6.60 44.73 -14.73
CA PRO D 102 -7.37 44.15 -15.82
C PRO D 102 -6.48 43.50 -16.86
N ILE D 103 -6.92 42.33 -17.34
CA ILE D 103 -6.18 41.56 -18.34
C ILE D 103 -7.04 41.36 -19.58
N ASP D 104 -7.90 42.33 -19.89
CA ASP D 104 -8.79 42.23 -21.03
C ASP D 104 -8.57 43.32 -22.05
N GLU D 105 -7.58 44.18 -21.87
CA GLU D 105 -7.25 45.24 -22.83
C GLU D 105 -8.39 46.22 -23.01
N ARG D 106 -9.34 46.24 -22.06
CA ARG D 106 -10.48 47.16 -22.11
C ARG D 106 -10.28 48.35 -21.19
N GLY D 107 -9.03 48.77 -21.01
CA GLY D 107 -8.74 49.89 -20.15
C GLY D 107 -8.90 49.53 -18.69
N PRO D 108 -8.85 50.55 -17.83
CA PRO D 108 -8.88 50.32 -16.40
C PRO D 108 -10.29 50.00 -15.90
N ILE D 109 -10.34 49.34 -14.74
CA ILE D 109 -11.59 49.27 -14.01
C ILE D 109 -11.85 50.64 -13.41
N LYS D 110 -12.95 51.26 -13.83
CA LYS D 110 -13.24 52.65 -13.51
C LYS D 110 -13.73 52.85 -12.08
N SER D 111 -13.56 51.85 -11.23
CA SER D 111 -14.11 51.88 -9.89
C SER D 111 -13.33 52.81 -8.97
N LYS D 112 -14.05 53.45 -8.06
CA LYS D 112 -13.41 54.22 -7.00
C LYS D 112 -12.86 53.31 -5.93
N LEU D 113 -13.72 52.45 -5.37
CA LEU D 113 -13.32 51.60 -4.26
C LEU D 113 -12.44 50.46 -4.72
N ARG D 114 -11.44 50.14 -3.91
CA ARG D 114 -10.73 48.89 -3.99
C ARG D 114 -10.73 48.23 -2.61
N LYS D 115 -10.94 46.92 -2.58
CA LYS D 115 -11.11 46.22 -1.34
C LYS D 115 -10.01 45.18 -1.13
N PRO D 116 -9.54 45.01 0.10
CA PRO D 116 -8.57 43.96 0.38
C PRO D 116 -9.11 42.58 0.08
N ILE D 117 -8.22 41.70 -0.38
CA ILE D 117 -8.62 40.34 -0.65
C ILE D 117 -8.66 39.49 0.61
N HIS D 118 -8.09 39.96 1.72
CA HIS D 118 -8.07 39.23 2.98
C HIS D 118 -9.00 39.93 3.97
N ALA D 119 -10.02 39.21 4.43
CA ALA D 119 -11.03 39.78 5.31
C ALA D 119 -11.56 38.70 6.24
N ASP D 120 -12.09 39.14 7.37
CA ASP D 120 -12.53 38.21 8.40
C ASP D 120 -13.89 37.60 8.02
N PRO D 121 -14.06 36.29 8.19
CA PRO D 121 -15.37 35.71 7.99
C PRO D 121 -16.38 36.29 8.95
N PRO D 122 -17.66 36.29 8.58
CA PRO D 122 -18.66 36.88 9.47
C PRO D 122 -18.72 36.15 10.80
N SER D 123 -19.02 36.91 11.85
CA SER D 123 -19.14 36.33 13.17
C SER D 123 -20.34 35.39 13.24
N PHE D 124 -20.32 34.52 14.25
CA PHE D 124 -21.43 33.60 14.46
C PHE D 124 -22.75 34.35 14.58
N ALA D 125 -22.75 35.50 15.25
CA ALA D 125 -23.97 36.28 15.39
C ALA D 125 -24.55 36.69 14.04
N GLU D 126 -23.71 36.82 13.02
CA GLU D 126 -24.15 37.31 11.71
C GLU D 126 -24.56 36.21 10.76
N GLN D 127 -24.28 34.96 11.10
CA GLN D 127 -24.64 33.86 10.22
C GLN D 127 -26.15 33.66 10.17
N SER D 128 -26.62 33.07 9.08
CA SER D 128 -28.04 32.85 8.88
C SER D 128 -28.49 31.63 9.68
N THR D 129 -29.66 31.75 10.31
CA THR D 129 -30.17 30.67 11.15
C THR D 129 -30.71 29.51 10.34
N SER D 130 -31.36 29.79 9.21
CA SER D 130 -32.16 28.79 8.51
C SER D 130 -31.65 28.64 7.08
N ALA D 131 -31.43 27.40 6.68
CA ALA D 131 -31.03 27.10 5.31
C ALA D 131 -32.20 27.34 4.36
N GLU D 132 -31.86 27.69 3.13
CA GLU D 132 -32.83 27.97 2.09
C GLU D 132 -32.42 27.25 0.82
N ILE D 133 -33.42 26.76 0.09
CA ILE D 133 -33.17 26.08 -1.18
C ILE D 133 -33.02 27.12 -2.27
N LEU D 134 -31.94 27.02 -3.03
CA LEU D 134 -31.69 27.92 -4.15
C LEU D 134 -32.34 27.33 -5.38
N GLU D 135 -33.51 27.85 -5.74
CA GLU D 135 -34.24 27.33 -6.89
C GLU D 135 -33.40 27.53 -8.13
N THR D 136 -32.89 26.43 -8.68
CA THR D 136 -31.95 26.49 -9.79
C THR D 136 -32.61 26.42 -11.15
N GLY D 137 -33.78 25.78 -11.23
CA GLY D 137 -34.40 25.56 -12.51
C GLY D 137 -33.91 24.35 -13.26
N ILE D 138 -33.10 23.51 -12.62
CA ILE D 138 -32.54 22.31 -13.24
C ILE D 138 -33.08 21.12 -12.46
N LYS D 139 -33.72 20.20 -13.18
CA LYS D 139 -34.48 19.15 -12.52
C LYS D 139 -33.60 18.32 -11.60
N VAL D 140 -32.46 17.86 -12.09
CA VAL D 140 -31.68 16.90 -11.33
C VAL D 140 -31.19 17.51 -10.03
N VAL D 141 -30.74 18.76 -10.09
CA VAL D 141 -30.32 19.46 -8.89
C VAL D 141 -31.50 19.66 -7.95
N ASP D 142 -32.56 20.28 -8.45
CA ASP D 142 -33.67 20.67 -7.60
C ASP D 142 -34.47 19.49 -7.08
N LEU D 143 -34.19 18.28 -7.54
CA LEU D 143 -34.88 17.09 -7.08
C LEU D 143 -34.00 16.16 -6.25
N LEU D 144 -32.82 15.82 -6.74
CA LEU D 144 -31.98 14.83 -6.09
C LEU D 144 -30.83 15.41 -5.30
N ALA D 145 -30.41 16.64 -5.61
CA ALA D 145 -29.28 17.26 -4.95
C ALA D 145 -29.43 18.77 -4.96
N PRO D 146 -30.42 19.31 -4.27
CA PRO D 146 -30.69 20.74 -4.37
C PRO D 146 -29.59 21.59 -3.76
N TYR D 147 -29.43 22.80 -4.29
CA TYR D 147 -28.37 23.70 -3.87
C TYR D 147 -28.88 24.67 -2.81
N ALA D 148 -28.05 24.91 -1.80
CA ALA D 148 -28.38 25.86 -0.75
C ALA D 148 -27.92 27.26 -1.14
N ARG D 149 -28.64 28.25 -0.62
CA ARG D 149 -28.15 29.62 -0.69
C ARG D 149 -27.03 29.80 0.32
N GLY D 150 -25.96 30.44 -0.13
CA GLY D 150 -24.78 30.59 0.70
C GLY D 150 -24.04 29.30 0.96
N GLY D 151 -24.57 28.18 0.49
CA GLY D 151 -23.85 26.93 0.59
C GLY D 151 -22.77 26.82 -0.45
N LYS D 152 -21.92 25.82 -0.27
CA LYS D 152 -20.82 25.54 -1.17
C LYS D 152 -21.14 24.26 -1.93
N ILE D 153 -21.27 24.39 -3.24
CA ILE D 153 -21.73 23.31 -4.11
C ILE D 153 -20.56 22.83 -4.93
N GLY D 154 -20.31 21.52 -4.89
CA GLY D 154 -19.14 20.96 -5.50
C GLY D 154 -19.46 20.25 -6.80
N LEU D 155 -18.88 20.74 -7.88
CA LEU D 155 -19.07 20.18 -9.20
C LEU D 155 -17.87 19.30 -9.49
N PHE D 156 -18.04 18.00 -9.31
CA PHE D 156 -16.99 17.02 -9.53
C PHE D 156 -17.17 16.49 -10.95
N GLY D 157 -16.46 17.07 -11.90
CA GLY D 157 -16.61 16.66 -13.28
C GLY D 157 -15.72 17.40 -14.25
N GLY D 158 -15.19 16.68 -15.24
CA GLY D 158 -14.34 17.25 -16.24
C GLY D 158 -15.11 18.02 -17.30
N ALA D 159 -14.35 18.55 -18.26
CA ALA D 159 -14.94 19.32 -19.35
C ALA D 159 -15.52 18.44 -20.45
N GLY D 160 -15.14 17.15 -20.49
CA GLY D 160 -15.68 16.25 -21.49
C GLY D 160 -17.12 15.86 -21.25
N VAL D 161 -17.73 16.34 -20.17
CA VAL D 161 -19.08 15.95 -19.79
C VAL D 161 -20.02 17.14 -19.65
N GLY D 162 -19.56 18.34 -20.01
CA GLY D 162 -20.43 19.51 -20.01
C GLY D 162 -20.34 20.40 -18.80
N LYS D 163 -19.15 20.60 -18.25
CA LYS D 163 -19.00 21.49 -17.10
C LYS D 163 -19.32 22.93 -17.48
N THR D 164 -18.79 23.39 -18.61
CA THR D 164 -18.93 24.80 -18.96
C THR D 164 -20.38 25.17 -19.18
N VAL D 165 -21.14 24.27 -19.80
CA VAL D 165 -22.54 24.58 -20.10
C VAL D 165 -23.38 24.51 -18.85
N PHE D 166 -23.04 23.63 -17.93
CA PHE D 166 -23.72 23.61 -16.63
C PHE D 166 -23.47 24.91 -15.89
N ILE D 167 -22.21 25.37 -15.88
CA ILE D 167 -21.87 26.61 -15.19
C ILE D 167 -22.64 27.77 -15.81
N GLN D 168 -22.65 27.86 -17.14
CA GLN D 168 -23.35 28.95 -17.79
C GLN D 168 -24.85 28.90 -17.52
N GLU D 169 -25.42 27.69 -17.47
CA GLU D 169 -26.85 27.58 -17.21
C GLU D 169 -27.16 27.98 -15.78
N LEU D 170 -26.29 27.62 -14.85
CA LEU D 170 -26.46 28.09 -13.47
C LEU D 170 -26.45 29.62 -13.44
N ILE D 171 -25.44 30.21 -14.07
CA ILE D 171 -25.36 31.67 -14.12
C ILE D 171 -26.67 32.26 -14.62
N ASN D 172 -27.22 31.69 -15.69
CA ASN D 172 -28.37 32.31 -16.33
C ASN D 172 -29.62 32.14 -15.49
N ASN D 173 -29.87 30.93 -15.01
CA ASN D 173 -31.13 30.64 -14.33
C ASN D 173 -31.13 31.17 -12.90
N ILE D 174 -30.10 30.83 -12.13
CA ILE D 174 -30.11 31.14 -10.70
C ILE D 174 -30.14 32.64 -10.49
N ALA D 175 -29.10 33.33 -10.95
CA ALA D 175 -28.99 34.77 -10.72
C ALA D 175 -29.71 35.57 -11.81
N LYS D 176 -29.50 35.21 -13.07
CA LYS D 176 -29.89 36.09 -14.16
C LYS D 176 -31.40 36.14 -14.32
N ALA D 177 -32.07 34.98 -14.31
CA ALA D 177 -33.52 35.00 -14.44
C ALA D 177 -34.17 35.69 -13.25
N HIS D 178 -33.47 35.71 -12.12
CA HIS D 178 -33.93 36.36 -10.91
C HIS D 178 -33.40 37.79 -10.77
N GLY D 179 -32.40 38.16 -11.58
CA GLY D 179 -31.88 39.52 -11.57
C GLY D 179 -30.73 39.78 -10.62
N GLY D 180 -29.90 38.76 -10.33
CA GLY D 180 -28.72 38.93 -9.52
C GLY D 180 -27.47 39.17 -10.36
N PHE D 181 -26.33 39.14 -9.67
CA PHE D 181 -25.01 39.23 -10.30
C PHE D 181 -24.28 37.91 -10.12
N SER D 182 -23.04 37.86 -10.63
CA SER D 182 -22.23 36.65 -10.53
C SER D 182 -20.75 37.00 -10.66
N VAL D 183 -19.92 36.15 -10.05
CA VAL D 183 -18.48 36.23 -10.15
C VAL D 183 -17.94 34.84 -10.44
N PHE D 184 -17.03 34.75 -11.41
CA PHE D 184 -16.39 33.49 -11.78
C PHE D 184 -14.90 33.64 -11.55
N THR D 185 -14.35 32.76 -10.71
CA THR D 185 -12.95 32.77 -10.36
C THR D 185 -12.31 31.48 -10.86
N GLY D 186 -11.39 31.61 -11.81
CA GLY D 186 -10.67 30.47 -12.32
C GLY D 186 -9.34 30.33 -11.62
N VAL D 187 -9.26 29.38 -10.70
CA VAL D 187 -8.08 29.17 -9.87
C VAL D 187 -7.26 28.08 -10.54
N GLY D 188 -6.20 28.49 -11.22
CA GLY D 188 -5.37 27.53 -11.93
C GLY D 188 -6.04 26.92 -13.13
N GLU D 189 -7.07 27.59 -13.67
CA GLU D 189 -7.77 27.07 -14.82
C GLU D 189 -6.89 27.12 -16.06
N ARG D 190 -7.11 26.15 -16.95
CA ARG D 190 -6.45 26.14 -18.24
C ARG D 190 -6.84 27.38 -19.04
N THR D 191 -5.84 28.14 -19.48
CA THR D 191 -6.13 29.37 -20.20
C THR D 191 -7.05 29.13 -21.38
N ARG D 192 -6.94 27.96 -22.00
CA ARG D 192 -7.81 27.63 -23.12
C ARG D 192 -9.27 27.59 -22.66
N GLU D 193 -9.52 26.96 -21.52
CA GLU D 193 -10.87 26.91 -20.98
C GLU D 193 -11.38 28.29 -20.63
N GLY D 194 -10.48 29.18 -20.21
CA GLY D 194 -10.89 30.53 -19.87
C GLY D 194 -11.22 31.38 -21.07
N ASN D 195 -10.48 31.21 -22.16
CA ASN D 195 -10.85 31.90 -23.38
C ASN D 195 -12.13 31.33 -23.96
N ASP D 196 -12.32 30.02 -23.86
CA ASP D 196 -13.59 29.42 -24.22
C ASP D 196 -14.73 30.04 -23.43
N LEU D 197 -14.52 30.24 -22.13
CA LEU D 197 -15.54 30.85 -21.29
C LEU D 197 -15.85 32.27 -21.73
N TYR D 198 -14.81 33.08 -21.94
CA TYR D 198 -15.05 34.45 -22.39
C TYR D 198 -15.84 34.46 -23.69
N ARG D 199 -15.42 33.63 -24.65
CA ARG D 199 -16.12 33.53 -25.92
C ARG D 199 -17.59 33.16 -25.72
N GLU D 200 -17.84 32.10 -24.95
CA GLU D 200 -19.20 31.59 -24.82
C GLU D 200 -20.08 32.55 -24.04
N MET D 201 -19.49 33.28 -23.09
CA MET D 201 -20.27 34.18 -22.27
C MET D 201 -20.52 35.50 -22.97
N LYS D 202 -19.69 35.85 -23.95
CA LYS D 202 -20.06 36.91 -24.87
C LYS D 202 -21.17 36.45 -25.80
N GLU D 203 -21.12 35.20 -26.24
CA GLU D 203 -22.11 34.72 -27.20
C GLU D 203 -23.48 34.55 -26.55
N THR D 204 -23.52 34.12 -25.29
CA THR D 204 -24.78 33.88 -24.62
C THR D 204 -25.46 35.16 -24.16
N GLY D 205 -24.72 36.26 -24.07
CA GLY D 205 -25.25 37.50 -23.60
C GLY D 205 -24.97 37.82 -22.15
N VAL D 206 -24.21 36.98 -21.45
CA VAL D 206 -23.80 37.35 -20.09
C VAL D 206 -22.84 38.53 -20.14
N ILE D 207 -22.02 38.61 -21.17
CA ILE D 207 -21.06 39.70 -21.33
C ILE D 207 -21.49 40.57 -22.49
N ASN D 208 -21.42 41.88 -22.28
CA ASN D 208 -21.56 42.85 -23.36
C ASN D 208 -20.54 43.95 -23.14
N LEU D 209 -20.03 44.47 -24.25
CA LEU D 209 -18.99 45.47 -24.22
C LEU D 209 -19.52 46.88 -24.48
N GLU D 210 -20.77 47.00 -24.88
CA GLU D 210 -21.42 48.29 -25.10
C GLU D 210 -22.74 48.34 -24.34
N GLY D 211 -22.73 47.86 -23.10
CA GLY D 211 -23.95 47.79 -22.31
C GLY D 211 -23.73 47.06 -21.01
N GLU D 212 -24.78 46.39 -20.56
CA GLU D 212 -24.75 45.70 -19.28
C GLU D 212 -23.88 44.44 -19.35
N SER D 213 -23.54 43.94 -18.18
CA SER D 213 -22.79 42.70 -18.03
C SER D 213 -23.09 42.13 -16.67
N LYS D 214 -23.17 40.80 -16.59
CA LYS D 214 -23.71 40.15 -15.42
C LYS D 214 -22.71 39.30 -14.66
N VAL D 215 -21.53 39.04 -15.21
CA VAL D 215 -20.54 38.20 -14.56
C VAL D 215 -19.20 38.93 -14.55
N ALA D 216 -18.64 39.09 -13.35
CA ALA D 216 -17.27 39.50 -13.22
C ALA D 216 -16.37 38.29 -13.34
N LEU D 217 -15.21 38.47 -13.96
CA LEU D 217 -14.29 37.37 -14.24
C LEU D 217 -12.95 37.65 -13.59
N VAL D 218 -12.51 36.74 -12.73
CA VAL D 218 -11.14 36.69 -12.24
C VAL D 218 -10.52 35.42 -12.80
N PHE D 219 -9.41 35.56 -13.51
CA PHE D 219 -8.71 34.42 -14.12
C PHE D 219 -7.27 34.40 -13.63
N GLY D 220 -6.97 33.54 -12.66
CA GLY D 220 -5.59 33.31 -12.30
C GLY D 220 -5.07 32.13 -13.07
N GLN D 221 -4.38 32.40 -14.17
CA GLN D 221 -4.04 31.34 -15.11
C GLN D 221 -3.10 30.34 -14.46
N MET D 222 -3.16 29.11 -14.96
CA MET D 222 -2.37 28.02 -14.40
C MET D 222 -0.87 28.25 -14.56
N ASN D 223 -0.44 29.12 -15.47
CA ASN D 223 0.98 29.38 -15.63
C ASN D 223 1.52 30.31 -14.55
N GLU D 224 0.66 30.93 -13.77
CA GLU D 224 1.09 31.94 -12.82
C GLU D 224 1.69 31.27 -11.59
N PRO D 225 2.57 31.98 -10.87
CA PRO D 225 3.25 31.39 -9.73
C PRO D 225 2.26 30.95 -8.67
N PRO D 226 2.70 30.13 -7.72
CA PRO D 226 1.76 29.55 -6.76
C PRO D 226 1.06 30.58 -5.89
N GLY D 227 1.67 31.74 -5.62
CA GLY D 227 0.97 32.76 -4.87
C GLY D 227 -0.24 33.30 -5.62
N ALA D 228 -0.10 33.48 -6.92
CA ALA D 228 -1.23 33.94 -7.73
C ALA D 228 -2.40 32.99 -7.57
N ARG D 229 -2.16 31.70 -7.74
CA ARG D 229 -3.23 30.72 -7.62
C ARG D 229 -3.77 30.67 -6.19
N ALA D 230 -2.89 30.79 -5.20
CA ALA D 230 -3.26 30.71 -3.80
C ALA D 230 -4.01 31.94 -3.32
N ARG D 231 -4.08 33.00 -4.11
CA ARG D 231 -4.82 34.20 -3.72
C ARG D 231 -5.93 34.57 -4.70
N VAL D 232 -6.02 33.95 -5.86
CA VAL D 232 -7.07 34.29 -6.81
C VAL D 232 -8.45 34.00 -6.23
N ALA D 233 -8.57 32.91 -5.47
CA ALA D 233 -9.87 32.56 -4.91
C ALA D 233 -10.38 33.66 -3.99
N LEU D 234 -9.47 34.43 -3.42
CA LEU D 234 -9.85 35.56 -2.59
C LEU D 234 -10.04 36.81 -3.42
N THR D 235 -9.24 36.94 -4.48
CA THR D 235 -9.43 38.04 -5.43
C THR D 235 -10.86 38.08 -5.93
N GLY D 236 -11.44 36.90 -6.19
CA GLY D 236 -12.82 36.85 -6.64
C GLY D 236 -13.82 36.87 -5.50
N LEU D 237 -13.44 36.32 -4.36
CA LEU D 237 -14.36 36.26 -3.24
C LEU D 237 -14.63 37.64 -2.66
N THR D 238 -13.67 38.55 -2.77
CA THR D 238 -13.93 39.92 -2.35
C THR D 238 -14.87 40.63 -3.31
N ILE D 239 -14.74 40.39 -4.61
CA ILE D 239 -15.63 41.03 -5.56
C ILE D 239 -17.05 40.54 -5.36
N ALA D 240 -17.21 39.25 -5.02
CA ALA D 240 -18.55 38.76 -4.69
C ALA D 240 -19.04 39.33 -3.36
N GLU D 241 -18.15 39.42 -2.37
CA GLU D 241 -18.56 39.90 -1.07
C GLU D 241 -18.97 41.36 -1.11
N TYR D 242 -18.47 42.12 -2.08
CA TYR D 242 -18.96 43.49 -2.20
C TYR D 242 -20.38 43.52 -2.75
N PHE D 243 -20.67 42.66 -3.71
CA PHE D 243 -22.04 42.55 -4.18
C PHE D 243 -22.97 42.13 -3.07
N ARG D 244 -22.48 41.32 -2.14
CA ARG D 244 -23.29 40.94 -0.99
C ARG D 244 -23.48 42.10 -0.02
N ASP D 245 -22.38 42.68 0.44
CA ASP D 245 -22.41 43.60 1.56
C ASP D 245 -22.93 44.97 1.14
N GLU D 246 -22.45 45.49 0.01
CA GLU D 246 -22.81 46.83 -0.42
C GLU D 246 -23.87 46.84 -1.51
N GLU D 247 -23.84 45.90 -2.45
CA GLU D 247 -24.86 45.85 -3.49
C GLU D 247 -26.20 45.36 -2.96
N GLY D 248 -26.20 44.51 -1.93
CA GLY D 248 -27.42 44.15 -1.26
C GLY D 248 -28.21 43.05 -1.92
N GLN D 249 -27.55 42.15 -2.65
CA GLN D 249 -28.26 41.12 -3.39
C GLN D 249 -27.41 39.86 -3.42
N ASP D 250 -28.09 38.72 -3.58
CA ASP D 250 -27.43 37.44 -3.59
C ASP D 250 -26.63 37.25 -4.87
N VAL D 251 -25.47 36.62 -4.74
CA VAL D 251 -24.59 36.35 -5.88
C VAL D 251 -23.95 34.99 -5.69
N LEU D 252 -23.62 34.33 -6.80
CA LEU D 252 -23.02 33.02 -6.79
C LEU D 252 -21.62 33.09 -7.38
N LEU D 253 -20.68 32.48 -6.67
CA LEU D 253 -19.25 32.59 -6.96
C LEU D 253 -18.76 31.26 -7.48
N PHE D 254 -18.12 31.27 -8.65
CA PHE D 254 -17.60 30.06 -9.26
C PHE D 254 -16.10 30.01 -9.06
N ILE D 255 -15.64 28.94 -8.41
CA ILE D 255 -14.23 28.70 -8.15
C ILE D 255 -13.83 27.46 -8.94
N ASP D 256 -13.06 27.65 -9.99
CA ASP D 256 -12.62 26.57 -10.89
C ASP D 256 -11.11 26.67 -11.05
N ASN D 257 -10.32 25.83 -10.37
CA ASN D 257 -10.76 24.73 -9.51
C ASN D 257 -10.12 24.83 -8.12
N ILE D 258 -10.88 24.42 -7.10
CA ILE D 258 -10.41 24.58 -5.73
C ILE D 258 -9.26 23.63 -5.41
N PHE D 259 -9.21 22.48 -6.08
CA PHE D 259 -8.08 21.59 -5.94
C PHE D 259 -6.77 22.37 -6.13
N ARG D 260 -6.80 23.36 -7.01
CA ARG D 260 -5.62 24.14 -7.28
C ARG D 260 -5.38 25.23 -6.25
N PHE D 261 -6.41 25.69 -5.55
CA PHE D 261 -6.17 26.47 -4.35
C PHE D 261 -5.36 25.66 -3.36
N THR D 262 -5.81 24.45 -3.07
CA THR D 262 -5.06 23.61 -2.12
C THR D 262 -3.68 23.29 -2.67
N GLN D 263 -3.57 23.08 -3.98
CA GLN D 263 -2.29 22.74 -4.58
C GLN D 263 -1.29 23.88 -4.46
N ALA D 264 -1.72 25.09 -4.83
CA ALA D 264 -0.85 26.24 -4.70
C ALA D 264 -0.51 26.50 -3.24
N GLY D 265 -1.43 26.23 -2.33
CA GLY D 265 -1.11 26.35 -0.93
C GLY D 265 0.00 25.41 -0.51
N SER D 266 -0.04 24.19 -1.03
CA SER D 266 1.03 23.25 -0.73
C SER D 266 2.33 23.70 -1.37
N GLU D 267 2.27 24.25 -2.57
CA GLU D 267 3.47 24.74 -3.23
C GLU D 267 4.12 25.85 -2.41
N VAL D 268 3.33 26.84 -2.01
CA VAL D 268 3.87 27.96 -1.25
C VAL D 268 4.37 27.50 0.11
N SER D 269 3.72 26.50 0.71
CA SER D 269 4.18 26.02 2.01
C SER D 269 5.50 25.27 1.89
N ALA D 270 5.63 24.43 0.86
CA ALA D 270 6.90 23.74 0.65
C ALA D 270 8.00 24.72 0.34
N LEU D 271 7.70 25.75 -0.44
CA LEU D 271 8.70 26.76 -0.76
C LEU D 271 9.14 27.50 0.50
N LEU D 272 8.18 27.89 1.33
CA LEU D 272 8.47 28.60 2.56
C LEU D 272 9.15 27.73 3.61
N GLY D 273 9.30 26.44 3.37
CA GLY D 273 10.04 25.58 4.27
C GLY D 273 9.23 24.98 5.39
N ARG D 274 7.92 25.17 5.42
CA ARG D 274 7.10 24.46 6.39
C ARG D 274 7.17 22.96 6.13
N ILE D 275 7.37 22.20 7.20
CA ILE D 275 7.46 20.75 7.09
C ILE D 275 6.24 20.25 6.34
N PRO D 276 6.39 19.51 5.26
CA PRO D 276 5.21 18.99 4.57
C PRO D 276 4.51 17.94 5.41
N SER D 277 3.19 17.91 5.28
CA SER D 277 2.32 17.03 6.03
C SER D 277 2.15 15.72 5.27
N ALA D 278 1.06 15.01 5.56
CA ALA D 278 0.55 13.98 4.66
C ALA D 278 0.75 14.41 3.20
N VAL D 279 0.31 13.57 2.26
CA VAL D 279 1.03 13.27 1.02
C VAL D 279 1.90 14.35 0.42
N GLY D 280 1.87 15.57 0.95
CA GLY D 280 2.67 16.66 0.48
C GLY D 280 1.95 17.98 0.54
N TYR D 281 0.77 17.99 1.15
CA TYR D 281 -0.01 19.18 1.36
C TYR D 281 0.50 19.94 2.58
N GLN D 282 0.14 21.21 2.62
CA GLN D 282 0.58 22.10 3.67
C GLN D 282 -0.10 21.75 4.99
N PRO D 283 0.54 22.04 6.11
CA PRO D 283 -0.16 21.93 7.40
C PRO D 283 -1.35 22.86 7.50
N THR D 284 -1.28 24.02 6.87
CA THR D 284 -2.34 25.01 6.91
C THR D 284 -3.49 24.68 5.97
N LEU D 285 -3.56 23.43 5.50
CA LEU D 285 -4.59 23.05 4.55
C LEU D 285 -5.98 23.41 5.06
N ALA D 286 -6.34 22.91 6.25
CA ALA D 286 -7.69 23.05 6.74
C ALA D 286 -8.02 24.50 7.07
N THR D 287 -7.08 25.23 7.63
CA THR D 287 -7.33 26.61 8.01
C THR D 287 -7.33 27.54 6.80
N ASP D 288 -6.49 27.26 5.80
CA ASP D 288 -6.56 28.03 4.57
C ASP D 288 -7.89 27.82 3.88
N MET D 289 -8.32 26.57 3.78
CA MET D 289 -9.61 26.28 3.19
C MET D 289 -10.73 26.97 3.96
N GLY D 290 -10.66 26.95 5.29
CA GLY D 290 -11.69 27.59 6.07
C GLY D 290 -11.71 29.09 5.87
N LEU D 291 -10.54 29.72 5.84
CA LEU D 291 -10.48 31.16 5.70
C LEU D 291 -10.96 31.60 4.32
N LEU D 292 -10.88 30.70 3.34
CA LEU D 292 -11.52 30.98 2.05
C LEU D 292 -13.03 30.77 2.15
N GLN D 293 -13.44 29.57 2.57
CA GLN D 293 -14.83 29.17 2.44
C GLN D 293 -15.75 30.00 3.31
N GLU D 294 -15.44 30.13 4.60
CA GLU D 294 -16.40 30.67 5.55
C GLU D 294 -16.71 32.14 5.31
N ARG D 295 -16.03 32.77 4.36
CA ARG D 295 -16.51 34.05 3.85
C ARG D 295 -17.66 33.84 2.89
N ILE D 296 -17.71 32.67 2.26
CA ILE D 296 -18.85 32.26 1.45
C ILE D 296 -19.95 31.82 2.40
N THR D 297 -20.88 32.71 2.69
CA THR D 297 -21.98 32.39 3.59
C THR D 297 -23.06 33.46 3.47
N THR D 298 -24.19 33.18 4.09
CA THR D 298 -25.32 34.08 4.12
C THR D 298 -25.26 34.99 5.34
N THR D 299 -25.83 36.18 5.20
CA THR D 299 -25.84 37.17 6.27
C THR D 299 -26.99 38.14 6.00
N LYS D 300 -27.09 39.17 6.83
CA LYS D 300 -28.29 40.00 6.84
C LYS D 300 -28.53 40.65 5.49
N LYS D 301 -27.47 41.03 4.78
CA LYS D 301 -27.63 41.77 3.54
C LYS D 301 -27.71 40.86 2.32
N GLY D 302 -27.22 39.64 2.41
CA GLY D 302 -27.35 38.70 1.31
C GLY D 302 -26.45 37.50 1.50
N SER D 303 -26.14 36.85 0.39
CA SER D 303 -25.42 35.60 0.40
C SER D 303 -24.50 35.50 -0.81
N VAL D 304 -23.27 35.04 -0.56
CA VAL D 304 -22.37 34.64 -1.64
C VAL D 304 -22.48 33.13 -1.75
N THR D 305 -23.22 32.67 -2.74
CA THR D 305 -23.22 31.26 -3.04
C THR D 305 -21.95 30.90 -3.78
N SER D 306 -21.52 29.65 -3.62
CA SER D 306 -20.38 29.15 -4.35
C SER D 306 -20.70 27.83 -5.01
N VAL D 307 -20.29 27.73 -6.28
CA VAL D 307 -20.27 26.49 -7.01
C VAL D 307 -18.82 26.21 -7.37
N GLN D 308 -18.24 25.21 -6.71
CA GLN D 308 -16.81 24.98 -6.74
C GLN D 308 -16.52 23.70 -7.50
N ALA D 309 -15.80 23.80 -8.61
CA ALA D 309 -15.27 22.61 -9.25
C ALA D 309 -14.19 22.02 -8.37
N VAL D 310 -14.25 20.71 -8.18
CA VAL D 310 -13.34 20.01 -7.28
C VAL D 310 -12.70 18.90 -8.08
N TYR D 311 -11.44 19.09 -8.46
CA TYR D 311 -10.70 18.04 -9.15
C TYR D 311 -10.22 17.00 -8.15
N VAL D 312 -10.55 15.75 -8.40
CA VAL D 312 -10.18 14.64 -7.54
C VAL D 312 -8.99 13.92 -8.16
N PRO D 313 -7.77 14.17 -7.70
CA PRO D 313 -6.61 13.51 -8.32
C PRO D 313 -6.71 12.00 -8.23
N ALA D 314 -6.40 11.34 -9.34
CA ALA D 314 -6.41 9.88 -9.42
C ALA D 314 -7.75 9.29 -9.00
N ASP D 315 -8.81 10.10 -9.08
CA ASP D 315 -10.15 9.65 -8.73
C ASP D 315 -10.24 9.18 -7.29
N ASP D 316 -9.30 9.61 -6.44
CA ASP D 316 -9.22 9.16 -5.06
C ASP D 316 -9.82 10.25 -4.17
N LEU D 317 -11.08 10.05 -3.78
CA LEU D 317 -11.75 11.00 -2.90
C LEU D 317 -11.09 11.09 -1.53
N THR D 318 -10.20 10.17 -1.19
CA THR D 318 -9.55 10.16 0.10
C THR D 318 -8.27 10.98 0.14
N ASP D 319 -7.89 11.58 -0.98
CA ASP D 319 -6.75 12.47 -0.98
C ASP D 319 -7.06 13.66 -0.06
N PRO D 320 -6.08 14.13 0.73
CA PRO D 320 -6.40 15.20 1.68
C PRO D 320 -7.03 16.42 1.05
N ALA D 321 -6.69 16.78 -0.18
CA ALA D 321 -7.28 17.97 -0.80
C ALA D 321 -8.78 17.82 -0.97
N PRO D 322 -9.28 16.83 -1.69
CA PRO D 322 -10.74 16.68 -1.78
C PRO D 322 -11.37 16.35 -0.45
N ALA D 323 -10.69 15.60 0.41
CA ALA D 323 -11.24 15.28 1.71
C ALA D 323 -11.47 16.53 2.54
N THR D 324 -10.62 17.54 2.38
CA THR D 324 -10.80 18.77 3.14
C THR D 324 -11.82 19.68 2.47
N THR D 325 -11.86 19.66 1.14
CA THR D 325 -12.89 20.41 0.44
C THR D 325 -14.28 19.88 0.77
N PHE D 326 -14.41 18.56 0.93
CA PHE D 326 -15.70 17.94 1.20
C PHE D 326 -16.27 18.36 2.55
N ALA D 327 -15.43 18.78 3.48
CA ALA D 327 -15.90 19.14 4.81
C ALA D 327 -16.61 20.48 4.82
N HIS D 328 -16.52 21.24 3.74
CA HIS D 328 -17.14 22.55 3.66
C HIS D 328 -18.33 22.60 2.72
N LEU D 329 -18.33 21.78 1.67
CA LEU D 329 -19.44 21.74 0.75
C LEU D 329 -20.50 20.76 1.23
N ASP D 330 -21.75 21.09 0.94
CA ASP D 330 -22.88 20.30 1.43
C ASP D 330 -23.80 19.86 0.30
N ALA D 331 -23.46 20.16 -0.95
CA ALA D 331 -24.18 19.65 -2.11
C ALA D 331 -23.15 19.21 -3.13
N THR D 332 -23.35 18.01 -3.69
CA THR D 332 -22.41 17.42 -4.62
C THR D 332 -23.10 17.11 -5.92
N THR D 333 -22.55 17.61 -7.01
CA THR D 333 -23.05 17.36 -8.36
C THR D 333 -21.92 16.71 -9.15
N VAL D 334 -22.13 15.47 -9.54
CA VAL D 334 -21.12 14.68 -10.22
C VAL D 334 -21.51 14.59 -11.69
N LEU D 335 -20.68 15.16 -12.55
CA LEU D 335 -20.87 15.07 -13.99
C LEU D 335 -20.00 13.91 -14.48
N SER D 336 -20.64 12.79 -14.78
CA SER D 336 -19.95 11.55 -15.10
C SER D 336 -20.09 11.27 -16.58
N ARG D 337 -18.97 10.96 -17.23
CA ARG D 337 -19.02 10.64 -18.65
C ARG D 337 -19.95 9.47 -18.92
N GLY D 338 -20.03 8.52 -17.99
CA GLY D 338 -20.93 7.39 -18.16
C GLY D 338 -22.38 7.80 -18.30
N ILE D 339 -22.73 8.99 -17.79
CA ILE D 339 -24.09 9.48 -17.98
C ILE D 339 -24.21 10.16 -19.34
N SER D 340 -23.10 10.66 -19.89
CA SER D 340 -23.13 11.22 -21.23
C SER D 340 -23.18 10.12 -22.29
N GLU D 341 -22.63 8.95 -21.96
CA GLU D 341 -22.71 7.82 -22.88
C GLU D 341 -24.17 7.45 -23.15
N LEU D 342 -25.00 7.49 -22.11
CA LEU D 342 -26.43 7.28 -22.28
C LEU D 342 -27.11 8.48 -22.91
N GLY D 343 -26.37 9.56 -23.18
CA GLY D 343 -26.97 10.75 -23.75
C GLY D 343 -27.84 11.54 -22.81
N ILE D 344 -27.70 11.32 -21.50
CA ILE D 344 -28.57 11.98 -20.52
C ILE D 344 -27.87 13.29 -20.14
N TYR D 345 -28.12 14.31 -20.93
CA TYR D 345 -27.61 15.63 -20.63
C TYR D 345 -28.58 16.37 -19.71
N PRO D 346 -28.10 17.11 -18.72
CA PRO D 346 -26.73 17.60 -18.47
C PRO D 346 -25.78 16.66 -17.74
N ALA D 347 -26.04 15.35 -17.81
CA ALA D 347 -25.04 14.36 -17.43
C ALA D 347 -24.72 14.39 -15.94
N VAL D 348 -25.69 14.74 -15.11
CA VAL D 348 -25.50 14.67 -13.67
C VAL D 348 -25.82 13.26 -13.19
N ASP D 349 -24.88 12.66 -12.48
CA ASP D 349 -25.07 11.32 -11.96
C ASP D 349 -26.17 11.33 -10.91
N PRO D 350 -27.33 10.72 -11.15
CA PRO D 350 -28.43 10.85 -10.20
C PRO D 350 -28.14 10.27 -8.84
N LEU D 351 -27.08 9.50 -8.68
CA LEU D 351 -26.78 8.84 -7.42
C LEU D 351 -25.47 9.28 -6.79
N ASP D 352 -24.45 9.62 -7.58
CA ASP D 352 -23.24 10.18 -6.99
C ASP D 352 -23.51 11.58 -6.47
N SER D 353 -24.34 12.33 -7.17
CA SER D 353 -24.77 13.63 -6.67
C SER D 353 -25.60 13.47 -5.41
N LYS D 354 -25.32 14.29 -4.41
CA LYS D 354 -26.00 14.22 -3.13
C LYS D 354 -26.04 15.63 -2.53
N SER D 355 -26.99 15.86 -1.64
CA SER D 355 -27.12 17.16 -1.02
C SER D 355 -27.62 17.03 0.40
N ARG D 356 -27.15 17.94 1.25
CA ARG D 356 -27.53 17.95 2.65
C ARG D 356 -28.93 18.50 2.84
N LEU D 357 -29.35 19.39 1.95
CA LEU D 357 -30.64 20.05 2.09
C LEU D 357 -31.80 19.14 1.70
N LEU D 358 -31.52 17.91 1.27
CA LEU D 358 -32.58 16.99 0.92
C LEU D 358 -33.43 16.58 2.11
N ASP D 359 -33.08 17.02 3.32
CA ASP D 359 -33.86 16.68 4.50
C ASP D 359 -35.25 17.29 4.41
N ALA D 360 -36.23 16.53 4.88
CA ALA D 360 -37.61 17.00 4.91
C ALA D 360 -37.72 18.36 5.57
N ALA D 361 -36.84 18.64 6.53
CA ALA D 361 -36.93 19.90 7.27
C ALA D 361 -36.71 21.10 6.38
N VAL D 362 -36.01 20.92 5.26
CA VAL D 362 -35.61 22.02 4.39
C VAL D 362 -36.41 22.01 3.10
N VAL D 363 -36.43 20.87 2.40
CA VAL D 363 -37.18 20.77 1.16
C VAL D 363 -38.63 20.40 1.39
N GLY D 364 -38.95 19.79 2.52
CA GLY D 364 -40.30 19.33 2.79
C GLY D 364 -40.40 17.82 2.63
N GLN D 365 -41.36 17.23 3.36
CA GLN D 365 -41.49 15.79 3.38
C GLN D 365 -41.90 15.24 2.02
N GLU D 366 -42.67 16.01 1.26
CA GLU D 366 -43.08 15.57 -0.08
C GLU D 366 -41.89 15.45 -1.02
N HIS D 367 -41.11 16.52 -1.12
CA HIS D 367 -39.93 16.51 -1.96
C HIS D 367 -39.03 15.35 -1.58
N TYR D 368 -38.90 15.08 -0.29
CA TYR D 368 -37.98 14.04 0.16
C TYR D 368 -38.52 12.66 -0.17
N ASP D 369 -39.83 12.45 -0.03
CA ASP D 369 -40.39 11.16 -0.39
C ASP D 369 -40.21 10.91 -1.88
N VAL D 370 -40.42 11.94 -2.70
CA VAL D 370 -40.29 11.78 -4.13
C VAL D 370 -38.85 11.48 -4.50
N ALA D 371 -37.91 12.23 -3.92
CA ALA D 371 -36.50 12.04 -4.24
C ALA D 371 -36.02 10.69 -3.75
N SER D 372 -36.55 10.22 -2.61
CA SER D 372 -36.16 8.92 -2.09
C SER D 372 -36.68 7.81 -2.99
N LYS D 373 -37.89 7.96 -3.51
CA LYS D 373 -38.39 6.97 -4.45
C LYS D 373 -37.54 6.95 -5.71
N VAL D 374 -37.16 8.13 -6.19
CA VAL D 374 -36.30 8.20 -7.37
C VAL D 374 -34.98 7.49 -7.11
N GLN D 375 -34.37 7.79 -5.97
CA GLN D 375 -33.08 7.19 -5.65
C GLN D 375 -33.20 5.68 -5.49
N GLU D 376 -34.26 5.21 -4.84
CA GLU D 376 -34.45 3.78 -4.65
C GLU D 376 -34.61 3.08 -6.00
N THR D 377 -35.41 3.65 -6.90
CA THR D 377 -35.59 3.03 -8.20
C THR D 377 -34.28 3.01 -8.97
N LEU D 378 -33.54 4.12 -8.98
CA LEU D 378 -32.33 4.17 -9.79
C LEU D 378 -31.25 3.28 -9.20
N GLN D 379 -31.18 3.19 -7.88
CA GLN D 379 -30.24 2.28 -7.24
C GLN D 379 -30.61 0.83 -7.52
N THR D 380 -31.91 0.55 -7.59
CA THR D 380 -32.34 -0.79 -7.97
C THR D 380 -31.92 -1.12 -9.39
N TYR D 381 -32.10 -0.17 -10.31
CA TYR D 381 -31.68 -0.43 -11.69
C TYR D 381 -30.18 -0.64 -11.77
N LYS D 382 -29.41 0.23 -11.11
CA LYS D 382 -27.97 0.09 -11.13
C LYS D 382 -27.53 -1.23 -10.51
N SER D 383 -28.27 -1.73 -9.53
CA SER D 383 -27.94 -3.02 -8.94
C SER D 383 -28.27 -4.15 -9.91
N LEU D 384 -29.44 -4.10 -10.52
CA LEU D 384 -29.85 -5.09 -11.50
C LEU D 384 -29.09 -4.99 -12.80
N GLN D 385 -28.22 -4.00 -12.95
CA GLN D 385 -27.51 -3.82 -14.21
C GLN D 385 -26.62 -5.00 -14.54
N ASP D 386 -26.06 -5.65 -13.52
CA ASP D 386 -25.25 -6.84 -13.76
C ASP D 386 -26.11 -8.02 -14.18
N ILE D 387 -27.22 -8.23 -13.47
CA ILE D 387 -28.05 -9.39 -13.72
C ILE D 387 -28.74 -9.28 -15.07
N ILE D 388 -29.11 -8.06 -15.46
CA ILE D 388 -29.76 -7.84 -16.74
C ILE D 388 -28.81 -8.14 -17.89
N ALA D 389 -27.50 -8.08 -17.64
CA ALA D 389 -26.54 -8.47 -18.66
C ALA D 389 -26.27 -9.97 -18.62
N ILE D 390 -26.08 -10.54 -17.44
CA ILE D 390 -25.85 -11.97 -17.34
C ILE D 390 -27.09 -12.72 -17.82
N LEU D 391 -28.26 -12.24 -17.45
CA LEU D 391 -29.52 -12.82 -17.87
C LEU D 391 -30.39 -11.75 -18.53
N GLY D 392 -31.21 -12.19 -19.47
CA GLY D 392 -32.12 -11.28 -20.14
C GLY D 392 -33.09 -10.64 -19.17
N MET D 393 -33.70 -9.55 -19.64
CA MET D 393 -34.68 -8.85 -18.83
C MET D 393 -35.95 -9.66 -18.65
N ASP D 394 -36.20 -10.65 -19.52
CA ASP D 394 -37.34 -11.53 -19.34
C ASP D 394 -37.24 -12.31 -18.03
N GLU D 395 -36.05 -12.40 -17.44
CA GLU D 395 -35.86 -13.14 -16.21
C GLU D 395 -36.29 -12.35 -14.98
N LEU D 396 -36.57 -11.06 -15.13
CA LEU D 396 -36.93 -10.24 -13.99
C LEU D 396 -38.39 -10.44 -13.58
N SER D 397 -38.65 -10.27 -12.30
CA SER D 397 -40.01 -10.20 -11.83
C SER D 397 -40.69 -8.98 -12.42
N GLU D 398 -42.02 -9.06 -12.56
CA GLU D 398 -42.75 -7.96 -13.15
C GLU D 398 -42.59 -6.69 -12.34
N GLN D 399 -42.43 -6.81 -11.02
CA GLN D 399 -42.20 -5.62 -10.20
C GLN D 399 -40.79 -5.09 -10.38
N ASP D 400 -39.81 -5.98 -10.49
CA ASP D 400 -38.45 -5.55 -10.79
C ASP D 400 -38.36 -4.96 -12.19
N LYS D 401 -39.04 -5.58 -13.16
CA LYS D 401 -39.10 -5.05 -14.51
C LYS D 401 -39.77 -3.69 -14.54
N LEU D 402 -40.80 -3.51 -13.71
CA LEU D 402 -41.49 -2.24 -13.64
C LEU D 402 -40.57 -1.17 -13.04
N THR D 403 -39.87 -1.51 -11.96
CA THR D 403 -38.93 -0.56 -11.39
C THR D 403 -37.83 -0.22 -12.38
N VAL D 404 -37.42 -1.18 -13.20
CA VAL D 404 -36.39 -0.92 -14.21
C VAL D 404 -36.91 0.04 -15.27
N GLU D 405 -38.11 -0.21 -15.77
CA GLU D 405 -38.67 0.64 -16.82
C GLU D 405 -38.92 2.04 -16.31
N ARG D 406 -39.48 2.15 -15.09
CA ARG D 406 -39.70 3.47 -14.52
C ARG D 406 -38.38 4.12 -14.16
N ALA D 407 -37.34 3.33 -13.91
CA ALA D 407 -36.02 3.88 -13.70
C ALA D 407 -35.47 4.51 -14.96
N ARG D 408 -35.60 3.82 -16.09
CA ARG D 408 -35.15 4.39 -17.36
C ARG D 408 -35.94 5.66 -17.68
N LYS D 409 -37.25 5.64 -17.43
CA LYS D 409 -38.07 6.80 -17.71
C LYS D 409 -37.70 7.96 -16.78
N ILE D 410 -37.42 7.65 -15.51
CA ILE D 410 -36.96 8.67 -14.58
C ILE D 410 -35.64 9.26 -15.04
N GLN D 411 -34.69 8.38 -15.39
CA GLN D 411 -33.41 8.82 -15.95
C GLN D 411 -33.63 9.85 -17.04
N ARG D 412 -34.47 9.53 -18.01
CA ARG D 412 -34.55 10.40 -19.17
C ARG D 412 -35.39 11.63 -18.89
N PHE D 413 -36.33 11.57 -17.94
CA PHE D 413 -37.03 12.79 -17.58
C PHE D 413 -36.12 13.75 -16.84
N LEU D 414 -35.03 13.24 -16.25
CA LEU D 414 -34.08 14.11 -15.58
C LEU D 414 -33.27 14.92 -16.58
N SER D 415 -33.20 14.49 -17.84
CA SER D 415 -32.53 15.26 -18.86
C SER D 415 -33.26 16.57 -19.10
N GLN D 416 -32.50 17.60 -19.49
CA GLN D 416 -33.07 18.92 -19.63
C GLN D 416 -32.38 19.75 -20.70
N PRO D 417 -33.13 20.42 -21.56
CA PRO D 417 -32.51 21.32 -22.54
C PRO D 417 -32.14 22.64 -21.89
N PHE D 418 -30.87 23.01 -21.98
CA PHE D 418 -30.41 24.27 -21.41
C PHE D 418 -30.67 25.42 -22.37
N ALA D 419 -30.86 26.61 -21.80
CA ALA D 419 -31.19 27.78 -22.60
C ALA D 419 -29.95 28.35 -23.26
N VAL D 420 -28.81 28.28 -22.57
CA VAL D 420 -27.55 28.68 -23.16
C VAL D 420 -27.15 27.75 -24.30
N ALA D 421 -27.63 26.52 -24.28
CA ALA D 421 -27.30 25.53 -25.28
C ALA D 421 -28.30 25.48 -26.43
N GLU D 422 -29.22 26.44 -26.50
CA GLU D 422 -30.14 26.49 -27.62
C GLU D 422 -29.40 26.78 -28.92
N VAL D 423 -28.30 27.52 -28.86
CA VAL D 423 -27.51 27.73 -30.06
C VAL D 423 -26.71 26.49 -30.41
N PHE D 424 -26.34 25.69 -29.41
CA PHE D 424 -25.54 24.51 -29.68
C PHE D 424 -26.29 23.52 -30.56
N THR D 425 -27.57 23.30 -30.29
CA THR D 425 -28.34 22.32 -31.05
C THR D 425 -29.76 22.79 -31.36
N GLY D 426 -30.13 24.02 -31.04
CA GLY D 426 -31.44 24.55 -31.36
C GLY D 426 -32.51 24.33 -30.29
N ILE D 427 -32.29 23.43 -29.34
CA ILE D 427 -33.40 23.03 -28.46
C ILE D 427 -33.87 24.23 -27.66
N PRO D 428 -35.18 24.46 -27.52
CA PRO D 428 -35.66 25.69 -26.88
C PRO D 428 -35.20 25.91 -25.46
N GLY D 429 -34.70 24.88 -24.77
CA GLY D 429 -34.10 25.07 -23.48
C GLY D 429 -35.00 25.57 -22.36
N LYS D 430 -35.86 24.69 -21.84
CA LYS D 430 -36.79 25.07 -20.79
C LYS D 430 -36.17 24.92 -19.41
N LEU D 431 -36.72 25.64 -18.44
CA LEU D 431 -36.32 25.59 -17.04
C LEU D 431 -37.53 25.38 -16.15
N VAL D 432 -37.41 24.46 -15.18
CA VAL D 432 -38.52 23.96 -14.40
C VAL D 432 -38.38 24.42 -12.95
N ARG D 433 -39.46 24.98 -12.41
CA ARG D 433 -39.52 25.28 -10.99
C ARG D 433 -39.36 24.00 -10.17
N LEU D 434 -39.04 24.19 -8.89
CA LEU D 434 -38.87 23.05 -7.99
C LEU D 434 -40.19 22.33 -7.74
N LYS D 435 -41.24 23.08 -7.37
CA LYS D 435 -42.54 22.47 -7.15
C LYS D 435 -43.03 21.76 -8.41
N ASP D 436 -42.89 22.42 -9.56
CA ASP D 436 -43.27 21.82 -10.83
C ASP D 436 -42.39 20.66 -11.24
N THR D 437 -41.32 20.41 -10.49
CA THR D 437 -40.47 19.24 -10.72
C THR D 437 -40.86 18.09 -9.80
N VAL D 438 -41.16 18.40 -8.55
CA VAL D 438 -41.61 17.37 -7.62
C VAL D 438 -42.95 16.82 -8.08
N ALA D 439 -43.89 17.71 -8.38
CA ALA D 439 -45.19 17.26 -8.87
C ALA D 439 -45.08 16.43 -10.13
N SER D 440 -43.99 16.55 -10.87
CA SER D 440 -43.84 15.82 -12.12
C SER D 440 -43.21 14.44 -11.89
N PHE D 441 -42.09 14.39 -11.19
CA PHE D 441 -41.50 13.11 -10.89
C PHE D 441 -42.42 12.27 -10.01
N LYS D 442 -43.30 12.91 -9.25
CA LYS D 442 -44.34 12.19 -8.52
C LYS D 442 -45.28 11.49 -9.49
N ALA D 443 -45.83 12.24 -10.44
CA ALA D 443 -46.74 11.65 -11.40
C ALA D 443 -46.08 10.51 -12.16
N VAL D 444 -44.78 10.62 -12.41
CA VAL D 444 -44.06 9.52 -13.05
C VAL D 444 -43.99 8.32 -12.12
N LEU D 445 -43.56 8.55 -10.88
CA LEU D 445 -43.27 7.45 -9.97
C LEU D 445 -44.51 6.61 -9.69
N GLU D 446 -45.65 7.26 -9.48
CA GLU D 446 -46.86 6.57 -9.09
C GLU D 446 -47.39 5.64 -10.17
N GLY D 447 -46.76 5.59 -11.34
CA GLY D 447 -47.31 4.86 -12.45
C GLY D 447 -48.45 5.57 -13.13
N LYS D 448 -48.81 6.77 -12.68
CA LYS D 448 -49.89 7.52 -13.30
C LYS D 448 -49.56 7.84 -14.76
N TYR D 449 -48.28 8.02 -15.06
CA TYR D 449 -47.82 8.38 -16.39
C TYR D 449 -46.93 7.31 -17.00
N ASP D 450 -47.10 6.06 -16.55
CA ASP D 450 -46.38 4.96 -17.16
C ASP D 450 -46.92 4.59 -18.54
N ASN D 451 -48.07 5.15 -18.93
CA ASN D 451 -48.69 4.83 -20.20
C ASN D 451 -47.81 5.18 -21.39
N ILE D 452 -46.83 6.06 -21.23
CA ILE D 452 -46.20 6.72 -22.37
C ILE D 452 -44.77 6.23 -22.55
N PRO D 453 -44.14 6.51 -23.69
CA PRO D 453 -42.88 5.85 -24.04
C PRO D 453 -41.65 6.60 -23.54
N GLU D 454 -40.52 5.91 -23.65
CA GLU D 454 -39.27 6.41 -23.08
C GLU D 454 -38.84 7.71 -23.73
N HIS D 455 -38.76 7.74 -25.06
CA HIS D 455 -38.19 8.89 -25.75
C HIS D 455 -39.01 10.16 -25.56
N ALA D 456 -40.28 10.04 -25.16
CA ALA D 456 -41.09 11.21 -24.93
C ALA D 456 -40.68 11.93 -23.65
N PHE D 457 -40.06 11.21 -22.73
CA PHE D 457 -39.56 11.85 -21.52
C PHE D 457 -38.27 12.62 -21.79
N TYR D 458 -37.69 12.45 -22.97
CA TYR D 458 -36.38 13.00 -23.26
C TYR D 458 -36.47 14.50 -23.53
N MET D 459 -35.72 15.28 -22.74
CA MET D 459 -35.52 16.70 -23.00
C MET D 459 -36.84 17.46 -23.00
N VAL D 460 -37.52 17.41 -21.87
CA VAL D 460 -38.79 18.11 -21.68
C VAL D 460 -38.75 18.87 -20.37
N GLY D 461 -39.51 19.95 -20.30
CA GLY D 461 -39.52 20.79 -19.11
C GLY D 461 -40.67 20.54 -18.18
N GLY D 462 -41.11 19.29 -18.08
CA GLY D 462 -42.21 18.92 -17.20
C GLY D 462 -43.13 17.91 -17.85
N ILE D 463 -43.85 17.18 -16.99
CA ILE D 463 -44.80 16.19 -17.48
C ILE D 463 -45.94 16.87 -18.22
N GLU D 464 -46.30 18.09 -17.80
CA GLU D 464 -47.23 18.91 -18.56
C GLU D 464 -46.68 19.29 -19.92
N ASP D 465 -45.46 18.91 -20.22
CA ASP D 465 -44.89 18.98 -21.56
C ASP D 465 -44.55 17.61 -22.13
N VAL D 466 -44.29 16.63 -21.27
CA VAL D 466 -44.09 15.27 -21.76
C VAL D 466 -45.38 14.72 -22.35
N VAL D 467 -46.53 15.01 -21.74
CA VAL D 467 -47.78 14.61 -22.34
C VAL D 467 -48.01 15.31 -23.66
N ALA D 468 -47.56 16.56 -23.79
CA ALA D 468 -47.69 17.25 -25.07
C ALA D 468 -46.82 16.60 -26.14
N LYS D 469 -45.58 16.30 -25.79
CA LYS D 469 -44.69 15.62 -26.72
C LYS D 469 -45.25 14.25 -27.10
N ALA D 470 -45.81 13.54 -26.13
CA ALA D 470 -46.34 12.22 -26.40
C ALA D 470 -47.59 12.30 -27.26
N GLU D 471 -48.38 13.35 -27.09
CA GLU D 471 -49.53 13.54 -27.95
C GLU D 471 -49.07 13.82 -29.38
N LYS D 472 -48.00 14.58 -29.52
CA LYS D 472 -47.44 14.81 -30.85
C LYS D 472 -46.97 13.51 -31.47
N LEU D 473 -46.24 12.69 -30.70
CA LEU D 473 -45.72 11.44 -31.24
C LEU D 473 -46.86 10.49 -31.61
N ALA D 474 -47.85 10.33 -30.73
CA ALA D 474 -48.96 9.43 -31.02
C ALA D 474 -49.72 9.89 -32.26
N ALA D 475 -49.85 11.20 -32.42
CA ALA D 475 -50.39 11.76 -33.65
C ALA D 475 -49.34 11.65 -34.74
N PRO E 8 23.17 19.69 47.60
CA PRO E 8 22.65 18.76 46.59
C PRO E 8 22.86 19.24 45.17
N ILE E 9 22.56 18.37 44.19
CA ILE E 9 22.77 18.65 42.78
C ILE E 9 21.60 19.51 42.30
N THR E 10 21.84 20.80 42.10
CA THR E 10 20.82 21.75 41.71
C THR E 10 21.01 22.18 40.27
N GLY E 11 20.01 21.92 39.43
CA GLY E 11 19.96 22.48 38.10
C GLY E 11 18.77 23.41 37.93
N LYS E 12 18.71 23.99 36.75
CA LYS E 12 17.63 24.90 36.36
C LYS E 12 17.12 24.52 34.99
N VAL E 13 15.79 24.53 34.85
CA VAL E 13 15.18 24.26 33.57
C VAL E 13 15.48 25.39 32.60
N THR E 14 15.80 25.02 31.37
CA THR E 14 16.13 25.96 30.32
C THR E 14 15.29 25.77 29.08
N ALA E 15 14.60 24.65 28.94
CA ALA E 15 13.71 24.42 27.82
C ALA E 15 12.51 23.60 28.27
N VAL E 16 11.37 23.86 27.64
CA VAL E 16 10.20 23.02 27.79
C VAL E 16 9.56 22.89 26.42
N ILE E 17 9.75 21.74 25.80
CA ILE E 17 9.26 21.47 24.45
C ILE E 17 8.38 20.23 24.57
N GLY E 18 7.09 20.44 24.79
CA GLY E 18 6.20 19.32 25.00
C GLY E 18 6.56 18.58 26.27
N ALA E 19 6.63 17.26 26.17
CA ALA E 19 7.02 16.44 27.30
C ALA E 19 8.51 16.49 27.59
N ILE E 20 9.27 17.19 26.76
CA ILE E 20 10.72 17.24 26.88
C ILE E 20 11.11 18.46 27.69
N VAL E 21 12.15 18.29 28.51
CA VAL E 21 12.66 19.35 29.38
C VAL E 21 14.17 19.30 29.37
N ASP E 22 14.80 20.45 29.19
CA ASP E 22 16.25 20.55 29.27
C ASP E 22 16.65 21.20 30.59
N VAL E 23 17.64 20.63 31.25
CA VAL E 23 18.08 21.09 32.56
C VAL E 23 19.58 21.38 32.49
N HIS E 24 19.95 22.58 32.94
CA HIS E 24 21.32 23.06 32.94
C HIS E 24 21.85 23.11 34.36
N PHE E 25 23.08 22.64 34.55
CA PHE E 25 23.70 22.53 35.87
C PHE E 25 24.92 23.43 35.93
N GLU E 26 24.95 24.31 36.93
CA GLU E 26 26.18 25.04 37.21
C GLU E 26 27.28 24.08 37.61
N GLN E 27 27.02 23.22 38.58
CA GLN E 27 28.00 22.25 39.02
C GLN E 27 28.34 21.28 37.91
N SER E 28 29.57 20.78 37.94
CA SER E 28 30.03 19.88 36.89
C SER E 28 29.38 18.49 37.00
N GLU E 29 28.98 18.10 38.21
CA GLU E 29 28.48 16.75 38.45
C GLU E 29 27.10 16.59 37.81
N LEU E 30 27.11 16.52 36.49
CA LEU E 30 25.89 16.26 35.75
C LEU E 30 25.28 14.93 36.17
N PRO E 31 23.97 14.77 36.02
CA PRO E 31 23.34 13.49 36.32
C PRO E 31 23.62 12.46 35.24
N ALA E 32 23.62 11.20 35.65
CA ALA E 32 23.82 10.12 34.70
C ALA E 32 22.63 10.04 33.76
N ILE E 33 22.84 9.36 32.64
CA ILE E 33 21.75 9.13 31.70
C ILE E 33 20.76 8.16 32.34
N LEU E 34 19.48 8.44 32.11
CA LEU E 34 18.34 7.73 32.69
C LEU E 34 18.15 7.98 34.18
N ASN E 35 18.87 8.92 34.77
CA ASN E 35 18.61 9.28 36.16
C ASN E 35 17.32 10.08 36.27
N ALA E 36 16.76 10.07 37.48
CA ALA E 36 15.49 10.72 37.76
C ALA E 36 15.71 12.04 38.48
N LEU E 37 15.39 13.13 37.80
CA LEU E 37 15.35 14.46 38.39
C LEU E 37 13.94 14.76 38.85
N GLU E 38 13.81 15.61 39.86
CA GLU E 38 12.51 15.89 40.45
C GLU E 38 12.34 17.38 40.70
N ILE E 39 11.15 17.88 40.39
CA ILE E 39 10.79 19.27 40.57
C ILE E 39 9.54 19.33 41.42
N LYS E 40 9.56 20.15 42.47
CA LYS E 40 8.44 20.22 43.40
C LYS E 40 7.35 21.15 42.86
N THR E 41 6.89 20.82 41.67
CA THR E 41 5.75 21.53 41.11
C THR E 41 4.55 21.37 42.03
N PRO E 42 3.72 22.40 42.19
CA PRO E 42 2.43 22.20 42.83
C PRO E 42 1.69 21.05 42.17
N GLN E 43 0.92 20.30 42.97
CA GLN E 43 0.28 19.08 42.53
C GLN E 43 1.25 17.90 42.51
N GLY E 44 2.26 17.93 43.39
CA GLY E 44 3.15 16.81 43.56
C GLY E 44 4.36 16.87 42.64
N LYS E 45 5.44 16.24 43.09
CA LYS E 45 6.72 16.36 42.42
C LYS E 45 6.68 15.72 41.04
N LEU E 46 6.96 16.53 40.03
CA LEU E 46 7.20 16.07 38.68
C LEU E 46 8.55 15.35 38.61
N VAL E 47 8.59 14.28 37.83
CA VAL E 47 9.80 13.48 37.66
C VAL E 47 10.19 13.47 36.18
N LEU E 48 11.45 13.74 35.92
CA LEU E 48 12.02 13.76 34.59
C LEU E 48 13.10 12.69 34.50
N GLU E 49 13.16 12.00 33.38
CA GLU E 49 14.20 11.02 33.14
C GLU E 49 15.16 11.54 32.09
N VAL E 50 16.43 11.64 32.47
CA VAL E 50 17.45 12.08 31.54
C VAL E 50 17.54 11.10 30.38
N ALA E 51 17.38 11.62 29.17
CA ALA E 51 17.50 10.83 27.96
C ALA E 51 18.75 11.13 27.17
N GLN E 52 19.27 12.35 27.25
CA GLN E 52 20.49 12.71 26.54
C GLN E 52 21.30 13.72 27.34
N HIS E 53 22.58 13.81 27.00
CA HIS E 53 23.45 14.90 27.42
C HIS E 53 23.79 15.72 26.18
N LEU E 54 23.41 16.99 26.19
CA LEU E 54 23.57 17.86 25.03
C LEU E 54 24.84 18.70 25.10
N GLY E 55 25.56 18.63 26.19
CA GLY E 55 26.69 19.51 26.40
C GLY E 55 26.25 20.83 27.01
N GLU E 56 27.22 21.72 27.12
CA GLU E 56 27.00 23.00 27.77
C GLU E 56 26.36 22.79 29.14
N ASN E 57 26.79 21.73 29.82
CA ASN E 57 26.26 21.36 31.12
C ASN E 57 24.74 21.29 31.07
N THR E 58 24.23 20.66 30.03
CA THR E 58 22.81 20.54 29.79
C THR E 58 22.45 19.09 29.50
N VAL E 59 21.33 18.65 30.06
CA VAL E 59 20.79 17.33 29.82
C VAL E 59 19.35 17.47 29.39
N ARG E 60 18.88 16.49 28.62
CA ARG E 60 17.57 16.52 28.00
C ARG E 60 16.79 15.31 28.46
N THR E 61 15.56 15.55 28.93
CA THR E 61 14.82 14.60 29.73
C THR E 61 13.38 14.53 29.25
N ILE E 62 12.74 13.41 29.57
CA ILE E 62 11.36 13.14 29.24
C ILE E 62 10.56 13.17 30.54
N ALA E 63 9.41 13.84 30.51
CA ALA E 63 8.65 14.08 31.73
C ALA E 63 7.62 12.98 31.96
N MET E 64 7.61 12.46 33.19
CA MET E 64 6.60 11.50 33.62
C MET E 64 5.24 12.15 33.85
N ASP E 65 5.14 13.47 33.79
CA ASP E 65 3.87 14.15 33.98
C ASP E 65 3.87 15.45 33.18
N GLY E 66 2.69 16.00 32.99
CA GLY E 66 2.54 17.14 32.11
C GLY E 66 3.46 18.28 32.51
N THR E 67 4.02 18.93 31.49
CA THR E 67 4.97 20.01 31.70
C THR E 67 4.27 21.36 31.87
N GLU E 68 2.97 21.41 31.69
CA GLU E 68 2.25 22.66 31.85
C GLU E 68 2.48 23.23 33.23
N GLY E 69 2.82 24.51 33.29
CA GLY E 69 3.13 25.17 34.52
C GLY E 69 4.60 25.36 34.79
N LEU E 70 5.47 24.79 33.97
CA LEU E 70 6.91 24.89 34.19
C LEU E 70 7.44 26.21 33.67
N VAL E 71 8.12 26.95 34.54
CA VAL E 71 8.87 28.11 34.12
C VAL E 71 10.32 27.71 33.90
N ARG E 72 11.02 28.50 33.10
CA ARG E 72 12.45 28.35 32.97
C ARG E 72 13.12 28.88 34.23
N GLY E 73 14.36 28.46 34.43
CA GLY E 73 15.04 28.75 35.68
C GLY E 73 14.50 28.01 36.89
N GLU E 74 13.48 27.17 36.73
CA GLU E 74 12.93 26.44 37.86
C GLU E 74 13.90 25.34 38.29
N LYS E 75 14.12 25.24 39.60
CA LYS E 75 15.08 24.30 40.13
C LYS E 75 14.68 22.86 39.82
N VAL E 76 15.70 22.02 39.69
CA VAL E 76 15.56 20.59 39.52
C VAL E 76 16.61 19.91 40.39
N LEU E 77 16.18 18.93 41.18
CA LEU E 77 17.06 18.19 42.08
C LEU E 77 17.26 16.78 41.54
N ASP E 78 18.51 16.33 41.57
CA ASP E 78 18.89 15.02 41.04
C ASP E 78 18.91 14.00 42.17
N THR E 79 18.17 12.91 41.98
CA THR E 79 18.09 11.87 42.99
C THR E 79 19.38 11.06 43.12
N GLY E 80 20.29 11.17 42.15
CA GLY E 80 21.48 10.34 42.14
C GLY E 80 21.26 8.95 41.64
N GLY E 81 20.03 8.59 41.28
CA GLY E 81 19.74 7.29 40.72
C GLY E 81 18.48 7.32 39.89
N PRO E 82 18.24 6.25 39.15
CA PRO E 82 17.07 6.23 38.27
C PRO E 82 15.78 6.24 39.06
N ILE E 83 14.64 6.21 38.37
CA ILE E 83 13.35 6.18 39.03
C ILE E 83 13.35 4.99 39.97
N SER E 84 13.23 5.25 41.26
CA SER E 84 13.32 4.22 42.29
C SER E 84 11.93 3.96 42.86
N VAL E 85 11.56 2.69 42.94
CA VAL E 85 10.23 2.29 43.33
C VAL E 85 10.31 1.33 44.51
N PRO E 86 9.32 1.33 45.41
CA PRO E 86 9.39 0.43 46.55
C PRO E 86 9.13 -1.00 46.15
N VAL E 87 9.70 -1.93 46.90
CA VAL E 87 9.59 -3.36 46.63
C VAL E 87 9.31 -4.09 47.94
N GLY E 88 9.04 -5.38 47.81
CA GLY E 88 8.76 -6.21 48.95
C GLY E 88 7.28 -6.48 49.15
N ARG E 89 7.01 -7.19 50.25
CA ARG E 89 5.66 -7.55 50.60
C ARG E 89 4.73 -6.34 50.63
N GLU E 90 5.24 -5.18 51.04
CA GLU E 90 4.41 -4.02 51.27
C GLU E 90 3.77 -3.50 49.99
N THR E 91 4.34 -3.81 48.83
CA THR E 91 3.71 -3.42 47.58
C THR E 91 2.44 -4.20 47.31
N LEU E 92 2.23 -5.30 48.02
CA LEU E 92 1.11 -6.17 47.73
C LEU E 92 -0.20 -5.48 48.08
N GLY E 93 -1.15 -5.56 47.15
CA GLY E 93 -2.46 -4.99 47.37
C GLY E 93 -2.55 -3.50 47.14
N ARG E 94 -1.53 -2.89 46.56
CA ARG E 94 -1.49 -1.46 46.38
C ARG E 94 -1.19 -1.10 44.93
N ILE E 95 -1.50 0.14 44.58
CA ILE E 95 -1.43 0.65 43.21
C ILE E 95 -0.32 1.68 43.17
N ILE E 96 0.69 1.44 42.33
CA ILE E 96 1.88 2.27 42.26
C ILE E 96 1.95 2.88 40.87
N ASN E 97 2.23 4.18 40.82
CA ASN E 97 2.54 4.82 39.56
C ASN E 97 4.01 4.62 39.21
N VAL E 98 4.34 4.98 37.98
CA VAL E 98 5.66 4.67 37.44
C VAL E 98 6.77 5.18 38.33
N ILE E 99 6.53 6.29 39.02
CA ILE E 99 7.56 6.96 39.82
C ILE E 99 7.57 6.40 41.23
N GLY E 100 6.83 5.33 41.47
CA GLY E 100 6.86 4.70 42.77
C GLY E 100 6.06 5.40 43.83
N GLU E 101 4.92 5.98 43.46
CA GLU E 101 4.07 6.64 44.44
C GLU E 101 2.68 6.04 44.43
N PRO E 102 2.02 5.97 45.58
CA PRO E 102 0.67 5.40 45.64
C PRO E 102 -0.37 6.34 45.04
N ILE E 103 -1.02 5.88 43.97
CA ILE E 103 -2.23 6.52 43.50
C ILE E 103 -3.46 5.95 44.17
N ASP E 104 -3.30 4.86 44.93
CA ASP E 104 -4.26 4.55 45.98
C ASP E 104 -3.98 5.42 47.20
N GLU E 105 -5.05 5.85 47.84
CA GLU E 105 -4.99 6.88 48.87
C GLU E 105 -4.73 6.32 50.26
N ARG E 106 -4.42 5.03 50.37
CA ARG E 106 -4.36 4.42 51.70
C ARG E 106 -3.29 5.07 52.55
N GLY E 107 -2.11 5.31 51.98
CA GLY E 107 -1.02 5.90 52.72
C GLY E 107 0.33 5.57 52.11
N PRO E 108 1.39 5.79 52.86
CA PRO E 108 2.71 5.40 52.39
C PRO E 108 2.89 3.89 52.38
N ILE E 109 3.79 3.43 51.52
CA ILE E 109 4.11 2.01 51.45
C ILE E 109 5.18 1.66 52.47
N LYS E 110 6.16 2.55 52.66
CA LYS E 110 7.23 2.39 53.65
C LYS E 110 7.86 1.00 53.57
N SER E 111 8.14 0.57 52.36
CA SER E 111 9.04 -0.56 52.16
C SER E 111 10.46 -0.15 52.55
N LYS E 112 11.13 -1.01 53.30
CA LYS E 112 12.47 -0.68 53.78
C LYS E 112 13.44 -0.45 52.63
N LEU E 113 13.06 -0.81 51.40
CA LEU E 113 13.94 -0.75 50.25
C LEU E 113 13.23 -0.09 49.08
N ARG E 114 14.00 0.63 48.26
CA ARG E 114 13.57 1.07 46.96
C ARG E 114 14.60 0.64 45.92
N LYS E 115 14.12 0.11 44.81
CA LYS E 115 15.01 -0.38 43.78
C LYS E 115 14.87 0.44 42.50
N PRO E 116 15.97 0.67 41.79
CA PRO E 116 15.88 1.40 40.52
C PRO E 116 15.34 0.52 39.40
N ILE E 117 14.50 1.11 38.57
CA ILE E 117 13.82 0.35 37.53
C ILE E 117 14.73 0.05 36.35
N HIS E 118 15.82 0.79 36.19
CA HIS E 118 16.80 0.54 35.14
C HIS E 118 17.96 -0.23 35.75
N ALA E 119 18.09 -1.51 35.38
CA ALA E 119 19.11 -2.36 35.95
C ALA E 119 19.45 -3.47 34.96
N ASP E 120 20.63 -4.05 35.14
CA ASP E 120 21.15 -5.02 34.19
C ASP E 120 20.47 -6.38 34.38
N PRO E 121 20.08 -7.05 33.31
CA PRO E 121 19.46 -8.37 33.45
C PRO E 121 20.45 -9.41 33.92
N PRO E 122 19.97 -10.60 34.30
CA PRO E 122 20.87 -11.67 34.71
C PRO E 122 21.83 -12.05 33.59
N SER E 123 23.07 -12.34 33.98
CA SER E 123 24.12 -12.69 33.03
C SER E 123 24.01 -14.17 32.63
N PHE E 124 25.00 -14.62 31.88
CA PHE E 124 24.93 -15.94 31.25
C PHE E 124 25.13 -17.07 32.25
N ALA E 125 25.97 -16.86 33.26
CA ALA E 125 26.25 -17.93 34.21
C ALA E 125 25.07 -18.22 35.11
N GLU E 126 24.13 -17.28 35.23
CA GLU E 126 22.98 -17.43 36.12
C GLU E 126 21.80 -18.09 35.43
N GLN E 127 21.53 -17.72 34.18
CA GLN E 127 20.29 -18.10 33.54
C GLN E 127 20.15 -19.61 33.47
N SER E 128 18.89 -20.05 33.44
CA SER E 128 18.57 -21.47 33.46
C SER E 128 19.16 -22.18 32.25
N THR E 129 19.86 -23.28 32.50
CA THR E 129 20.35 -24.12 31.44
C THR E 129 19.26 -24.99 30.82
N SER E 130 18.05 -24.93 31.34
CA SER E 130 17.00 -25.88 30.98
C SER E 130 15.67 -25.18 30.81
N ALA E 131 14.98 -25.50 29.73
CA ALA E 131 13.57 -25.14 29.60
C ALA E 131 12.73 -26.04 30.48
N GLU E 132 11.79 -25.44 31.21
CA GLU E 132 10.94 -26.20 32.11
C GLU E 132 9.61 -25.48 32.26
N ILE E 133 8.63 -26.20 32.80
CA ILE E 133 7.25 -25.79 32.76
C ILE E 133 6.85 -25.15 34.09
N LEU E 134 6.20 -23.99 34.01
CA LEU E 134 5.51 -23.40 35.15
C LEU E 134 4.09 -23.94 35.18
N GLU E 135 3.84 -24.88 36.07
CA GLU E 135 2.54 -25.54 36.16
C GLU E 135 1.51 -24.58 36.73
N THR E 136 0.62 -24.11 35.88
CA THR E 136 -0.36 -23.10 36.26
C THR E 136 -1.58 -23.67 36.95
N GLY E 137 -1.77 -24.98 36.92
CA GLY E 137 -2.99 -25.56 37.44
C GLY E 137 -4.19 -25.42 36.54
N ILE E 138 -4.04 -24.78 35.40
CA ILE E 138 -5.10 -24.65 34.41
C ILE E 138 -4.89 -25.74 33.37
N LYS E 139 -5.89 -26.61 33.20
CA LYS E 139 -5.71 -27.83 32.43
C LYS E 139 -5.27 -27.52 31.00
N VAL E 140 -6.01 -26.64 30.31
CA VAL E 140 -5.71 -26.38 28.91
C VAL E 140 -4.31 -25.83 28.75
N VAL E 141 -3.91 -24.91 29.62
CA VAL E 141 -2.57 -24.34 29.54
C VAL E 141 -1.53 -25.41 29.85
N ASP E 142 -1.64 -26.04 31.02
CA ASP E 142 -0.66 -27.02 31.44
C ASP E 142 -0.51 -28.14 30.43
N LEU E 143 -1.53 -28.40 29.61
CA LEU E 143 -1.48 -29.54 28.69
C LEU E 143 -1.13 -29.15 27.27
N LEU E 144 -1.94 -28.30 26.64
CA LEU E 144 -1.80 -28.01 25.22
C LEU E 144 -0.93 -26.79 24.94
N ALA E 145 -0.59 -26.00 25.96
CA ALA E 145 0.24 -24.83 25.75
C ALA E 145 0.90 -24.43 27.06
N PRO E 146 1.80 -25.24 27.59
CA PRO E 146 2.34 -24.98 28.93
C PRO E 146 3.20 -23.72 28.95
N TYR E 147 3.14 -23.01 30.07
CA TYR E 147 3.89 -21.78 30.24
C TYR E 147 5.30 -22.07 30.71
N ALA E 148 6.23 -21.22 30.28
CA ALA E 148 7.64 -21.38 30.62
C ALA E 148 7.97 -20.65 31.92
N ARG E 149 8.69 -21.33 32.79
CA ARG E 149 9.23 -20.70 34.00
C ARG E 149 10.30 -19.71 33.58
N GLY E 150 10.02 -18.43 33.77
CA GLY E 150 10.96 -17.41 33.36
C GLY E 150 10.80 -17.02 31.91
N GLY E 151 9.58 -17.11 31.37
CA GLY E 151 9.34 -16.88 29.98
C GLY E 151 8.17 -15.93 29.76
N LYS E 152 7.91 -15.67 28.49
CA LYS E 152 6.87 -14.75 28.06
C LYS E 152 5.71 -15.52 27.45
N ILE E 153 4.49 -15.08 27.76
CA ILE E 153 3.28 -15.76 27.38
C ILE E 153 2.35 -14.74 26.77
N GLY E 154 2.15 -14.84 25.46
CA GLY E 154 1.31 -13.89 24.77
C GLY E 154 -0.16 -14.20 24.92
N LEU E 155 -0.83 -13.47 25.79
CA LEU E 155 -2.26 -13.62 25.99
C LEU E 155 -3.01 -12.75 24.99
N PHE E 156 -3.85 -13.37 24.19
CA PHE E 156 -4.67 -12.66 23.22
C PHE E 156 -6.14 -12.75 23.61
N GLY E 157 -6.87 -11.68 23.34
CA GLY E 157 -8.27 -11.63 23.68
C GLY E 157 -8.71 -10.20 23.91
N GLY E 158 -9.74 -10.07 24.73
CA GLY E 158 -10.34 -8.78 25.00
C GLY E 158 -11.54 -8.88 25.91
N ALA E 159 -12.61 -8.16 25.57
CA ALA E 159 -13.83 -8.21 26.36
C ALA E 159 -14.58 -9.51 26.12
N GLY E 160 -15.24 -9.99 27.18
CA GLY E 160 -16.13 -11.12 27.07
C GLY E 160 -15.45 -12.47 26.94
N VAL E 161 -14.12 -12.52 26.97
CA VAL E 161 -13.38 -13.76 26.82
C VAL E 161 -12.69 -14.18 28.11
N GLY E 162 -12.99 -13.52 29.22
CA GLY E 162 -12.49 -13.96 30.50
C GLY E 162 -11.07 -13.53 30.81
N LYS E 163 -10.61 -12.44 30.21
CA LYS E 163 -9.22 -12.05 30.39
C LYS E 163 -8.91 -11.76 31.86
N THR E 164 -9.74 -10.94 32.50
CA THR E 164 -9.50 -10.60 33.90
C THR E 164 -9.59 -11.83 34.79
N VAL E 165 -10.51 -12.73 34.49
CA VAL E 165 -10.71 -13.89 35.34
C VAL E 165 -9.56 -14.87 35.16
N PHE E 166 -9.09 -15.02 33.92
CA PHE E 166 -7.92 -15.86 33.67
C PHE E 166 -6.70 -15.30 34.40
N ILE E 167 -6.56 -13.97 34.40
CA ILE E 167 -5.43 -13.36 35.10
C ILE E 167 -5.51 -13.62 36.60
N GLN E 168 -6.67 -13.39 37.19
CA GLN E 168 -6.82 -13.64 38.62
C GLN E 168 -6.59 -15.11 38.94
N GLU E 169 -7.01 -16.01 38.05
CA GLU E 169 -6.83 -17.43 38.29
C GLU E 169 -5.35 -17.80 38.26
N LEU E 170 -4.62 -17.27 37.29
CA LEU E 170 -3.18 -17.48 37.27
C LEU E 170 -2.55 -17.01 38.57
N ILE E 171 -2.94 -15.82 39.03
CA ILE E 171 -2.39 -15.31 40.28
C ILE E 171 -2.64 -16.29 41.41
N ASN E 172 -3.87 -16.77 41.53
CA ASN E 172 -4.23 -17.60 42.66
C ASN E 172 -3.50 -18.94 42.60
N ASN E 173 -3.38 -19.50 41.40
CA ASN E 173 -2.71 -20.79 41.27
C ASN E 173 -1.22 -20.67 41.56
N ILE E 174 -0.59 -19.58 41.12
CA ILE E 174 0.83 -19.41 41.42
C ILE E 174 1.03 -19.10 42.88
N ALA E 175 0.02 -18.51 43.54
CA ALA E 175 0.15 -18.24 44.97
C ALA E 175 -0.02 -19.51 45.78
N LYS E 176 -0.99 -20.34 45.42
CA LYS E 176 -1.26 -21.55 46.20
C LYS E 176 -0.21 -22.63 45.94
N ALA E 177 0.14 -22.86 44.68
CA ALA E 177 0.99 -23.99 44.34
C ALA E 177 2.45 -23.68 44.56
N HIS E 178 2.96 -22.67 43.87
CA HIS E 178 4.39 -22.37 43.89
C HIS E 178 4.78 -21.44 45.03
N GLY E 179 3.82 -20.80 45.67
CA GLY E 179 4.13 -19.86 46.72
C GLY E 179 4.60 -18.53 46.21
N GLY E 180 4.23 -18.18 44.99
CA GLY E 180 4.71 -16.97 44.38
C GLY E 180 3.71 -15.83 44.43
N PHE E 181 4.27 -14.62 44.42
CA PHE E 181 3.50 -13.39 44.34
C PHE E 181 3.53 -12.90 42.91
N SER E 182 2.57 -12.04 42.57
CA SER E 182 2.41 -11.54 41.22
C SER E 182 2.37 -10.01 41.19
N VAL E 183 2.73 -9.45 40.05
CA VAL E 183 2.63 -8.02 39.79
C VAL E 183 1.87 -7.81 38.50
N PHE E 184 0.85 -6.96 38.54
CA PHE E 184 0.06 -6.61 37.36
C PHE E 184 0.36 -5.18 36.98
N THR E 185 0.79 -4.98 35.73
CA THR E 185 1.16 -3.67 35.22
C THR E 185 0.23 -3.29 34.10
N GLY E 186 -0.48 -2.18 34.28
CA GLY E 186 -1.27 -1.59 33.21
C GLY E 186 -0.47 -0.59 32.42
N VAL E 187 -0.04 -0.98 31.23
CA VAL E 187 0.75 -0.11 30.37
C VAL E 187 -0.17 0.35 29.25
N GLY E 188 -0.56 1.62 29.31
CA GLY E 188 -1.42 2.18 28.29
C GLY E 188 -2.82 1.61 28.28
N GLU E 189 -3.22 0.89 29.32
CA GLU E 189 -4.55 0.36 29.40
C GLU E 189 -5.53 1.43 29.90
N ARG E 190 -6.81 1.22 29.63
CA ARG E 190 -7.82 2.19 30.00
C ARG E 190 -7.98 2.23 31.51
N THR E 191 -8.28 3.43 32.00
CA THR E 191 -8.40 3.63 33.44
C THR E 191 -9.61 2.90 34.01
N ARG E 192 -10.75 2.96 33.32
CA ARG E 192 -11.92 2.24 33.78
C ARG E 192 -11.66 0.74 33.80
N GLU E 193 -10.87 0.24 32.84
CA GLU E 193 -10.47 -1.16 32.90
C GLU E 193 -9.68 -1.45 34.15
N GLY E 194 -8.89 -0.47 34.61
CA GLY E 194 -8.11 -0.67 35.82
C GLY E 194 -8.94 -0.63 37.08
N ASN E 195 -9.94 0.24 37.14
CA ASN E 195 -10.83 0.22 38.29
C ASN E 195 -11.68 -1.03 38.30
N ASP E 196 -12.11 -1.49 37.13
CA ASP E 196 -12.83 -2.75 37.04
C ASP E 196 -11.97 -3.89 37.57
N LEU E 197 -10.70 -3.93 37.17
CA LEU E 197 -9.82 -4.98 37.65
C LEU E 197 -9.56 -4.87 39.14
N TYR E 198 -9.40 -3.65 39.65
CA TYR E 198 -9.18 -3.48 41.08
C TYR E 198 -10.37 -3.97 41.88
N ARG E 199 -11.57 -3.66 41.41
CA ARG E 199 -12.77 -4.11 42.10
C ARG E 199 -12.93 -5.61 42.01
N GLU E 200 -12.69 -6.18 40.83
CA GLU E 200 -12.78 -7.62 40.67
C GLU E 200 -11.77 -8.34 41.56
N MET E 201 -10.55 -7.82 41.61
CA MET E 201 -9.52 -8.45 42.43
C MET E 201 -9.86 -8.35 43.91
N LYS E 202 -10.52 -7.27 44.32
CA LYS E 202 -10.94 -7.19 45.72
C LYS E 202 -12.08 -8.15 46.00
N GLU E 203 -12.99 -8.30 45.04
CA GLU E 203 -14.15 -9.16 45.24
C GLU E 203 -13.76 -10.63 45.23
N THR E 204 -12.79 -10.99 44.40
CA THR E 204 -12.36 -12.37 44.26
C THR E 204 -11.32 -12.79 45.29
N GLY E 205 -10.65 -11.83 45.91
CA GLY E 205 -9.79 -12.11 47.04
C GLY E 205 -8.30 -12.14 46.75
N VAL E 206 -7.89 -11.91 45.51
CA VAL E 206 -6.47 -11.83 45.22
C VAL E 206 -5.90 -10.55 45.80
N ILE E 207 -6.75 -9.54 46.00
CA ILE E 207 -6.44 -8.39 46.82
C ILE E 207 -7.25 -8.51 48.08
N ASN E 208 -6.65 -8.12 49.20
CA ASN E 208 -7.35 -8.10 50.48
C ASN E 208 -6.72 -6.98 51.29
N LEU E 209 -7.41 -5.84 51.33
CA LEU E 209 -6.84 -4.67 51.97
C LEU E 209 -6.48 -4.95 53.42
N GLU E 210 -7.44 -5.46 54.19
CA GLU E 210 -7.18 -5.91 55.54
C GLU E 210 -6.81 -7.38 55.48
N GLY E 211 -5.50 -7.67 55.48
CA GLY E 211 -5.02 -9.03 55.41
C GLY E 211 -3.92 -9.19 54.38
N GLU E 212 -3.86 -10.38 53.79
CA GLU E 212 -2.71 -10.83 53.00
C GLU E 212 -3.09 -10.81 51.52
N SER E 213 -2.79 -9.70 50.87
CA SER E 213 -2.94 -9.60 49.43
C SER E 213 -1.93 -10.49 48.73
N LYS E 214 -2.13 -10.65 47.42
CA LYS E 214 -1.31 -11.53 46.61
C LYS E 214 -0.70 -10.87 45.39
N VAL E 215 -1.26 -9.78 44.88
CA VAL E 215 -0.80 -9.16 43.67
C VAL E 215 -0.55 -7.68 43.93
N ALA E 216 0.52 -7.16 43.35
CA ALA E 216 0.85 -5.74 43.44
C ALA E 216 0.50 -5.07 42.12
N LEU E 217 -0.16 -3.93 42.21
CA LEU E 217 -0.69 -3.23 41.06
C LEU E 217 0.22 -2.05 40.73
N VAL E 218 0.62 -1.95 39.47
CA VAL E 218 1.29 -0.78 38.94
C VAL E 218 0.44 -0.28 37.80
N PHE E 219 0.03 1.00 37.88
CA PHE E 219 -0.97 1.55 36.96
C PHE E 219 -0.49 2.87 36.39
N GLY E 220 0.14 2.80 35.23
CA GLY E 220 0.12 3.90 34.30
C GLY E 220 -0.98 3.69 33.30
N GLN E 221 -1.36 4.76 32.62
CA GLN E 221 -2.59 4.72 31.83
C GLN E 221 -2.45 5.62 30.62
N MET E 222 -3.52 5.66 29.82
CA MET E 222 -3.51 6.50 28.62
C MET E 222 -3.36 7.97 28.98
N ASN E 223 -3.92 8.38 30.12
CA ASN E 223 -3.81 9.78 30.52
C ASN E 223 -2.39 10.15 30.93
N GLU E 224 -1.54 9.20 31.09
CA GLU E 224 -0.18 9.53 31.45
C GLU E 224 0.64 9.82 30.21
N PRO E 225 1.64 10.69 30.31
CA PRO E 225 2.44 11.02 29.14
C PRO E 225 3.17 9.80 28.64
N PRO E 226 3.57 9.79 27.37
CA PRO E 226 4.22 8.60 26.82
C PRO E 226 5.46 8.19 27.59
N GLY E 227 6.15 9.15 28.18
CA GLY E 227 7.36 8.84 28.93
C GLY E 227 7.08 8.04 30.18
N ALA E 228 5.88 8.17 30.73
CA ALA E 228 5.51 7.38 31.89
C ALA E 228 5.13 5.97 31.48
N ARG E 229 4.35 5.85 30.41
CA ARG E 229 3.98 4.55 29.90
C ARG E 229 5.21 3.74 29.54
N ALA E 230 6.21 4.39 28.94
CA ALA E 230 7.42 3.68 28.54
C ALA E 230 8.20 3.10 29.71
N ARG E 231 7.79 3.37 30.95
CA ARG E 231 8.52 2.94 32.13
C ARG E 231 7.66 2.22 33.16
N VAL E 232 6.33 2.31 33.06
CA VAL E 232 5.44 1.53 33.93
C VAL E 232 5.86 0.07 33.94
N ALA E 233 6.12 -0.47 32.76
CA ALA E 233 6.48 -1.88 32.65
C ALA E 233 7.75 -2.17 33.42
N LEU E 234 8.72 -1.27 33.34
CA LEU E 234 9.97 -1.50 34.05
C LEU E 234 9.77 -1.41 35.56
N THR E 235 8.82 -0.59 36.00
CA THR E 235 8.54 -0.49 37.43
C THR E 235 7.95 -1.79 37.96
N GLY E 236 6.95 -2.31 37.27
CA GLY E 236 6.38 -3.58 37.70
C GLY E 236 7.37 -4.71 37.59
N LEU E 237 8.16 -4.71 36.53
CA LEU E 237 9.24 -5.68 36.38
C LEU E 237 10.21 -5.57 37.53
N THR E 238 10.41 -4.36 38.06
CA THR E 238 11.32 -4.16 39.16
C THR E 238 10.76 -4.65 40.48
N ILE E 239 9.45 -4.61 40.65
CA ILE E 239 8.88 -5.26 41.83
C ILE E 239 9.02 -6.77 41.72
N ALA E 240 8.74 -7.32 40.53
CA ALA E 240 8.84 -8.76 40.35
C ALA E 240 10.28 -9.22 40.51
N GLU E 241 11.23 -8.44 40.03
CA GLU E 241 12.63 -8.81 40.12
C GLU E 241 13.13 -8.77 41.55
N TYR E 242 12.46 -8.06 42.45
CA TYR E 242 12.85 -8.17 43.85
C TYR E 242 12.17 -9.38 44.48
N PHE E 243 10.92 -9.63 44.12
CA PHE E 243 10.34 -10.90 44.56
C PHE E 243 11.20 -12.08 44.12
N ARG E 244 11.97 -11.92 43.05
CA ARG E 244 12.88 -12.96 42.61
C ARG E 244 14.22 -12.91 43.34
N ASP E 245 14.85 -11.74 43.37
CA ASP E 245 16.26 -11.66 43.74
C ASP E 245 16.49 -11.98 45.21
N GLU E 246 15.63 -11.49 46.09
CA GLU E 246 15.87 -11.60 47.53
C GLU E 246 14.78 -12.44 48.19
N GLU E 247 13.61 -12.52 47.57
CA GLU E 247 12.55 -13.37 48.09
C GLU E 247 12.74 -14.82 47.69
N GLY E 248 12.94 -15.07 46.41
CA GLY E 248 13.16 -16.42 45.93
C GLY E 248 11.89 -17.15 45.56
N GLN E 249 11.15 -16.60 44.60
CA GLN E 249 9.87 -17.15 44.21
C GLN E 249 9.75 -17.14 42.69
N ASP E 250 8.68 -17.76 42.21
CA ASP E 250 8.27 -17.64 40.81
C ASP E 250 7.17 -16.59 40.75
N VAL E 251 7.45 -15.49 40.04
CA VAL E 251 6.65 -14.28 40.13
C VAL E 251 6.06 -13.99 38.77
N LEU E 252 4.73 -13.91 38.72
CA LEU E 252 4.06 -13.52 37.50
C LEU E 252 4.07 -12.01 37.34
N LEU E 253 4.15 -11.58 36.08
CA LEU E 253 4.18 -10.17 35.72
C LEU E 253 3.23 -9.99 34.55
N PHE E 254 2.06 -9.43 34.83
CA PHE E 254 1.08 -9.18 33.78
C PHE E 254 1.32 -7.82 33.16
N ILE E 255 1.56 -7.82 31.85
CA ILE E 255 1.78 -6.60 31.09
C ILE E 255 0.61 -6.44 30.13
N ASP E 256 -0.25 -5.47 30.41
CA ASP E 256 -1.45 -5.20 29.61
C ASP E 256 -1.46 -3.69 29.31
N ASN E 257 -1.06 -3.27 28.10
CA ASN E 257 -0.70 -4.12 26.97
C ASN E 257 0.68 -3.73 26.45
N ILE E 258 1.39 -4.70 25.90
CA ILE E 258 2.77 -4.48 25.49
C ILE E 258 2.85 -3.67 24.20
N PHE E 259 1.87 -3.80 23.32
CA PHE E 259 1.82 -2.92 22.15
C PHE E 259 1.82 -1.47 22.58
N ARG E 260 1.19 -1.17 23.72
CA ARG E 260 1.23 0.18 24.24
C ARG E 260 2.62 0.54 24.74
N PHE E 261 3.39 -0.43 25.23
CA PHE E 261 4.78 -0.15 25.55
C PHE E 261 5.54 0.25 24.29
N THR E 262 5.31 -0.48 23.20
CA THR E 262 5.98 -0.14 21.95
C THR E 262 5.56 1.25 21.48
N GLN E 263 4.26 1.54 21.55
CA GLN E 263 3.76 2.83 21.11
C GLN E 263 4.29 3.96 21.98
N ALA E 264 4.49 3.71 23.26
CA ALA E 264 5.04 4.74 24.13
C ALA E 264 6.51 4.97 23.81
N GLY E 265 7.23 3.90 23.49
CA GLY E 265 8.60 4.07 23.04
C GLY E 265 8.66 4.85 21.75
N SER E 266 7.71 4.62 20.84
CA SER E 266 7.65 5.38 19.60
C SER E 266 7.40 6.85 19.88
N GLU E 267 6.46 7.15 20.77
CA GLU E 267 6.16 8.54 21.09
C GLU E 267 7.37 9.22 21.70
N VAL E 268 8.04 8.55 22.63
CA VAL E 268 9.21 9.12 23.27
C VAL E 268 10.32 9.35 22.24
N SER E 269 10.52 8.40 21.34
CA SER E 269 11.55 8.55 20.32
C SER E 269 11.26 9.74 19.42
N ALA E 270 10.03 9.81 18.90
CA ALA E 270 9.66 10.92 18.04
C ALA E 270 9.87 12.24 18.76
N LEU E 271 9.39 12.34 20.00
CA LEU E 271 9.48 13.59 20.73
C LEU E 271 10.93 14.04 20.90
N LEU E 272 11.83 13.10 21.20
CA LEU E 272 13.22 13.45 21.43
C LEU E 272 13.94 13.90 20.18
N GLY E 273 13.35 13.70 19.01
CA GLY E 273 13.97 14.08 17.76
C GLY E 273 14.63 12.95 17.00
N ARG E 274 14.43 11.70 17.44
CA ARG E 274 15.02 10.57 16.74
C ARG E 274 14.26 10.28 15.46
N ILE E 275 14.98 9.84 14.43
CA ILE E 275 14.38 9.51 13.16
C ILE E 275 13.57 8.24 13.32
N PRO E 276 12.28 8.25 13.01
CA PRO E 276 11.52 7.00 13.08
C PRO E 276 12.01 5.99 12.05
N SER E 277 11.89 4.74 12.41
CA SER E 277 12.31 3.60 11.61
C SER E 277 11.17 3.19 10.69
N ALA E 278 11.17 1.91 10.32
CA ALA E 278 10.06 1.28 9.60
C ALA E 278 8.71 1.80 10.10
N VAL E 279 7.63 1.07 9.79
CA VAL E 279 6.31 1.66 9.58
C VAL E 279 6.02 2.85 10.48
N GLY E 280 6.81 3.03 11.53
CA GLY E 280 6.72 4.22 12.37
C GLY E 280 7.11 4.02 13.80
N TYR E 281 7.77 2.92 14.13
CA TYR E 281 8.21 2.68 15.49
C TYR E 281 9.62 3.22 15.71
N GLN E 282 9.95 3.40 16.97
CA GLN E 282 11.26 3.90 17.34
C GLN E 282 12.35 3.00 16.75
N PRO E 283 13.50 3.55 16.37
CA PRO E 283 14.58 2.68 15.92
C PRO E 283 15.15 1.81 17.03
N THR E 284 15.06 2.28 18.27
CA THR E 284 15.49 1.51 19.43
C THR E 284 14.50 0.43 19.81
N LEU E 285 13.51 0.15 18.97
CA LEU E 285 12.43 -0.74 19.34
C LEU E 285 12.95 -2.08 19.84
N ALA E 286 13.80 -2.73 19.05
CA ALA E 286 14.26 -4.06 19.42
C ALA E 286 15.05 -4.04 20.72
N THR E 287 15.92 -3.06 20.89
CA THR E 287 16.75 -3.01 22.08
C THR E 287 15.93 -2.63 23.32
N ASP E 288 14.89 -1.81 23.16
CA ASP E 288 14.08 -1.46 24.32
C ASP E 288 13.20 -2.64 24.73
N MET E 289 12.59 -3.31 23.76
CA MET E 289 11.82 -4.51 24.06
C MET E 289 12.72 -5.54 24.72
N GLY E 290 13.97 -5.65 24.28
CA GLY E 290 14.90 -6.54 24.94
C GLY E 290 15.20 -6.12 26.37
N LEU E 291 15.49 -4.84 26.57
CA LEU E 291 15.81 -4.35 27.90
C LEU E 291 14.65 -4.57 28.85
N LEU E 292 13.43 -4.71 28.34
CA LEU E 292 12.32 -5.08 29.20
C LEU E 292 12.22 -6.60 29.37
N GLN E 293 12.24 -7.34 28.26
CA GLN E 293 11.91 -8.75 28.29
C GLN E 293 13.01 -9.60 28.91
N GLU E 294 14.26 -9.35 28.53
CA GLU E 294 15.34 -10.24 28.94
C GLU E 294 15.57 -10.24 30.43
N ARG E 295 14.99 -9.28 31.16
CA ARG E 295 15.03 -9.33 32.61
C ARG E 295 14.06 -10.36 33.14
N ILE E 296 13.06 -10.72 32.34
CA ILE E 296 12.10 -11.75 32.71
C ILE E 296 12.76 -13.10 32.42
N THR E 297 13.45 -13.64 33.42
CA THR E 297 14.23 -14.85 33.25
C THR E 297 14.47 -15.49 34.59
N THR E 298 14.82 -16.78 34.55
CA THR E 298 15.06 -17.57 35.74
C THR E 298 16.50 -17.42 36.20
N THR E 299 16.71 -17.64 37.50
CA THR E 299 18.03 -17.60 38.10
C THR E 299 18.10 -18.71 39.14
N LYS E 300 19.10 -18.61 40.02
CA LYS E 300 19.24 -19.59 41.07
C LYS E 300 18.30 -19.30 42.23
N LYS E 301 17.86 -18.05 42.37
CA LYS E 301 16.92 -17.71 43.43
C LYS E 301 15.50 -18.09 43.04
N GLY E 302 15.10 -17.78 41.81
CA GLY E 302 13.76 -18.03 41.35
C GLY E 302 13.56 -17.61 39.91
N SER E 303 12.36 -17.18 39.56
CA SER E 303 12.05 -16.81 38.19
C SER E 303 11.00 -15.72 38.15
N VAL E 304 11.06 -14.90 37.11
CA VAL E 304 9.99 -13.99 36.74
C VAL E 304 9.42 -14.47 35.42
N THR E 305 8.14 -14.79 35.42
CA THR E 305 7.42 -15.20 34.23
C THR E 305 6.40 -14.13 33.90
N SER E 306 6.16 -13.91 32.61
CA SER E 306 5.45 -12.72 32.16
C SER E 306 4.28 -13.14 31.28
N VAL E 307 3.10 -12.66 31.63
CA VAL E 307 1.88 -12.88 30.87
C VAL E 307 1.52 -11.54 30.24
N GLN E 308 1.60 -11.49 28.91
CA GLN E 308 1.59 -10.23 28.20
C GLN E 308 0.42 -10.22 27.21
N ALA E 309 -0.49 -9.28 27.40
CA ALA E 309 -1.50 -9.03 26.40
C ALA E 309 -0.86 -8.35 25.20
N VAL E 310 -1.18 -8.83 24.01
CA VAL E 310 -0.52 -8.38 22.80
C VAL E 310 -1.59 -7.91 21.82
N TYR E 311 -1.87 -6.62 21.84
CA TYR E 311 -2.68 -6.03 20.78
C TYR E 311 -1.90 -6.06 19.47
N VAL E 312 -2.63 -6.19 18.38
CA VAL E 312 -2.03 -6.43 17.07
C VAL E 312 -2.62 -5.45 16.08
N PRO E 313 -1.88 -4.43 15.65
CA PRO E 313 -2.45 -3.43 14.75
C PRO E 313 -2.91 -4.07 13.45
N ALA E 314 -4.16 -3.77 13.07
CA ALA E 314 -4.72 -4.16 11.79
C ALA E 314 -4.64 -5.67 11.57
N ASP E 315 -4.55 -6.44 12.66
CA ASP E 315 -4.57 -7.89 12.59
C ASP E 315 -3.44 -8.44 11.73
N ASP E 316 -2.37 -7.68 11.59
CA ASP E 316 -1.26 -8.08 10.73
C ASP E 316 -0.58 -9.34 11.24
N LEU E 317 -0.05 -9.28 12.46
CA LEU E 317 0.92 -10.24 12.96
C LEU E 317 2.22 -10.18 12.17
N THR E 318 2.43 -9.08 11.47
CA THR E 318 3.71 -8.80 10.81
C THR E 318 4.23 -7.41 11.10
N ASP E 319 3.41 -6.50 11.59
CA ASP E 319 3.88 -5.17 11.95
C ASP E 319 5.06 -5.28 12.92
N PRO E 320 6.04 -4.38 12.83
CA PRO E 320 7.25 -4.52 13.65
C PRO E 320 6.97 -4.69 15.13
N ALA E 321 5.83 -4.19 15.62
CA ALA E 321 5.55 -4.32 17.05
C ALA E 321 5.09 -5.71 17.40
N PRO E 322 4.00 -6.23 16.83
CA PRO E 322 3.72 -7.67 16.99
C PRO E 322 4.92 -8.53 16.67
N ALA E 323 5.66 -8.20 15.61
CA ALA E 323 6.79 -9.04 15.22
C ALA E 323 7.86 -9.07 16.29
N THR E 324 8.17 -7.92 16.88
CA THR E 324 9.20 -7.87 17.91
C THR E 324 8.72 -8.52 19.19
N THR E 325 7.43 -8.39 19.50
CA THR E 325 6.88 -9.03 20.69
C THR E 325 6.91 -10.54 20.55
N PHE E 326 6.50 -11.04 19.39
CA PHE E 326 6.39 -12.48 19.19
C PHE E 326 7.74 -13.17 19.28
N ALA E 327 8.80 -12.48 18.89
CA ALA E 327 10.12 -13.10 18.92
C ALA E 327 10.53 -13.51 20.32
N HIS E 328 9.96 -12.87 21.33
CA HIS E 328 10.31 -13.15 22.72
C HIS E 328 9.35 -14.13 23.37
N LEU E 329 8.18 -14.34 22.78
CA LEU E 329 7.18 -15.20 23.39
C LEU E 329 7.68 -16.64 23.47
N ASP E 330 7.66 -17.19 24.68
CA ASP E 330 7.90 -18.60 24.88
C ASP E 330 6.63 -19.42 24.82
N ALA E 331 5.47 -18.77 24.91
CA ALA E 331 4.21 -19.44 24.71
C ALA E 331 3.16 -18.41 24.33
N THR E 332 1.99 -18.91 23.94
CA THR E 332 0.88 -18.03 23.58
C THR E 332 -0.43 -18.70 23.94
N THR E 333 -1.34 -17.93 24.55
CA THR E 333 -2.66 -18.38 24.93
C THR E 333 -3.71 -17.46 24.31
N VAL E 334 -4.58 -18.02 23.49
CA VAL E 334 -5.59 -17.27 22.76
C VAL E 334 -6.94 -17.50 23.40
N LEU E 335 -7.45 -16.50 24.11
CA LEU E 335 -8.84 -16.50 24.54
C LEU E 335 -9.70 -16.06 23.36
N SER E 336 -10.82 -16.76 23.16
CA SER E 336 -11.63 -16.56 21.96
C SER E 336 -13.09 -16.40 22.32
N ARG E 337 -13.77 -15.50 21.62
CA ARG E 337 -15.21 -15.36 21.78
C ARG E 337 -15.93 -16.64 21.42
N GLY E 338 -15.46 -17.33 20.40
CA GLY E 338 -16.17 -18.51 19.93
C GLY E 338 -16.31 -19.57 21.00
N ILE E 339 -15.24 -19.82 21.75
CA ILE E 339 -15.28 -20.82 22.80
C ILE E 339 -16.25 -20.41 23.90
N SER E 340 -16.37 -19.11 24.15
CA SER E 340 -17.33 -18.65 25.17
C SER E 340 -18.75 -18.79 24.67
N GLU E 341 -18.98 -18.55 23.38
CA GLU E 341 -20.31 -18.75 22.82
C GLU E 341 -20.67 -20.22 22.79
N LEU E 342 -19.68 -21.09 22.63
CA LEU E 342 -19.89 -22.53 22.75
C LEU E 342 -20.01 -22.98 24.20
N GLY E 343 -19.89 -22.07 25.16
CA GLY E 343 -20.18 -22.39 26.54
C GLY E 343 -19.04 -22.95 27.36
N ILE E 344 -17.79 -22.71 26.95
CA ILE E 344 -16.64 -23.26 27.64
C ILE E 344 -15.80 -22.13 28.21
N TYR E 345 -15.63 -22.14 29.53
CA TYR E 345 -14.64 -21.33 30.23
C TYR E 345 -13.60 -22.28 30.79
N PRO E 346 -12.29 -21.96 30.75
CA PRO E 346 -11.62 -20.67 30.61
C PRO E 346 -11.57 -20.08 29.19
N ALA E 347 -12.28 -20.67 28.24
CA ALA E 347 -12.51 -20.11 26.92
C ALA E 347 -11.29 -20.10 26.03
N VAL E 348 -10.21 -20.79 26.40
CA VAL E 348 -9.04 -20.85 25.54
C VAL E 348 -9.38 -21.63 24.26
N ASP E 349 -8.97 -21.07 23.13
CA ASP E 349 -9.06 -21.79 21.86
C ASP E 349 -7.91 -22.79 21.83
N PRO E 350 -8.18 -24.08 21.98
CA PRO E 350 -7.09 -25.04 22.22
C PRO E 350 -6.24 -25.33 21.02
N LEU E 351 -6.67 -24.93 19.82
CA LEU E 351 -5.92 -25.20 18.60
C LEU E 351 -5.16 -23.99 18.07
N ASP E 352 -5.73 -22.80 18.18
CA ASP E 352 -4.98 -21.59 17.87
C ASP E 352 -3.92 -21.33 18.93
N SER E 353 -4.19 -21.73 20.16
CA SER E 353 -3.19 -21.62 21.21
C SER E 353 -1.98 -22.48 20.87
N LYS E 354 -0.82 -22.03 21.32
CA LYS E 354 0.42 -22.71 21.02
C LYS E 354 1.38 -22.52 22.17
N SER E 355 2.37 -23.40 22.23
CA SER E 355 3.48 -23.23 23.16
C SER E 355 4.74 -23.79 22.54
N ARG E 356 5.84 -23.10 22.74
CA ARG E 356 7.13 -23.52 22.22
C ARG E 356 7.84 -24.50 23.13
N LEU E 357 7.38 -24.64 24.38
CA LEU E 357 7.91 -25.64 25.29
C LEU E 357 7.16 -26.96 25.19
N LEU E 358 6.28 -27.12 24.21
CA LEU E 358 5.55 -28.36 24.00
C LEU E 358 6.42 -29.35 23.24
N ASP E 359 7.63 -29.58 23.73
CA ASP E 359 8.60 -30.46 23.09
C ASP E 359 8.98 -31.55 24.07
N ALA E 360 9.10 -32.78 23.54
CA ALA E 360 9.26 -33.95 24.40
C ALA E 360 10.43 -33.82 25.36
N ALA E 361 11.44 -33.03 25.01
CA ALA E 361 12.57 -32.87 25.90
C ALA E 361 12.22 -32.01 27.11
N VAL E 362 11.24 -31.12 26.97
CA VAL E 362 10.85 -30.22 28.04
C VAL E 362 9.75 -30.88 28.85
N VAL E 363 8.62 -31.15 28.20
CA VAL E 363 7.47 -31.71 28.89
C VAL E 363 7.58 -33.21 29.10
N GLY E 364 8.36 -33.90 28.28
CA GLY E 364 8.42 -35.34 28.33
C GLY E 364 7.48 -36.00 27.34
N GLN E 365 7.78 -37.26 27.03
CA GLN E 365 7.05 -37.95 25.98
C GLN E 365 5.67 -38.37 26.45
N GLU E 366 5.53 -38.78 27.71
CA GLU E 366 4.21 -39.10 28.24
C GLU E 366 3.26 -37.93 28.09
N HIS E 367 3.81 -36.73 27.98
CA HIS E 367 3.06 -35.49 27.88
C HIS E 367 2.90 -35.03 26.44
N TYR E 368 3.97 -35.11 25.64
CA TYR E 368 3.86 -34.69 24.26
C TYR E 368 2.97 -35.62 23.47
N ASP E 369 2.99 -36.92 23.76
CA ASP E 369 2.08 -37.83 23.10
C ASP E 369 0.64 -37.42 23.34
N VAL E 370 0.30 -37.09 24.59
CA VAL E 370 -1.08 -36.75 24.92
C VAL E 370 -1.46 -35.42 24.29
N ALA E 371 -0.58 -34.42 24.39
CA ALA E 371 -0.88 -33.13 23.80
C ALA E 371 -1.06 -33.23 22.30
N SER E 372 -0.24 -34.05 21.64
CA SER E 372 -0.34 -34.20 20.20
C SER E 372 -1.62 -34.92 19.81
N LYS E 373 -1.94 -36.01 20.51
CA LYS E 373 -3.18 -36.72 20.25
C LYS E 373 -4.37 -35.79 20.45
N VAL E 374 -4.36 -34.98 21.51
CA VAL E 374 -5.48 -34.10 21.79
C VAL E 374 -5.63 -33.05 20.70
N GLN E 375 -4.51 -32.44 20.30
CA GLN E 375 -4.59 -31.45 19.24
C GLN E 375 -5.08 -32.07 17.95
N GLU E 376 -4.60 -33.28 17.62
CA GLU E 376 -5.07 -33.97 16.43
C GLU E 376 -6.56 -34.25 16.53
N THR E 377 -7.01 -34.69 17.69
CA THR E 377 -8.41 -34.99 17.89
C THR E 377 -9.27 -33.75 17.65
N LEU E 378 -8.87 -32.61 18.19
CA LEU E 378 -9.71 -31.42 18.04
C LEU E 378 -9.66 -30.87 16.61
N GLN E 379 -8.50 -30.98 15.94
CA GLN E 379 -8.43 -30.54 14.55
C GLN E 379 -9.27 -31.44 13.66
N THR E 380 -9.17 -32.75 13.88
CA THR E 380 -10.03 -33.70 13.21
C THR E 380 -11.49 -33.39 13.49
N TYR E 381 -11.80 -33.02 14.72
CA TYR E 381 -13.16 -32.65 15.05
C TYR E 381 -13.65 -31.50 14.19
N LYS E 382 -12.85 -30.46 14.07
CA LYS E 382 -13.30 -29.30 13.32
C LYS E 382 -13.50 -29.65 11.85
N SER E 383 -12.55 -30.41 11.29
CA SER E 383 -12.66 -30.76 9.88
C SER E 383 -13.84 -31.68 9.62
N LEU E 384 -14.07 -32.64 10.52
CA LEU E 384 -15.22 -33.52 10.38
C LEU E 384 -16.52 -32.77 10.63
N GLN E 385 -16.50 -31.82 11.56
CA GLN E 385 -17.69 -31.03 11.87
C GLN E 385 -18.14 -30.24 10.66
N ASP E 386 -17.19 -29.70 9.90
CA ASP E 386 -17.56 -28.91 8.73
C ASP E 386 -18.44 -29.71 7.78
N ILE E 387 -18.18 -31.02 7.65
CA ILE E 387 -19.02 -31.86 6.81
C ILE E 387 -20.22 -32.42 7.58
N ILE E 388 -20.06 -32.67 8.89
CA ILE E 388 -21.15 -33.19 9.70
C ILE E 388 -22.35 -32.27 9.61
N ALA E 389 -22.10 -30.97 9.71
CA ALA E 389 -23.20 -30.01 9.64
C ALA E 389 -23.99 -30.17 8.37
N ILE E 390 -23.35 -30.62 7.28
CA ILE E 390 -24.02 -30.72 5.99
C ILE E 390 -24.64 -32.10 5.81
N LEU E 391 -23.98 -33.14 6.30
CA LEU E 391 -24.29 -34.52 5.93
C LEU E 391 -24.77 -35.36 7.09
N GLY E 392 -25.06 -34.76 8.24
CA GLY E 392 -25.63 -35.50 9.34
C GLY E 392 -24.63 -36.18 10.25
N MET E 393 -25.09 -36.53 11.46
CA MET E 393 -24.21 -37.13 12.46
C MET E 393 -23.70 -38.49 11.99
N ASP E 394 -24.60 -39.44 11.76
CA ASP E 394 -24.22 -40.83 11.53
C ASP E 394 -23.58 -41.06 10.18
N GLU E 395 -23.40 -40.00 9.37
CA GLU E 395 -22.63 -40.13 8.15
C GLU E 395 -21.16 -40.40 8.44
N LEU E 396 -20.70 -40.05 9.63
CA LEU E 396 -19.32 -40.29 10.01
C LEU E 396 -19.03 -41.77 10.17
N SER E 397 -17.94 -42.23 9.59
CA SER E 397 -17.48 -43.59 9.82
C SER E 397 -17.31 -43.83 11.31
N GLU E 398 -17.47 -45.10 11.72
CA GLU E 398 -17.52 -45.41 13.13
C GLU E 398 -16.26 -44.96 13.85
N GLN E 399 -15.10 -45.12 13.21
CA GLN E 399 -13.86 -44.69 13.86
C GLN E 399 -13.79 -43.17 13.94
N ASP E 400 -14.18 -42.48 12.87
CA ASP E 400 -14.26 -41.02 12.93
C ASP E 400 -15.30 -40.58 13.94
N LYS E 401 -16.40 -41.34 14.06
CA LYS E 401 -17.39 -41.01 15.07
C LYS E 401 -16.83 -41.20 16.47
N LEU E 402 -15.95 -42.18 16.66
CA LEU E 402 -15.32 -42.34 17.97
C LEU E 402 -14.38 -41.18 18.26
N THR E 403 -13.63 -40.74 17.24
CA THR E 403 -12.81 -39.55 17.43
C THR E 403 -13.68 -38.34 17.78
N VAL E 404 -14.88 -38.27 17.22
CA VAL E 404 -15.77 -37.15 17.52
C VAL E 404 -16.30 -37.24 18.94
N GLU E 405 -16.74 -38.42 19.34
CA GLU E 405 -17.28 -38.61 20.67
C GLU E 405 -16.22 -38.39 21.74
N ARG E 406 -14.96 -38.63 21.41
CA ARG E 406 -13.88 -38.26 22.31
C ARG E 406 -13.58 -36.76 22.20
N ALA E 407 -13.75 -36.19 21.01
CA ALA E 407 -13.40 -34.80 20.80
C ALA E 407 -14.30 -33.88 21.61
N ARG E 408 -15.61 -34.10 21.55
CA ARG E 408 -16.51 -33.26 22.33
C ARG E 408 -16.26 -33.42 23.82
N LYS E 409 -16.03 -34.66 24.25
CA LYS E 409 -15.78 -34.96 25.64
C LYS E 409 -14.55 -34.24 26.14
N ILE E 410 -13.47 -34.27 25.35
CA ILE E 410 -12.27 -33.50 25.68
C ILE E 410 -12.57 -32.01 25.68
N GLN E 411 -13.21 -31.54 24.61
CA GLN E 411 -13.42 -30.11 24.42
C GLN E 411 -14.11 -29.48 25.61
N ARG E 412 -14.96 -30.25 26.28
CA ARG E 412 -15.54 -29.76 27.53
C ARG E 412 -14.79 -30.26 28.77
N PHE E 413 -13.89 -31.24 28.62
CA PHE E 413 -13.03 -31.59 29.74
C PHE E 413 -11.95 -30.55 29.97
N LEU E 414 -11.67 -29.71 28.98
CA LEU E 414 -10.74 -28.62 29.14
C LEU E 414 -11.30 -27.52 30.02
N SER E 415 -12.59 -27.54 30.31
CA SER E 415 -13.19 -26.53 31.16
C SER E 415 -12.82 -26.79 32.61
N GLN E 416 -12.67 -25.71 33.38
CA GLN E 416 -12.21 -25.82 34.74
C GLN E 416 -12.85 -24.76 35.62
N PRO E 417 -13.33 -25.14 36.80
CA PRO E 417 -13.92 -24.16 37.70
C PRO E 417 -12.87 -23.36 38.45
N PHE E 418 -12.73 -22.09 38.12
CA PHE E 418 -11.74 -21.25 38.78
C PHE E 418 -12.23 -20.84 40.16
N ALA E 419 -11.38 -21.06 41.17
CA ALA E 419 -11.74 -20.71 42.54
C ALA E 419 -12.06 -19.24 42.68
N VAL E 420 -11.49 -18.40 41.82
CA VAL E 420 -11.69 -16.97 41.94
C VAL E 420 -13.07 -16.57 41.46
N ALA E 421 -13.55 -17.21 40.39
CA ALA E 421 -14.88 -16.95 39.85
C ALA E 421 -15.98 -17.59 40.66
N GLU E 422 -15.66 -18.13 41.84
CA GLU E 422 -16.65 -18.82 42.63
C GLU E 422 -17.82 -17.90 42.98
N VAL E 423 -17.53 -16.61 43.21
CA VAL E 423 -18.57 -15.68 43.58
C VAL E 423 -19.42 -15.28 42.39
N PHE E 424 -18.91 -15.48 41.17
CA PHE E 424 -19.70 -15.17 39.98
C PHE E 424 -20.46 -16.38 39.46
N THR E 425 -19.88 -17.57 39.60
CA THR E 425 -20.44 -18.78 39.00
C THR E 425 -20.60 -19.90 40.03
N GLY E 426 -20.34 -19.62 41.31
CA GLY E 426 -20.78 -20.48 42.39
C GLY E 426 -20.36 -21.93 42.39
N ILE E 427 -19.39 -22.32 41.56
CA ILE E 427 -18.90 -23.69 41.51
C ILE E 427 -17.58 -23.74 42.26
N PRO E 428 -17.37 -24.73 43.14
CA PRO E 428 -16.10 -24.82 43.88
C PRO E 428 -14.88 -24.77 42.96
N GLY E 429 -13.76 -24.37 43.54
CA GLY E 429 -12.54 -24.18 42.75
C GLY E 429 -11.68 -25.43 42.70
N LYS E 430 -11.00 -25.59 41.57
CA LYS E 430 -10.11 -26.72 41.34
C LYS E 430 -8.82 -26.23 40.72
N LEU E 431 -7.69 -26.71 41.24
CA LEU E 431 -6.41 -26.57 40.56
C LEU E 431 -5.92 -27.98 40.22
N VAL E 432 -5.90 -28.30 38.93
CA VAL E 432 -5.57 -29.63 38.45
C VAL E 432 -4.10 -29.63 38.07
N ARG E 433 -3.27 -30.25 38.90
CA ARG E 433 -1.85 -30.25 38.67
C ARG E 433 -1.51 -31.01 37.40
N LEU E 434 -0.28 -30.78 36.90
CA LEU E 434 0.10 -31.26 35.58
C LEU E 434 0.12 -32.78 35.51
N LYS E 435 0.66 -33.43 36.55
CA LYS E 435 0.66 -34.89 36.58
C LYS E 435 -0.75 -35.43 36.35
N ASP E 436 -1.69 -34.95 37.16
CA ASP E 436 -3.07 -35.40 37.05
C ASP E 436 -3.65 -35.05 35.69
N THR E 437 -3.24 -33.92 35.12
CA THR E 437 -3.80 -33.49 33.85
C THR E 437 -3.43 -34.45 32.73
N VAL E 438 -2.13 -34.74 32.61
CA VAL E 438 -1.69 -35.63 31.56
C VAL E 438 -2.24 -37.03 31.78
N ALA E 439 -2.24 -37.50 33.03
CA ALA E 439 -2.81 -38.82 33.28
C ALA E 439 -4.28 -38.87 32.92
N SER E 440 -5.02 -37.80 33.22
CA SER E 440 -6.45 -37.76 32.95
C SER E 440 -6.72 -37.83 31.46
N PHE E 441 -6.19 -36.86 30.71
CA PHE E 441 -6.43 -36.87 29.28
C PHE E 441 -5.88 -38.13 28.61
N LYS E 442 -4.81 -38.71 29.17
CA LYS E 442 -4.37 -40.03 28.73
C LYS E 442 -5.48 -41.04 28.89
N ALA E 443 -6.05 -41.13 30.10
CA ALA E 443 -7.12 -42.08 30.34
C ALA E 443 -8.35 -41.78 29.51
N VAL E 444 -8.45 -40.57 28.97
CA VAL E 444 -9.55 -40.25 28.06
C VAL E 444 -9.27 -40.79 26.67
N LEU E 445 -8.07 -40.52 26.15
CA LEU E 445 -7.73 -40.98 24.81
C LEU E 445 -7.65 -42.49 24.75
N GLU E 446 -7.07 -43.09 25.79
CA GLU E 446 -7.16 -44.54 25.95
C GLU E 446 -8.62 -44.98 26.08
N GLY E 447 -9.43 -44.18 26.77
CA GLY E 447 -10.86 -44.44 26.86
C GLY E 447 -11.30 -45.30 28.01
N LYS E 448 -10.42 -45.56 28.97
CA LYS E 448 -10.81 -46.28 30.17
C LYS E 448 -12.05 -45.66 30.80
N TYR E 449 -12.21 -44.35 30.65
CA TYR E 449 -13.33 -43.60 31.21
C TYR E 449 -14.29 -43.10 30.14
N ASP E 450 -14.55 -43.90 29.10
CA ASP E 450 -15.28 -43.42 27.95
C ASP E 450 -16.79 -43.54 28.06
N ASN E 451 -17.31 -44.52 28.81
CA ASN E 451 -18.75 -44.64 28.94
C ASN E 451 -19.38 -43.47 29.67
N ILE E 452 -18.57 -42.67 30.35
CA ILE E 452 -19.08 -41.56 31.15
C ILE E 452 -19.62 -40.48 30.22
N PRO E 453 -20.86 -40.02 30.38
CA PRO E 453 -21.44 -39.10 29.40
C PRO E 453 -20.70 -37.78 29.31
N GLU E 454 -21.03 -37.04 28.25
CA GLU E 454 -20.33 -35.79 27.96
C GLU E 454 -20.42 -34.79 29.11
N HIS E 455 -21.44 -34.92 29.95
CA HIS E 455 -21.66 -33.92 30.98
C HIS E 455 -20.74 -34.06 32.19
N ALA E 456 -20.15 -35.23 32.40
CA ALA E 456 -19.33 -35.43 33.58
C ALA E 456 -17.99 -34.73 33.49
N PHE E 457 -17.75 -34.02 32.38
CA PHE E 457 -16.50 -33.33 32.14
C PHE E 457 -16.61 -31.83 32.23
N TYR E 458 -17.83 -31.30 32.16
CA TYR E 458 -18.06 -29.86 32.16
C TYR E 458 -17.80 -29.30 33.54
N MET E 459 -16.61 -28.71 33.72
CA MET E 459 -16.28 -27.94 34.92
C MET E 459 -16.06 -28.83 36.15
N VAL E 460 -15.36 -29.94 35.97
CA VAL E 460 -15.19 -30.88 37.08
C VAL E 460 -13.78 -30.86 37.64
N GLY E 461 -12.76 -30.66 36.79
CA GLY E 461 -11.39 -30.78 37.22
C GLY E 461 -10.72 -31.99 36.63
N GLY E 462 -10.25 -32.91 37.46
CA GLY E 462 -9.64 -34.14 37.01
C GLY E 462 -10.63 -35.29 36.94
N ILE E 463 -10.13 -36.42 36.45
CA ILE E 463 -10.96 -37.58 36.20
C ILE E 463 -11.53 -38.18 37.48
N GLU E 464 -10.94 -37.91 38.63
CA GLU E 464 -11.59 -38.32 39.87
C GLU E 464 -12.91 -37.59 40.03
N ASP E 465 -12.94 -36.32 39.64
CA ASP E 465 -14.17 -35.56 39.63
C ASP E 465 -15.04 -35.94 38.45
N VAL E 466 -14.44 -36.39 37.35
CA VAL E 466 -15.24 -36.90 36.24
C VAL E 466 -16.02 -38.12 36.69
N VAL E 467 -15.36 -39.04 37.39
CA VAL E 467 -16.03 -40.23 37.88
C VAL E 467 -17.10 -39.86 38.91
N ALA E 468 -16.76 -38.97 39.85
CA ALA E 468 -17.74 -38.60 40.86
C ALA E 468 -18.97 -37.94 40.26
N LYS E 469 -18.76 -37.03 39.32
CA LYS E 469 -19.89 -36.38 38.68
C LYS E 469 -20.64 -37.34 37.77
N ALA E 470 -19.95 -38.31 37.18
CA ALA E 470 -20.63 -39.29 36.35
C ALA E 470 -21.51 -40.19 37.19
N GLU E 471 -21.06 -40.53 38.40
CA GLU E 471 -21.90 -41.25 39.33
C GLU E 471 -23.11 -40.42 39.73
N LYS E 472 -22.90 -39.14 40.05
CA LYS E 472 -24.01 -38.32 40.52
C LYS E 472 -25.00 -38.02 39.40
N LEU E 473 -24.49 -37.67 38.22
CA LEU E 473 -25.34 -37.47 37.05
C LEU E 473 -26.31 -38.62 36.85
N ALA E 474 -25.87 -39.84 37.13
CA ALA E 474 -26.78 -40.98 37.03
C ALA E 474 -27.72 -41.03 38.22
N ALA E 475 -27.20 -40.87 39.43
CA ALA E 475 -28.05 -40.87 40.60
C ALA E 475 -28.89 -39.60 40.71
N GLU E 476 -28.55 -38.55 39.98
CA GLU E 476 -29.32 -37.32 39.97
C GLU E 476 -30.55 -37.47 39.10
N PRO F 8 55.19 19.58 -4.10
CA PRO F 8 53.90 19.07 -4.56
C PRO F 8 52.72 19.62 -3.76
N ILE F 9 51.52 19.48 -4.31
CA ILE F 9 50.31 19.93 -3.63
C ILE F 9 49.98 18.90 -2.55
N THR F 10 50.26 19.25 -1.30
CA THR F 10 50.10 18.32 -0.18
C THR F 10 49.19 18.92 0.87
N GLY F 11 48.28 18.08 1.38
CA GLY F 11 47.29 18.51 2.34
C GLY F 11 47.26 17.62 3.56
N LYS F 12 46.30 17.91 4.44
CA LYS F 12 46.16 17.23 5.72
C LYS F 12 44.71 16.81 5.91
N VAL F 13 44.52 15.58 6.39
CA VAL F 13 43.17 15.10 6.64
C VAL F 13 42.59 15.83 7.84
N THR F 14 41.29 16.13 7.74
CA THR F 14 40.53 16.76 8.80
C THR F 14 39.35 15.94 9.27
N ALA F 15 38.84 15.04 8.44
CA ALA F 15 37.65 14.27 8.80
C ALA F 15 37.71 12.91 8.12
N VAL F 16 37.07 11.93 8.77
CA VAL F 16 36.88 10.61 8.23
C VAL F 16 35.48 10.15 8.62
N ILE F 17 34.64 9.90 7.62
CA ILE F 17 33.26 9.51 7.84
C ILE F 17 32.95 8.46 6.79
N GLY F 18 32.80 7.22 7.22
CA GLY F 18 32.71 6.12 6.29
C GLY F 18 33.80 6.22 5.25
N ALA F 19 33.40 6.28 3.98
CA ALA F 19 34.35 6.39 2.89
C ALA F 19 34.81 7.82 2.64
N ILE F 20 34.13 8.80 3.20
CA ILE F 20 34.39 10.20 2.93
C ILE F 20 35.55 10.69 3.78
N VAL F 21 36.36 11.56 3.19
CA VAL F 21 37.57 12.08 3.81
C VAL F 21 37.75 13.53 3.37
N ASP F 22 37.81 14.44 4.33
CA ASP F 22 38.07 15.84 4.04
C ASP F 22 39.56 16.13 4.16
N VAL F 23 40.08 16.93 3.23
CA VAL F 23 41.50 17.27 3.19
C VAL F 23 41.64 18.77 3.01
N HIS F 24 42.54 19.36 3.80
CA HIS F 24 42.81 20.79 3.77
C HIS F 24 44.18 21.03 3.17
N PHE F 25 44.24 21.85 2.14
CA PHE F 25 45.48 22.18 1.44
C PHE F 25 45.89 23.59 1.87
N GLU F 26 46.64 23.66 2.96
CA GLU F 26 46.98 24.93 3.59
C GLU F 26 47.78 25.86 2.69
N GLN F 27 48.17 25.41 1.50
CA GLN F 27 48.95 26.23 0.59
C GLN F 27 48.09 27.02 -0.39
N SER F 28 46.76 26.92 -0.28
CA SER F 28 45.83 27.58 -1.18
C SER F 28 45.94 27.08 -2.62
N GLU F 29 46.65 25.97 -2.83
CA GLU F 29 46.66 25.27 -4.10
C GLU F 29 45.86 24.00 -3.94
N LEU F 30 44.76 23.90 -4.68
CA LEU F 30 43.79 22.84 -4.43
C LEU F 30 43.68 21.88 -5.61
N PRO F 31 43.42 20.62 -5.34
CA PRO F 31 43.30 19.65 -6.43
C PRO F 31 41.94 19.70 -7.09
N ALA F 32 41.93 19.55 -8.41
CA ALA F 32 40.70 19.56 -9.16
C ALA F 32 39.80 18.41 -8.75
N ILE F 33 38.50 18.57 -8.96
CA ILE F 33 37.56 17.51 -8.67
C ILE F 33 37.86 16.31 -9.55
N LEU F 34 37.53 15.13 -9.03
CA LEU F 34 37.76 13.83 -9.65
C LEU F 34 39.23 13.40 -9.63
N ASN F 35 40.14 14.21 -9.09
CA ASN F 35 41.54 13.83 -9.02
C ASN F 35 41.76 12.73 -8.00
N ALA F 36 42.92 12.07 -8.12
CA ALA F 36 43.30 10.99 -7.22
C ALA F 36 44.39 11.47 -6.27
N LEU F 37 44.11 11.41 -4.96
CA LEU F 37 45.05 11.74 -3.91
C LEU F 37 45.56 10.48 -3.22
N GLU F 38 46.83 10.50 -2.84
CA GLU F 38 47.49 9.37 -2.19
C GLU F 38 47.83 9.72 -0.74
N ILE F 39 47.53 8.80 0.17
CA ILE F 39 47.75 9.03 1.60
C ILE F 39 49.09 8.50 2.08
N LYS F 40 49.58 7.39 1.52
CA LYS F 40 50.85 6.79 1.90
C LYS F 40 50.78 6.06 3.23
N THR F 41 49.61 5.53 3.58
CA THR F 41 49.52 4.70 4.77
C THR F 41 50.13 3.33 4.50
N PRO F 42 50.81 2.73 5.47
CA PRO F 42 51.42 1.42 5.23
C PRO F 42 50.36 0.36 4.94
N GLN F 43 50.80 -0.69 4.26
CA GLN F 43 49.91 -1.72 3.73
C GLN F 43 49.16 -1.19 2.49
N GLY F 44 49.88 -0.46 1.63
CA GLY F 44 49.32 0.06 0.40
C GLY F 44 48.84 1.49 0.53
N LYS F 45 49.21 2.33 -0.43
CA LYS F 45 48.78 3.72 -0.43
C LYS F 45 47.31 3.83 -0.81
N LEU F 46 46.54 4.48 0.05
CA LEU F 46 45.11 4.66 -0.16
C LEU F 46 44.86 5.76 -1.17
N VAL F 47 43.93 5.51 -2.09
CA VAL F 47 43.55 6.48 -3.12
C VAL F 47 42.20 7.08 -2.76
N LEU F 48 42.12 8.41 -2.78
CA LEU F 48 40.89 9.14 -2.54
C LEU F 48 40.57 9.98 -3.77
N GLU F 49 39.30 10.00 -4.16
CA GLU F 49 38.85 10.78 -5.31
C GLU F 49 38.17 12.05 -4.84
N VAL F 50 38.60 13.18 -5.39
CA VAL F 50 38.02 14.47 -5.02
C VAL F 50 36.58 14.54 -5.52
N ALA F 51 35.65 14.67 -4.58
CA ALA F 51 34.22 14.72 -4.88
C ALA F 51 33.69 16.14 -4.93
N GLN F 52 34.14 17.02 -4.04
CA GLN F 52 33.62 18.38 -4.06
C GLN F 52 34.52 19.31 -3.27
N HIS F 53 34.27 20.61 -3.43
CA HIS F 53 35.05 21.65 -2.80
C HIS F 53 34.19 22.34 -1.75
N LEU F 54 34.63 22.26 -0.49
CA LEU F 54 33.86 22.74 0.63
C LEU F 54 34.22 24.16 1.06
N GLY F 55 35.29 24.72 0.51
CA GLY F 55 35.78 26.00 0.96
C GLY F 55 36.75 25.87 2.11
N GLU F 56 37.31 27.00 2.50
CA GLU F 56 38.40 27.01 3.48
C GLU F 56 39.50 26.06 3.04
N ASN F 57 39.71 25.98 1.73
CA ASN F 57 40.71 25.10 1.13
C ASN F 57 40.44 23.64 1.43
N THR F 58 39.20 23.28 1.74
CA THR F 58 38.84 21.91 2.11
C THR F 58 38.16 21.21 0.95
N VAL F 59 38.77 20.12 0.48
CA VAL F 59 38.21 19.28 -0.56
C VAL F 59 37.73 17.98 0.09
N ARG F 60 36.50 17.60 -0.21
CA ARG F 60 35.92 16.37 0.29
C ARG F 60 36.02 15.28 -0.78
N THR F 61 36.49 14.12 -0.36
CA THR F 61 36.93 13.06 -1.27
C THR F 61 36.32 11.74 -0.85
N ILE F 62 36.31 10.80 -1.79
CA ILE F 62 35.78 9.46 -1.60
C ILE F 62 36.94 8.48 -1.61
N ALA F 63 36.92 7.55 -0.66
CA ALA F 63 38.02 6.62 -0.48
C ALA F 63 37.78 5.35 -1.30
N MET F 64 38.79 4.95 -2.06
CA MET F 64 38.74 3.74 -2.87
C MET F 64 39.11 2.49 -2.09
N ASP F 65 39.52 2.63 -0.84
CA ASP F 65 39.88 1.48 -0.02
C ASP F 65 39.53 1.82 1.42
N GLY F 66 39.56 0.80 2.27
CA GLY F 66 39.17 0.95 3.66
C GLY F 66 39.75 2.17 4.34
N THR F 67 38.87 3.03 4.85
CA THR F 67 39.28 4.18 5.63
C THR F 67 39.78 3.83 7.02
N GLU F 68 39.82 2.54 7.37
CA GLU F 68 40.42 2.14 8.63
C GLU F 68 41.83 2.69 8.74
N GLY F 69 42.19 3.12 9.94
CA GLY F 69 43.53 3.54 10.24
C GLY F 69 43.87 4.96 9.83
N LEU F 70 43.00 5.64 9.11
CA LEU F 70 43.25 7.03 8.77
C LEU F 70 43.25 7.89 10.02
N VAL F 71 44.27 8.72 10.15
CA VAL F 71 44.46 9.59 11.30
C VAL F 71 44.25 11.02 10.88
N ARG F 72 43.67 11.82 11.77
CA ARG F 72 43.54 13.24 11.50
C ARG F 72 44.92 13.87 11.46
N GLY F 73 45.12 14.77 10.50
CA GLY F 73 46.42 15.33 10.28
C GLY F 73 47.33 14.50 9.41
N GLU F 74 46.84 13.38 8.88
CA GLU F 74 47.66 12.51 8.06
C GLU F 74 47.92 13.17 6.72
N LYS F 75 49.18 13.21 6.32
CA LYS F 75 49.57 13.92 5.11
C LYS F 75 49.02 13.23 3.87
N VAL F 76 48.72 14.04 2.87
CA VAL F 76 48.13 13.59 1.63
C VAL F 76 48.81 14.31 0.47
N LEU F 77 48.86 13.64 -0.67
CA LEU F 77 49.57 14.14 -1.84
C LEU F 77 48.69 13.99 -3.07
N ASP F 78 48.69 15.02 -3.92
CA ASP F 78 47.96 14.99 -5.18
C ASP F 78 48.81 14.31 -6.25
N THR F 79 48.25 13.27 -6.86
CA THR F 79 48.93 12.57 -7.94
C THR F 79 48.96 13.37 -9.23
N GLY F 80 48.20 14.45 -9.32
CA GLY F 80 48.21 15.31 -10.48
C GLY F 80 47.15 15.01 -11.52
N GLY F 81 46.46 13.88 -11.41
CA GLY F 81 45.40 13.56 -12.33
C GLY F 81 44.45 12.52 -11.81
N PRO F 82 43.39 12.25 -12.55
CA PRO F 82 42.37 11.30 -12.08
C PRO F 82 42.94 9.90 -11.95
N ILE F 83 42.10 9.01 -11.43
CA ILE F 83 42.43 7.61 -11.39
C ILE F 83 42.75 7.20 -12.82
N SER F 84 44.00 6.81 -13.06
CA SER F 84 44.47 6.46 -14.40
C SER F 84 44.70 4.97 -14.47
N VAL F 85 43.98 4.31 -15.37
CA VAL F 85 44.05 2.85 -15.49
C VAL F 85 44.76 2.48 -16.79
N PRO F 86 45.47 1.37 -16.83
CA PRO F 86 46.19 0.99 -18.06
C PRO F 86 45.25 0.50 -19.13
N VAL F 87 45.77 0.50 -20.37
CA VAL F 87 44.97 0.19 -21.55
C VAL F 87 45.86 -0.46 -22.59
N GLY F 88 45.30 -1.42 -23.31
CA GLY F 88 46.00 -2.09 -24.39
C GLY F 88 45.91 -3.59 -24.26
N ARG F 89 46.65 -4.27 -25.14
CA ARG F 89 46.73 -5.71 -25.08
C ARG F 89 47.39 -6.18 -23.80
N GLU F 90 48.28 -5.37 -23.22
CA GLU F 90 48.94 -5.75 -21.98
C GLU F 90 47.96 -5.88 -20.83
N THR F 91 46.78 -5.29 -20.95
CA THR F 91 45.76 -5.42 -19.92
C THR F 91 44.86 -6.61 -20.13
N LEU F 92 44.93 -7.25 -21.30
CA LEU F 92 44.22 -8.49 -21.49
C LEU F 92 44.79 -9.58 -20.60
N GLY F 93 43.92 -10.45 -20.12
CA GLY F 93 44.35 -11.59 -19.35
C GLY F 93 44.53 -11.32 -17.87
N ARG F 94 45.21 -10.24 -17.51
CA ARG F 94 45.34 -9.91 -16.11
C ARG F 94 44.00 -9.47 -15.54
N ILE F 95 43.95 -9.38 -14.22
CA ILE F 95 42.80 -8.84 -13.50
C ILE F 95 43.22 -7.49 -12.91
N ILE F 96 42.32 -6.52 -13.00
CA ILE F 96 42.63 -5.14 -12.65
C ILE F 96 41.64 -4.64 -11.61
N ASN F 97 42.13 -3.84 -10.67
CA ASN F 97 41.30 -3.23 -9.64
C ASN F 97 40.79 -1.87 -10.11
N VAL F 98 39.97 -1.25 -9.25
CA VAL F 98 39.42 0.07 -9.55
C VAL F 98 40.53 1.08 -9.79
N ILE F 99 41.56 1.05 -8.96
CA ILE F 99 42.65 2.02 -9.03
C ILE F 99 43.70 1.56 -10.03
N GLY F 100 43.38 0.53 -10.79
CA GLY F 100 44.22 0.13 -11.90
C GLY F 100 45.42 -0.70 -11.55
N GLU F 101 45.63 -1.00 -10.28
CA GLU F 101 46.62 -1.99 -9.92
C GLU F 101 46.06 -3.38 -10.21
N PRO F 102 46.88 -4.30 -10.66
CA PRO F 102 46.41 -5.68 -10.83
C PRO F 102 46.18 -6.32 -9.48
N ILE F 103 45.24 -7.25 -9.46
CA ILE F 103 45.01 -8.09 -8.29
C ILE F 103 45.34 -9.54 -8.55
N ASP F 104 45.78 -9.90 -9.75
CA ASP F 104 46.48 -11.14 -9.98
C ASP F 104 47.94 -10.96 -9.57
N GLU F 105 48.70 -12.04 -9.67
CA GLU F 105 50.08 -12.08 -9.22
C GLU F 105 51.08 -12.13 -10.36
N ARG F 106 50.62 -11.95 -11.61
CA ARG F 106 51.51 -12.14 -12.75
C ARG F 106 52.44 -10.97 -12.98
N GLY F 107 52.13 -9.79 -12.47
CA GLY F 107 53.11 -8.75 -12.37
C GLY F 107 52.62 -7.37 -12.73
N PRO F 108 53.55 -6.46 -12.99
CA PRO F 108 53.17 -5.10 -13.38
C PRO F 108 52.66 -5.08 -14.82
N ILE F 109 51.48 -4.48 -15.00
CA ILE F 109 51.05 -4.15 -16.35
C ILE F 109 51.97 -3.08 -16.88
N LYS F 110 52.76 -3.42 -17.89
CA LYS F 110 53.78 -2.53 -18.41
C LYS F 110 53.27 -1.76 -19.63
N SER F 111 51.96 -1.49 -19.65
CA SER F 111 51.34 -0.86 -20.79
C SER F 111 52.00 0.48 -21.07
N LYS F 112 52.02 0.86 -22.35
CA LYS F 112 52.62 2.11 -22.75
C LYS F 112 51.74 3.30 -22.43
N LEU F 113 50.45 3.09 -22.31
CA LEU F 113 49.50 4.17 -22.10
C LEU F 113 48.68 3.91 -20.84
N ARG F 114 48.22 5.00 -20.24
CA ARG F 114 47.32 4.98 -19.11
C ARG F 114 46.32 6.09 -19.33
N LYS F 115 45.06 5.83 -18.96
CA LYS F 115 43.99 6.73 -19.36
C LYS F 115 43.07 7.03 -18.19
N PRO F 116 42.61 8.26 -18.07
CA PRO F 116 41.67 8.60 -16.99
C PRO F 116 40.38 7.82 -17.10
N ILE F 117 39.82 7.44 -15.95
CA ILE F 117 38.58 6.69 -15.95
C ILE F 117 37.39 7.58 -16.23
N HIS F 118 37.54 8.89 -16.10
CA HIS F 118 36.46 9.84 -16.37
C HIS F 118 36.70 10.48 -17.73
N ALA F 119 35.74 10.32 -18.64
CA ALA F 119 35.85 10.88 -19.98
C ALA F 119 34.47 11.12 -20.53
N ASP F 120 34.36 12.11 -21.40
CA ASP F 120 33.06 12.54 -21.87
C ASP F 120 32.49 11.54 -22.88
N PRO F 121 31.19 11.31 -22.86
CA PRO F 121 30.62 10.34 -23.79
C PRO F 121 30.89 10.75 -25.22
N PRO F 122 30.82 9.80 -26.15
CA PRO F 122 31.02 10.14 -27.56
C PRO F 122 29.89 11.01 -28.08
N SER F 123 30.25 12.02 -28.86
CA SER F 123 29.26 12.95 -29.37
C SER F 123 28.21 12.23 -30.20
N PHE F 124 27.01 12.80 -30.22
CA PHE F 124 25.93 12.29 -31.05
C PHE F 124 26.36 12.15 -32.50
N ALA F 125 27.36 12.91 -32.92
CA ALA F 125 27.90 12.75 -34.27
C ALA F 125 28.43 11.34 -34.48
N GLU F 126 29.12 10.79 -33.49
CA GLU F 126 29.78 9.50 -33.64
C GLU F 126 28.86 8.32 -33.42
N GLN F 127 27.80 8.50 -32.66
CA GLN F 127 26.89 7.39 -32.36
C GLN F 127 26.40 6.77 -33.65
N SER F 128 26.20 5.45 -33.62
CA SER F 128 25.77 4.70 -34.79
C SER F 128 24.55 3.87 -34.44
N THR F 129 23.88 3.40 -35.50
CA THR F 129 22.66 2.60 -35.39
C THR F 129 22.90 1.29 -36.10
N SER F 130 22.41 0.19 -35.50
CA SER F 130 22.65 -1.14 -36.04
C SER F 130 21.42 -1.99 -35.79
N ALA F 131 21.20 -2.96 -36.68
CA ALA F 131 20.02 -3.82 -36.63
C ALA F 131 20.38 -5.31 -36.65
N GLU F 132 21.62 -5.66 -36.33
CA GLU F 132 22.01 -7.05 -36.31
C GLU F 132 21.60 -7.72 -35.00
N ILE F 133 21.22 -8.98 -35.10
CA ILE F 133 20.84 -9.78 -33.94
C ILE F 133 22.02 -10.64 -33.52
N LEU F 134 22.26 -10.69 -32.21
CA LEU F 134 23.33 -11.51 -31.63
C LEU F 134 22.73 -12.82 -31.18
N GLU F 135 22.78 -13.83 -32.05
CA GLU F 135 22.24 -15.14 -31.72
C GLU F 135 22.87 -15.65 -30.44
N THR F 136 22.03 -15.93 -29.45
CA THR F 136 22.50 -16.26 -28.11
C THR F 136 22.38 -17.73 -27.76
N GLY F 137 21.62 -18.50 -28.52
CA GLY F 137 21.33 -19.87 -28.15
C GLY F 137 20.30 -20.00 -27.06
N ILE F 138 19.72 -18.90 -26.61
CA ILE F 138 18.69 -18.89 -25.59
C ILE F 138 17.36 -18.62 -26.28
N LYS F 139 16.38 -19.48 -26.02
CA LYS F 139 15.15 -19.44 -26.79
C LYS F 139 14.35 -18.18 -26.49
N VAL F 140 14.19 -17.84 -25.21
CA VAL F 140 13.36 -16.71 -24.87
C VAL F 140 13.97 -15.42 -25.39
N VAL F 141 15.29 -15.33 -25.38
CA VAL F 141 15.96 -14.12 -25.84
C VAL F 141 15.85 -14.02 -27.36
N ASP F 142 16.26 -15.06 -28.07
CA ASP F 142 16.23 -15.04 -29.52
C ASP F 142 14.82 -14.95 -30.09
N LEU F 143 13.80 -15.25 -29.30
CA LEU F 143 12.43 -15.24 -29.81
C LEU F 143 11.63 -14.01 -29.41
N LEU F 144 11.76 -13.53 -28.18
CA LEU F 144 10.87 -12.48 -27.68
C LEU F 144 11.55 -11.16 -27.37
N ALA F 145 12.87 -11.13 -27.29
CA ALA F 145 13.59 -9.89 -27.04
C ALA F 145 14.97 -9.99 -27.66
N PRO F 146 15.06 -10.17 -28.97
CA PRO F 146 16.35 -10.46 -29.59
C PRO F 146 17.40 -9.40 -29.30
N TYR F 147 18.55 -9.85 -28.82
CA TYR F 147 19.66 -8.98 -28.53
C TYR F 147 20.30 -8.47 -29.81
N ALA F 148 20.92 -7.30 -29.72
CA ALA F 148 21.57 -6.65 -30.86
C ALA F 148 23.08 -6.69 -30.69
N ARG F 149 23.77 -7.08 -31.76
CA ARG F 149 25.22 -6.87 -31.81
C ARG F 149 25.50 -5.39 -31.90
N GLY F 150 26.47 -4.93 -31.11
CA GLY F 150 26.75 -3.52 -31.01
C GLY F 150 25.75 -2.75 -30.17
N GLY F 151 24.75 -3.42 -29.60
CA GLY F 151 23.72 -2.76 -28.84
C GLY F 151 23.99 -2.76 -27.34
N LYS F 152 22.97 -2.35 -26.59
CA LYS F 152 23.03 -2.27 -25.14
C LYS F 152 21.96 -3.17 -24.57
N ILE F 153 22.38 -4.16 -23.79
CA ILE F 153 21.51 -5.22 -23.29
C ILE F 153 21.46 -5.15 -21.78
N GLY F 154 20.31 -5.49 -21.22
CA GLY F 154 20.13 -5.49 -19.78
C GLY F 154 19.42 -6.71 -19.25
N LEU F 155 19.97 -7.32 -18.20
CA LEU F 155 19.34 -8.43 -17.50
C LEU F 155 18.83 -7.89 -16.16
N PHE F 156 17.62 -7.34 -16.19
CA PHE F 156 16.97 -6.92 -14.97
C PHE F 156 16.49 -8.15 -14.21
N GLY F 157 16.68 -8.13 -12.90
CA GLY F 157 16.31 -9.28 -12.09
C GLY F 157 16.63 -9.14 -10.63
N GLY F 158 15.74 -9.66 -9.80
CA GLY F 158 15.91 -9.62 -8.36
C GLY F 158 16.86 -10.68 -7.87
N ALA F 159 17.07 -10.67 -6.56
CA ALA F 159 18.00 -11.60 -5.95
C ALA F 159 17.55 -13.04 -6.17
N GLY F 160 18.47 -13.86 -6.66
CA GLY F 160 18.26 -15.28 -6.75
C GLY F 160 17.60 -15.78 -8.01
N VAL F 161 17.16 -14.89 -8.89
CA VAL F 161 16.50 -15.32 -10.11
C VAL F 161 17.46 -15.94 -11.11
N GLY F 162 18.76 -15.88 -10.84
CA GLY F 162 19.73 -16.60 -11.62
C GLY F 162 20.46 -15.80 -12.67
N LYS F 163 20.54 -14.48 -12.53
CA LYS F 163 21.16 -13.68 -13.58
C LYS F 163 22.68 -13.85 -13.62
N THR F 164 23.28 -14.37 -12.56
CA THR F 164 24.69 -14.75 -12.65
C THR F 164 24.87 -15.95 -13.58
N VAL F 165 23.98 -16.93 -13.47
CA VAL F 165 24.01 -18.06 -14.39
C VAL F 165 23.72 -17.58 -15.80
N PHE F 166 22.85 -16.57 -15.93
CA PHE F 166 22.53 -16.05 -17.25
C PHE F 166 23.73 -15.34 -17.86
N ILE F 167 24.46 -14.58 -17.04
CA ILE F 167 25.66 -13.92 -17.53
C ILE F 167 26.69 -14.95 -17.96
N GLN F 168 26.81 -16.05 -17.20
CA GLN F 168 27.78 -17.07 -17.58
C GLN F 168 27.36 -17.80 -18.86
N GLU F 169 26.07 -18.08 -19.02
CA GLU F 169 25.60 -18.70 -20.25
C GLU F 169 25.86 -17.79 -21.44
N LEU F 170 25.56 -16.50 -21.27
CA LEU F 170 25.82 -15.55 -22.34
C LEU F 170 27.30 -15.47 -22.66
N ILE F 171 28.16 -15.47 -21.65
CA ILE F 171 29.58 -15.47 -21.94
C ILE F 171 29.94 -16.69 -22.76
N ASN F 172 29.51 -17.87 -22.31
CA ASN F 172 29.91 -19.11 -22.96
C ASN F 172 29.48 -19.10 -24.42
N ASN F 173 28.27 -18.65 -24.70
CA ASN F 173 27.77 -18.69 -26.07
C ASN F 173 28.38 -17.58 -26.91
N ILE F 174 28.24 -16.34 -26.46
CA ILE F 174 28.53 -15.17 -27.29
C ILE F 174 30.04 -14.94 -27.40
N ALA F 175 30.74 -14.89 -26.27
CA ALA F 175 32.09 -14.35 -26.28
C ALA F 175 32.96 -15.03 -27.32
N LYS F 176 32.84 -16.34 -27.45
CA LYS F 176 33.63 -17.08 -28.41
C LYS F 176 33.14 -16.87 -29.84
N ALA F 177 32.02 -16.17 -30.02
CA ALA F 177 31.50 -15.83 -31.34
C ALA F 177 31.64 -14.34 -31.65
N HIS F 178 32.06 -13.53 -30.68
CA HIS F 178 32.39 -12.15 -30.98
C HIS F 178 33.63 -12.06 -31.86
N GLY F 179 34.59 -12.96 -31.64
CA GLY F 179 35.82 -12.91 -32.43
C GLY F 179 36.58 -11.62 -32.23
N GLY F 180 36.53 -11.07 -31.02
CA GLY F 180 37.24 -9.85 -30.73
C GLY F 180 37.53 -9.75 -29.24
N PHE F 181 38.01 -8.59 -28.85
CA PHE F 181 38.35 -8.35 -27.45
C PHE F 181 37.09 -8.22 -26.60
N SER F 182 37.20 -8.69 -25.37
CA SER F 182 36.11 -8.65 -24.42
C SER F 182 36.59 -8.08 -23.10
N VAL F 183 35.68 -7.42 -22.38
CA VAL F 183 35.94 -6.90 -21.05
C VAL F 183 34.79 -7.27 -20.14
N PHE F 184 35.13 -7.87 -19.00
CA PHE F 184 34.15 -8.18 -17.95
C PHE F 184 34.49 -7.35 -16.73
N THR F 185 33.62 -6.41 -16.40
CA THR F 185 33.75 -5.63 -15.17
C THR F 185 32.69 -6.11 -14.20
N GLY F 186 33.12 -6.53 -13.03
CA GLY F 186 32.23 -7.02 -12.00
C GLY F 186 32.01 -5.97 -10.95
N VAL F 187 30.87 -5.30 -11.01
CA VAL F 187 30.53 -4.21 -10.11
C VAL F 187 29.68 -4.81 -8.99
N GLY F 188 30.26 -4.92 -7.80
CA GLY F 188 29.52 -5.43 -6.67
C GLY F 188 29.04 -6.85 -6.84
N GLU F 189 29.78 -7.67 -7.58
CA GLU F 189 29.44 -9.07 -7.76
C GLU F 189 30.05 -9.89 -6.63
N ARG F 190 29.74 -11.18 -6.63
CA ARG F 190 30.27 -12.11 -5.66
C ARG F 190 31.68 -12.51 -6.03
N THR F 191 32.56 -12.57 -5.03
CA THR F 191 33.94 -12.93 -5.29
C THR F 191 34.05 -14.37 -5.75
N ARG F 192 33.17 -15.24 -5.25
CA ARG F 192 33.21 -16.64 -5.66
C ARG F 192 32.85 -16.77 -7.13
N GLU F 193 31.87 -16.00 -7.60
CA GLU F 193 31.54 -16.06 -9.01
C GLU F 193 32.67 -15.53 -9.87
N GLY F 194 33.48 -14.62 -9.33
CA GLY F 194 34.63 -14.13 -10.05
C GLY F 194 35.73 -15.17 -10.11
N ASN F 195 35.93 -15.91 -9.02
CA ASN F 195 36.90 -16.98 -9.06
C ASN F 195 36.46 -18.08 -10.01
N ASP F 196 35.16 -18.39 -10.03
CA ASP F 196 34.66 -19.41 -10.94
C ASP F 196 34.79 -18.96 -12.39
N LEU F 197 34.63 -17.67 -12.65
CA LEU F 197 34.78 -17.18 -14.02
C LEU F 197 36.24 -17.16 -14.43
N TYR F 198 37.12 -16.74 -13.54
CA TYR F 198 38.55 -16.81 -13.80
C TYR F 198 38.98 -18.24 -14.08
N ARG F 199 38.43 -19.19 -13.33
CA ARG F 199 38.74 -20.60 -13.53
C ARG F 199 38.24 -21.10 -14.88
N GLU F 200 36.97 -20.83 -15.20
CA GLU F 200 36.43 -21.30 -16.46
C GLU F 200 37.16 -20.68 -17.63
N MET F 201 37.63 -19.45 -17.48
CA MET F 201 38.31 -18.78 -18.57
C MET F 201 39.74 -19.30 -18.73
N LYS F 202 40.43 -19.54 -17.62
CA LYS F 202 41.77 -20.10 -17.71
C LYS F 202 41.72 -21.52 -18.26
N GLU F 203 40.62 -22.23 -18.02
CA GLU F 203 40.50 -23.61 -18.50
C GLU F 203 40.18 -23.65 -19.99
N THR F 204 39.29 -22.78 -20.45
CA THR F 204 38.79 -22.81 -21.81
C THR F 204 39.68 -22.04 -22.78
N GLY F 205 40.92 -21.76 -22.40
CA GLY F 205 41.83 -21.06 -23.29
C GLY F 205 41.54 -19.61 -23.53
N VAL F 206 40.60 -19.01 -22.80
CA VAL F 206 40.35 -17.58 -22.98
C VAL F 206 41.46 -16.76 -22.33
N ILE F 207 42.06 -17.30 -21.27
CA ILE F 207 43.22 -16.69 -20.63
C ILE F 207 44.33 -17.73 -20.60
N ASN F 208 45.46 -17.41 -21.23
CA ASN F 208 46.65 -18.22 -21.15
C ASN F 208 47.76 -17.38 -20.52
N LEU F 209 48.54 -18.02 -19.66
CA LEU F 209 49.56 -17.33 -18.90
C LEU F 209 50.82 -17.07 -19.70
N GLU F 210 50.97 -17.75 -20.84
CA GLU F 210 51.98 -17.43 -21.82
C GLU F 210 51.31 -17.56 -23.17
N GLY F 211 51.56 -16.60 -24.03
CA GLY F 211 50.76 -16.48 -25.22
C GLY F 211 49.53 -15.63 -24.97
N GLU F 212 48.57 -15.80 -25.87
CA GLU F 212 47.48 -14.84 -26.00
C GLU F 212 46.50 -14.94 -24.84
N SER F 213 45.76 -13.85 -24.65
CA SER F 213 44.58 -13.78 -23.83
C SER F 213 43.62 -12.83 -24.52
N LYS F 214 42.33 -13.04 -24.30
CA LYS F 214 41.34 -12.33 -25.10
C LYS F 214 40.20 -11.74 -24.27
N VAL F 215 40.31 -11.71 -22.95
CA VAL F 215 39.34 -11.04 -22.10
C VAL F 215 40.07 -10.30 -21.00
N ALA F 216 39.62 -9.09 -20.71
CA ALA F 216 40.17 -8.28 -19.62
C ALA F 216 39.18 -8.22 -18.47
N LEU F 217 39.65 -8.56 -17.27
CA LEU F 217 38.81 -8.70 -16.10
C LEU F 217 39.05 -7.54 -15.14
N VAL F 218 37.98 -6.84 -14.78
CA VAL F 218 38.04 -5.77 -13.80
C VAL F 218 37.05 -6.02 -12.68
N PHE F 219 37.50 -6.62 -11.59
CA PHE F 219 36.61 -6.95 -10.47
C PHE F 219 36.69 -5.91 -9.37
N GLY F 220 35.51 -5.51 -8.88
CA GLY F 220 35.37 -4.57 -7.79
C GLY F 220 34.39 -5.10 -6.76
N GLN F 221 34.46 -6.40 -6.47
CA GLN F 221 33.35 -7.11 -5.87
C GLN F 221 32.90 -6.45 -4.57
N MET F 222 31.78 -6.95 -4.05
CA MET F 222 31.04 -6.33 -2.95
C MET F 222 31.79 -6.35 -1.65
N ASN F 223 32.95 -6.98 -1.57
CA ASN F 223 33.78 -6.85 -0.38
C ASN F 223 34.45 -5.50 -0.29
N GLU F 224 34.42 -4.73 -1.36
CA GLU F 224 35.12 -3.46 -1.43
C GLU F 224 34.23 -2.32 -0.95
N PRO F 225 34.83 -1.25 -0.43
CA PRO F 225 34.04 -0.13 0.06
C PRO F 225 33.17 0.47 -1.04
N PRO F 226 32.27 1.37 -0.68
CA PRO F 226 31.35 1.92 -1.70
C PRO F 226 32.06 2.69 -2.80
N GLY F 227 33.13 3.41 -2.50
CA GLY F 227 33.80 4.18 -3.52
C GLY F 227 34.35 3.30 -4.63
N ALA F 228 34.95 2.17 -4.27
CA ALA F 228 35.49 1.26 -5.27
C ALA F 228 34.37 0.71 -6.15
N ARG F 229 33.27 0.29 -5.54
CA ARG F 229 32.14 -0.19 -6.31
C ARG F 229 31.63 0.89 -7.26
N ALA F 230 31.66 2.14 -6.80
CA ALA F 230 31.19 3.24 -7.63
C ALA F 230 32.06 3.41 -8.86
N ARG F 231 33.38 3.41 -8.67
CA ARG F 231 34.27 3.83 -9.74
C ARG F 231 34.75 2.69 -10.63
N VAL F 232 34.70 1.44 -10.15
CA VAL F 232 35.27 0.33 -10.92
C VAL F 232 34.61 0.19 -12.29
N ALA F 233 33.31 0.44 -12.36
CA ALA F 233 32.64 0.41 -13.65
C ALA F 233 33.36 1.31 -14.64
N LEU F 234 33.93 2.40 -14.15
CA LEU F 234 34.60 3.34 -15.04
C LEU F 234 35.95 2.80 -15.50
N THR F 235 36.64 2.02 -14.68
CA THR F 235 37.86 1.39 -15.14
C THR F 235 37.56 0.36 -16.23
N GLY F 236 36.50 -0.40 -16.04
CA GLY F 236 36.09 -1.32 -17.09
C GLY F 236 35.73 -0.58 -18.36
N LEU F 237 34.94 0.49 -18.22
CA LEU F 237 34.59 1.31 -19.37
C LEU F 237 35.83 1.88 -20.05
N THR F 238 36.87 2.17 -19.28
CA THR F 238 38.04 2.82 -19.85
C THR F 238 38.93 1.83 -20.59
N ILE F 239 38.91 0.57 -20.18
CA ILE F 239 39.60 -0.45 -20.98
C ILE F 239 38.80 -0.74 -22.25
N ALA F 240 37.48 -0.89 -22.10
CA ALA F 240 36.65 -1.14 -23.27
C ALA F 240 36.72 0.00 -24.26
N GLU F 241 36.75 1.24 -23.78
CA GLU F 241 36.80 2.39 -24.65
C GLU F 241 38.06 2.38 -25.49
N TYR F 242 39.19 1.99 -24.92
CA TYR F 242 40.41 1.93 -25.69
C TYR F 242 40.37 0.80 -26.70
N PHE F 243 39.84 -0.36 -26.31
CA PHE F 243 39.68 -1.42 -27.28
C PHE F 243 38.76 -1.01 -28.42
N ARG F 244 37.81 -0.11 -28.14
CA ARG F 244 36.90 0.37 -29.16
C ARG F 244 37.58 1.38 -30.09
N ASP F 245 38.16 2.43 -29.52
CA ASP F 245 38.52 3.63 -30.25
C ASP F 245 39.96 3.65 -30.73
N GLU F 246 40.90 3.17 -29.92
CA GLU F 246 42.31 3.22 -30.27
C GLU F 246 42.81 1.94 -30.92
N GLU F 247 42.11 0.82 -30.70
CA GLU F 247 42.48 -0.46 -31.30
C GLU F 247 41.52 -0.88 -32.40
N GLY F 248 40.34 -0.28 -32.47
CA GLY F 248 39.42 -0.48 -33.58
C GLY F 248 38.73 -1.83 -33.63
N GLN F 249 38.93 -2.69 -32.64
CA GLN F 249 38.35 -4.01 -32.65
C GLN F 249 36.91 -4.00 -32.16
N ASP F 250 36.23 -5.10 -32.40
CA ASP F 250 34.87 -5.29 -31.89
C ASP F 250 34.94 -5.74 -30.45
N VAL F 251 34.26 -5.01 -29.58
CA VAL F 251 34.31 -5.23 -28.13
C VAL F 251 32.94 -5.62 -27.63
N LEU F 252 32.91 -6.45 -26.60
CA LEU F 252 31.71 -6.72 -25.83
C LEU F 252 32.02 -6.58 -24.36
N LEU F 253 31.21 -5.81 -23.66
CA LEU F 253 31.51 -5.34 -22.31
C LEU F 253 30.45 -5.84 -21.34
N PHE F 254 30.83 -6.80 -20.50
CA PHE F 254 29.94 -7.32 -19.48
C PHE F 254 30.07 -6.52 -18.20
N ILE F 255 28.94 -6.07 -17.66
CA ILE F 255 28.89 -5.33 -16.41
C ILE F 255 27.95 -6.07 -15.47
N ASP F 256 28.50 -6.58 -14.36
CA ASP F 256 27.77 -7.37 -13.39
C ASP F 256 28.24 -6.93 -12.00
N ASN F 257 27.49 -6.07 -11.31
CA ASN F 257 26.13 -5.64 -11.61
C ASN F 257 26.05 -4.13 -11.50
N ILE F 258 25.43 -3.49 -12.49
CA ILE F 258 25.52 -2.04 -12.60
C ILE F 258 24.73 -1.34 -11.51
N PHE F 259 23.73 -2.00 -10.93
CA PHE F 259 23.00 -1.38 -9.85
C PHE F 259 23.94 -1.02 -8.71
N ARG F 260 24.94 -1.87 -8.47
CA ARG F 260 25.89 -1.63 -7.40
C ARG F 260 26.66 -0.35 -7.60
N PHE F 261 26.69 0.19 -8.83
CA PHE F 261 27.21 1.52 -9.04
C PHE F 261 26.32 2.55 -8.38
N THR F 262 25.05 2.57 -8.75
CA THR F 262 24.15 3.57 -8.21
C THR F 262 24.05 3.44 -6.70
N GLN F 263 23.92 2.21 -6.22
CA GLN F 263 23.86 2.00 -4.78
C GLN F 263 25.11 2.54 -4.11
N ALA F 264 26.26 2.36 -4.74
CA ALA F 264 27.48 2.93 -4.18
C ALA F 264 27.34 4.42 -4.04
N GLY F 265 26.89 5.10 -5.10
CA GLY F 265 26.71 6.53 -5.03
C GLY F 265 25.73 6.90 -3.95
N SER F 266 24.76 6.03 -3.68
CA SER F 266 23.81 6.31 -2.61
C SER F 266 24.51 6.24 -1.26
N GLU F 267 25.32 5.20 -1.05
CA GLU F 267 25.91 4.99 0.27
C GLU F 267 26.70 6.21 0.70
N VAL F 268 27.35 6.88 -0.26
CA VAL F 268 28.18 8.03 0.06
C VAL F 268 27.39 9.34 0.02
N SER F 269 26.23 9.34 -0.63
CA SER F 269 25.53 10.62 -0.85
C SER F 269 25.18 11.28 0.47
N ALA F 270 24.73 10.51 1.46
CA ALA F 270 24.33 11.09 2.73
C ALA F 270 25.53 11.73 3.43
N LEU F 271 26.71 11.14 3.29
CA LEU F 271 27.89 11.64 3.97
C LEU F 271 28.49 12.83 3.24
N LEU F 272 28.19 13.00 1.96
CA LEU F 272 28.59 14.19 1.22
C LEU F 272 27.68 15.37 1.51
N GLY F 273 26.60 15.16 2.27
CA GLY F 273 25.75 16.25 2.71
C GLY F 273 24.57 16.54 1.81
N ARG F 274 24.29 15.68 0.83
CA ARG F 274 23.16 15.90 -0.04
C ARG F 274 21.85 15.53 0.65
N ILE F 275 20.81 16.27 0.32
CA ILE F 275 19.47 15.87 0.73
C ILE F 275 19.04 14.67 -0.11
N PRO F 276 18.66 13.55 0.49
CA PRO F 276 18.32 12.39 -0.32
C PRO F 276 17.06 12.63 -1.13
N SER F 277 17.02 11.96 -2.28
CA SER F 277 15.89 12.01 -3.18
C SER F 277 14.82 11.03 -2.71
N ALA F 278 13.98 10.59 -3.64
CA ALA F 278 13.01 9.52 -3.43
C ALA F 278 13.58 8.41 -2.55
N VAL F 279 13.11 7.18 -2.77
CA VAL F 279 13.09 6.15 -1.73
C VAL F 279 14.35 6.18 -0.88
N GLY F 280 15.40 6.83 -1.39
CA GLY F 280 16.63 7.01 -0.67
C GLY F 280 17.87 7.10 -1.53
N TYR F 281 17.71 7.27 -2.84
CA TYR F 281 18.85 7.37 -3.71
C TYR F 281 19.37 8.80 -3.78
N GLN F 282 20.61 8.92 -4.23
CA GLN F 282 21.25 10.21 -4.34
C GLN F 282 20.59 11.03 -5.44
N PRO F 283 20.52 12.35 -5.29
CA PRO F 283 19.94 13.18 -6.36
C PRO F 283 20.59 12.97 -7.72
N THR F 284 21.90 12.74 -7.76
CA THR F 284 22.63 12.63 -9.01
C THR F 284 22.33 11.34 -9.75
N LEU F 285 21.38 10.53 -9.26
CA LEU F 285 21.15 9.21 -9.82
C LEU F 285 20.93 9.27 -11.33
N ALA F 286 20.18 10.27 -11.79
CA ALA F 286 19.86 10.32 -13.21
C ALA F 286 21.07 10.71 -14.05
N THR F 287 21.94 11.57 -13.51
CA THR F 287 23.08 12.02 -14.29
C THR F 287 24.33 11.18 -14.05
N ASP F 288 24.62 10.85 -12.79
CA ASP F 288 25.80 10.04 -12.51
C ASP F 288 25.72 8.72 -13.24
N MET F 289 24.50 8.18 -13.41
CA MET F 289 24.34 6.98 -14.20
C MET F 289 24.64 7.24 -15.66
N GLY F 290 24.07 8.32 -16.21
CA GLY F 290 24.24 8.58 -17.63
C GLY F 290 25.70 8.70 -18.03
N LEU F 291 26.48 9.45 -17.26
CA LEU F 291 27.88 9.62 -17.60
C LEU F 291 28.59 8.28 -17.67
N LEU F 292 28.12 7.29 -16.92
CA LEU F 292 28.59 5.92 -17.06
C LEU F 292 27.91 5.24 -18.24
N GLN F 293 26.59 5.32 -18.29
CA GLN F 293 25.84 4.55 -19.27
C GLN F 293 26.06 5.07 -20.68
N GLU F 294 26.18 6.38 -20.84
CA GLU F 294 26.33 6.95 -22.17
C GLU F 294 27.67 6.61 -22.79
N ARG F 295 28.66 6.27 -21.98
CA ARG F 295 29.95 5.88 -22.53
C ARG F 295 29.89 4.49 -23.14
N ILE F 296 29.02 3.63 -22.63
CA ILE F 296 28.80 2.30 -23.19
C ILE F 296 27.92 2.45 -24.41
N THR F 297 28.53 2.48 -25.59
CA THR F 297 27.76 2.68 -26.81
C THR F 297 28.61 2.31 -28.01
N THR F 298 27.94 2.08 -29.13
CA THR F 298 28.60 1.82 -30.39
C THR F 298 28.89 3.13 -31.10
N THR F 299 30.01 3.19 -31.80
CA THR F 299 30.43 4.41 -32.46
C THR F 299 31.08 4.07 -33.78
N LYS F 300 31.25 5.10 -34.61
CA LYS F 300 31.88 4.94 -35.90
C LYS F 300 33.36 4.57 -35.77
N LYS F 301 33.90 4.68 -34.56
CA LYS F 301 35.27 4.19 -34.32
C LYS F 301 35.27 2.70 -34.04
N GLY F 302 34.31 2.22 -33.26
CA GLY F 302 34.27 0.80 -32.94
C GLY F 302 32.95 0.42 -32.30
N SER F 303 32.68 -0.87 -32.32
CA SER F 303 31.42 -1.43 -31.84
C SER F 303 31.59 -2.00 -30.44
N VAL F 304 30.59 -1.77 -29.59
CA VAL F 304 30.55 -2.30 -28.24
C VAL F 304 29.22 -2.99 -28.03
N THR F 305 29.27 -4.28 -27.70
CA THR F 305 28.09 -5.04 -27.34
C THR F 305 28.09 -5.27 -25.84
N SER F 306 27.15 -4.64 -25.15
CA SER F 306 27.15 -4.59 -23.70
C SER F 306 26.00 -5.40 -23.15
N VAL F 307 26.30 -6.18 -22.11
CA VAL F 307 25.31 -6.96 -21.38
C VAL F 307 25.43 -6.57 -19.92
N GLN F 308 24.39 -5.95 -19.39
CA GLN F 308 24.42 -5.36 -18.06
C GLN F 308 23.43 -6.06 -17.17
N ALA F 309 23.89 -6.51 -16.02
CA ALA F 309 23.00 -6.97 -14.97
C ALA F 309 22.54 -5.78 -14.16
N VAL F 310 21.23 -5.69 -13.95
CA VAL F 310 20.61 -4.57 -13.25
C VAL F 310 19.79 -5.17 -12.12
N TYR F 311 20.36 -5.23 -10.93
CA TYR F 311 19.65 -5.73 -9.77
C TYR F 311 18.41 -4.89 -9.52
N VAL F 312 17.32 -5.56 -9.19
CA VAL F 312 16.08 -4.92 -8.78
C VAL F 312 15.92 -5.12 -7.28
N PRO F 313 16.05 -4.09 -6.45
CA PRO F 313 15.87 -4.29 -5.02
C PRO F 313 14.42 -4.55 -4.67
N ALA F 314 14.21 -5.52 -3.77
CA ALA F 314 12.88 -5.86 -3.30
C ALA F 314 11.96 -6.26 -4.44
N ASP F 315 12.53 -6.63 -5.59
CA ASP F 315 11.77 -6.99 -6.78
C ASP F 315 10.92 -5.83 -7.29
N ASP F 316 11.13 -4.63 -6.78
CA ASP F 316 10.34 -3.47 -7.15
C ASP F 316 11.00 -2.82 -8.36
N LEU F 317 10.51 -3.16 -9.54
CA LEU F 317 11.01 -2.53 -10.76
C LEU F 317 10.71 -1.05 -10.78
N THR F 318 9.86 -0.57 -9.88
CA THR F 318 9.62 0.85 -9.73
C THR F 318 10.70 1.56 -8.96
N ASP F 319 11.58 0.83 -8.31
CA ASP F 319 12.69 1.46 -7.61
C ASP F 319 13.43 2.38 -8.58
N PRO F 320 13.80 3.59 -8.15
CA PRO F 320 14.35 4.56 -9.10
C PRO F 320 15.47 4.05 -9.98
N ALA F 321 16.33 3.17 -9.47
CA ALA F 321 17.52 2.79 -10.23
C ALA F 321 17.17 1.93 -11.43
N PRO F 322 16.48 0.81 -11.28
CA PRO F 322 16.02 0.07 -12.48
C PRO F 322 15.17 0.91 -13.40
N ALA F 323 14.29 1.74 -12.84
CA ALA F 323 13.43 2.57 -13.66
C ALA F 323 14.25 3.51 -14.53
N THR F 324 15.36 4.01 -14.00
CA THR F 324 16.21 4.89 -14.79
C THR F 324 17.05 4.09 -15.78
N THR F 325 17.47 2.88 -15.40
CA THR F 325 18.29 2.07 -16.28
C THR F 325 17.51 1.62 -17.50
N PHE F 326 16.22 1.31 -17.33
CA PHE F 326 15.43 0.80 -18.44
C PHE F 326 15.49 1.71 -19.65
N ALA F 327 15.67 3.01 -19.43
CA ALA F 327 15.65 3.94 -20.55
C ALA F 327 16.89 3.83 -21.40
N HIS F 328 17.95 3.22 -20.88
CA HIS F 328 19.27 3.25 -21.50
C HIS F 328 19.58 2.01 -22.33
N LEU F 329 18.68 1.04 -22.41
CA LEU F 329 18.98 -0.27 -22.96
C LEU F 329 18.11 -0.55 -24.16
N ASP F 330 18.74 -1.04 -25.23
CA ASP F 330 17.99 -1.44 -26.43
C ASP F 330 17.17 -2.69 -26.17
N ALA F 331 17.75 -3.65 -25.46
CA ALA F 331 17.10 -4.92 -25.15
C ALA F 331 17.17 -5.15 -23.65
N THR F 332 16.05 -5.55 -23.07
CA THR F 332 15.93 -5.72 -21.63
C THR F 332 15.16 -7.00 -21.35
N THR F 333 15.82 -7.95 -20.68
CA THR F 333 15.21 -9.21 -20.30
C THR F 333 15.06 -9.24 -18.79
N VAL F 334 13.81 -9.16 -18.33
CA VAL F 334 13.52 -9.03 -16.91
C VAL F 334 13.32 -10.42 -16.34
N LEU F 335 14.28 -10.89 -15.57
CA LEU F 335 14.11 -12.11 -14.81
C LEU F 335 13.25 -11.83 -13.58
N SER F 336 12.20 -12.61 -13.41
CA SER F 336 11.26 -12.42 -12.32
C SER F 336 11.21 -13.65 -11.44
N ARG F 337 10.86 -13.42 -10.18
CA ARG F 337 10.88 -14.49 -9.18
C ARG F 337 9.75 -15.47 -9.39
N GLY F 338 8.60 -14.98 -9.83
CA GLY F 338 7.44 -15.84 -9.97
C GLY F 338 7.66 -16.96 -10.96
N ILE F 339 8.31 -16.65 -12.08
CA ILE F 339 8.59 -17.68 -13.07
C ILE F 339 9.55 -18.72 -12.51
N SER F 340 10.50 -18.27 -11.69
CA SER F 340 11.47 -19.20 -11.14
C SER F 340 10.86 -20.08 -10.07
N GLU F 341 9.89 -19.56 -9.32
CA GLU F 341 9.16 -20.41 -8.40
C GLU F 341 8.42 -21.52 -9.13
N LEU F 342 7.98 -21.25 -10.35
CA LEU F 342 7.35 -22.24 -11.21
C LEU F 342 8.34 -23.21 -11.79
N GLY F 343 9.59 -23.15 -11.34
CA GLY F 343 10.61 -24.02 -11.88
C GLY F 343 11.01 -23.73 -13.29
N ILE F 344 10.49 -22.67 -13.89
CA ILE F 344 10.83 -22.35 -15.26
C ILE F 344 12.06 -21.47 -15.29
N TYR F 345 13.22 -22.09 -15.20
CA TYR F 345 14.45 -21.42 -15.56
C TYR F 345 14.56 -21.40 -17.08
N PRO F 346 15.10 -20.33 -17.68
CA PRO F 346 15.88 -19.26 -17.06
C PRO F 346 15.11 -18.07 -16.50
N ALA F 347 13.81 -18.25 -16.21
CA ALA F 347 13.06 -17.32 -15.39
C ALA F 347 12.88 -15.96 -16.04
N VAL F 348 13.03 -15.86 -17.36
CA VAL F 348 12.83 -14.60 -18.05
C VAL F 348 11.33 -14.37 -18.25
N ASP F 349 10.81 -13.33 -17.62
CA ASP F 349 9.42 -12.94 -17.77
C ASP F 349 9.10 -12.75 -19.24
N PRO F 350 8.35 -13.66 -19.87
CA PRO F 350 8.15 -13.56 -21.31
C PRO F 350 7.45 -12.30 -21.77
N LEU F 351 6.90 -11.50 -20.86
CA LEU F 351 6.14 -10.33 -21.22
C LEU F 351 6.85 -9.02 -20.89
N ASP F 352 7.36 -8.88 -19.68
CA ASP F 352 8.10 -7.67 -19.32
C ASP F 352 9.35 -7.50 -20.16
N SER F 353 9.88 -8.59 -20.71
CA SER F 353 11.09 -8.53 -21.51
C SER F 353 10.79 -7.98 -22.90
N LYS F 354 11.66 -7.12 -23.38
CA LYS F 354 11.43 -6.42 -24.65
C LYS F 354 12.77 -6.06 -25.29
N SER F 355 12.74 -5.92 -26.61
CA SER F 355 13.91 -5.53 -27.37
C SER F 355 13.47 -4.72 -28.58
N ARG F 356 14.25 -3.68 -28.89
CA ARG F 356 13.90 -2.80 -30.00
C ARG F 356 13.94 -3.53 -31.33
N LEU F 357 14.79 -4.54 -31.44
CA LEU F 357 14.98 -5.23 -32.71
C LEU F 357 13.92 -6.28 -32.98
N LEU F 358 12.94 -6.42 -32.08
CA LEU F 358 11.77 -7.24 -32.37
C LEU F 358 10.82 -6.41 -33.21
N ASP F 359 11.19 -6.26 -34.48
CA ASP F 359 10.32 -5.63 -35.46
C ASP F 359 10.39 -6.43 -36.75
N ALA F 360 9.24 -6.55 -37.40
CA ALA F 360 9.16 -7.34 -38.63
C ALA F 360 10.23 -6.92 -39.62
N ALA F 361 10.66 -5.66 -39.57
CA ALA F 361 11.69 -5.19 -40.46
C ALA F 361 13.01 -5.91 -40.20
N VAL F 362 13.34 -6.12 -38.94
CA VAL F 362 14.61 -6.72 -38.55
C VAL F 362 14.51 -8.23 -38.46
N VAL F 363 13.56 -8.73 -37.67
CA VAL F 363 13.45 -10.16 -37.44
C VAL F 363 12.71 -10.89 -38.55
N GLY F 364 12.02 -10.19 -39.44
CA GLY F 364 11.21 -10.84 -40.44
C GLY F 364 9.79 -11.09 -39.96
N GLN F 365 8.86 -11.16 -40.90
CA GLN F 365 7.45 -11.19 -40.54
C GLN F 365 7.07 -12.47 -39.81
N GLU F 366 7.62 -13.61 -40.24
CA GLU F 366 7.28 -14.87 -39.60
C GLU F 366 7.65 -14.86 -38.13
N HIS F 367 8.89 -14.44 -37.84
CA HIS F 367 9.35 -14.38 -36.46
C HIS F 367 8.49 -13.43 -35.65
N TYR F 368 8.10 -12.31 -36.24
CA TYR F 368 7.33 -11.32 -35.49
C TYR F 368 5.93 -11.82 -35.21
N ASP F 369 5.31 -12.51 -36.16
CA ASP F 369 3.99 -13.07 -35.93
C ASP F 369 4.05 -14.17 -34.87
N VAL F 370 5.09 -14.98 -34.90
CA VAL F 370 5.24 -16.02 -33.89
C VAL F 370 5.38 -15.40 -32.51
N ALA F 371 6.26 -14.40 -32.39
CA ALA F 371 6.47 -13.77 -31.10
C ALA F 371 5.20 -13.09 -30.61
N SER F 372 4.44 -12.49 -31.52
CA SER F 372 3.22 -11.80 -31.10
C SER F 372 2.17 -12.78 -30.64
N LYS F 373 2.03 -13.90 -31.36
CA LYS F 373 1.12 -14.94 -30.91
C LYS F 373 1.53 -15.49 -29.55
N VAL F 374 2.84 -15.64 -29.31
CA VAL F 374 3.30 -16.15 -28.02
C VAL F 374 2.92 -15.17 -26.91
N GLN F 375 3.25 -13.90 -27.11
CA GLN F 375 2.93 -12.91 -26.10
C GLN F 375 1.44 -12.83 -25.84
N GLU F 376 0.63 -12.88 -26.91
CA GLU F 376 -0.81 -12.84 -26.76
C GLU F 376 -1.31 -14.04 -25.95
N THR F 377 -0.79 -15.22 -26.23
CA THR F 377 -1.22 -16.41 -25.52
C THR F 377 -0.87 -16.32 -24.04
N LEU F 378 0.35 -15.87 -23.74
CA LEU F 378 0.75 -15.80 -22.34
C LEU F 378 -0.01 -14.71 -21.59
N GLN F 379 -0.31 -13.60 -22.25
CA GLN F 379 -1.10 -12.56 -21.60
C GLN F 379 -2.53 -13.02 -21.42
N THR F 380 -3.06 -13.81 -22.34
CA THR F 380 -4.38 -14.39 -22.13
C THR F 380 -4.38 -15.29 -20.91
N TYR F 381 -3.33 -16.10 -20.75
CA TYR F 381 -3.24 -16.94 -19.56
C TYR F 381 -3.18 -16.11 -18.30
N LYS F 382 -2.37 -15.06 -18.29
CA LYS F 382 -2.24 -14.25 -17.09
C LYS F 382 -3.52 -13.48 -16.79
N SER F 383 -4.31 -13.17 -17.82
CA SER F 383 -5.58 -12.51 -17.59
C SER F 383 -6.60 -13.49 -17.05
N LEU F 384 -6.61 -14.71 -17.57
CA LEU F 384 -7.52 -15.74 -17.12
C LEU F 384 -7.15 -16.31 -15.75
N GLN F 385 -5.92 -16.05 -15.27
CA GLN F 385 -5.45 -16.70 -14.07
C GLN F 385 -6.42 -16.56 -12.91
N ASP F 386 -7.12 -15.44 -12.79
CA ASP F 386 -8.04 -15.27 -11.67
C ASP F 386 -9.30 -16.11 -11.83
N ILE F 387 -9.83 -16.19 -13.05
CA ILE F 387 -10.94 -17.08 -13.32
C ILE F 387 -10.54 -18.51 -13.05
N ILE F 388 -9.32 -18.88 -13.43
CA ILE F 388 -8.82 -20.21 -13.15
C ILE F 388 -8.75 -20.46 -11.65
N ALA F 389 -8.21 -19.47 -10.92
CA ALA F 389 -7.98 -19.66 -9.50
C ALA F 389 -9.27 -19.76 -8.71
N ILE F 390 -10.32 -19.09 -9.18
CA ILE F 390 -11.57 -19.11 -8.43
C ILE F 390 -12.53 -20.14 -8.99
N LEU F 391 -12.95 -19.95 -10.23
CA LEU F 391 -13.99 -20.76 -10.83
C LEU F 391 -13.47 -22.05 -11.45
N GLY F 392 -12.18 -22.31 -11.40
CA GLY F 392 -11.62 -23.50 -12.00
C GLY F 392 -11.52 -23.39 -13.51
N MET F 393 -10.60 -24.17 -14.09
CA MET F 393 -10.37 -24.11 -15.52
C MET F 393 -11.60 -24.55 -16.31
N ASP F 394 -12.44 -25.38 -15.71
CA ASP F 394 -13.56 -25.95 -16.44
C ASP F 394 -14.59 -24.90 -16.84
N GLU F 395 -14.58 -23.74 -16.19
CA GLU F 395 -15.49 -22.68 -16.56
C GLU F 395 -15.13 -22.07 -17.91
N LEU F 396 -13.90 -22.26 -18.37
CA LEU F 396 -13.45 -21.60 -19.58
C LEU F 396 -14.03 -22.27 -20.82
N SER F 397 -14.22 -21.45 -21.86
CA SER F 397 -14.70 -21.97 -23.13
C SER F 397 -13.58 -22.73 -23.84
N GLU F 398 -13.98 -23.47 -24.87
CA GLU F 398 -13.01 -24.30 -25.59
C GLU F 398 -11.87 -23.46 -26.13
N GLN F 399 -12.17 -22.29 -26.68
CA GLN F 399 -11.11 -21.43 -27.19
C GLN F 399 -10.14 -21.05 -26.09
N ASP F 400 -10.65 -20.75 -24.91
CA ASP F 400 -9.80 -20.35 -23.80
C ASP F 400 -9.13 -21.53 -23.11
N LYS F 401 -9.79 -22.69 -23.02
CA LYS F 401 -9.10 -23.88 -22.52
C LYS F 401 -7.91 -24.21 -23.41
N LEU F 402 -8.09 -24.14 -24.72
CA LEU F 402 -6.98 -24.43 -25.62
C LEU F 402 -5.90 -23.36 -25.48
N THR F 403 -6.29 -22.09 -25.47
CA THR F 403 -5.30 -21.03 -25.32
C THR F 403 -4.52 -21.20 -24.01
N VAL F 404 -5.18 -21.67 -22.96
CA VAL F 404 -4.52 -21.79 -21.66
C VAL F 404 -3.56 -22.98 -21.66
N GLU F 405 -3.99 -24.12 -22.19
CA GLU F 405 -3.09 -25.26 -22.28
C GLU F 405 -1.89 -24.91 -23.14
N ARG F 406 -2.11 -24.11 -24.18
CA ARG F 406 -1.03 -23.75 -25.08
C ARG F 406 -0.09 -22.75 -24.42
N ALA F 407 -0.64 -21.83 -23.63
CA ALA F 407 0.18 -20.91 -22.87
C ALA F 407 1.03 -21.67 -21.85
N ARG F 408 0.46 -22.67 -21.21
CA ARG F 408 1.23 -23.46 -20.26
C ARG F 408 2.33 -24.24 -20.96
N LYS F 409 2.03 -24.79 -22.13
CA LYS F 409 3.07 -25.43 -22.92
C LYS F 409 4.17 -24.44 -23.28
N ILE F 410 3.79 -23.21 -23.62
CA ILE F 410 4.74 -22.25 -24.16
C ILE F 410 5.63 -21.68 -23.07
N GLN F 411 5.04 -21.25 -21.95
CA GLN F 411 5.83 -20.71 -20.85
C GLN F 411 6.87 -21.72 -20.40
N ARG F 412 6.58 -23.00 -20.57
CA ARG F 412 7.42 -24.09 -20.13
C ARG F 412 8.44 -24.47 -21.20
N PHE F 413 8.06 -24.34 -22.47
CA PHE F 413 8.97 -24.57 -23.58
C PHE F 413 10.02 -23.48 -23.69
N LEU F 414 9.75 -22.31 -23.10
CA LEU F 414 10.75 -21.26 -23.00
C LEU F 414 11.87 -21.61 -22.04
N SER F 415 11.70 -22.64 -21.22
CA SER F 415 12.74 -23.05 -20.30
C SER F 415 13.89 -23.67 -21.07
N GLN F 416 15.07 -23.66 -20.46
CA GLN F 416 16.24 -24.13 -21.17
C GLN F 416 17.32 -24.48 -20.17
N PRO F 417 17.98 -25.64 -20.32
CA PRO F 417 19.09 -25.96 -19.43
C PRO F 417 20.38 -25.31 -19.94
N PHE F 418 21.10 -24.65 -19.05
CA PHE F 418 22.34 -23.99 -19.39
C PHE F 418 23.51 -24.86 -18.96
N ALA F 419 24.52 -24.95 -19.83
CA ALA F 419 25.63 -25.85 -19.56
C ALA F 419 26.36 -25.51 -18.29
N VAL F 420 26.24 -24.27 -17.83
CA VAL F 420 26.88 -23.86 -16.58
C VAL F 420 25.97 -24.11 -15.39
N ALA F 421 24.66 -24.18 -15.63
CA ALA F 421 23.71 -24.50 -14.58
C ALA F 421 23.67 -25.99 -14.24
N GLU F 422 24.33 -26.83 -15.03
CA GLU F 422 24.24 -28.26 -14.80
C GLU F 422 24.79 -28.63 -13.44
N VAL F 423 25.72 -27.85 -12.92
CA VAL F 423 26.37 -28.16 -11.65
C VAL F 423 25.41 -27.90 -10.50
N PHE F 424 24.25 -27.30 -10.79
CA PHE F 424 23.21 -27.18 -9.79
C PHE F 424 21.83 -27.53 -10.31
N THR F 425 21.70 -28.00 -11.55
CA THR F 425 20.44 -28.51 -12.05
C THR F 425 20.53 -29.92 -12.60
N GLY F 426 21.73 -30.41 -12.90
CA GLY F 426 21.88 -31.74 -13.47
C GLY F 426 21.63 -31.86 -14.94
N ILE F 427 20.58 -31.23 -15.44
CA ILE F 427 20.17 -31.34 -16.84
C ILE F 427 21.26 -30.76 -17.75
N PRO F 428 21.76 -31.53 -18.72
CA PRO F 428 22.78 -30.98 -19.63
C PRO F 428 22.32 -29.75 -20.37
N GLY F 429 23.27 -28.90 -20.70
CA GLY F 429 22.96 -27.64 -21.35
C GLY F 429 22.60 -27.81 -22.81
N LYS F 430 21.82 -26.87 -23.32
CA LYS F 430 21.36 -26.86 -24.70
C LYS F 430 21.52 -25.48 -25.31
N LEU F 431 21.94 -25.46 -26.57
CA LEU F 431 21.90 -24.26 -27.39
C LEU F 431 20.92 -24.47 -28.53
N VAL F 432 19.90 -23.62 -28.61
CA VAL F 432 18.86 -23.72 -29.61
C VAL F 432 19.02 -22.55 -30.57
N ARG F 433 19.19 -22.85 -31.85
CA ARG F 433 19.39 -21.81 -32.83
C ARG F 433 18.13 -20.97 -32.98
N LEU F 434 18.29 -19.81 -33.60
CA LEU F 434 17.17 -18.88 -33.73
C LEU F 434 16.09 -19.45 -34.64
N LYS F 435 16.49 -19.94 -35.81
CA LYS F 435 15.50 -20.46 -36.75
C LYS F 435 14.75 -21.64 -36.16
N ASP F 436 15.46 -22.50 -35.42
CA ASP F 436 14.80 -23.64 -34.80
C ASP F 436 13.81 -23.18 -33.74
N THR F 437 14.15 -22.13 -32.98
CA THR F 437 13.23 -21.62 -31.98
C THR F 437 11.98 -21.06 -32.63
N VAL F 438 12.16 -20.26 -33.68
CA VAL F 438 11.02 -19.67 -34.36
C VAL F 438 10.11 -20.76 -34.91
N ALA F 439 10.69 -21.73 -35.61
CA ALA F 439 9.90 -22.79 -36.21
C ALA F 439 9.21 -23.65 -35.15
N SER F 440 9.88 -23.92 -34.03
CA SER F 440 9.27 -24.77 -33.01
C SER F 440 8.11 -24.06 -32.34
N PHE F 441 8.29 -22.80 -31.99
CA PHE F 441 7.18 -22.08 -31.38
C PHE F 441 6.05 -21.87 -32.37
N LYS F 442 6.38 -21.74 -33.65
CA LYS F 442 5.36 -21.70 -34.70
C LYS F 442 4.57 -23.00 -34.71
N ALA F 443 5.26 -24.13 -34.70
CA ALA F 443 4.59 -25.42 -34.71
C ALA F 443 3.71 -25.58 -33.49
N VAL F 444 4.14 -25.07 -32.35
CA VAL F 444 3.32 -25.18 -31.14
C VAL F 444 2.09 -24.28 -31.27
N LEU F 445 2.27 -23.06 -31.75
CA LEU F 445 1.12 -22.17 -31.92
C LEU F 445 0.11 -22.77 -32.88
N GLU F 446 0.59 -23.29 -34.00
CA GLU F 446 -0.27 -23.93 -34.99
C GLU F 446 -0.94 -25.19 -34.47
N GLY F 447 -0.65 -25.60 -33.24
CA GLY F 447 -1.29 -26.75 -32.65
C GLY F 447 -0.74 -28.09 -33.09
N LYS F 448 0.45 -28.12 -33.68
CA LYS F 448 0.99 -29.36 -34.20
C LYS F 448 1.25 -30.37 -33.10
N TYR F 449 1.40 -29.92 -31.85
CA TYR F 449 1.76 -30.79 -30.75
C TYR F 449 0.82 -30.65 -29.56
N ASP F 450 -0.45 -30.31 -29.81
CA ASP F 450 -1.42 -30.31 -28.71
C ASP F 450 -1.47 -31.65 -28.03
N ASN F 451 -1.15 -32.72 -28.76
CA ASN F 451 -1.20 -34.06 -28.19
C ASN F 451 -0.11 -34.29 -27.15
N ILE F 452 1.01 -33.59 -27.27
CA ILE F 452 2.14 -33.83 -26.39
C ILE F 452 1.87 -33.20 -25.02
N PRO F 453 2.17 -33.90 -23.93
CA PRO F 453 1.93 -33.33 -22.60
C PRO F 453 2.92 -32.25 -22.24
N GLU F 454 2.51 -31.41 -21.28
CA GLU F 454 3.33 -30.29 -20.85
C GLU F 454 4.72 -30.73 -20.43
N HIS F 455 4.80 -31.78 -19.61
CA HIS F 455 6.04 -32.14 -18.96
C HIS F 455 7.16 -32.43 -19.95
N ALA F 456 6.82 -32.72 -21.20
CA ALA F 456 7.81 -32.99 -22.22
C ALA F 456 8.38 -31.72 -22.82
N PHE F 457 7.76 -30.58 -22.57
CA PHE F 457 8.26 -29.31 -23.08
C PHE F 457 9.30 -28.71 -22.15
N TYR F 458 9.46 -29.28 -20.97
CA TYR F 458 10.32 -28.71 -19.93
C TYR F 458 11.77 -29.12 -20.13
N MET F 459 12.64 -28.13 -20.28
CA MET F 459 14.10 -28.29 -20.20
C MET F 459 14.65 -29.18 -21.30
N VAL F 460 14.02 -29.22 -22.46
CA VAL F 460 14.45 -30.10 -23.53
C VAL F 460 15.37 -29.40 -24.51
N GLY F 461 15.09 -28.13 -24.79
CA GLY F 461 15.71 -27.48 -25.93
C GLY F 461 14.72 -27.33 -27.06
N GLY F 462 15.08 -27.84 -28.23
CA GLY F 462 14.22 -27.75 -29.38
C GLY F 462 13.01 -28.64 -29.27
N ILE F 463 12.22 -28.63 -30.34
CA ILE F 463 10.97 -29.39 -30.37
C ILE F 463 11.21 -30.85 -30.69
N GLU F 464 12.28 -31.17 -31.42
CA GLU F 464 12.63 -32.57 -31.58
C GLU F 464 12.93 -33.21 -30.24
N ASP F 465 13.45 -32.41 -29.31
CA ASP F 465 13.68 -32.90 -27.96
C ASP F 465 12.41 -32.88 -27.13
N VAL F 466 11.45 -32.03 -27.47
CA VAL F 466 10.11 -32.17 -26.89
C VAL F 466 9.54 -33.53 -27.25
N VAL F 467 9.63 -33.88 -28.53
CA VAL F 467 9.16 -35.18 -28.99
C VAL F 467 9.92 -36.31 -28.30
N ALA F 468 11.24 -36.15 -28.18
CA ALA F 468 12.04 -37.20 -27.57
C ALA F 468 11.66 -37.41 -26.11
N LYS F 469 11.52 -36.33 -25.35
CA LYS F 469 11.15 -36.48 -23.95
C LYS F 469 9.74 -37.02 -23.83
N ALA F 470 8.87 -36.70 -24.79
CA ALA F 470 7.53 -37.28 -24.78
C ALA F 470 7.60 -38.78 -24.97
N GLU F 471 8.38 -39.22 -25.96
CA GLU F 471 8.57 -40.65 -26.18
C GLU F 471 9.14 -41.32 -24.94
N LYS F 472 9.99 -40.60 -24.21
CA LYS F 472 10.64 -41.19 -23.04
C LYS F 472 9.66 -41.33 -21.89
N LEU F 473 8.88 -40.28 -21.63
CA LEU F 473 7.82 -40.38 -20.64
C LEU F 473 6.83 -41.48 -20.99
N ALA F 474 6.50 -41.62 -22.26
CA ALA F 474 5.57 -42.66 -22.67
C ALA F 474 6.17 -44.05 -22.45
N ALA F 475 7.47 -44.19 -22.75
CA ALA F 475 8.11 -45.50 -22.59
C ALA F 475 8.24 -45.86 -21.13
N GLU F 476 8.75 -44.93 -20.31
CA GLU F 476 8.94 -45.17 -18.90
C GLU F 476 7.67 -44.86 -18.11
N ALA G 1 -0.31 -1.92 -7.15
CA ALA G 1 0.93 -1.57 -6.40
C ALA G 1 0.60 -0.76 -5.16
N THR G 2 -0.14 0.34 -5.36
CA THR G 2 -0.44 1.24 -4.27
C THR G 2 -1.63 0.73 -3.47
N LEU G 3 -1.85 1.38 -2.32
CA LEU G 3 -2.81 0.86 -1.35
C LEU G 3 -4.22 0.81 -1.95
N LYS G 4 -4.62 1.85 -2.68
CA LYS G 4 -5.96 1.88 -3.24
C LYS G 4 -6.18 0.74 -4.22
N GLU G 5 -5.14 0.34 -4.95
CA GLU G 5 -5.31 -0.72 -5.94
C GLU G 5 -5.49 -2.07 -5.26
N VAL G 6 -4.64 -2.38 -4.28
CA VAL G 6 -4.83 -3.61 -3.52
C VAL G 6 -6.19 -3.60 -2.85
N GLU G 7 -6.65 -2.43 -2.41
CA GLU G 7 -7.93 -2.35 -1.73
C GLU G 7 -9.08 -2.66 -2.67
N MET G 8 -9.04 -2.14 -3.89
CA MET G 8 -10.09 -2.43 -4.85
C MET G 8 -10.03 -3.87 -5.33
N ARG G 9 -8.82 -4.41 -5.49
CA ARG G 9 -8.67 -5.82 -5.83
C ARG G 9 -9.30 -6.70 -4.77
N LEU G 10 -8.95 -6.42 -3.50
CA LEU G 10 -9.49 -7.20 -2.40
C LEU G 10 -11.01 -7.06 -2.32
N LYS G 11 -11.53 -5.86 -2.59
CA LYS G 11 -12.97 -5.66 -2.54
C LYS G 11 -13.67 -6.44 -3.65
N SER G 12 -13.08 -6.49 -4.84
CA SER G 12 -13.66 -7.28 -5.91
C SER G 12 -13.64 -8.77 -5.58
N ILE G 13 -12.53 -9.24 -5.03
CA ILE G 13 -12.45 -10.66 -4.67
C ILE G 13 -13.44 -10.98 -3.55
N LYS G 14 -13.65 -10.04 -2.63
CA LYS G 14 -14.62 -10.25 -1.57
C LYS G 14 -16.03 -10.32 -2.14
N ASN G 15 -16.35 -9.46 -3.11
CA ASN G 15 -17.65 -9.53 -3.75
C ASN G 15 -17.84 -10.85 -4.47
N ILE G 16 -16.79 -11.34 -5.12
CA ILE G 16 -16.86 -12.65 -5.78
C ILE G 16 -17.16 -13.73 -4.76
N GLU G 17 -16.46 -13.69 -3.63
CA GLU G 17 -16.69 -14.68 -2.58
C GLU G 17 -18.12 -14.63 -2.09
N LYS G 18 -18.64 -13.42 -1.88
CA LYS G 18 -20.02 -13.25 -1.44
C LYS G 18 -20.99 -13.85 -2.44
N ILE G 19 -20.78 -13.55 -3.72
CA ILE G 19 -21.69 -14.05 -4.75
C ILE G 19 -21.68 -15.56 -4.79
N THR G 20 -20.49 -16.16 -4.80
CA THR G 20 -20.41 -17.62 -4.84
C THR G 20 -21.00 -18.25 -3.59
N LYS G 21 -20.83 -17.61 -2.44
CA LYS G 21 -21.41 -18.14 -1.21
C LYS G 21 -22.93 -18.13 -1.29
N THR G 22 -23.51 -17.05 -1.80
CA THR G 22 -24.96 -17.01 -1.99
C THR G 22 -25.41 -18.07 -2.98
N MET G 23 -24.64 -18.28 -4.03
CA MET G 23 -25.02 -19.26 -5.04
C MET G 23 -25.02 -20.67 -4.45
N LYS G 24 -24.05 -20.95 -3.58
CA LYS G 24 -24.01 -22.25 -2.93
C LYS G 24 -25.29 -22.51 -2.15
N ILE G 25 -25.75 -21.51 -1.40
CA ILE G 25 -26.96 -21.70 -0.59
C ILE G 25 -28.17 -21.87 -1.49
N VAL G 26 -28.25 -21.10 -2.57
CA VAL G 26 -29.34 -21.26 -3.50
C VAL G 26 -29.36 -22.68 -4.08
N ALA G 27 -28.20 -23.18 -4.47
CA ALA G 27 -28.11 -24.53 -5.02
C ALA G 27 -28.52 -25.55 -3.97
N SER G 28 -28.09 -25.36 -2.73
CA SER G 28 -28.50 -26.27 -1.67
C SER G 28 -30.01 -26.25 -1.47
N THR G 29 -30.64 -25.09 -1.68
CA THR G 29 -32.08 -25.01 -1.54
C THR G 29 -32.80 -25.74 -2.66
N ARG G 30 -32.27 -25.64 -3.88
CA ARG G 30 -32.91 -26.34 -4.99
C ARG G 30 -32.65 -27.85 -4.92
N LEU G 31 -31.55 -28.24 -4.29
CA LEU G 31 -31.22 -29.66 -4.17
C LEU G 31 -32.34 -30.42 -3.48
N SER G 32 -33.04 -29.77 -2.55
CA SER G 32 -34.09 -30.46 -1.83
C SER G 32 -35.20 -30.94 -2.76
N LYS G 33 -35.54 -30.15 -3.78
CA LYS G 33 -36.56 -30.57 -4.73
C LYS G 33 -35.97 -31.51 -5.78
N ALA G 34 -34.72 -31.28 -6.16
CA ALA G 34 -34.09 -32.15 -7.14
C ALA G 34 -33.99 -33.57 -6.61
N GLU G 35 -33.68 -33.72 -5.33
CA GLU G 35 -33.57 -35.04 -4.73
C GLU G 35 -34.88 -35.81 -4.83
N LYS G 36 -35.99 -35.15 -4.48
CA LYS G 36 -37.28 -35.84 -4.50
C LYS G 36 -37.73 -36.13 -5.92
N ALA G 37 -37.49 -35.20 -6.86
CA ALA G 37 -37.83 -35.46 -8.25
C ALA G 37 -36.99 -36.60 -8.80
N LYS G 38 -35.80 -36.80 -8.24
CA LYS G 38 -34.96 -37.92 -8.63
C LYS G 38 -35.46 -39.22 -7.99
N ILE G 39 -35.84 -39.16 -6.71
CA ILE G 39 -36.28 -40.36 -6.01
C ILE G 39 -37.52 -40.94 -6.67
N SER G 40 -38.53 -40.10 -6.89
CA SER G 40 -39.75 -40.58 -7.50
C SER G 40 -39.48 -41.21 -8.86
N ALA G 41 -38.65 -40.55 -9.67
CA ALA G 41 -38.38 -41.04 -11.01
C ALA G 41 -37.52 -42.30 -10.97
N LYS G 42 -36.67 -42.44 -9.95
CA LYS G 42 -35.89 -43.65 -9.79
C LYS G 42 -36.79 -44.83 -9.47
N LYS G 43 -37.77 -44.62 -8.58
CA LYS G 43 -38.75 -45.67 -8.32
C LYS G 43 -39.53 -46.01 -9.58
N MET G 44 -40.01 -45.00 -10.30
CA MET G 44 -40.75 -45.24 -11.52
C MET G 44 -39.92 -46.01 -12.53
N ASP G 45 -38.65 -45.64 -12.67
CA ASP G 45 -37.76 -46.34 -13.58
C ASP G 45 -37.59 -47.79 -13.17
N GLU G 46 -37.17 -48.04 -11.92
CA GLU G 46 -37.01 -49.41 -11.46
C GLU G 46 -38.27 -50.23 -11.72
N ALA G 47 -39.43 -49.62 -11.54
CA ALA G 47 -40.68 -50.32 -11.83
C ALA G 47 -40.80 -50.68 -13.30
N GLU G 48 -40.48 -49.72 -14.18
CA GLU G 48 -40.60 -49.98 -15.61
C GLU G 48 -39.56 -51.00 -16.07
N GLN G 49 -38.37 -50.95 -15.46
CA GLN G 49 -37.27 -51.82 -15.85
C GLN G 49 -37.42 -53.22 -15.28
N LEU G 50 -38.28 -53.40 -14.28
CA LEU G 50 -38.62 -54.76 -13.89
C LEU G 50 -39.09 -55.57 -15.09
N PHE G 51 -39.79 -54.90 -16.01
CA PHE G 51 -40.25 -55.58 -17.22
C PHE G 51 -39.10 -55.99 -18.10
N TYR G 52 -38.06 -55.15 -18.18
CA TYR G 52 -36.92 -55.51 -19.00
C TYR G 52 -36.07 -56.58 -18.32
N LYS G 53 -36.08 -56.62 -17.00
CA LYS G 53 -35.44 -57.72 -16.30
C LYS G 53 -36.14 -59.04 -16.61
N ASN G 54 -37.47 -59.04 -16.57
CA ASN G 54 -38.20 -60.28 -16.83
C ASN G 54 -38.19 -60.66 -18.30
N ALA G 55 -38.51 -59.71 -19.18
CA ALA G 55 -38.75 -60.02 -20.58
C ALA G 55 -37.45 -60.04 -21.39
N GLU G 56 -36.61 -59.03 -21.20
CA GLU G 56 -35.36 -58.92 -21.96
C GLU G 56 -34.18 -58.70 -21.04
N LEU G 73 -29.51 -42.20 -33.35
CA LEU G 73 -29.66 -41.19 -32.31
C LEU G 73 -28.81 -41.44 -31.09
N ILE G 74 -28.33 -40.36 -30.49
CA ILE G 74 -27.87 -40.36 -29.11
C ILE G 74 -28.40 -39.08 -28.48
N VAL G 75 -29.19 -39.24 -27.42
CA VAL G 75 -29.79 -38.10 -26.73
C VAL G 75 -28.88 -37.75 -25.56
N ALA G 76 -28.25 -36.59 -25.63
CA ALA G 76 -27.27 -36.17 -24.65
C ALA G 76 -27.92 -35.10 -23.78
N ILE G 77 -28.09 -35.40 -22.50
CA ILE G 77 -28.88 -34.57 -21.61
C ILE G 77 -27.94 -33.81 -20.70
N THR G 78 -28.00 -32.49 -20.78
CA THR G 78 -27.32 -31.61 -19.85
C THR G 78 -28.17 -30.37 -19.65
N SER G 79 -27.58 -29.35 -19.04
CA SER G 79 -28.27 -28.11 -18.76
C SER G 79 -27.98 -27.07 -19.84
N ASP G 80 -28.58 -25.90 -19.69
CA ASP G 80 -28.28 -24.77 -20.55
C ASP G 80 -27.31 -23.79 -19.92
N LYS G 81 -27.11 -23.86 -18.61
CA LYS G 81 -26.31 -22.91 -17.87
C LYS G 81 -25.00 -23.55 -17.43
N GLY G 82 -23.97 -22.72 -17.34
CA GLY G 82 -22.65 -23.17 -16.93
C GLY G 82 -22.43 -23.07 -15.43
N LEU G 83 -21.16 -22.89 -15.07
CA LEU G 83 -20.70 -22.89 -13.69
C LEU G 83 -21.00 -24.20 -12.99
N CYS G 84 -21.33 -25.25 -13.74
CA CYS G 84 -21.55 -26.59 -13.21
C CYS G 84 -20.26 -27.36 -13.05
N GLY G 85 -19.13 -26.72 -13.28
CA GLY G 85 -17.86 -27.42 -13.21
C GLY G 85 -17.68 -28.35 -14.39
N SER G 86 -17.42 -29.62 -14.10
CA SER G 86 -17.07 -30.60 -15.12
C SER G 86 -18.25 -31.39 -15.64
N ILE G 87 -19.47 -31.02 -15.23
CA ILE G 87 -20.66 -31.74 -15.68
C ILE G 87 -20.66 -31.87 -17.19
N HIS G 88 -20.76 -30.73 -17.87
CA HIS G 88 -20.85 -30.75 -19.32
C HIS G 88 -19.58 -31.30 -19.94
N SER G 89 -18.42 -30.95 -19.37
CA SER G 89 -17.16 -31.44 -19.91
C SER G 89 -17.09 -32.96 -19.84
N GLN G 90 -17.49 -33.53 -18.70
CA GLN G 90 -17.42 -34.98 -18.56
C GLN G 90 -18.45 -35.68 -19.43
N LEU G 91 -19.64 -35.09 -19.60
CA LEU G 91 -20.60 -35.74 -20.47
C LEU G 91 -20.18 -35.68 -21.92
N ALA G 92 -19.57 -34.57 -22.33
CA ALA G 92 -19.04 -34.50 -23.69
C ALA G 92 -17.90 -35.46 -23.88
N LYS G 93 -17.07 -35.64 -22.85
CA LYS G 93 -16.02 -36.64 -22.91
C LYS G 93 -16.61 -38.03 -23.11
N ALA G 94 -17.67 -38.34 -22.37
CA ALA G 94 -18.33 -39.63 -22.53
C ALA G 94 -18.90 -39.79 -23.93
N VAL G 95 -19.51 -38.74 -24.47
CA VAL G 95 -20.09 -38.83 -25.80
C VAL G 95 -19.01 -39.12 -26.84
N ARG G 96 -17.93 -38.34 -26.79
CA ARG G 96 -16.85 -38.55 -27.75
C ARG G 96 -16.20 -39.92 -27.56
N ARG G 97 -16.04 -40.36 -26.31
CA ARG G 97 -15.43 -41.65 -26.05
C ARG G 97 -16.27 -42.78 -26.62
N HIS G 98 -17.58 -42.69 -26.46
CA HIS G 98 -18.47 -43.66 -27.11
C HIS G 98 -18.52 -43.41 -28.61
N LEU G 99 -18.57 -42.16 -29.02
CA LEU G 99 -18.58 -41.82 -30.43
C LEU G 99 -17.15 -41.58 -30.92
N ILE G 107 -26.77 -36.93 -33.89
CA ILE G 107 -26.87 -36.80 -32.44
C ILE G 107 -27.89 -35.75 -32.08
N VAL G 108 -28.56 -35.93 -30.94
CA VAL G 108 -29.57 -35.02 -30.45
C VAL G 108 -29.13 -34.54 -29.08
N THR G 109 -29.17 -33.22 -28.90
CA THR G 109 -28.66 -32.56 -27.70
C THR G 109 -29.82 -31.92 -26.96
N ILE G 110 -29.78 -31.99 -25.64
CA ILE G 110 -30.73 -31.28 -24.79
C ILE G 110 -29.92 -30.38 -23.89
N GLY G 111 -30.07 -29.08 -24.07
CA GLY G 111 -29.28 -28.10 -23.37
C GLY G 111 -28.32 -27.38 -24.30
N ASP G 112 -28.10 -26.10 -24.02
CA ASP G 112 -27.22 -25.31 -24.87
C ASP G 112 -25.76 -25.71 -24.69
N LYS G 113 -25.39 -26.20 -23.51
CA LYS G 113 -23.97 -26.39 -23.21
C LYS G 113 -23.41 -27.64 -23.85
N ILE G 114 -24.11 -28.77 -23.76
CA ILE G 114 -23.65 -29.96 -24.47
C ILE G 114 -23.70 -29.73 -25.96
N LYS G 115 -24.72 -29.00 -26.41
CA LYS G 115 -24.81 -28.62 -27.81
C LYS G 115 -23.58 -27.82 -28.22
N MET G 116 -23.12 -26.93 -27.34
CA MET G 116 -21.93 -26.14 -27.65
C MET G 116 -20.69 -27.03 -27.68
N GLN G 117 -20.59 -27.95 -26.73
CA GLN G 117 -19.44 -28.85 -26.71
C GLN G 117 -19.37 -29.69 -27.98
N LEU G 118 -20.53 -30.09 -28.50
CA LEU G 118 -20.55 -30.95 -29.67
C LEU G 118 -20.45 -30.15 -30.97
N LEU G 119 -20.94 -28.92 -30.97
CA LEU G 119 -21.00 -28.13 -32.19
C LEU G 119 -19.60 -27.76 -32.68
N ARG G 120 -18.63 -27.70 -31.78
CA ARG G 120 -17.26 -27.40 -32.18
C ARG G 120 -16.57 -28.59 -32.82
N THR G 121 -17.06 -29.81 -32.58
CA THR G 121 -16.40 -31.02 -33.01
C THR G 121 -17.12 -31.76 -34.12
N HIS G 122 -18.46 -31.78 -34.12
CA HIS G 122 -19.23 -32.50 -35.13
C HIS G 122 -20.45 -31.68 -35.50
N PRO G 123 -20.25 -30.51 -36.11
CA PRO G 123 -21.40 -29.71 -36.52
C PRO G 123 -22.37 -30.46 -37.42
N ASN G 124 -21.86 -31.32 -38.30
CA ASN G 124 -22.71 -32.02 -39.24
C ASN G 124 -23.51 -33.14 -38.60
N ASN G 125 -23.27 -33.46 -37.32
CA ASN G 125 -23.95 -34.57 -36.67
C ASN G 125 -25.14 -34.16 -35.83
N ILE G 126 -25.16 -32.92 -35.34
CA ILE G 126 -26.30 -32.45 -34.56
C ILE G 126 -27.51 -32.38 -35.46
N LYS G 127 -28.51 -33.22 -35.16
CA LYS G 127 -29.76 -33.19 -35.89
C LYS G 127 -30.81 -32.33 -35.20
N LEU G 128 -30.84 -32.37 -33.87
CA LEU G 128 -31.89 -31.71 -33.11
C LEU G 128 -31.31 -31.20 -31.80
N SER G 129 -31.66 -29.96 -31.46
CA SER G 129 -31.22 -29.31 -30.24
C SER G 129 -32.43 -28.82 -29.47
N ILE G 130 -32.47 -29.14 -28.18
CA ILE G 130 -33.53 -28.70 -27.29
C ILE G 130 -32.91 -27.80 -26.24
N ASN G 131 -33.57 -26.68 -25.96
CA ASN G 131 -33.06 -25.70 -25.03
C ASN G 131 -34.17 -25.27 -24.09
N GLY G 132 -33.75 -24.78 -22.92
CA GLY G 132 -34.66 -24.19 -21.96
C GLY G 132 -35.15 -25.11 -20.87
N ILE G 133 -34.99 -26.42 -21.04
CA ILE G 133 -35.46 -27.37 -20.03
C ILE G 133 -34.52 -27.49 -18.84
N GLY G 134 -33.31 -26.95 -18.95
CA GLY G 134 -32.31 -27.12 -17.91
C GLY G 134 -32.54 -26.32 -16.65
N LYS G 135 -33.52 -25.41 -16.65
CA LYS G 135 -33.66 -24.48 -15.54
C LYS G 135 -34.33 -25.11 -14.31
N ASP G 136 -35.08 -26.20 -14.50
CA ASP G 136 -35.84 -26.78 -13.40
C ASP G 136 -35.93 -28.28 -13.59
N ALA G 137 -36.47 -28.94 -12.57
CA ALA G 137 -36.65 -30.38 -12.58
C ALA G 137 -37.45 -30.79 -13.80
N PRO G 138 -37.23 -31.99 -14.33
CA PRO G 138 -37.99 -32.41 -15.51
C PRO G 138 -39.39 -32.85 -15.13
N THR G 139 -40.31 -32.63 -16.05
CA THR G 139 -41.69 -33.06 -15.92
C THR G 139 -42.03 -33.94 -17.10
N PHE G 140 -42.99 -34.83 -16.90
CA PHE G 140 -43.32 -35.77 -17.96
C PHE G 140 -43.76 -35.03 -19.21
N GLN G 141 -44.32 -33.83 -19.05
CA GLN G 141 -44.68 -33.03 -20.21
C GLN G 141 -43.46 -32.74 -21.06
N GLU G 142 -42.39 -32.27 -20.42
CA GLU G 142 -41.17 -31.94 -21.14
C GLU G 142 -40.59 -33.16 -21.84
N SER G 143 -40.42 -34.26 -21.09
CA SER G 143 -39.89 -35.47 -21.66
C SER G 143 -40.74 -35.96 -22.83
N ALA G 144 -42.06 -35.93 -22.63
CA ALA G 144 -42.97 -36.45 -23.65
C ALA G 144 -42.91 -35.61 -24.91
N LEU G 145 -42.86 -34.29 -24.77
CA LEU G 145 -42.80 -33.44 -25.96
C LEU G 145 -41.45 -33.56 -26.66
N ILE G 146 -40.37 -33.75 -25.90
CA ILE G 146 -39.07 -33.96 -26.53
C ILE G 146 -39.07 -35.26 -27.32
N ALA G 147 -39.54 -36.34 -26.70
CA ALA G 147 -39.73 -37.58 -27.43
C ALA G 147 -40.64 -37.39 -28.64
N ASP G 148 -41.65 -36.55 -28.52
CA ASP G 148 -42.59 -36.35 -29.61
C ASP G 148 -41.93 -35.65 -30.77
N LYS G 149 -40.98 -34.76 -30.49
CA LYS G 149 -40.18 -34.19 -31.56
C LYS G 149 -39.23 -35.21 -32.14
N LEU G 150 -38.70 -36.12 -31.31
CA LEU G 150 -37.88 -37.20 -31.84
C LEU G 150 -38.66 -38.11 -32.76
N LEU G 151 -39.94 -38.29 -32.52
CA LEU G 151 -40.77 -39.21 -33.29
C LEU G 151 -41.44 -38.55 -34.47
N SER G 152 -41.76 -37.26 -34.38
CA SER G 152 -42.43 -36.52 -35.44
C SER G 152 -41.47 -35.72 -36.31
N VAL G 153 -40.26 -35.46 -35.85
CA VAL G 153 -39.28 -34.70 -36.62
C VAL G 153 -38.11 -35.59 -36.98
N MET G 154 -37.38 -36.03 -35.95
CA MET G 154 -36.22 -36.90 -36.14
C MET G 154 -36.61 -38.28 -36.65
N LYS G 155 -37.87 -38.68 -36.49
CA LYS G 155 -38.37 -39.98 -36.90
C LYS G 155 -37.46 -41.10 -36.38
N ALA G 156 -37.37 -41.18 -35.05
CA ALA G 156 -36.60 -42.23 -34.38
C ALA G 156 -37.15 -43.62 -34.62
N GLY G 157 -38.25 -43.76 -35.34
CA GLY G 157 -38.88 -45.06 -35.53
C GLY G 157 -37.98 -46.12 -36.15
N THR G 158 -37.88 -47.26 -35.47
CA THR G 158 -37.17 -48.44 -35.97
C THR G 158 -35.69 -48.20 -36.17
N TYR G 159 -35.10 -47.23 -35.48
CA TYR G 159 -33.66 -47.03 -35.56
C TYR G 159 -32.97 -48.04 -34.67
N PRO G 160 -32.04 -48.85 -35.18
CA PRO G 160 -31.21 -49.64 -34.27
C PRO G 160 -30.41 -48.78 -33.32
N LYS G 161 -29.98 -47.59 -33.76
CA LYS G 161 -29.09 -46.74 -32.97
C LYS G 161 -29.92 -45.75 -32.15
N ILE G 162 -30.15 -46.10 -30.89
CA ILE G 162 -30.80 -45.19 -29.94
C ILE G 162 -30.22 -45.45 -28.55
N SER G 163 -29.76 -44.39 -27.90
CA SER G 163 -29.24 -44.46 -26.54
C SER G 163 -29.28 -43.06 -25.93
N ILE G 164 -29.21 -43.01 -24.61
CA ILE G 164 -29.31 -41.77 -23.85
C ILE G 164 -28.04 -41.65 -23.02
N PHE G 165 -27.32 -40.55 -23.20
CA PHE G 165 -26.18 -40.22 -22.36
C PHE G 165 -26.57 -39.12 -21.37
N TYR G 166 -26.23 -39.32 -20.11
CA TYR G 166 -26.69 -38.42 -19.06
C TYR G 166 -25.82 -38.63 -17.83
N ASN G 167 -25.94 -37.70 -16.90
CA ASN G 167 -25.15 -37.73 -15.68
C ASN G 167 -25.89 -38.50 -14.59
N ASP G 168 -25.21 -39.46 -13.97
CA ASP G 168 -25.73 -40.15 -12.80
C ASP G 168 -25.13 -39.50 -11.57
N PRO G 169 -25.94 -38.92 -10.68
CA PRO G 169 -25.38 -38.32 -9.47
C PRO G 169 -25.00 -39.37 -8.45
N VAL G 170 -23.70 -39.61 -8.26
CA VAL G 170 -23.28 -40.71 -7.40
C VAL G 170 -23.35 -40.30 -5.94
N SER G 171 -22.91 -39.09 -5.63
CA SER G 171 -22.90 -38.61 -4.26
C SER G 171 -23.06 -37.09 -4.28
N SER G 172 -23.15 -36.52 -3.09
CA SER G 172 -23.24 -35.07 -2.95
C SER G 172 -21.94 -34.41 -3.37
N LEU G 173 -20.94 -35.21 -3.72
CA LEU G 173 -19.64 -34.69 -4.14
C LEU G 173 -19.10 -35.41 -5.36
N SER G 174 -19.96 -36.07 -6.15
CA SER G 174 -19.47 -36.74 -7.34
C SER G 174 -20.62 -37.14 -8.25
N PHE G 175 -20.31 -37.19 -9.54
CA PHE G 175 -21.24 -37.61 -10.57
C PHE G 175 -20.45 -38.34 -11.64
N GLU G 176 -21.13 -39.27 -12.32
CA GLU G 176 -20.49 -40.08 -13.32
C GLU G 176 -21.25 -39.98 -14.64
N PRO G 177 -20.59 -39.68 -15.74
CA PRO G 177 -21.28 -39.79 -17.03
C PRO G 177 -21.67 -41.23 -17.30
N SER G 178 -22.87 -41.41 -17.82
CA SER G 178 -23.48 -42.72 -17.96
C SER G 178 -24.28 -42.78 -19.25
N GLU G 179 -24.58 -44.00 -19.65
CA GLU G 179 -25.42 -44.26 -20.81
C GLU G 179 -26.43 -45.33 -20.46
N LYS G 180 -27.67 -45.09 -20.89
CA LYS G 180 -28.69 -46.11 -20.86
C LYS G 180 -29.23 -46.33 -22.27
N PRO G 181 -29.30 -47.57 -22.74
CA PRO G 181 -29.82 -47.82 -24.08
C PRO G 181 -31.33 -47.62 -24.13
N ILE G 182 -31.81 -47.53 -25.36
CA ILE G 182 -33.24 -47.47 -25.66
C ILE G 182 -33.55 -48.62 -26.60
N PHE G 183 -34.80 -49.06 -26.57
CA PHE G 183 -35.24 -50.18 -27.37
C PHE G 183 -36.46 -49.83 -28.21
N ASN G 204 -50.82 -53.19 -30.65
CA ASN G 204 -49.72 -52.33 -31.05
C ASN G 204 -48.81 -52.02 -29.88
N VAL G 205 -49.06 -52.67 -28.73
CA VAL G 205 -48.34 -52.32 -27.51
C VAL G 205 -46.84 -52.59 -27.62
N PRO G 206 -46.38 -53.65 -28.29
CA PRO G 206 -44.93 -53.86 -28.37
C PRO G 206 -44.17 -52.70 -28.98
N ARG G 207 -44.85 -51.80 -29.71
CA ARG G 207 -44.23 -50.56 -30.18
C ARG G 207 -44.53 -49.39 -29.25
N ASP G 208 -45.76 -49.33 -28.75
CA ASP G 208 -46.11 -48.29 -27.80
C ASP G 208 -45.20 -48.31 -26.59
N LEU G 209 -44.68 -49.48 -26.22
CA LEU G 209 -43.85 -49.55 -25.02
C LEU G 209 -42.51 -48.88 -25.26
N PHE G 210 -41.96 -49.00 -26.47
CA PHE G 210 -40.79 -48.20 -26.81
C PHE G 210 -41.14 -46.73 -26.87
N GLU G 211 -42.26 -46.39 -27.53
CA GLU G 211 -42.68 -45.01 -27.62
C GLU G 211 -42.89 -44.38 -26.24
N TYR G 212 -43.14 -45.21 -25.23
CA TYR G 212 -43.38 -44.74 -23.87
C TYR G 212 -42.10 -44.69 -23.05
N THR G 213 -41.35 -45.79 -23.05
CA THR G 213 -40.09 -45.81 -22.33
C THR G 213 -39.13 -44.76 -22.86
N LEU G 214 -39.32 -44.30 -24.09
CA LEU G 214 -38.54 -43.17 -24.54
C LEU G 214 -38.76 -41.98 -23.62
N ALA G 215 -40.02 -41.66 -23.35
CA ALA G 215 -40.34 -40.52 -22.50
C ALA G 215 -39.97 -40.80 -21.06
N ASN G 216 -40.17 -42.03 -20.60
CA ASN G 216 -39.92 -42.33 -19.18
C ASN G 216 -38.42 -42.34 -18.88
N GLN G 217 -37.63 -42.97 -19.75
CA GLN G 217 -36.19 -42.97 -19.55
C GLN G 217 -35.58 -41.59 -19.81
N MET G 218 -36.15 -40.81 -20.73
CA MET G 218 -35.69 -39.44 -20.89
C MET G 218 -35.97 -38.62 -19.64
N LEU G 219 -37.16 -38.79 -19.05
CA LEU G 219 -37.46 -38.15 -17.78
C LEU G 219 -36.46 -38.54 -16.73
N THR G 220 -36.14 -39.82 -16.65
CA THR G 220 -35.24 -40.29 -15.60
C THR G 220 -33.86 -39.68 -15.80
N ALA G 221 -33.44 -39.58 -17.05
CA ALA G 221 -32.12 -39.05 -17.33
C ALA G 221 -32.07 -37.56 -17.02
N MET G 222 -33.11 -36.83 -17.38
CA MET G 222 -33.14 -35.41 -17.06
C MET G 222 -33.18 -35.19 -15.56
N ALA G 223 -33.86 -36.05 -14.82
CA ALA G 223 -33.92 -35.88 -13.38
C ALA G 223 -32.58 -36.15 -12.73
N GLN G 224 -31.93 -37.23 -13.14
CA GLN G 224 -30.63 -37.53 -12.56
C GLN G 224 -29.60 -36.50 -12.99
N GLY G 225 -29.74 -35.96 -14.19
CA GLY G 225 -28.85 -34.91 -14.64
C GLY G 225 -29.09 -33.62 -13.90
N TYR G 226 -30.33 -33.35 -13.52
CA TYR G 226 -30.61 -32.16 -12.74
C TYR G 226 -30.04 -32.27 -11.34
N ALA G 227 -30.16 -33.45 -10.75
CA ALA G 227 -29.57 -33.65 -9.43
C ALA G 227 -28.05 -33.55 -9.50
N ALA G 228 -27.45 -34.16 -10.52
CA ALA G 228 -26.01 -34.09 -10.66
C ALA G 228 -25.55 -32.66 -10.94
N GLU G 229 -26.29 -31.93 -11.76
CA GLU G 229 -25.94 -30.55 -12.05
C GLU G 229 -26.01 -29.69 -10.79
N ILE G 230 -27.11 -29.81 -10.05
CA ILE G 230 -27.26 -29.01 -8.84
C ILE G 230 -26.15 -29.35 -7.85
N SER G 231 -25.86 -30.63 -7.67
CA SER G 231 -24.83 -31.02 -6.73
C SER G 231 -23.46 -30.54 -7.19
N ALA G 232 -23.19 -30.67 -8.49
CA ALA G 232 -21.91 -30.23 -9.02
C ALA G 232 -21.75 -28.73 -8.86
N ARG G 233 -22.85 -27.99 -8.99
CA ARG G 233 -22.76 -26.54 -8.83
C ARG G 233 -22.56 -26.16 -7.37
N ARG G 234 -23.23 -26.87 -6.47
CA ARG G 234 -22.98 -26.64 -5.05
C ARG G 234 -21.51 -26.85 -4.74
N ASN G 235 -20.97 -27.98 -5.19
CA ASN G 235 -19.57 -28.28 -4.94
C ASN G 235 -18.65 -27.25 -5.59
N ALA G 236 -18.98 -26.84 -6.82
CA ALA G 236 -18.12 -25.93 -7.56
C ALA G 236 -18.12 -24.56 -6.93
N MET G 237 -19.29 -24.08 -6.50
CA MET G 237 -19.34 -22.77 -5.87
C MET G 237 -18.71 -22.80 -4.48
N ASP G 238 -18.80 -23.93 -3.78
CA ASP G 238 -18.11 -24.05 -2.50
C ASP G 238 -16.60 -24.01 -2.70
N ASN G 239 -16.11 -24.78 -3.67
CA ASN G 239 -14.69 -24.74 -4.01
C ASN G 239 -14.26 -23.32 -4.40
N ALA G 240 -15.09 -22.65 -5.20
CA ALA G 240 -14.78 -21.30 -5.62
C ALA G 240 -14.70 -20.34 -4.44
N SER G 241 -15.63 -20.47 -3.50
CA SER G 241 -15.61 -19.59 -2.33
C SER G 241 -14.41 -19.87 -1.45
N LYS G 242 -14.00 -21.14 -1.35
CA LYS G 242 -12.81 -21.45 -0.58
C LYS G 242 -11.56 -20.86 -1.26
N ASN G 243 -11.48 -21.00 -2.58
CA ASN G 243 -10.38 -20.41 -3.32
C ASN G 243 -10.40 -18.90 -3.19
N ALA G 244 -11.59 -18.32 -3.12
CA ALA G 244 -11.71 -16.87 -2.96
C ALA G 244 -11.20 -16.44 -1.59
N GLY G 245 -11.54 -17.20 -0.56
CA GLY G 245 -10.99 -16.92 0.76
C GLY G 245 -9.49 -17.03 0.79
N ASP G 246 -8.94 -18.01 0.06
CA ASP G 246 -7.49 -18.15 0.02
C ASP G 246 -6.84 -16.97 -0.69
N MET G 247 -7.41 -16.56 -1.82
CA MET G 247 -6.88 -15.40 -2.53
C MET G 247 -7.03 -14.14 -1.70
N ILE G 248 -8.11 -14.05 -0.92
CA ILE G 248 -8.31 -12.92 -0.04
C ILE G 248 -7.25 -12.91 1.05
N ASN G 249 -6.93 -14.08 1.60
CA ASN G 249 -5.84 -14.14 2.56
C ASN G 249 -4.54 -13.63 1.95
N ARG G 250 -4.23 -14.09 0.74
CA ARG G 250 -3.00 -13.68 0.09
C ARG G 250 -2.96 -12.17 -0.14
N TYR G 251 -4.04 -11.62 -0.70
CA TYR G 251 -4.08 -10.20 -0.93
C TYR G 251 -4.20 -9.41 0.37
N SER G 252 -4.58 -10.06 1.48
CA SER G 252 -4.55 -9.39 2.77
C SER G 252 -3.12 -9.28 3.28
N ILE G 253 -2.34 -10.35 3.12
CA ILE G 253 -0.90 -10.23 3.34
C ILE G 253 -0.35 -9.07 2.54
N LEU G 254 -0.73 -8.99 1.27
CA LEU G 254 -0.20 -7.93 0.42
C LEU G 254 -0.70 -6.56 0.86
N TYR G 255 -1.94 -6.46 1.33
CA TYR G 255 -2.45 -5.19 1.83
C TYR G 255 -1.67 -4.74 3.04
N ASN G 256 -1.39 -5.65 3.97
CA ASN G 256 -0.61 -5.29 5.14
C ASN G 256 0.79 -4.82 4.74
N ARG G 257 1.43 -5.57 3.84
CA ARG G 257 2.78 -5.21 3.42
C ARG G 257 2.79 -3.85 2.73
N THR G 258 1.80 -3.59 1.88
CA THR G 258 1.74 -2.32 1.18
C THR G 258 1.40 -1.18 2.13
N ARG G 259 0.59 -1.44 3.15
CA ARG G 259 0.34 -0.45 4.19
C ARG G 259 1.62 -0.05 4.89
N GLN G 260 2.39 -1.05 5.33
CA GLN G 260 3.65 -0.77 6.00
C GLN G 260 4.59 -0.01 5.08
N ALA G 261 4.69 -0.43 3.82
CA ALA G 261 5.59 0.23 2.88
C ALA G 261 5.15 1.66 2.61
N VAL G 262 3.85 1.88 2.45
CA VAL G 262 3.33 3.22 2.21
C VAL G 262 3.70 4.13 3.37
N ILE G 263 3.47 3.66 4.59
CA ILE G 263 3.73 4.52 5.74
C ILE G 263 5.22 4.80 5.84
N THR G 264 6.05 3.79 5.64
CA THR G 264 7.48 3.99 5.73
C THR G 264 7.95 5.01 4.71
N ASN G 265 7.47 4.88 3.47
CA ASN G 265 7.89 5.81 2.42
C ASN G 265 7.45 7.23 2.75
N GLU G 266 6.21 7.40 3.19
CA GLU G 266 5.70 8.73 3.44
C GLU G 266 6.45 9.39 4.59
N LEU G 267 6.68 8.64 5.67
CA LEU G 267 7.39 9.20 6.80
C LEU G 267 8.86 9.43 6.48
N VAL G 268 9.43 8.62 5.59
CA VAL G 268 10.80 8.87 5.14
C VAL G 268 10.88 10.20 4.41
N ASP G 269 9.96 10.43 3.48
CA ASP G 269 9.95 11.70 2.77
C ASP G 269 9.76 12.86 3.73
N ILE G 270 8.83 12.73 4.67
CA ILE G 270 8.60 13.80 5.64
C ILE G 270 9.87 14.07 6.43
N ILE G 271 10.57 13.01 6.85
CA ILE G 271 11.78 13.18 7.63
C ILE G 271 12.88 13.85 6.82
N THR G 272 13.01 13.49 5.53
CA THR G 272 13.92 14.23 4.67
C THR G 272 13.56 15.70 4.62
N GLY G 273 12.26 16.00 4.63
CA GLY G 273 11.85 17.39 4.64
C GLY G 273 12.20 18.12 5.92
N ALA G 274 12.13 17.44 7.05
CA ALA G 274 12.32 18.08 8.34
C ALA G 274 13.78 18.31 8.70
N SER G 275 14.71 17.87 7.86
CA SER G 275 16.13 18.05 8.15
C SER G 275 16.44 19.53 8.42
N SER H 9 -47.20 -41.66 -30.40
CA SER H 9 -47.71 -40.58 -29.55
C SER H 9 -48.29 -41.16 -28.27
N TYR H 10 -47.84 -42.36 -27.87
CA TYR H 10 -48.37 -42.98 -26.67
C TYR H 10 -48.01 -42.17 -25.44
N ALA H 11 -46.73 -41.80 -25.31
CA ALA H 11 -46.34 -40.91 -24.23
C ALA H 11 -46.92 -39.53 -24.45
N ALA H 12 -47.03 -39.10 -25.70
CA ALA H 12 -47.68 -37.83 -26.01
C ALA H 12 -49.16 -37.87 -25.64
N TYR H 13 -49.84 -38.96 -25.97
CA TYR H 13 -51.24 -39.12 -25.60
C TYR H 13 -51.39 -39.08 -24.08
N LEU H 14 -50.51 -39.77 -23.37
CA LEU H 14 -50.58 -39.71 -21.91
C LEU H 14 -50.30 -38.31 -21.40
N ASN H 15 -49.51 -37.54 -22.13
CA ASN H 15 -49.21 -36.18 -21.71
C ASN H 15 -50.44 -35.29 -21.85
N VAL H 16 -51.17 -35.46 -22.95
CA VAL H 16 -52.40 -34.69 -23.15
C VAL H 16 -53.44 -35.07 -22.11
N ALA H 17 -53.64 -36.38 -21.92
CA ALA H 17 -54.58 -36.82 -20.89
C ALA H 17 -54.16 -36.32 -19.53
N ALA H 18 -52.85 -36.19 -19.31
CA ALA H 18 -52.38 -35.72 -18.02
C ALA H 18 -52.68 -34.23 -17.83
N GLN H 19 -52.51 -33.43 -18.88
CA GLN H 19 -52.91 -32.03 -18.77
C GLN H 19 -54.39 -31.92 -18.51
N ALA H 20 -55.19 -32.80 -19.12
CA ALA H 20 -56.61 -32.82 -18.84
C ALA H 20 -56.87 -33.15 -17.37
N ILE H 21 -56.30 -34.24 -16.87
CA ILE H 21 -56.53 -34.68 -15.51
C ILE H 21 -55.99 -33.67 -14.51
N ARG H 22 -55.00 -32.87 -14.91
CA ARG H 22 -54.43 -31.88 -14.02
C ARG H 22 -55.30 -30.63 -13.97
N SER H 23 -55.73 -30.14 -15.13
CA SER H 23 -56.66 -29.02 -15.14
C SER H 23 -57.98 -29.40 -14.48
N SER H 24 -58.33 -30.69 -14.50
CA SER H 24 -59.55 -31.16 -13.87
C SER H 24 -59.48 -31.05 -12.36
N LEU H 25 -58.27 -30.95 -11.80
CA LEU H 25 -58.13 -30.85 -10.36
C LEU H 25 -58.70 -29.53 -9.88
N LYS H 26 -59.39 -29.57 -8.74
CA LYS H 26 -60.00 -28.36 -8.20
C LYS H 26 -58.96 -27.26 -8.05
N THR H 27 -59.35 -26.05 -8.43
CA THR H 27 -58.47 -24.90 -8.24
C THR H 27 -58.07 -24.74 -6.78
N GLU H 28 -58.95 -25.10 -5.86
CA GLU H 28 -58.63 -25.10 -4.43
C GLU H 28 -57.82 -26.33 -4.03
N LEU H 29 -57.55 -27.24 -4.96
CA LEU H 29 -56.83 -28.46 -4.67
C LEU H 29 -55.46 -28.52 -5.34
N GLN H 30 -55.24 -27.76 -6.40
CA GLN H 30 -53.94 -27.76 -7.07
C GLN H 30 -52.83 -27.26 -6.16
N THR H 31 -51.82 -28.10 -5.97
CA THR H 31 -50.56 -27.62 -5.44
C THR H 31 -49.72 -27.03 -6.57
N ALA H 32 -48.76 -26.19 -6.20
CA ALA H 32 -47.94 -25.53 -7.21
C ALA H 32 -47.30 -26.54 -8.14
N SER H 33 -47.09 -27.76 -7.66
CA SER H 33 -46.54 -28.81 -8.52
C SER H 33 -47.40 -29.01 -9.76
N VAL H 34 -48.71 -28.82 -9.61
CA VAL H 34 -49.61 -29.05 -10.73
C VAL H 34 -49.45 -27.95 -11.77
N LEU H 35 -49.44 -26.69 -11.35
CA LEU H 35 -49.22 -25.61 -12.28
C LEU H 35 -47.84 -25.70 -12.92
N ASN H 36 -46.87 -26.24 -12.18
CA ASN H 36 -45.54 -26.44 -12.75
C ASN H 36 -45.54 -27.53 -13.80
N ARG H 37 -46.23 -28.64 -13.53
CA ARG H 37 -46.26 -29.78 -14.43
C ARG H 37 -46.86 -29.42 -15.79
N SER H 38 -47.46 -28.24 -15.93
CA SER H 38 -47.93 -27.77 -17.22
C SER H 38 -46.95 -26.84 -17.91
N GLN H 39 -45.93 -26.37 -17.20
CA GLN H 39 -45.00 -25.36 -17.72
C GLN H 39 -43.82 -26.08 -18.38
N THR H 40 -43.96 -26.33 -19.67
CA THR H 40 -42.84 -26.89 -20.44
C THR H 40 -41.71 -25.87 -20.55
N ASP H 41 -42.02 -24.66 -20.99
CA ASP H 41 -41.05 -23.57 -21.03
C ASP H 41 -39.77 -24.00 -21.74
N ALA H 42 -39.91 -24.65 -22.88
CA ALA H 42 -38.76 -25.11 -23.64
C ALA H 42 -38.94 -24.83 -25.12
N PHE H 43 -37.82 -24.84 -25.84
CA PHE H 43 -37.77 -24.56 -27.25
C PHE H 43 -36.96 -25.64 -27.93
N TYR H 44 -37.16 -25.80 -29.24
CA TYR H 44 -36.34 -26.67 -30.04
C TYR H 44 -35.96 -26.01 -31.35
N THR H 45 -34.77 -26.38 -31.83
CA THR H 45 -34.21 -25.90 -33.07
C THR H 45 -33.65 -27.09 -33.84
N GLN H 46 -34.11 -27.26 -35.06
CA GLN H 46 -33.58 -28.30 -35.91
C GLN H 46 -32.13 -27.98 -36.28
N TYR H 47 -31.38 -29.02 -36.64
CA TYR H 47 -29.99 -28.83 -37.03
C TYR H 47 -29.59 -29.75 -38.17
N ALA H 53 -22.79 -26.55 -39.94
CA ALA H 53 -24.24 -26.71 -39.89
C ALA H 53 -24.83 -25.78 -38.83
N SER H 54 -26.05 -25.33 -39.07
CA SER H 54 -26.70 -24.36 -38.19
C SER H 54 -28.19 -24.62 -38.16
N GLU H 55 -28.87 -23.94 -37.26
CA GLU H 55 -30.27 -24.21 -36.99
C GLU H 55 -31.15 -23.59 -38.08
N PRO H 56 -31.92 -24.40 -38.83
CA PRO H 56 -32.83 -23.80 -39.81
C PRO H 56 -34.02 -23.08 -39.21
N THR H 57 -34.56 -23.56 -38.08
CA THR H 57 -35.81 -23.00 -37.57
C THR H 57 -35.90 -23.13 -36.06
N PRO H 58 -36.12 -22.02 -35.34
CA PRO H 58 -36.43 -22.10 -33.91
C PRO H 58 -37.94 -22.12 -33.69
N ILE H 59 -38.36 -22.86 -32.66
CA ILE H 59 -39.78 -22.91 -32.31
C ILE H 59 -39.91 -23.37 -30.87
N THR H 60 -41.12 -23.24 -30.33
CA THR H 60 -41.43 -23.85 -29.06
C THR H 60 -41.38 -25.37 -29.19
N LYS H 61 -41.34 -26.04 -28.03
CA LYS H 61 -41.30 -27.50 -27.98
C LYS H 61 -42.37 -28.06 -27.06
#